data_1HZL
#
_entry.id   1HZL
#
_cell.length_a   1.000
_cell.length_b   1.000
_cell.length_c   1.000
_cell.angle_alpha   90.00
_cell.angle_beta   90.00
_cell.angle_gamma   90.00
#
_symmetry.space_group_name_H-M   'P 1'
#
loop_
_entity.id
_entity.type
_entity.pdbx_description
1 polymer 'C-1027 APOPROTEIN'
2 non-polymer 'C-1027 AROMATIZED CHROMOPHORE'
#
_entity_poly.entity_id   1
_entity_poly.type   'polypeptide(L)'
_entity_poly.pdbx_seq_one_letter_code
;APAFSVSPASGLSDGQSVSVSVSGAAAGETYYIAQCAPVGGQDACNPATATSFTTDASGAASFSFVVRKSYTGSTPEGTP
VGSVDCATAACNLGAGNSGLDLGHVALTFG
;
_entity_poly.pdbx_strand_id   A
#
loop_
_chem_comp.id
_chem_comp.type
_chem_comp.name
_chem_comp.formula
ROM non-polymer 'C-1027 AROMATIZED CHROMOPHORE' 'C43 H45 Cl N3 O13 1'
#
# COMPACT_ATOMS: atom_id res chain seq x y z
N ALA A 1 -10.15 -11.31 9.95
CA ALA A 1 -9.47 -10.45 8.93
C ALA A 1 -9.34 -11.21 7.60
N PRO A 2 -9.58 -10.49 6.53
CA PRO A 2 -9.50 -11.09 5.18
C PRO A 2 -8.03 -11.37 4.81
N ALA A 3 -7.78 -11.72 3.58
CA ALA A 3 -6.38 -12.00 3.16
C ALA A 3 -5.86 -10.89 2.24
N PHE A 4 -4.57 -10.72 2.17
CA PHE A 4 -3.97 -9.66 1.30
C PHE A 4 -2.49 -9.97 1.08
N SER A 5 -2.09 -10.28 -0.13
CA SER A 5 -0.64 -10.58 -0.37
C SER A 5 -0.17 -10.03 -1.71
N VAL A 6 1.12 -9.87 -1.85
CA VAL A 6 1.70 -9.33 -3.11
C VAL A 6 2.69 -10.35 -3.69
N SER A 7 2.92 -10.34 -4.97
CA SER A 7 3.88 -11.34 -5.53
C SER A 7 5.25 -11.17 -4.79
N PRO A 8 6.12 -10.25 -5.24
CA PRO A 8 7.41 -10.09 -4.55
C PRO A 8 7.22 -9.21 -3.30
N ALA A 9 8.23 -9.05 -2.51
CA ALA A 9 8.09 -8.21 -1.28
C ALA A 9 9.46 -7.92 -0.67
N SER A 10 10.48 -7.94 -1.48
CA SER A 10 11.85 -7.67 -0.97
C SER A 10 12.78 -7.35 -2.15
N GLY A 11 13.86 -6.67 -1.91
CA GLY A 11 14.80 -6.33 -3.02
C GLY A 11 13.99 -5.75 -4.19
N LEU A 12 13.06 -4.86 -3.90
CA LEU A 12 12.24 -4.26 -4.99
C LEU A 12 13.02 -3.14 -5.69
N SER A 13 12.32 -2.27 -6.37
CA SER A 13 13.01 -1.15 -7.07
C SER A 13 11.98 -0.10 -7.50
N ASP A 14 12.41 1.13 -7.68
CA ASP A 14 11.45 2.19 -8.09
C ASP A 14 10.88 1.88 -9.47
N GLY A 15 9.59 2.05 -9.63
CA GLY A 15 8.97 1.76 -10.95
C GLY A 15 8.55 0.30 -11.01
N GLN A 16 9.24 -0.55 -10.29
CA GLN A 16 8.88 -2.00 -10.31
C GLN A 16 7.39 -2.16 -10.01
N SER A 17 6.71 -2.97 -10.77
CA SER A 17 5.26 -3.19 -10.54
C SER A 17 4.99 -4.61 -10.07
N VAL A 18 4.29 -4.77 -8.99
CA VAL A 18 3.99 -6.14 -8.49
C VAL A 18 2.51 -6.46 -8.65
N SER A 19 2.17 -7.71 -8.83
CA SER A 19 0.73 -8.07 -9.00
C SER A 19 0.11 -8.35 -7.64
N VAL A 20 -0.62 -7.41 -7.10
CA VAL A 20 -1.25 -7.62 -5.77
C VAL A 20 -2.58 -8.36 -5.92
N SER A 21 -3.06 -8.91 -4.85
CA SER A 21 -4.36 -9.64 -4.91
C SER A 21 -4.97 -9.75 -3.52
N VAL A 22 -6.19 -9.29 -3.35
CA VAL A 22 -6.83 -9.37 -2.02
C VAL A 22 -7.97 -10.39 -2.06
N SER A 23 -8.32 -10.96 -0.94
CA SER A 23 -9.43 -11.96 -0.94
C SER A 23 -10.15 -11.93 0.41
N GLY A 24 -11.24 -12.63 0.52
CA GLY A 24 -11.99 -12.64 1.81
C GLY A 24 -12.85 -11.38 1.93
N ALA A 25 -12.68 -10.43 1.03
CA ALA A 25 -13.50 -9.18 1.11
C ALA A 25 -14.94 -9.48 0.69
N ALA A 26 -15.57 -8.56 0.00
CA ALA A 26 -16.98 -8.81 -0.43
C ALA A 26 -17.41 -7.79 -1.49
N ALA A 27 -17.98 -8.27 -2.57
CA ALA A 27 -18.43 -7.36 -3.65
C ALA A 27 -19.32 -6.27 -3.09
N GLY A 28 -19.08 -5.03 -3.45
CA GLY A 28 -19.93 -3.93 -2.92
C GLY A 28 -19.10 -2.99 -2.06
N GLU A 29 -17.80 -3.08 -2.14
CA GLU A 29 -16.94 -2.17 -1.31
C GLU A 29 -15.64 -1.83 -2.02
N THR A 30 -15.13 -0.65 -1.79
CA THR A 30 -13.86 -0.23 -2.44
C THR A 30 -12.79 0.08 -1.38
N TYR A 31 -11.59 -0.39 -1.57
CA TYR A 31 -10.53 -0.11 -0.56
C TYR A 31 -9.41 0.73 -1.17
N TYR A 32 -8.78 1.57 -0.38
CA TYR A 32 -7.68 2.41 -0.93
C TYR A 32 -6.34 1.69 -0.75
N ILE A 33 -5.54 1.62 -1.78
CA ILE A 33 -4.23 0.93 -1.65
C ILE A 33 -3.08 1.92 -1.93
N ALA A 34 -2.10 1.96 -1.06
CA ALA A 34 -0.96 2.91 -1.28
C ALA A 34 0.24 2.52 -0.41
N GLN A 35 1.42 2.94 -0.79
CA GLN A 35 2.62 2.61 0.03
C GLN A 35 2.80 3.62 1.15
N CYS A 36 3.27 3.19 2.29
CA CYS A 36 3.47 4.14 3.43
C CYS A 36 4.77 3.85 4.17
N ALA A 37 5.05 4.60 5.20
CA ALA A 37 6.30 4.38 5.98
C ALA A 37 6.27 5.24 7.26
N PRO A 38 6.33 4.57 8.38
CA PRO A 38 6.31 5.27 9.67
C PRO A 38 7.65 5.98 9.91
N VAL A 39 7.72 6.83 10.89
CA VAL A 39 9.00 7.54 11.16
C VAL A 39 9.23 7.68 12.67
N GLY A 40 9.33 6.57 13.35
CA GLY A 40 9.57 6.59 14.83
C GLY A 40 8.82 7.78 15.47
N GLY A 41 7.53 7.84 15.32
CA GLY A 41 6.76 8.96 15.92
C GLY A 41 5.40 9.10 15.22
N GLN A 42 5.41 9.44 13.96
CA GLN A 42 4.12 9.59 13.22
C GLN A 42 4.05 8.60 12.05
N ASP A 43 3.17 8.85 11.11
CA ASP A 43 3.06 7.93 9.94
C ASP A 43 2.92 8.75 8.64
N ALA A 44 3.74 8.46 7.67
CA ALA A 44 3.66 9.22 6.38
C ALA A 44 3.30 8.27 5.23
N CYS A 45 2.23 8.56 4.52
CA CYS A 45 1.84 7.67 3.39
C CYS A 45 2.10 8.37 2.04
N ASN A 46 1.89 7.70 0.95
CA ASN A 46 2.13 8.33 -0.38
C ASN A 46 0.82 8.91 -0.94
N PRO A 47 0.80 10.21 -1.10
CA PRO A 47 -0.40 10.89 -1.63
C PRO A 47 -0.46 10.75 -3.15
N ALA A 48 0.58 10.25 -3.76
CA ALA A 48 0.58 10.08 -5.24
C ALA A 48 -0.08 8.76 -5.63
N THR A 49 0.34 7.69 -5.01
CA THR A 49 -0.26 6.36 -5.34
C THR A 49 -1.50 6.11 -4.49
N ALA A 50 -2.51 6.93 -4.63
CA ALA A 50 -3.75 6.75 -3.82
C ALA A 50 -4.91 6.35 -4.73
N THR A 51 -4.97 5.10 -5.12
CA THR A 51 -6.07 4.65 -6.01
C THR A 51 -7.08 3.81 -5.23
N SER A 52 -8.32 3.77 -5.67
CA SER A 52 -9.35 2.98 -4.95
C SER A 52 -9.81 1.82 -5.83
N PHE A 53 -9.62 0.61 -5.39
CA PHE A 53 -10.05 -0.57 -6.20
C PHE A 53 -11.20 -1.31 -5.50
N THR A 54 -12.22 -1.66 -6.23
CA THR A 54 -13.37 -2.39 -5.62
C THR A 54 -13.20 -3.90 -5.81
N THR A 55 -13.88 -4.68 -5.00
CA THR A 55 -13.76 -6.17 -5.13
C THR A 55 -14.63 -6.68 -6.28
N ASP A 56 -14.64 -7.97 -6.49
CA ASP A 56 -15.46 -8.54 -7.59
C ASP A 56 -16.74 -9.15 -7.02
N ALA A 57 -17.42 -9.95 -7.79
CA ALA A 57 -18.69 -10.58 -7.28
C ALA A 57 -18.37 -11.50 -6.10
N SER A 58 -17.25 -12.16 -6.14
CA SER A 58 -16.87 -13.07 -5.02
C SER A 58 -16.10 -12.29 -3.95
N GLY A 59 -16.16 -10.99 -3.99
CA GLY A 59 -15.44 -10.16 -2.98
C GLY A 59 -13.93 -10.39 -3.12
N ALA A 60 -13.46 -10.58 -4.33
CA ALA A 60 -12.00 -10.81 -4.52
C ALA A 60 -11.41 -9.75 -5.48
N ALA A 61 -10.14 -9.48 -5.38
CA ALA A 61 -9.52 -8.47 -6.28
C ALA A 61 -8.09 -8.87 -6.65
N SER A 62 -7.56 -8.26 -7.66
CA SER A 62 -6.17 -8.58 -8.10
C SER A 62 -5.78 -7.62 -9.22
N PHE A 63 -4.73 -6.86 -9.03
CA PHE A 63 -4.31 -5.91 -10.09
C PHE A 63 -2.82 -5.63 -10.01
N SER A 64 -2.32 -4.82 -10.89
CA SER A 64 -0.87 -4.50 -10.87
C SER A 64 -0.64 -3.12 -10.25
N PHE A 65 0.09 -3.06 -9.17
CA PHE A 65 0.35 -1.75 -8.50
C PHE A 65 1.85 -1.43 -8.55
N VAL A 66 2.19 -0.27 -9.03
CA VAL A 66 3.63 0.11 -9.10
C VAL A 66 4.11 0.64 -7.74
N VAL A 67 5.40 0.73 -7.54
CA VAL A 67 5.92 1.25 -6.24
C VAL A 67 6.98 2.32 -6.48
N ARG A 68 7.41 2.98 -5.44
CA ARG A 68 8.44 4.04 -5.61
C ARG A 68 9.43 4.00 -4.45
N LYS A 69 10.60 3.46 -4.67
CA LYS A 69 11.62 3.40 -3.59
C LYS A 69 11.57 4.65 -2.71
N SER A 70 11.78 5.80 -3.29
CA SER A 70 11.74 7.05 -2.49
C SER A 70 10.44 7.81 -2.76
N TYR A 71 9.92 8.49 -1.79
CA TYR A 71 8.65 9.25 -1.99
C TYR A 71 8.38 10.13 -0.77
N THR A 72 7.90 11.33 -0.99
CA THR A 72 7.61 12.24 0.16
C THR A 72 6.48 11.66 1.00
N GLY A 73 6.68 11.53 2.27
CA GLY A 73 5.60 10.99 3.15
C GLY A 73 4.61 12.09 3.49
N SER A 74 3.47 11.73 4.01
CA SER A 74 2.46 12.77 4.35
C SER A 74 1.19 12.09 4.88
N THR A 75 0.87 12.28 6.13
CA THR A 75 -0.35 11.66 6.70
C THR A 75 -1.51 11.76 5.72
N PRO A 76 -2.31 10.73 5.69
CA PRO A 76 -3.48 10.70 4.77
C PRO A 76 -4.54 11.70 5.24
N GLU A 77 -4.39 12.25 6.41
CA GLU A 77 -5.39 13.23 6.92
C GLU A 77 -5.28 14.55 6.13
N GLY A 78 -4.12 14.88 5.66
CA GLY A 78 -3.96 16.15 4.90
C GLY A 78 -2.87 17.01 5.54
N THR A 79 -1.67 16.51 5.60
CA THR A 79 -0.56 17.31 6.21
C THR A 79 0.80 16.71 5.83
N PRO A 80 1.70 17.56 5.44
CA PRO A 80 3.05 17.12 5.05
C PRO A 80 3.86 16.72 6.30
N VAL A 81 4.54 15.60 6.25
CA VAL A 81 5.33 15.17 7.43
C VAL A 81 6.83 15.22 7.10
N GLY A 82 7.19 15.02 5.87
CA GLY A 82 8.63 15.06 5.49
C GLY A 82 8.87 14.15 4.28
N SER A 83 10.10 13.82 4.01
CA SER A 83 10.39 12.94 2.84
C SER A 83 10.82 11.55 3.31
N VAL A 84 10.64 10.55 2.48
CA VAL A 84 11.04 9.17 2.87
C VAL A 84 11.90 8.53 1.78
N ASP A 85 12.72 7.58 2.12
CA ASP A 85 13.58 6.92 1.09
C ASP A 85 13.87 5.48 1.50
N CYS A 86 13.32 4.53 0.76
CA CYS A 86 13.56 3.10 1.10
C CYS A 86 14.96 2.66 0.64
N ALA A 87 15.71 3.53 0.01
CA ALA A 87 17.06 3.14 -0.45
C ALA A 87 17.78 2.41 0.68
N THR A 88 17.59 2.89 1.87
CA THR A 88 18.23 2.27 3.05
C THR A 88 17.29 2.37 4.26
N ALA A 89 16.04 2.70 4.00
CA ALA A 89 15.05 2.83 5.11
C ALA A 89 14.03 1.69 5.05
N ALA A 90 13.10 1.69 5.96
CA ALA A 90 12.06 0.62 5.97
C ALA A 90 10.74 1.15 5.42
N CYS A 91 9.99 0.34 4.73
CA CYS A 91 8.68 0.78 4.17
C CYS A 91 7.69 -0.38 4.18
N ASN A 92 6.44 -0.10 3.98
CA ASN A 92 5.42 -1.20 3.99
C ASN A 92 4.12 -0.73 3.33
N LEU A 93 3.63 -1.48 2.38
CA LEU A 93 2.38 -1.08 1.69
C LEU A 93 1.18 -1.50 2.54
N GLY A 94 0.14 -0.71 2.54
CA GLY A 94 -1.06 -1.07 3.34
C GLY A 94 -2.32 -0.86 2.51
N ALA A 95 -3.35 -1.61 2.79
CA ALA A 95 -4.62 -1.46 2.02
C ALA A 95 -5.82 -1.43 2.97
N GLY A 96 -6.99 -1.18 2.45
CA GLY A 96 -8.20 -1.14 3.33
C GLY A 96 -8.85 0.24 3.26
N ASN A 97 -10.02 0.40 3.84
CA ASN A 97 -10.70 1.72 3.80
C ASN A 97 -11.32 2.04 5.16
N SER A 98 -12.31 2.89 5.19
CA SER A 98 -12.95 3.25 6.48
C SER A 98 -14.08 2.27 6.79
N GLY A 99 -13.75 1.09 7.23
CA GLY A 99 -14.81 0.09 7.56
C GLY A 99 -14.24 -1.32 7.44
N LEU A 100 -13.33 -1.53 6.52
CA LEU A 100 -12.74 -2.89 6.36
C LEU A 100 -11.24 -2.78 6.06
N ASP A 101 -10.41 -3.25 6.97
CA ASP A 101 -8.95 -3.18 6.73
C ASP A 101 -8.45 -4.46 6.08
N LEU A 102 -7.73 -4.36 4.99
CA LEU A 102 -7.23 -5.58 4.31
C LEU A 102 -6.02 -6.15 5.07
N GLY A 103 -4.83 -5.78 4.68
CA GLY A 103 -3.62 -6.29 5.38
C GLY A 103 -2.46 -5.33 5.20
N HIS A 104 -1.31 -5.67 5.73
CA HIS A 104 -0.13 -4.77 5.59
C HIS A 104 1.09 -5.58 5.13
N VAL A 105 1.56 -5.35 3.93
CA VAL A 105 2.74 -6.12 3.43
C VAL A 105 4.00 -5.26 3.53
N ALA A 106 5.02 -5.76 4.14
CA ALA A 106 6.28 -4.97 4.27
C ALA A 106 7.13 -5.13 3.01
N LEU A 107 7.72 -4.07 2.55
CA LEU A 107 8.57 -4.16 1.33
C LEU A 107 10.02 -3.86 1.69
N THR A 108 10.90 -3.98 0.74
CA THR A 108 12.34 -3.69 1.04
C THR A 108 13.11 -3.46 -0.26
N PHE A 109 13.39 -2.23 -0.56
CA PHE A 109 14.15 -1.92 -1.81
C PHE A 109 15.63 -2.30 -1.65
N GLY A 110 16.17 -2.99 -2.60
CA GLY A 110 17.61 -3.38 -2.51
C GLY A 110 18.00 -4.20 -3.73
C1' ROM B . -10.24 6.36 5.24
C2' ROM B . -11.28 6.19 4.17
C3' ROM B . -11.05 7.27 3.11
C4' ROM B . -11.13 8.65 3.79
C5' ROM B . -10.17 8.70 5.02
O5' ROM B . -10.40 7.60 5.88
O2' ROM B . -11.17 4.90 3.58
O3' ROM B . -9.78 7.06 2.53
N4' ROM B . -10.87 9.78 2.85
C6D ROM B . -10.43 10.01 5.78
O9 ROM B . -10.32 5.34 6.22
C6B ROM B . -8.71 8.71 4.55
C4D ROM B . -12.13 10.29 2.32
C4B ROM B . -9.96 9.43 1.77
C'8 ROM B . -3.07 8.82 1.83
C'7 ROM B . -3.01 10.18 1.57
C'6 ROM B . -3.99 10.77 0.79
C'5 ROM B . -5.03 10.01 0.29
C15 ROM B . -5.09 8.65 0.55
C'9 ROM B . -4.11 8.05 1.33
O'7 ROM B . -1.97 10.94 2.06
C1A ROM B . -4.15 6.61 1.58
O'4 ROM B . -6.02 10.61 -0.49
C'3 ROM B . -7.12 9.92 -0.80
C'2 ROM B . -7.18 8.48 -0.47
N'1 ROM B . -6.13 7.90 0.05
C1B ROM B . -8.13 10.54 -1.43
O'2 ROM B . -8.21 7.86 -0.68
O13 ROM B . -4.24 6.38 2.88
C7X ROM B . -0.76 10.39 1.59
O11 ROM B . -4.12 5.73 0.74
C3 ROM B . -6.01 5.51 4.83
C2 ROM B . -7.06 5.06 5.59
C7 ROM B . -7.41 3.77 5.65
C6 ROM B . -6.73 2.83 4.93
C5 ROM B . -5.65 3.23 4.14
C4 ROM B . -5.27 4.59 4.09
C1 ROM B . -7.89 5.82 6.43
C12 ROM B . -7.54 6.74 7.29
C9 ROM B . -9.08 5.00 6.88
C8 ROM B . -8.62 3.54 6.60
C13 ROM B . -4.09 5.02 3.28
C10 ROM B . -9.07 5.49 8.29
C11 ROM B . -8.22 6.54 8.43
C14 ROM B . -2.79 4.87 4.08
O15 ROM B . -2.61 3.52 4.46
C16 ROM B . -2.56 3.26 5.76
C17 ROM B . -2.20 1.80 6.09
C18 ROM B . -2.77 1.42 7.46
C20 ROM B . -5.20 0.90 7.20
C21 ROM B . -6.52 1.26 7.31
C22 ROM B . -6.91 2.47 7.80
C23 ROM B . -5.95 3.37 8.20
C24 ROM B . -4.60 3.03 8.11
C19 ROM B . -4.22 1.79 7.59
O25 ROM B . -8.26 2.83 7.82
N18 ROM B . -2.57 -0.05 7.55
O23 ROM B . -6.31 4.60 8.71
CL21 ROM B . -7.73 0.12 6.81
O16 ROM B . -2.77 4.08 6.62
H1' ROM B . -9.27 6.33 4.78
H2' ROM B . -12.27 6.31 4.59
H3' ROM B . -11.81 7.19 2.35
H4' ROM B . -12.13 8.78 4.15
H2'2 ROM B . -11.82 4.84 2.89
H3'2 ROM B . -9.90 6.57 1.71
H6B1 ROM B . -10.17 10.85 5.15
H6B3 ROM B . -11.48 10.07 6.04
H6B2 ROM B . -9.84 10.02 6.69
H6A1 ROM B . -8.53 9.58 3.95
H6A3 ROM B . -8.06 8.73 5.42
H6A2 ROM B . -8.51 7.82 3.98
H4B1 ROM B . -12.35 9.76 1.41
H4B3 ROM B . -12.92 10.12 3.05
H4B2 ROM B . -12.02 11.34 2.13
H4A1 ROM B . -9.02 9.13 2.20
H4A3 ROM B . -10.39 8.62 1.22
H4A2 ROM B . -9.83 10.29 1.14
H'8 ROM B . -2.32 8.36 2.45
H'6 ROM B . -3.94 11.83 0.57
H'1 ROM B . -6.06 6.92 0.07
H3A1 ROM B . -9.06 10.71 -0.91
H3A2 ROM B . -8.04 10.87 -2.45
H7A1 ROM B . -0.90 10.01 0.59
H7A3 ROM B . 0.00 11.15 1.58
H7A2 ROM B . -0.45 9.58 2.24
H3 ROM B . -5.76 6.56 4.81
H6 ROM B . -7.02 1.79 4.98
H5 ROM B . -5.10 2.49 3.57
H12 ROM B . -6.83 7.51 7.12
H8 ROM B . -9.40 3.01 6.09
H13 ROM B . -4.03 4.41 2.38
H10 ROM B . -9.67 5.05 9.06
H11 ROM B . -8.10 7.13 9.32
H142 ROM B . -1.95 5.18 3.48
H141 ROM B . -2.84 5.48 4.97
H172 ROM B . -2.62 1.15 5.34
H171 ROM B . -1.13 1.70 6.10
H18 ROM B . -2.21 1.91 8.24
H20 ROM B . -4.93 -0.07 6.82
H24 ROM B . -3.85 3.74 8.42
H183 ROM B . -1.56 -0.26 7.49
H182 ROM B . -2.94 -0.41 8.45
H184 ROM B . -3.06 -0.52 6.75
H232 ROM B . -6.06 4.65 9.64
N ALA A 1 -11.88 -11.87 9.72
CA ALA A 1 -11.57 -10.74 8.79
C ALA A 1 -11.02 -11.28 7.47
N PRO A 2 -11.02 -10.42 6.48
CA PRO A 2 -10.51 -10.81 5.14
C PRO A 2 -8.99 -10.91 5.16
N ALA A 3 -8.37 -10.98 4.01
CA ALA A 3 -6.88 -11.08 3.97
C ALA A 3 -6.31 -10.23 2.82
N PHE A 4 -5.02 -10.13 2.74
CA PHE A 4 -4.39 -9.31 1.65
C PHE A 4 -2.97 -9.83 1.39
N SER A 5 -2.60 -9.97 0.13
CA SER A 5 -1.21 -10.47 -0.15
C SER A 5 -0.65 -9.85 -1.44
N VAL A 6 0.65 -9.85 -1.57
CA VAL A 6 1.30 -9.27 -2.78
C VAL A 6 2.25 -10.32 -3.38
N SER A 7 2.43 -10.33 -4.68
CA SER A 7 3.35 -11.35 -5.25
C SER A 7 4.77 -11.15 -4.66
N PRO A 8 5.53 -10.16 -5.14
CA PRO A 8 6.88 -9.95 -4.58
C PRO A 8 6.79 -9.17 -3.27
N ALA A 9 7.84 -9.13 -2.51
CA ALA A 9 7.81 -8.37 -1.22
C ALA A 9 9.23 -8.08 -0.73
N SER A 10 10.18 -8.14 -1.62
CA SER A 10 11.59 -7.88 -1.21
C SER A 10 12.46 -7.66 -2.45
N GLY A 11 13.40 -6.76 -2.38
CA GLY A 11 14.28 -6.51 -3.56
C GLY A 11 13.47 -5.79 -4.63
N LEU A 12 12.52 -4.98 -4.23
CA LEU A 12 11.70 -4.23 -5.23
C LEU A 12 12.53 -3.17 -5.94
N SER A 13 11.89 -2.16 -6.44
CA SER A 13 12.65 -1.07 -7.15
C SER A 13 11.71 0.10 -7.45
N ASP A 14 12.26 1.28 -7.61
CA ASP A 14 11.39 2.46 -7.90
C ASP A 14 10.72 2.27 -9.26
N GLY A 15 9.45 2.49 -9.35
CA GLY A 15 8.73 2.34 -10.65
C GLY A 15 8.29 0.88 -10.81
N GLN A 16 9.01 -0.03 -10.21
CA GLN A 16 8.63 -1.48 -10.34
C GLN A 16 7.16 -1.67 -9.99
N SER A 17 6.48 -2.47 -10.76
CA SER A 17 5.04 -2.73 -10.48
C SER A 17 4.86 -4.18 -10.02
N VAL A 18 4.30 -4.37 -8.87
CA VAL A 18 4.11 -5.75 -8.36
C VAL A 18 2.67 -6.22 -8.63
N SER A 19 2.42 -7.50 -8.49
CA SER A 19 1.05 -8.01 -8.74
C SER A 19 0.36 -8.27 -7.40
N VAL A 20 -0.48 -7.36 -6.98
CA VAL A 20 -1.18 -7.55 -5.68
C VAL A 20 -2.44 -8.38 -5.87
N SER A 21 -2.94 -8.95 -4.81
CA SER A 21 -4.18 -9.78 -4.92
C SER A 21 -4.83 -9.91 -3.55
N VAL A 22 -6.04 -9.43 -3.40
CA VAL A 22 -6.72 -9.53 -2.09
C VAL A 22 -7.84 -10.58 -2.16
N SER A 23 -8.40 -10.93 -1.04
CA SER A 23 -9.48 -11.95 -1.03
C SER A 23 -10.22 -11.93 0.31
N GLY A 24 -11.51 -12.14 0.29
CA GLY A 24 -12.28 -12.13 1.57
C GLY A 24 -13.32 -11.01 1.54
N ALA A 25 -13.05 -9.95 0.81
CA ALA A 25 -14.02 -8.82 0.75
C ALA A 25 -15.32 -9.27 0.07
N ALA A 26 -16.06 -8.36 -0.52
CA ALA A 26 -17.33 -8.76 -1.18
C ALA A 26 -17.59 -7.88 -2.41
N ALA A 27 -18.08 -8.46 -3.48
CA ALA A 27 -18.36 -7.66 -4.71
C ALA A 27 -19.24 -6.46 -4.38
N GLY A 28 -18.84 -5.30 -4.83
CA GLY A 28 -19.65 -4.08 -4.54
C GLY A 28 -18.88 -3.18 -3.57
N GLU A 29 -17.74 -3.61 -3.12
CA GLU A 29 -16.96 -2.77 -2.17
C GLU A 29 -15.69 -2.22 -2.86
N THR A 30 -15.37 -0.99 -2.58
CA THR A 30 -14.15 -0.38 -3.21
C THR A 30 -13.23 0.15 -2.10
N TYR A 31 -12.15 -0.53 -1.85
CA TYR A 31 -11.21 -0.07 -0.79
C TYR A 31 -10.05 0.73 -1.40
N TYR A 32 -9.33 1.44 -0.58
CA TYR A 32 -8.19 2.25 -1.11
C TYR A 32 -6.87 1.56 -0.76
N ILE A 33 -5.87 1.70 -1.59
CA ILE A 33 -4.56 1.04 -1.29
C ILE A 33 -3.41 2.03 -1.45
N ALA A 34 -2.41 1.92 -0.64
CA ALA A 34 -1.25 2.86 -0.74
C ALA A 34 -0.09 2.38 0.14
N GLN A 35 1.11 2.75 -0.20
CA GLN A 35 2.28 2.30 0.61
C GLN A 35 2.66 3.41 1.58
N CYS A 36 3.45 3.10 2.58
CA CYS A 36 3.84 4.15 3.55
C CYS A 36 5.28 3.94 4.05
N ALA A 37 5.72 4.78 4.94
CA ALA A 37 7.09 4.68 5.49
C ALA A 37 7.27 5.72 6.58
N PRO A 38 7.77 5.28 7.71
CA PRO A 38 7.99 6.20 8.84
C PRO A 38 9.15 7.14 8.56
N VAL A 39 9.21 8.22 9.27
CA VAL A 39 10.33 9.20 9.05
C VAL A 39 10.99 9.53 10.38
N GLY A 40 11.62 8.56 10.99
CA GLY A 40 12.29 8.80 12.30
C GLY A 40 11.37 9.59 13.23
N GLY A 41 10.08 9.49 13.04
CA GLY A 41 9.14 10.24 13.91
C GLY A 41 7.73 9.67 13.78
N GLN A 42 7.02 10.04 12.74
CA GLN A 42 5.64 9.51 12.56
C GLN A 42 5.57 8.60 11.33
N ASP A 43 4.39 8.29 10.87
CA ASP A 43 4.25 7.41 9.68
C ASP A 43 3.63 8.20 8.52
N ALA A 44 4.37 8.43 7.48
CA ALA A 44 3.82 9.18 6.32
C ALA A 44 3.44 8.23 5.18
N CYS A 45 2.51 8.62 4.35
CA CYS A 45 2.11 7.71 3.23
C CYS A 45 2.19 8.46 1.89
N ASN A 46 2.33 7.75 0.81
CA ASN A 46 2.43 8.41 -0.53
C ASN A 46 1.07 9.01 -0.94
N PRO A 47 1.07 10.28 -1.22
CA PRO A 47 -0.17 10.96 -1.62
C PRO A 47 -0.44 10.75 -3.12
N ALA A 48 0.59 10.46 -3.89
CA ALA A 48 0.39 10.25 -5.35
C ALA A 48 0.01 8.79 -5.64
N THR A 49 0.67 7.86 -5.01
CA THR A 49 0.35 6.41 -5.25
C THR A 49 -0.76 5.96 -4.31
N ALA A 50 -2.00 6.14 -4.71
CA ALA A 50 -3.13 5.71 -3.84
C ALA A 50 -4.42 5.66 -4.67
N THR A 51 -4.80 4.49 -5.10
CA THR A 51 -6.05 4.37 -5.92
C THR A 51 -7.04 3.41 -5.25
N SER A 52 -8.30 3.56 -5.53
CA SER A 52 -9.31 2.65 -4.92
C SER A 52 -9.76 1.59 -5.92
N PHE A 53 -9.82 0.37 -5.51
CA PHE A 53 -10.25 -0.72 -6.44
C PHE A 53 -11.44 -1.48 -5.86
N THR A 54 -12.21 -2.13 -6.70
CA THR A 54 -13.39 -2.88 -6.18
C THR A 54 -13.13 -4.39 -6.29
N THR A 55 -13.81 -5.18 -5.50
CA THR A 55 -13.61 -6.65 -5.56
C THR A 55 -14.58 -7.27 -6.57
N ASP A 56 -14.45 -8.55 -6.80
CA ASP A 56 -15.36 -9.23 -7.76
C ASP A 56 -16.51 -9.89 -7.03
N ALA A 57 -17.23 -10.77 -7.67
CA ALA A 57 -18.37 -11.44 -7.00
C ALA A 57 -17.86 -12.28 -5.83
N SER A 58 -16.67 -12.77 -5.92
CA SER A 58 -16.12 -13.60 -4.81
C SER A 58 -15.32 -12.72 -3.84
N GLY A 59 -15.58 -11.44 -3.86
CA GLY A 59 -14.84 -10.52 -2.94
C GLY A 59 -13.33 -10.69 -3.15
N ALA A 60 -12.94 -11.26 -4.25
CA ALA A 60 -11.48 -11.46 -4.51
C ALA A 60 -11.02 -10.54 -5.65
N ALA A 61 -9.94 -9.83 -5.46
CA ALA A 61 -9.46 -8.92 -6.53
C ALA A 61 -7.97 -9.18 -6.82
N SER A 62 -7.46 -8.62 -7.87
CA SER A 62 -6.03 -8.81 -8.22
C SER A 62 -5.62 -7.80 -9.28
N PHE A 63 -4.62 -7.01 -9.02
CA PHE A 63 -4.20 -6.00 -10.04
C PHE A 63 -2.72 -5.64 -9.85
N SER A 64 -2.14 -5.02 -10.84
CA SER A 64 -0.70 -4.65 -10.74
C SER A 64 -0.58 -3.23 -10.19
N PHE A 65 0.10 -3.06 -9.10
CA PHE A 65 0.25 -1.70 -8.50
C PHE A 65 1.73 -1.26 -8.56
N VAL A 66 1.97 -0.03 -8.92
CA VAL A 66 3.38 0.45 -9.00
C VAL A 66 3.83 0.94 -7.63
N VAL A 67 5.11 1.11 -7.46
CA VAL A 67 5.63 1.58 -6.14
C VAL A 67 6.72 2.63 -6.35
N ARG A 68 7.09 3.36 -5.33
CA ARG A 68 8.15 4.39 -5.48
C ARG A 68 9.14 4.31 -4.32
N LYS A 69 10.29 3.76 -4.56
CA LYS A 69 11.31 3.64 -3.48
C LYS A 69 11.41 4.92 -2.64
N SER A 70 11.65 6.04 -3.27
CA SER A 70 11.76 7.33 -2.49
C SER A 70 10.59 8.26 -2.81
N TYR A 71 10.16 9.02 -1.83
CA TYR A 71 9.02 9.96 -2.04
C TYR A 71 8.77 10.75 -0.75
N THR A 72 8.51 12.03 -0.85
CA THR A 72 8.25 12.83 0.39
C THR A 72 7.06 12.24 1.16
N GLY A 73 7.23 11.98 2.42
CA GLY A 73 6.12 11.40 3.22
C GLY A 73 5.22 12.51 3.77
N SER A 74 3.97 12.20 4.01
CA SER A 74 3.01 13.21 4.56
C SER A 74 1.80 12.49 5.16
N THR A 75 0.67 13.15 5.23
CA THR A 75 -0.54 12.49 5.81
C THR A 75 -1.71 12.55 4.81
N PRO A 76 -2.48 11.50 4.81
CA PRO A 76 -3.66 11.40 3.90
C PRO A 76 -4.72 12.44 4.27
N GLU A 77 -4.57 13.10 5.38
CA GLU A 77 -5.57 14.13 5.78
C GLU A 77 -5.23 15.48 5.15
N GLY A 78 -4.00 15.89 5.27
CA GLY A 78 -3.58 17.20 4.69
C GLY A 78 -2.54 17.86 5.59
N THR A 79 -1.48 17.14 5.88
CA THR A 79 -0.43 17.70 6.77
C THR A 79 0.93 17.08 6.43
N PRO A 80 1.94 17.91 6.39
CA PRO A 80 3.30 17.43 6.06
C PRO A 80 3.91 16.72 7.28
N VAL A 81 4.79 15.77 7.03
CA VAL A 81 5.42 15.03 8.16
C VAL A 81 6.94 14.97 7.95
N GLY A 82 7.36 14.62 6.77
CA GLY A 82 8.82 14.53 6.50
C GLY A 82 9.04 13.78 5.19
N SER A 83 10.27 13.62 4.79
CA SER A 83 10.56 12.90 3.52
C SER A 83 10.76 11.39 3.79
N VAL A 84 10.50 10.57 2.82
CA VAL A 84 10.68 9.09 3.02
C VAL A 84 11.65 8.54 1.97
N ASP A 85 12.33 7.48 2.30
CA ASP A 85 13.29 6.88 1.32
C ASP A 85 13.57 5.42 1.68
N CYS A 86 13.23 4.52 0.80
CA CYS A 86 13.47 3.07 1.07
C CYS A 86 14.92 2.66 0.73
N ALA A 87 15.84 3.60 0.75
CA ALA A 87 17.26 3.24 0.43
C ALA A 87 17.89 2.56 1.67
N THR A 88 17.09 2.32 2.67
CA THR A 88 17.57 1.66 3.91
C THR A 88 16.40 1.58 4.89
N ALA A 89 15.50 2.53 4.81
CA ALA A 89 14.33 2.56 5.70
C ALA A 89 13.48 1.28 5.52
N ALA A 90 12.46 1.12 6.31
CA ALA A 90 11.61 -0.10 6.17
C ALA A 90 10.21 0.31 5.71
N CYS A 91 9.99 0.37 4.42
CA CYS A 91 8.65 0.77 3.91
C CYS A 91 7.68 -0.42 3.96
N ASN A 92 6.41 -0.15 3.87
CA ASN A 92 5.40 -1.25 3.92
C ASN A 92 4.21 -0.89 3.02
N LEU A 93 3.21 -1.73 2.99
CA LEU A 93 2.02 -1.44 2.13
C LEU A 93 0.75 -1.97 2.81
N GLY A 94 -0.37 -1.31 2.62
CA GLY A 94 -1.62 -1.79 3.27
C GLY A 94 -2.84 -1.23 2.53
N ALA A 95 -3.98 -1.87 2.69
CA ALA A 95 -5.21 -1.38 1.99
C ALA A 95 -6.42 -1.50 2.93
N GLY A 96 -7.50 -0.85 2.60
CA GLY A 96 -8.72 -0.92 3.46
C GLY A 96 -9.52 0.38 3.32
N ASN A 97 -10.74 0.41 3.82
CA ASN A 97 -11.55 1.66 3.70
C ASN A 97 -11.86 2.22 5.10
N SER A 98 -12.57 3.31 5.15
CA SER A 98 -12.91 3.94 6.48
C SER A 98 -13.33 2.87 7.50
N GLY A 99 -13.88 1.78 7.08
CA GLY A 99 -14.28 0.73 8.07
C GLY A 99 -13.61 -0.60 7.75
N LEU A 100 -14.18 -1.37 6.87
CA LEU A 100 -13.57 -2.70 6.50
C LEU A 100 -12.04 -2.60 6.45
N ASP A 101 -11.36 -3.48 7.14
CA ASP A 101 -9.88 -3.45 7.13
C ASP A 101 -9.34 -4.74 6.52
N LEU A 102 -8.17 -4.71 5.95
CA LEU A 102 -7.60 -5.94 5.35
C LEU A 102 -6.25 -6.29 5.99
N GLY A 103 -5.18 -5.78 5.46
CA GLY A 103 -3.84 -6.09 6.03
C GLY A 103 -2.78 -5.29 5.28
N HIS A 104 -1.54 -5.48 5.63
CA HIS A 104 -0.45 -4.73 4.93
C HIS A 104 0.78 -5.62 4.74
N VAL A 105 1.38 -5.56 3.59
CA VAL A 105 2.59 -6.40 3.33
C VAL A 105 3.85 -5.53 3.45
N ALA A 106 4.87 -6.04 4.09
CA ALA A 106 6.12 -5.22 4.22
C ALA A 106 6.95 -5.32 2.95
N LEU A 107 7.36 -4.21 2.41
CA LEU A 107 8.18 -4.24 1.18
C LEU A 107 9.64 -3.93 1.50
N THR A 108 10.53 -4.14 0.56
CA THR A 108 11.97 -3.86 0.84
C THR A 108 12.68 -3.49 -0.46
N PHE A 109 13.12 -2.28 -0.59
CA PHE A 109 13.83 -1.88 -1.83
C PHE A 109 15.31 -2.24 -1.74
N GLY A 110 15.82 -2.92 -2.72
CA GLY A 110 17.26 -3.31 -2.71
C GLY A 110 17.61 -3.91 -1.33
C1' ROM B . -11.04 7.84 4.10
C2' ROM B . -11.83 7.29 2.92
C3' ROM B . -11.50 8.14 1.71
C4' ROM B . -11.85 9.62 2.01
C5' ROM B . -11.18 10.06 3.35
O5' ROM B . -11.47 9.15 4.40
O2' ROM B . -11.46 5.95 2.69
O3' ROM B . -10.10 8.01 1.43
N4' ROM B . -11.53 10.55 0.90
C6D ROM B . -11.73 11.44 3.72
O9 ROM B . -11.22 7.04 5.26
C6B ROM B . -9.67 10.20 3.17
C4D ROM B . -12.68 10.66 0.00
C4B ROM B . -10.34 10.15 0.17
C'8 ROM B . -2.86 9.61 1.04
C'7 ROM B . -2.99 10.86 0.45
C'6 ROM B . -4.18 11.23 -0.14
C'5 ROM B . -5.25 10.34 -0.15
C15 ROM B . -5.13 9.09 0.44
C'9 ROM B . -3.92 8.73 1.03
O'7 ROM B . -1.90 11.73 0.42
C1A ROM B . -3.76 7.40 1.61
O'4 ROM B . -6.44 10.70 -0.76
C'3 ROM B . -7.37 9.76 -1.00
C'2 ROM B . -7.23 8.44 -0.33
N'1 ROM B . -6.19 8.23 0.45
C1B ROM B . -8.39 10.01 -1.84
O'2 ROM B . -8.07 7.59 -0.51
O13 ROM B . -4.75 7.13 2.42
C7X ROM B . -1.47 11.97 1.74
O11 ROM B . -2.83 6.63 1.40
C3 ROM B . -6.82 6.68 4.13
C2 ROM B . -7.94 6.44 4.87
C7 ROM B . -8.40 5.23 5.11
C6 ROM B . -7.76 4.12 4.63
C5 ROM B . -6.60 4.30 3.86
C4 ROM B . -6.12 5.59 3.61
C1 ROM B . -8.77 7.40 5.52
C12 ROM B . -8.38 8.43 6.23
C9 ROM B . -10.02 6.75 6.04
C8 ROM B . -9.67 5.23 6.02
C13 ROM B . -4.85 5.78 2.84
C10 ROM B . -10.05 7.48 7.34
C11 ROM B . -9.12 8.48 7.34
C14 ROM B . -3.63 5.44 3.69
O15 ROM B . -4.02 4.66 4.82
C16 ROM B . -3.05 4.00 5.42
C17 ROM B . -3.51 2.70 6.08
C18 ROM B . -4.00 2.98 7.51
C20 ROM B . -6.45 2.53 7.41
C21 ROM B . -7.75 2.97 7.39
C22 ROM B . -8.07 4.30 7.48
C23 ROM B . -7.06 5.23 7.59
C24 ROM B . -5.73 4.81 7.62
C19 ROM B . -5.43 3.45 7.52
O25 ROM B . -9.41 4.72 7.37
N18 ROM B . -3.82 1.69 8.24
O23 ROM B . -7.36 6.57 7.69
CL21 ROM B . -9.03 1.81 7.25
O16 ROM B . -1.89 4.37 5.49
H1' ROM B . -10.01 7.86 3.83
H2' ROM B . -12.89 7.36 3.14
H3' ROM B . -12.06 7.79 0.86
H4' ROM B . -12.92 9.67 2.15
H2'2 ROM B . -12.24 5.41 2.84
H3'2 ROM B . -10.01 7.63 0.55
H6B1 ROM B . -11.48 12.15 2.95
H6B3 ROM B . -12.81 11.39 3.82
H6B2 ROM B . -11.30 11.76 4.66
H6A1 ROM B . -9.22 10.48 4.11
H6A3 ROM B . -9.26 9.25 2.85
H6A2 ROM B . -9.45 10.95 2.43
H4B1 ROM B . -12.76 9.73 -0.55
H4B3 ROM B . -13.56 10.84 0.59
H4B2 ROM B . -12.50 11.48 -0.68
H4A1 ROM B . -10.06 10.96 -0.49
H4A3 ROM B . -9.55 9.94 0.87
H4A2 ROM B . -10.57 9.27 -0.41
H'8 ROM B . -1.93 9.32 1.52
H'6 ROM B . -4.28 12.19 -0.60
H'1 ROM B . -6.18 7.44 1.03
H3A1 ROM B . -8.78 11.00 -1.94
H3A2 ROM B . -8.83 9.21 -2.41
H7A1 ROM B . -2.09 12.73 2.18
H7A3 ROM B . -1.55 11.06 2.31
H7A2 ROM B . -0.45 12.29 1.73
H3 ROM B . -6.49 7.69 3.94
H6 ROM B . -8.13 3.12 4.83
H5 ROM B . -6.09 3.43 3.46
H12 ROM B . -7.61 9.11 5.96
H8 ROM B . -10.46 4.68 5.56
H13 ROM B . -4.86 5.15 1.96
H10 ROM B . -10.71 7.23 8.14
H11 ROM B . -9.00 9.20 8.13
H142 ROM B . -2.92 4.87 3.10
H141 ROM B . -3.16 6.34 4.04
H172 ROM B . -4.31 2.27 5.50
H171 ROM B . -2.68 2.00 6.12
H18 ROM B . -3.38 3.73 7.95
H20 ROM B . -6.23 1.48 7.34
H24 ROM B . -4.95 5.53 7.72
H183 ROM B . -3.25 1.04 7.66
H182 ROM B . -3.33 1.87 9.13
H184 ROM B . -4.75 1.27 8.42
H232 ROM B . -7.38 6.83 8.62
N ALA A 1 -11.92 -14.06 8.60
CA ALA A 1 -11.65 -12.69 8.07
C ALA A 1 -11.09 -12.78 6.65
N PRO A 2 -11.12 -11.65 5.98
CA PRO A 2 -10.60 -11.59 4.60
C PRO A 2 -9.07 -11.64 4.61
N ALA A 3 -8.46 -11.60 3.45
CA ALA A 3 -6.98 -11.64 3.40
C ALA A 3 -6.44 -10.65 2.36
N PHE A 4 -5.14 -10.55 2.25
CA PHE A 4 -4.53 -9.61 1.27
C PHE A 4 -3.04 -9.93 1.12
N SER A 5 -2.57 -10.13 -0.08
CA SER A 5 -1.13 -10.45 -0.24
C SER A 5 -0.59 -10.01 -1.61
N VAL A 6 0.72 -9.93 -1.72
CA VAL A 6 1.36 -9.51 -3.00
C VAL A 6 2.35 -10.61 -3.45
N SER A 7 2.63 -10.70 -4.72
CA SER A 7 3.60 -11.76 -5.17
C SER A 7 5.00 -11.44 -4.61
N PRO A 8 5.66 -10.43 -5.15
CA PRO A 8 7.01 -10.08 -4.66
C PRO A 8 6.89 -9.34 -3.32
N ALA A 9 7.98 -9.02 -2.70
CA ALA A 9 7.92 -8.30 -1.40
C ALA A 9 9.33 -8.03 -0.88
N SER A 10 10.27 -7.85 -1.76
CA SER A 10 11.66 -7.59 -1.33
C SER A 10 12.54 -7.28 -2.56
N GLY A 11 13.64 -6.61 -2.38
CA GLY A 11 14.51 -6.29 -3.55
C GLY A 11 13.66 -5.65 -4.65
N LEU A 12 12.91 -4.64 -4.31
CA LEU A 12 12.04 -3.98 -5.33
C LEU A 12 12.81 -2.84 -6.03
N SER A 13 12.10 -2.00 -6.74
CA SER A 13 12.79 -0.86 -7.46
C SER A 13 11.78 0.26 -7.75
N ASP A 14 12.23 1.48 -7.77
CA ASP A 14 11.29 2.62 -8.05
C ASP A 14 10.60 2.41 -9.39
N GLY A 15 9.30 2.52 -9.42
CA GLY A 15 8.55 2.33 -10.70
C GLY A 15 8.22 0.84 -10.87
N GLN A 16 9.05 -0.01 -10.34
CA GLN A 16 8.79 -1.47 -10.46
C GLN A 16 7.32 -1.77 -10.20
N SER A 17 6.83 -2.87 -10.70
CA SER A 17 5.40 -3.21 -10.47
C SER A 17 5.26 -4.64 -9.97
N VAL A 18 4.39 -4.87 -9.04
CA VAL A 18 4.22 -6.25 -8.50
C VAL A 18 2.76 -6.71 -8.70
N SER A 19 2.51 -7.98 -8.56
CA SER A 19 1.11 -8.49 -8.76
C SER A 19 0.42 -8.62 -7.40
N VAL A 20 -0.48 -7.73 -7.10
CA VAL A 20 -1.21 -7.81 -5.80
C VAL A 20 -2.55 -8.50 -5.99
N SER A 21 -3.20 -8.85 -4.91
CA SER A 21 -4.51 -9.53 -5.02
C SER A 21 -5.22 -9.54 -3.66
N VAL A 22 -6.43 -9.04 -3.60
CA VAL A 22 -7.16 -9.02 -2.32
C VAL A 22 -8.33 -10.03 -2.36
N SER A 23 -8.76 -10.50 -1.22
CA SER A 23 -9.88 -11.48 -1.20
C SER A 23 -10.60 -11.42 0.15
N GLY A 24 -11.72 -12.09 0.27
CA GLY A 24 -12.47 -12.08 1.55
C GLY A 24 -13.43 -10.89 1.57
N ALA A 25 -13.11 -9.83 0.88
CA ALA A 25 -14.02 -8.65 0.86
C ALA A 25 -15.39 -9.05 0.30
N ALA A 26 -16.00 -8.22 -0.51
CA ALA A 26 -17.34 -8.57 -1.07
C ALA A 26 -17.76 -7.58 -2.16
N ALA A 27 -18.35 -8.08 -3.21
CA ALA A 27 -18.79 -7.19 -4.32
C ALA A 27 -19.66 -6.06 -3.78
N GLY A 28 -19.39 -4.86 -4.19
CA GLY A 28 -20.19 -3.71 -3.71
C GLY A 28 -19.36 -2.89 -2.72
N GLU A 29 -18.07 -3.07 -2.74
CA GLU A 29 -17.21 -2.29 -1.79
C GLU A 29 -15.90 -1.87 -2.49
N THR A 30 -15.35 -0.77 -2.06
CA THR A 30 -14.07 -0.30 -2.68
C THR A 30 -13.04 0.00 -1.58
N TYR A 31 -11.81 -0.37 -1.79
CA TYR A 31 -10.76 -0.11 -0.75
C TYR A 31 -9.64 0.75 -1.33
N TYR A 32 -8.90 1.40 -0.50
CA TYR A 32 -7.78 2.26 -1.00
C TYR A 32 -6.45 1.75 -0.49
N ILE A 33 -5.50 1.54 -1.36
CA ILE A 33 -4.17 1.03 -0.92
C ILE A 33 -3.09 2.08 -1.20
N ALA A 34 -2.07 2.13 -0.38
CA ALA A 34 -1.01 3.15 -0.62
C ALA A 34 0.26 2.76 0.15
N GLN A 35 1.39 3.25 -0.29
CA GLN A 35 2.67 2.92 0.40
C GLN A 35 2.94 3.93 1.52
N CYS A 36 3.43 3.48 2.63
CA CYS A 36 3.72 4.41 3.75
C CYS A 36 5.01 3.97 4.48
N ALA A 37 5.77 4.89 5.00
CA ALA A 37 7.04 4.52 5.71
C ALA A 37 7.09 5.21 7.08
N PRO A 38 7.75 4.57 8.01
CA PRO A 38 7.88 5.13 9.37
C PRO A 38 8.71 6.41 9.36
N VAL A 39 8.61 7.21 10.38
CA VAL A 39 9.41 8.47 10.42
C VAL A 39 9.79 8.81 11.86
N GLY A 40 10.74 8.10 12.41
CA GLY A 40 11.17 8.38 13.81
C GLY A 40 10.33 7.55 14.77
N GLY A 41 9.05 7.78 14.81
CA GLY A 41 8.17 6.99 15.72
C GLY A 41 6.71 7.14 15.28
N GLN A 42 6.50 7.50 14.04
CA GLN A 42 5.10 7.66 13.55
C GLN A 42 4.96 7.00 12.18
N ASP A 43 3.85 7.21 11.52
CA ASP A 43 3.67 6.58 10.18
C ASP A 43 3.36 7.65 9.13
N ALA A 44 4.05 7.60 8.02
CA ALA A 44 3.82 8.60 6.94
C ALA A 44 3.36 7.87 5.68
N CYS A 45 2.58 8.51 4.86
CA CYS A 45 2.13 7.81 3.61
C CYS A 45 2.50 8.63 2.37
N ASN A 46 2.17 8.14 1.21
CA ASN A 46 2.50 8.89 -0.03
C ASN A 46 1.24 9.10 -0.88
N PRO A 47 0.94 10.36 -1.13
CA PRO A 47 -0.25 10.70 -1.93
C PRO A 47 0.00 10.39 -3.43
N ALA A 48 1.19 9.97 -3.75
CA ALA A 48 1.49 9.66 -5.19
C ALA A 48 1.19 8.18 -5.49
N THR A 49 1.26 7.33 -4.50
CA THR A 49 0.97 5.89 -4.74
C THR A 49 -0.37 5.50 -4.12
N ALA A 50 -1.29 6.41 -4.02
CA ALA A 50 -2.62 6.07 -3.42
C ALA A 50 -3.59 5.63 -4.51
N THR A 51 -3.75 4.35 -4.70
CA THR A 51 -4.69 3.85 -5.75
C THR A 51 -6.01 3.44 -5.12
N SER A 52 -7.01 3.21 -5.93
CA SER A 52 -8.34 2.80 -5.40
C SER A 52 -8.92 1.69 -6.28
N PHE A 53 -9.43 0.65 -5.68
CA PHE A 53 -10.01 -0.46 -6.50
C PHE A 53 -11.29 -1.00 -5.86
N THR A 54 -11.93 -1.93 -6.50
CA THR A 54 -13.18 -2.51 -5.94
C THR A 54 -13.18 -4.03 -6.11
N THR A 55 -13.92 -4.75 -5.31
CA THR A 55 -13.95 -6.24 -5.45
C THR A 55 -14.90 -6.65 -6.56
N ASP A 56 -14.87 -7.89 -6.96
CA ASP A 56 -15.77 -8.37 -8.03
C ASP A 56 -17.06 -8.92 -7.42
N ALA A 57 -17.84 -9.62 -8.19
CA ALA A 57 -19.11 -10.17 -7.63
C ALA A 57 -18.80 -11.23 -6.57
N SER A 58 -17.69 -11.90 -6.71
CA SER A 58 -17.33 -12.94 -5.72
C SER A 58 -16.50 -12.32 -4.59
N GLY A 59 -16.44 -11.01 -4.54
CA GLY A 59 -15.65 -10.33 -3.47
C GLY A 59 -14.17 -10.72 -3.59
N ALA A 60 -13.56 -10.45 -4.71
CA ALA A 60 -12.13 -10.79 -4.89
C ALA A 60 -11.52 -9.92 -5.99
N ALA A 61 -10.40 -9.30 -5.73
CA ALA A 61 -9.77 -8.43 -6.78
C ALA A 61 -8.33 -8.84 -7.02
N SER A 62 -7.76 -8.36 -8.09
CA SER A 62 -6.35 -8.71 -8.42
C SER A 62 -5.82 -7.72 -9.46
N PHE A 63 -4.71 -7.10 -9.21
CA PHE A 63 -4.18 -6.13 -10.20
C PHE A 63 -2.70 -5.86 -9.93
N SER A 64 -2.03 -5.21 -10.85
CA SER A 64 -0.59 -4.90 -10.65
C SER A 64 -0.42 -3.53 -10.00
N PHE A 65 0.10 -3.48 -8.82
CA PHE A 65 0.30 -2.16 -8.13
C PHE A 65 1.75 -1.70 -8.28
N VAL A 66 1.96 -0.43 -8.40
CA VAL A 66 3.36 0.07 -8.55
C VAL A 66 3.94 0.48 -7.19
N VAL A 67 5.24 0.56 -7.11
CA VAL A 67 5.90 0.93 -5.84
C VAL A 67 6.92 2.03 -6.11
N ARG A 68 7.10 2.94 -5.22
CA ARG A 68 8.10 4.02 -5.46
C ARG A 68 9.10 4.11 -4.32
N LYS A 69 10.27 3.58 -4.52
CA LYS A 69 11.32 3.62 -3.46
C LYS A 69 11.31 4.97 -2.74
N SER A 70 11.53 6.04 -3.44
CA SER A 70 11.54 7.38 -2.79
C SER A 70 10.22 8.11 -3.04
N TYR A 71 9.80 8.93 -2.10
CA TYR A 71 8.53 9.68 -2.26
C TYR A 71 8.31 10.60 -1.06
N THR A 72 7.61 11.69 -1.24
CA THR A 72 7.37 12.62 -0.10
C THR A 72 6.43 11.98 0.93
N GLY A 73 6.83 11.95 2.17
CA GLY A 73 5.97 11.34 3.21
C GLY A 73 5.01 12.39 3.77
N SER A 74 3.85 11.98 4.20
CA SER A 74 2.86 12.95 4.74
C SER A 74 1.60 12.22 5.19
N THR A 75 1.30 12.25 6.46
CA THR A 75 0.08 11.58 6.96
C THR A 75 -1.09 11.82 6.01
N PRO A 76 -1.89 10.80 5.83
CA PRO A 76 -3.07 10.89 4.95
C PRO A 76 -4.14 11.80 5.58
N GLU A 77 -3.90 12.28 6.78
CA GLU A 77 -4.90 13.16 7.45
C GLU A 77 -4.83 14.59 6.90
N GLY A 78 -3.79 15.31 7.21
CA GLY A 78 -3.68 16.70 6.70
C GLY A 78 -2.25 17.23 6.88
N THR A 79 -1.87 17.54 8.09
CA THR A 79 -0.48 18.06 8.33
C THR A 79 0.54 17.11 7.69
N PRO A 80 1.50 17.70 7.03
CA PRO A 80 2.56 16.91 6.37
C PRO A 80 3.54 16.35 7.40
N VAL A 81 4.53 15.62 6.97
CA VAL A 81 5.52 15.04 7.92
C VAL A 81 6.95 15.24 7.38
N GLY A 82 7.11 15.26 6.09
CA GLY A 82 8.47 15.44 5.51
C GLY A 82 8.65 14.51 4.33
N SER A 83 9.80 14.54 3.71
CA SER A 83 10.04 13.65 2.54
C SER A 83 10.44 12.25 3.02
N VAL A 84 10.36 11.28 2.16
CA VAL A 84 10.74 9.89 2.57
C VAL A 84 11.62 9.23 1.49
N ASP A 85 12.39 8.26 1.88
CA ASP A 85 13.27 7.57 0.90
C ASP A 85 13.50 6.12 1.36
N CYS A 86 12.68 5.22 0.91
CA CYS A 86 12.82 3.80 1.31
C CYS A 86 13.92 3.10 0.49
N ALA A 87 14.89 3.82 -0.02
CA ALA A 87 15.97 3.15 -0.81
C ALA A 87 16.65 2.12 0.08
N THR A 88 16.81 2.45 1.32
CA THR A 88 17.47 1.52 2.27
C THR A 88 16.73 1.58 3.61
N ALA A 89 15.58 2.21 3.62
CA ALA A 89 14.78 2.31 4.87
C ALA A 89 13.74 1.20 4.92
N ALA A 90 13.02 1.10 6.00
CA ALA A 90 11.97 0.04 6.12
C ALA A 90 10.64 0.56 5.60
N CYS A 91 10.29 0.23 4.38
CA CYS A 91 8.98 0.71 3.81
C CYS A 91 7.94 -0.40 3.90
N ASN A 92 6.68 -0.05 3.92
CA ASN A 92 5.61 -1.09 4.00
C ASN A 92 4.41 -0.67 3.13
N LEU A 93 3.41 -1.51 3.07
CA LEU A 93 2.20 -1.18 2.25
C LEU A 93 0.93 -1.58 3.00
N GLY A 94 -0.10 -0.78 2.95
CA GLY A 94 -1.35 -1.14 3.69
C GLY A 94 -2.56 -0.99 2.76
N ALA A 95 -3.59 -1.78 2.97
CA ALA A 95 -4.80 -1.68 2.10
C ALA A 95 -6.06 -2.02 2.91
N GLY A 96 -7.10 -1.24 2.75
CA GLY A 96 -8.36 -1.52 3.51
C GLY A 96 -9.35 -0.37 3.30
N ASN A 97 -10.05 0.03 4.34
CA ASN A 97 -11.03 1.14 4.19
C ASN A 97 -11.35 1.75 5.56
N SER A 98 -11.95 2.93 5.57
CA SER A 98 -12.32 3.62 6.86
C SER A 98 -12.54 2.62 8.00
N GLY A 99 -13.27 1.57 7.76
CA GLY A 99 -13.52 0.58 8.83
C GLY A 99 -12.89 -0.77 8.46
N LEU A 100 -13.50 -1.47 7.55
CA LEU A 100 -12.95 -2.78 7.12
C LEU A 100 -11.43 -2.70 6.92
N ASP A 101 -10.67 -3.29 7.80
CA ASP A 101 -9.18 -3.25 7.66
C ASP A 101 -8.68 -4.62 7.20
N LEU A 102 -8.31 -4.74 5.95
CA LEU A 102 -7.81 -6.04 5.43
C LEU A 102 -6.43 -6.38 6.04
N GLY A 103 -5.36 -6.17 5.29
CA GLY A 103 -4.01 -6.49 5.85
C GLY A 103 -2.96 -5.54 5.24
N HIS A 104 -1.72 -5.74 5.58
CA HIS A 104 -0.63 -4.88 5.02
C HIS A 104 0.60 -5.72 4.70
N VAL A 105 1.21 -5.50 3.56
CA VAL A 105 2.42 -6.29 3.19
C VAL A 105 3.68 -5.42 3.29
N ALA A 106 4.71 -5.92 3.93
CA ALA A 106 5.96 -5.12 4.05
C ALA A 106 6.83 -5.28 2.79
N LEU A 107 7.55 -4.25 2.42
CA LEU A 107 8.42 -4.35 1.21
C LEU A 107 9.86 -3.98 1.57
N THR A 108 10.77 -4.14 0.64
CA THR A 108 12.19 -3.81 0.93
C THR A 108 12.93 -3.43 -0.36
N PHE A 109 13.46 -2.25 -0.42
CA PHE A 109 14.19 -1.82 -1.65
C PHE A 109 15.68 -2.11 -1.52
N GLY A 110 16.34 -2.39 -2.61
CA GLY A 110 17.80 -2.69 -2.55
C GLY A 110 18.05 -4.13 -3.00
C1' ROM B . -10.97 7.50 4.14
C2' ROM B . -11.74 6.80 3.05
C3' ROM B . -11.48 7.54 1.75
C4' ROM B . -11.93 9.02 1.91
C5' ROM B . -11.26 9.63 3.18
O5' ROM B . -11.47 8.81 4.31
O2' ROM B . -11.29 5.46 2.94
O3' ROM B . -10.09 7.48 1.46
N4' ROM B . -11.70 9.85 0.71
C6D ROM B . -11.88 11.01 3.42
O9 ROM B . -11.10 6.81 5.37
C6B ROM B . -9.75 9.81 2.93
C4D ROM B . -12.92 9.96 -0.08
C4B ROM B . -10.59 9.37 -0.11
C'8 ROM B . -2.35 9.34 1.51
C'7 ROM B . -2.34 10.54 0.82
C'6 ROM B . -3.38 10.86 -0.03
C'5 ROM B . -4.43 9.97 -0.21
C15 ROM B . -4.44 8.76 0.49
C'9 ROM B . -3.39 8.46 1.33
O'7 ROM B . -1.27 11.40 0.96
C1A ROM B . -3.33 7.16 2.00
O'4 ROM B . -5.48 10.29 -1.06
C'3 ROM B . -6.55 9.47 -1.12
C'2 ROM B . -6.57 8.24 -0.31
N'1 ROM B . -5.47 7.88 0.33
C1B ROM B . -7.58 9.79 -1.93
O'2 ROM B . -7.58 7.58 -0.25
O13 ROM B . -4.44 6.94 2.66
C7X ROM B . -1.73 12.58 1.56
O11 ROM B . -2.40 6.38 1.94
C3 ROM B . -6.67 6.54 4.21
C2 ROM B . -7.79 6.33 4.97
C7 ROM B . -8.19 5.11 5.34
C6 ROM B . -7.51 4.00 4.96
C5 ROM B . -6.35 4.15 4.18
C4 ROM B . -5.92 5.43 3.80
C1 ROM B . -8.66 7.30 5.53
C12 ROM B . -8.32 8.41 6.12
C9 ROM B . -9.87 6.64 6.13
C8 ROM B . -9.45 5.15 6.25
C13 ROM B . -4.64 5.58 3.05
C10 ROM B . -9.90 7.49 7.37
C11 ROM B . -9.03 8.53 7.26
C14 ROM B . -3.45 5.13 3.91
O15 ROM B . -3.93 4.52 5.10
C16 ROM B . -3.00 4.11 5.94
C17 ROM B . -3.28 2.71 6.52
C18 ROM B . -3.84 2.86 7.94
C20 ROM B . -6.32 2.51 8.00
C21 ROM B . -7.59 2.99 7.93
C22 ROM B . -7.85 4.33 7.79
C23 ROM B . -6.80 5.22 7.72
C24 ROM B . -5.50 4.74 7.79
C19 ROM B . -5.25 3.38 7.92
O25 ROM B . -9.17 4.78 7.64
N18 ROM B . -3.78 1.48 8.49
O23 ROM B . -7.04 6.57 7.58
CL21 ROM B . -8.91 1.90 8.06
O16 ROM B . -2.00 4.74 6.24
H1' ROM B . -9.95 7.55 3.86
H2' ROM B . -12.80 6.82 3.27
H3' ROM B . -12.04 7.07 0.95
H4' ROM B . -13.00 9.01 2.08
H2'2 ROM B . -11.66 5.08 2.14
H3'2 ROM B . -9.97 6.91 0.70
H6B1 ROM B . -12.29 11.39 2.49
H6B3 ROM B . -12.67 10.93 4.16
H6B2 ROM B . -11.12 11.68 3.77
H6A1 ROM B . -9.60 10.44 2.07
H6A3 ROM B . -9.32 10.28 3.80
H6A2 ROM B . -9.29 8.86 2.76
H4B1 ROM B . -12.72 10.57 -0.95
H4B3 ROM B . -13.22 8.97 -0.37
H4B2 ROM B . -13.68 10.42 0.53
H4A1 ROM B . -10.54 9.96 -1.01
H4A3 ROM B . -9.68 9.45 0.45
H4A2 ROM B . -10.77 8.33 -0.37
H'8 ROM B . -1.56 9.11 2.21
H'6 ROM B . -3.38 11.80 -0.57
H'1 ROM B . -5.39 6.97 0.70
H3A1 ROM B . -8.57 9.91 -1.52
H3A2 ROM B . -7.44 9.94 -2.98
H7A1 ROM B . -1.93 12.40 2.59
H7A3 ROM B . -0.96 13.34 1.46
H7A2 ROM B . -2.63 12.90 1.06
H3 ROM B . -6.39 7.54 3.92
H6 ROM B . -7.84 3.02 5.26
H5 ROM B . -5.82 3.29 3.84
H12 ROM B . -7.58 9.11 5.77
H8 ROM B . -10.23 4.53 5.85
H13 ROM B . -4.67 4.99 2.16
H10 ROM B . -10.52 7.27 8.20
H11 ROM B . -8.92 9.33 7.95
H142 ROM B . -2.86 4.41 3.37
H141 ROM B . -2.84 5.98 4.17
H172 ROM B . -3.99 2.20 5.90
H171 ROM B . -2.36 2.15 6.56
H18 ROM B . -3.23 3.51 8.52
H20 ROM B . -6.15 1.45 8.11
H24 ROM B . -4.67 5.43 7.72
H183 ROM B . -4.33 0.83 7.89
H182 ROM B . -2.79 1.16 8.53
H184 ROM B . -4.18 1.47 9.46
H232 ROM B . -6.88 7.01 8.42
N ALA A 1 -10.11 -12.71 10.16
CA ALA A 1 -10.00 -11.47 9.34
C ALA A 1 -9.61 -11.81 7.91
N PRO A 2 -9.74 -10.83 7.05
CA PRO A 2 -9.42 -11.01 5.62
C PRO A 2 -7.90 -11.18 5.45
N ALA A 3 -7.42 -11.11 4.23
CA ALA A 3 -5.96 -11.28 4.00
C ALA A 3 -5.52 -10.52 2.73
N PHE A 4 -4.34 -9.99 2.75
CA PHE A 4 -3.82 -9.24 1.57
C PHE A 4 -2.44 -9.79 1.20
N SER A 5 -2.23 -10.17 -0.04
CA SER A 5 -0.90 -10.70 -0.41
C SER A 5 -0.40 -10.15 -1.76
N VAL A 6 0.90 -10.07 -1.90
CA VAL A 6 1.49 -9.56 -3.16
C VAL A 6 2.46 -10.61 -3.71
N SER A 7 2.80 -10.56 -4.98
CA SER A 7 3.75 -11.59 -5.51
C SER A 7 5.14 -11.34 -4.90
N PRO A 8 5.78 -10.26 -5.29
CA PRO A 8 7.12 -9.95 -4.75
C PRO A 8 6.96 -9.38 -3.33
N ALA A 9 7.93 -8.64 -2.85
CA ALA A 9 7.84 -8.05 -1.47
C ALA A 9 9.21 -7.57 -1.00
N SER A 10 10.26 -8.12 -1.57
CA SER A 10 11.63 -7.68 -1.15
C SER A 10 12.48 -7.40 -2.40
N GLY A 11 13.54 -6.66 -2.24
CA GLY A 11 14.40 -6.36 -3.43
C GLY A 11 13.56 -5.70 -4.51
N LEU A 12 12.84 -4.66 -4.18
CA LEU A 12 12.00 -3.97 -5.20
C LEU A 12 12.80 -2.89 -5.91
N SER A 13 12.13 -1.99 -6.58
CA SER A 13 12.85 -0.90 -7.30
C SER A 13 11.93 0.30 -7.49
N ASP A 14 12.49 1.47 -7.61
CA ASP A 14 11.64 2.68 -7.80
C ASP A 14 10.83 2.56 -9.10
N GLY A 15 9.54 2.68 -9.02
CA GLY A 15 8.71 2.57 -10.25
C GLY A 15 8.34 1.11 -10.51
N GLN A 16 9.09 0.21 -9.95
CA GLN A 16 8.78 -1.24 -10.16
C GLN A 16 7.31 -1.52 -9.89
N SER A 17 6.68 -2.32 -10.71
CA SER A 17 5.25 -2.64 -10.50
C SER A 17 5.11 -4.08 -10.00
N VAL A 18 4.43 -4.27 -8.90
CA VAL A 18 4.26 -5.67 -8.38
C VAL A 18 2.80 -6.09 -8.50
N SER A 19 2.55 -7.37 -8.55
CA SER A 19 1.13 -7.83 -8.68
C SER A 19 0.53 -7.99 -7.29
N VAL A 20 -0.68 -7.56 -7.10
CA VAL A 20 -1.32 -7.69 -5.76
C VAL A 20 -2.66 -8.41 -5.86
N SER A 21 -3.20 -8.82 -4.74
CA SER A 21 -4.50 -9.53 -4.75
C SER A 21 -5.05 -9.61 -3.33
N VAL A 22 -6.14 -8.93 -3.06
CA VAL A 22 -6.71 -8.96 -1.69
C VAL A 22 -7.79 -10.05 -1.58
N SER A 23 -8.31 -10.26 -0.40
CA SER A 23 -9.35 -11.30 -0.21
C SER A 23 -9.98 -11.17 1.19
N GLY A 24 -11.11 -11.78 1.41
CA GLY A 24 -11.75 -11.70 2.75
C GLY A 24 -12.63 -10.44 2.82
N ALA A 25 -12.39 -9.48 1.96
CA ALA A 25 -13.21 -8.23 1.98
C ALA A 25 -14.69 -8.57 1.66
N ALA A 26 -15.28 -7.95 0.66
CA ALA A 26 -16.70 -8.26 0.34
C ALA A 26 -17.16 -7.53 -0.91
N ALA A 27 -17.75 -8.24 -1.83
CA ALA A 27 -18.25 -7.60 -3.08
C ALA A 27 -19.18 -6.43 -2.77
N GLY A 28 -19.05 -5.37 -3.50
CA GLY A 28 -19.92 -4.18 -3.26
C GLY A 28 -19.15 -3.13 -2.47
N GLU A 29 -17.86 -3.23 -2.42
CA GLU A 29 -17.07 -2.23 -1.65
C GLU A 29 -15.81 -1.84 -2.43
N THR A 30 -15.38 -0.62 -2.28
CA THR A 30 -14.17 -0.17 -3.00
C THR A 30 -13.08 0.20 -1.98
N TYR A 31 -11.94 -0.43 -2.04
CA TYR A 31 -10.86 -0.11 -1.08
C TYR A 31 -9.77 0.71 -1.75
N TYR A 32 -8.91 1.31 -0.99
CA TYR A 32 -7.82 2.13 -1.58
C TYR A 32 -6.47 1.64 -1.06
N ILE A 33 -5.60 1.24 -1.94
CA ILE A 33 -4.27 0.75 -1.49
C ILE A 33 -3.25 1.89 -1.50
N ALA A 34 -2.27 1.81 -0.65
CA ALA A 34 -1.24 2.89 -0.60
C ALA A 34 -0.04 2.45 0.26
N GLN A 35 1.15 2.73 -0.17
CA GLN A 35 2.34 2.31 0.61
C GLN A 35 2.75 3.44 1.55
N CYS A 36 3.35 3.12 2.66
CA CYS A 36 3.77 4.20 3.61
C CYS A 36 5.11 3.84 4.27
N ALA A 37 5.59 4.69 5.14
CA ALA A 37 6.88 4.42 5.82
C ALA A 37 6.90 5.15 7.17
N PRO A 38 7.47 4.51 8.15
CA PRO A 38 7.55 5.12 9.50
C PRO A 38 8.47 6.34 9.50
N VAL A 39 8.47 7.10 10.55
CA VAL A 39 9.34 8.30 10.60
C VAL A 39 9.41 8.86 12.03
N GLY A 40 10.01 8.12 12.93
CA GLY A 40 10.11 8.61 14.34
C GLY A 40 8.87 8.16 15.14
N GLY A 41 8.21 7.11 14.71
CA GLY A 41 7.01 6.65 15.45
C GLY A 41 5.78 6.75 14.55
N GLN A 42 5.65 7.84 13.83
CA GLN A 42 4.47 7.99 12.93
C GLN A 42 4.71 7.28 11.60
N ASP A 43 3.87 7.50 10.63
CA ASP A 43 4.07 6.84 9.32
C ASP A 43 3.58 7.75 8.18
N ALA A 44 4.50 8.28 7.42
CA ALA A 44 4.09 9.18 6.29
C ALA A 44 3.70 8.32 5.08
N CYS A 45 2.49 8.45 4.62
CA CYS A 45 2.05 7.63 3.45
C CYS A 45 2.32 8.37 2.12
N ASN A 46 2.44 7.63 1.06
CA ASN A 46 2.69 8.25 -0.28
C ASN A 46 1.39 8.88 -0.84
N PRO A 47 1.43 10.17 -0.99
CA PRO A 47 0.26 10.92 -1.51
C PRO A 47 0.28 10.99 -3.05
N ALA A 48 1.42 10.85 -3.66
CA ALA A 48 1.49 10.93 -5.15
C ALA A 48 1.34 9.55 -5.81
N THR A 49 1.03 8.54 -5.07
CA THR A 49 0.87 7.19 -5.69
C THR A 49 -0.21 6.38 -4.98
N ALA A 50 -1.45 6.58 -5.35
CA ALA A 50 -2.56 5.82 -4.69
C ALA A 50 -3.62 5.42 -5.72
N THR A 51 -4.17 4.23 -5.60
CA THR A 51 -5.21 3.79 -6.57
C THR A 51 -6.37 3.11 -5.83
N SER A 52 -7.50 2.97 -6.47
CA SER A 52 -8.67 2.31 -5.81
C SER A 52 -9.11 1.07 -6.58
N PHE A 53 -9.51 0.04 -5.89
CA PHE A 53 -9.95 -1.20 -6.58
C PHE A 53 -11.15 -1.81 -5.84
N THR A 54 -12.12 -2.30 -6.56
CA THR A 54 -13.32 -2.90 -5.90
C THR A 54 -13.17 -4.42 -5.82
N THR A 55 -13.73 -5.03 -4.81
CA THR A 55 -13.63 -6.52 -4.69
C THR A 55 -14.57 -7.20 -5.68
N ASP A 56 -14.53 -8.50 -5.73
CA ASP A 56 -15.42 -9.22 -6.68
C ASP A 56 -16.58 -9.83 -5.89
N ALA A 57 -17.33 -10.72 -6.49
CA ALA A 57 -18.47 -11.33 -5.75
C ALA A 57 -17.95 -12.10 -4.54
N SER A 58 -16.76 -12.63 -4.63
CA SER A 58 -16.19 -13.39 -3.48
C SER A 58 -15.32 -12.46 -2.62
N GLY A 59 -15.57 -11.18 -2.68
CA GLY A 59 -14.78 -10.22 -1.87
C GLY A 59 -13.29 -10.38 -2.19
N ALA A 60 -12.96 -10.82 -3.37
CA ALA A 60 -11.53 -11.00 -3.73
C ALA A 60 -11.15 -10.00 -4.83
N ALA A 61 -9.94 -9.50 -4.80
CA ALA A 61 -9.52 -8.53 -5.85
C ALA A 61 -8.07 -8.79 -6.29
N SER A 62 -7.72 -8.32 -7.44
CA SER A 62 -6.32 -8.54 -7.95
C SER A 62 -5.98 -7.46 -8.98
N PHE A 63 -4.91 -6.76 -8.77
CA PHE A 63 -4.52 -5.70 -9.74
C PHE A 63 -3.03 -5.37 -9.59
N SER A 64 -2.43 -4.81 -10.62
CA SER A 64 -0.97 -4.47 -10.53
C SER A 64 -0.81 -3.07 -9.94
N PHE A 65 0.05 -2.92 -8.98
CA PHE A 65 0.27 -1.60 -8.35
C PHE A 65 1.72 -1.17 -8.53
N VAL A 66 1.97 0.12 -8.64
CA VAL A 66 3.37 0.58 -8.81
C VAL A 66 3.94 1.04 -7.47
N VAL A 67 5.23 1.14 -7.36
CA VAL A 67 5.84 1.58 -6.08
C VAL A 67 6.92 2.64 -6.33
N ARG A 68 7.56 3.08 -5.30
CA ARG A 68 8.62 4.11 -5.47
C ARG A 68 9.50 4.14 -4.21
N LYS A 69 10.55 3.38 -4.22
CA LYS A 69 11.47 3.33 -3.05
C LYS A 69 11.71 4.72 -2.44
N SER A 70 11.51 5.77 -3.19
CA SER A 70 11.73 7.13 -2.59
C SER A 70 10.56 8.07 -2.91
N TYR A 71 10.08 8.78 -1.93
CA TYR A 71 8.94 9.71 -2.18
C TYR A 71 8.64 10.53 -0.92
N THR A 72 7.95 11.63 -1.06
CA THR A 72 7.63 12.47 0.13
C THR A 72 6.43 11.89 0.89
N GLY A 73 6.60 11.61 2.15
CA GLY A 73 5.46 11.05 2.93
C GLY A 73 4.56 12.17 3.40
N SER A 74 3.32 11.87 3.66
CA SER A 74 2.37 12.92 4.14
C SER A 74 1.13 12.25 4.73
N THR A 75 0.86 12.47 5.99
CA THR A 75 -0.34 11.85 6.61
C THR A 75 -1.55 11.93 5.66
N PRO A 76 -2.20 10.81 5.51
CA PRO A 76 -3.39 10.74 4.62
C PRO A 76 -4.57 11.52 5.22
N GLU A 77 -4.46 11.96 6.44
CA GLU A 77 -5.58 12.73 7.06
C GLU A 77 -5.06 13.85 7.95
N GLY A 78 -4.01 14.51 7.56
CA GLY A 78 -3.48 15.62 8.40
C GLY A 78 -2.78 16.65 7.53
N THR A 79 -1.48 16.70 7.60
CA THR A 79 -0.71 17.68 6.78
C THR A 79 0.59 17.02 6.27
N PRO A 80 1.38 17.77 5.53
CA PRO A 80 2.65 17.23 4.99
C PRO A 80 3.64 16.96 6.13
N VAL A 81 4.05 15.73 6.30
CA VAL A 81 5.02 15.40 7.39
C VAL A 81 6.44 15.72 6.94
N GLY A 82 7.04 14.85 6.17
CA GLY A 82 8.44 15.10 5.70
C GLY A 82 8.75 14.20 4.50
N SER A 83 10.00 14.13 4.10
CA SER A 83 10.36 13.27 2.93
C SER A 83 10.66 11.84 3.39
N VAL A 84 10.64 10.91 2.48
CA VAL A 84 10.92 9.49 2.86
C VAL A 84 11.86 8.85 1.83
N ASP A 85 12.57 7.82 2.23
CA ASP A 85 13.50 7.16 1.28
C ASP A 85 13.60 5.67 1.59
N CYS A 86 12.63 4.90 1.19
CA CYS A 86 12.67 3.44 1.46
C CYS A 86 13.88 2.79 0.77
N ALA A 87 14.58 3.50 -0.06
CA ALA A 87 15.76 2.92 -0.75
C ALA A 87 16.68 2.27 0.28
N THR A 88 16.72 2.84 1.45
CA THR A 88 17.58 2.27 2.53
C THR A 88 16.80 2.27 3.86
N ALA A 89 15.56 2.71 3.82
CA ALA A 89 14.75 2.73 5.07
C ALA A 89 13.69 1.63 5.03
N ALA A 90 12.97 1.45 6.09
CA ALA A 90 11.92 0.40 6.12
C ALA A 90 10.65 0.91 5.43
N CYS A 91 10.11 0.14 4.52
CA CYS A 91 8.87 0.58 3.81
C CYS A 91 7.80 -0.51 3.93
N ASN A 92 6.55 -0.14 3.83
CA ASN A 92 5.47 -1.17 3.95
C ASN A 92 4.27 -0.79 3.07
N LEU A 93 3.23 -1.59 3.11
CA LEU A 93 2.03 -1.30 2.29
C LEU A 93 0.77 -1.72 3.05
N GLY A 94 -0.32 -1.02 2.86
CA GLY A 94 -1.57 -1.39 3.57
C GLY A 94 -2.79 -0.94 2.75
N ALA A 95 -3.93 -1.56 2.98
CA ALA A 95 -5.15 -1.17 2.21
C ALA A 95 -6.31 -0.85 3.17
N GLY A 96 -7.43 -0.44 2.66
CA GLY A 96 -8.59 -0.12 3.55
C GLY A 96 -9.48 0.91 2.87
N ASN A 97 -10.74 0.95 3.24
CA ASN A 97 -11.67 1.93 2.61
C ASN A 97 -12.22 2.89 3.68
N SER A 98 -12.24 2.47 4.92
CA SER A 98 -12.75 3.36 6.00
C SER A 98 -12.88 2.56 7.30
N GLY A 99 -13.48 1.40 7.25
CA GLY A 99 -13.64 0.59 8.48
C GLY A 99 -13.23 -0.86 8.20
N LEU A 100 -12.25 -1.05 7.36
CA LEU A 100 -11.80 -2.43 7.03
C LEU A 100 -10.28 -2.55 7.18
N ASP A 101 -9.82 -3.32 8.13
CA ASP A 101 -8.35 -3.47 8.33
C ASP A 101 -7.74 -4.25 7.15
N LEU A 102 -8.50 -5.11 6.55
CA LEU A 102 -7.99 -5.90 5.40
C LEU A 102 -6.60 -6.49 5.74
N GLY A 103 -5.55 -5.77 5.46
CA GLY A 103 -4.20 -6.31 5.77
C GLY A 103 -3.13 -5.34 5.24
N HIS A 104 -1.88 -5.68 5.42
CA HIS A 104 -0.79 -4.80 4.93
C HIS A 104 0.43 -5.64 4.55
N VAL A 105 1.01 -5.38 3.42
CA VAL A 105 2.21 -6.17 2.99
C VAL A 105 3.48 -5.34 3.16
N ALA A 106 4.48 -5.89 3.79
CA ALA A 106 5.76 -5.13 3.98
C ALA A 106 6.65 -5.26 2.74
N LEU A 107 7.31 -4.19 2.36
CA LEU A 107 8.19 -4.25 1.16
C LEU A 107 9.65 -4.04 1.58
N THR A 108 10.57 -4.22 0.68
CA THR A 108 12.00 -4.03 1.05
C THR A 108 12.82 -3.68 -0.20
N PHE A 109 13.48 -2.55 -0.19
CA PHE A 109 14.30 -2.15 -1.37
C PHE A 109 15.78 -2.44 -1.09
N GLY A 110 16.19 -3.69 -1.16
CA GLY A 110 17.61 -4.02 -0.90
C GLY A 110 18.01 -3.56 0.50
C1' ROM B . -11.21 6.98 2.80
C2' ROM B . -11.72 6.15 1.63
C3' ROM B . -11.40 6.86 0.33
C4' ROM B . -11.95 8.31 0.37
C5' ROM B . -11.47 9.03 1.70
O5' ROM B . -11.84 8.25 2.80
O2' ROM B . -11.09 4.87 1.66
O3' ROM B . -10.00 6.86 0.12
N4' ROM B . -11.66 9.07 -0.88
C6D ROM B . -12.15 10.39 1.78
O9 ROM B . -11.50 6.34 4.04
C6B ROM B . -9.95 9.24 1.72
C4D ROM B . -12.57 10.21 -1.02
C4B ROM B . -10.27 9.49 -1.02
C'8 ROM B . -2.63 9.13 1.19
C'7 ROM B . -2.71 10.29 0.43
C'6 ROM B . -3.72 10.43 -0.49
C'5 ROM B . -4.65 9.42 -0.67
C15 ROM B . -4.56 8.26 0.09
C'9 ROM B . -3.55 8.12 1.02
O'7 ROM B . -1.76 11.28 0.57
C1A ROM B . -3.43 6.90 1.81
O'4 ROM B . -5.66 9.56 -1.60
C'3 ROM B . -6.43 8.51 -1.91
C'2 ROM B . -6.34 7.28 -1.08
N'1 ROM B . -5.47 7.25 -0.09
C1B ROM B . -7.27 8.57 -2.95
O'2 ROM B . -7.05 6.32 -1.34
O13 ROM B . -4.58 6.65 2.39
C7X ROM B . -1.66 11.64 1.93
O11 ROM B . -2.45 6.21 1.91
C3 ROM B . -6.97 6.24 3.60
C2 ROM B . -8.17 6.02 4.20
C7 ROM B . -8.58 4.81 4.58
C6 ROM B . -7.81 3.71 4.35
C5 ROM B . -6.57 3.86 3.73
C4 ROM B . -6.14 5.15 3.35
C1 ROM B . -9.15 6.99 4.57
C12 ROM B . -8.96 8.14 5.15
C9 ROM B . -10.41 6.30 5.00
C8 ROM B . -9.95 4.84 5.29
C13 ROM B . -4.78 5.31 2.74
C10 ROM B . -10.70 7.21 6.16
C11 ROM B . -9.87 8.28 6.14
C14 ROM B . -3.68 4.86 3.71
O15 ROM B . -4.14 3.74 4.47
C16 ROM B . -3.89 3.78 5.77
C17 ROM B . -3.86 2.39 6.43
C18 ROM B . -4.69 2.43 7.72
C20 ROM B . -7.15 2.16 7.29
C21 ROM B . -8.39 2.71 7.07
C22 ROM B . -8.60 4.06 7.04
C23 ROM B . -7.53 4.91 7.24
C24 ROM B . -6.25 4.37 7.47
C19 ROM B . -6.06 3.00 7.50
O25 ROM B . -9.86 4.59 6.72
N18 ROM B . -4.76 1.00 8.15
O23 ROM B . -7.70 6.27 7.23
CL21 ROM B . -9.74 1.65 6.83
O16 ROM B . -3.69 4.79 6.41
H1' ROM B . -10.16 7.11 2.69
H2' ROM B . -12.80 6.02 1.72
H3' ROM B . -11.87 6.33 -0.49
H4' ROM B . -13.02 8.24 0.43
H2'2 ROM B . -10.24 4.98 2.07
H3'2 ROM B . -9.65 6.05 0.49
H6B1 ROM B . -11.63 11.09 1.14
H6B3 ROM B . -13.17 10.30 1.45
H6B2 ROM B . -12.12 10.74 2.80
H6A1 ROM B . -9.63 9.39 2.75
H6A3 ROM B . -9.45 8.39 1.32
H6A2 ROM B . -9.69 10.11 1.15
H4B1 ROM B . -12.06 11.10 -0.70
H4B3 ROM B . -12.86 10.29 -2.06
H4B2 ROM B . -13.44 10.03 -0.40
H4A1 ROM B . -10.17 10.47 -0.58
H4A3 ROM B . -9.64 8.79 -0.51
H4A2 ROM B . -10.03 9.52 -2.07
H'8 ROM B . -1.85 9.01 1.93
H'6 ROM B . -3.79 11.33 -1.08
H'1 ROM B . -5.48 6.49 0.54
H3A1 ROM B . -6.93 8.33 -3.94
H3A2 ROM B . -8.30 8.86 -2.81
H7A1 ROM B . -0.79 12.26 2.07
H7A3 ROM B . -2.54 12.17 2.22
H7A2 ROM B . -1.56 10.74 2.52
H3 ROM B . -6.67 7.23 3.30
H6 ROM B . -8.15 2.72 4.65
H5 ROM B . -5.96 3.00 3.51
H12 ROM B . -8.20 8.85 4.91
H8 ROM B . -10.63 4.15 4.83
H13 ROM B . -4.72 4.72 1.85
H10 ROM B . -11.46 7.01 6.88
H11 ROM B . -9.93 9.13 6.79
H142 ROM B . -2.81 4.56 3.16
H141 ROM B . -3.44 5.66 4.39
H172 ROM B . -4.28 1.66 5.75
H171 ROM B . -2.85 2.13 6.67
H18 ROM B . -4.18 3.01 8.47
H20 ROM B . -7.02 1.09 7.32
H24 ROM B . -5.41 5.03 7.63
H183 ROM B . -3.86 0.73 8.58
H182 ROM B . -5.53 0.88 8.85
H184 ROM B . -4.94 0.39 7.32
H232 ROM B . -7.47 6.63 8.09
N ALA A 1 -14.12 -12.93 6.87
CA ALA A 1 -12.65 -13.15 7.03
C ALA A 1 -11.93 -13.01 5.68
N PRO A 2 -11.69 -11.78 5.32
CA PRO A 2 -11.01 -11.51 4.05
C PRO A 2 -9.50 -11.67 4.20
N ALA A 3 -8.75 -11.41 3.16
CA ALA A 3 -7.26 -11.56 3.26
C ALA A 3 -6.58 -10.59 2.30
N PHE A 4 -5.27 -10.58 2.28
CA PHE A 4 -4.53 -9.66 1.37
C PHE A 4 -3.10 -10.16 1.17
N SER A 5 -2.64 -10.25 -0.05
CA SER A 5 -1.24 -10.72 -0.27
C SER A 5 -0.64 -10.11 -1.53
N VAL A 6 0.67 -10.18 -1.66
CA VAL A 6 1.36 -9.62 -2.85
C VAL A 6 2.36 -10.65 -3.38
N SER A 7 2.84 -10.49 -4.59
CA SER A 7 3.82 -11.49 -5.12
C SER A 7 5.21 -11.20 -4.55
N PRO A 8 5.72 -10.01 -4.80
CA PRO A 8 7.04 -9.64 -4.30
C PRO A 8 6.91 -8.93 -2.95
N ALA A 9 8.01 -8.61 -2.32
CA ALA A 9 7.94 -7.92 -1.00
C ALA A 9 9.35 -7.67 -0.48
N SER A 10 10.29 -7.48 -1.36
CA SER A 10 11.70 -7.22 -0.92
C SER A 10 12.58 -6.99 -2.15
N GLY A 11 13.75 -6.43 -1.97
CA GLY A 11 14.64 -6.18 -3.13
C GLY A 11 13.81 -5.59 -4.27
N LEU A 12 12.75 -4.91 -3.96
CA LEU A 12 11.90 -4.30 -5.02
C LEU A 12 12.69 -3.25 -5.80
N SER A 13 12.01 -2.38 -6.50
CA SER A 13 12.73 -1.33 -7.28
C SER A 13 11.78 -0.17 -7.62
N ASP A 14 12.29 1.02 -7.72
CA ASP A 14 11.42 2.19 -8.05
C ASP A 14 10.81 2.02 -9.44
N GLY A 15 9.53 2.27 -9.57
CA GLY A 15 8.86 2.14 -10.89
C GLY A 15 8.38 0.70 -11.09
N GLN A 16 8.98 -0.23 -10.40
CA GLN A 16 8.55 -1.65 -10.55
C GLN A 16 7.10 -1.84 -10.08
N SER A 17 6.35 -2.64 -10.79
CA SER A 17 4.93 -2.87 -10.39
C SER A 17 4.77 -4.28 -9.83
N VAL A 18 4.38 -4.40 -8.59
CA VAL A 18 4.21 -5.75 -7.98
C VAL A 18 2.80 -6.28 -8.27
N SER A 19 2.63 -7.57 -8.30
CA SER A 19 1.27 -8.12 -8.56
C SER A 19 0.53 -8.34 -7.24
N VAL A 20 -0.38 -7.46 -6.91
CA VAL A 20 -1.13 -7.62 -5.63
C VAL A 20 -2.45 -8.37 -5.87
N SER A 21 -3.10 -8.78 -4.82
CA SER A 21 -4.39 -9.52 -4.99
C SER A 21 -5.16 -9.57 -3.67
N VAL A 22 -6.31 -8.96 -3.63
CA VAL A 22 -7.13 -8.97 -2.39
C VAL A 22 -8.35 -9.86 -2.59
N SER A 23 -8.76 -10.58 -1.59
CA SER A 23 -9.95 -11.47 -1.75
C SER A 23 -10.71 -11.63 -0.44
N GLY A 24 -12.02 -11.56 -0.48
CA GLY A 24 -12.81 -11.71 0.78
C GLY A 24 -13.76 -10.53 0.93
N ALA A 25 -13.35 -9.37 0.49
CA ALA A 25 -14.23 -8.17 0.61
C ALA A 25 -15.58 -8.41 -0.10
N ALA A 26 -15.60 -9.28 -1.08
CA ALA A 26 -16.88 -9.56 -1.82
C ALA A 26 -17.24 -8.40 -2.76
N ALA A 27 -17.59 -8.72 -3.98
CA ALA A 27 -17.96 -7.64 -4.96
C ALA A 27 -18.99 -6.70 -4.35
N GLY A 28 -18.79 -5.43 -4.49
CA GLY A 28 -19.75 -4.45 -3.92
C GLY A 28 -19.08 -3.63 -2.82
N GLU A 29 -17.77 -3.61 -2.78
CA GLU A 29 -17.07 -2.84 -1.72
C GLU A 29 -15.80 -2.20 -2.29
N THR A 30 -15.48 -1.02 -1.83
CA THR A 30 -14.25 -0.34 -2.34
C THR A 30 -13.18 -0.25 -1.24
N TYR A 31 -11.93 -0.33 -1.60
CA TYR A 31 -10.85 -0.26 -0.58
C TYR A 31 -9.74 0.66 -1.08
N TYR A 32 -8.81 1.00 -0.23
CA TYR A 32 -7.71 1.90 -0.67
C TYR A 32 -6.34 1.28 -0.31
N ILE A 33 -5.50 1.11 -1.29
CA ILE A 33 -4.15 0.51 -1.01
C ILE A 33 -3.07 1.54 -1.30
N ALA A 34 -2.16 1.73 -0.39
CA ALA A 34 -1.08 2.72 -0.62
C ALA A 34 0.19 2.35 0.15
N GLN A 35 1.34 2.66 -0.39
CA GLN A 35 2.61 2.33 0.30
C GLN A 35 2.99 3.48 1.25
N CYS A 36 3.28 3.19 2.47
CA CYS A 36 3.65 4.30 3.42
C CYS A 36 4.89 3.91 4.22
N ALA A 37 5.41 4.83 5.00
CA ALA A 37 6.62 4.53 5.81
C ALA A 37 6.63 5.40 7.07
N PRO A 38 7.24 4.89 8.10
CA PRO A 38 7.33 5.63 9.38
C PRO A 38 8.25 6.85 9.25
N VAL A 39 8.08 7.81 10.10
CA VAL A 39 8.94 9.03 10.04
C VAL A 39 9.20 9.55 11.46
N GLY A 40 10.02 8.87 12.21
CA GLY A 40 10.31 9.33 13.61
C GLY A 40 9.27 8.75 14.57
N GLY A 41 8.06 8.54 14.11
CA GLY A 41 7.01 7.98 15.00
C GLY A 41 5.69 7.86 14.23
N GLN A 42 5.36 8.86 13.45
CA GLN A 42 4.08 8.81 12.68
C GLN A 42 4.26 7.94 11.44
N ASP A 43 3.34 8.03 10.51
CA ASP A 43 3.45 7.20 9.28
C ASP A 43 3.11 8.04 8.04
N ALA A 44 4.10 8.46 7.31
CA ALA A 44 3.82 9.29 6.09
C ALA A 44 3.60 8.38 4.89
N CYS A 45 2.42 8.39 4.34
CA CYS A 45 2.15 7.52 3.16
C CYS A 45 2.31 8.33 1.88
N ASN A 46 2.23 7.67 0.75
CA ASN A 46 2.38 8.40 -0.55
C ASN A 46 1.02 8.52 -1.26
N PRO A 47 0.64 9.75 -1.53
CA PRO A 47 -0.64 9.99 -2.21
C PRO A 47 -0.53 9.69 -3.71
N ALA A 48 0.64 9.84 -4.27
CA ALA A 48 0.82 9.55 -5.72
C ALA A 48 0.49 8.09 -6.03
N THR A 49 1.14 7.17 -5.37
CA THR A 49 0.86 5.73 -5.63
C THR A 49 -0.26 5.24 -4.71
N ALA A 50 -1.35 5.95 -4.65
CA ALA A 50 -2.47 5.51 -3.77
C ALA A 50 -3.79 5.56 -4.54
N THR A 51 -4.38 4.42 -4.81
CA THR A 51 -5.66 4.40 -5.56
C THR A 51 -6.66 3.46 -4.88
N SER A 52 -7.93 3.65 -5.14
CA SER A 52 -8.96 2.77 -4.52
C SER A 52 -9.43 1.73 -5.53
N PHE A 53 -9.62 0.51 -5.11
CA PHE A 53 -10.09 -0.54 -6.05
C PHE A 53 -11.21 -1.38 -5.43
N THR A 54 -12.28 -1.58 -6.13
CA THR A 54 -13.40 -2.38 -5.58
C THR A 54 -13.22 -3.85 -5.96
N THR A 55 -13.51 -4.75 -5.06
CA THR A 55 -13.34 -6.19 -5.40
C THR A 55 -14.00 -6.50 -6.75
N ASP A 56 -13.77 -7.67 -7.28
CA ASP A 56 -14.39 -8.02 -8.59
C ASP A 56 -15.76 -8.66 -8.37
N ALA A 57 -16.34 -9.22 -9.38
CA ALA A 57 -17.67 -9.86 -9.21
C ALA A 57 -17.55 -11.07 -8.28
N SER A 58 -16.38 -11.64 -8.19
CA SER A 58 -16.19 -12.82 -7.30
C SER A 58 -15.60 -12.36 -5.97
N GLY A 59 -15.69 -11.09 -5.68
CA GLY A 59 -15.15 -10.56 -4.40
C GLY A 59 -13.63 -10.71 -4.40
N ALA A 60 -13.04 -10.88 -5.55
CA ALA A 60 -11.56 -11.03 -5.62
C ALA A 60 -10.98 -10.11 -6.70
N ALA A 61 -10.12 -9.20 -6.33
CA ALA A 61 -9.54 -8.28 -7.35
C ALA A 61 -8.00 -8.35 -7.34
N SER A 62 -7.42 -8.66 -8.46
CA SER A 62 -5.94 -8.74 -8.53
C SER A 62 -5.45 -7.76 -9.58
N PHE A 63 -4.39 -7.05 -9.33
CA PHE A 63 -3.91 -6.08 -10.35
C PHE A 63 -2.43 -5.74 -10.12
N SER A 64 -1.87 -4.95 -10.99
CA SER A 64 -0.43 -4.56 -10.83
C SER A 64 -0.33 -3.16 -10.21
N PHE A 65 0.29 -3.07 -9.07
CA PHE A 65 0.44 -1.74 -8.41
C PHE A 65 1.89 -1.29 -8.48
N VAL A 66 2.15 -0.06 -8.85
CA VAL A 66 3.55 0.42 -8.93
C VAL A 66 4.03 0.84 -7.54
N VAL A 67 5.32 0.94 -7.37
CA VAL A 67 5.87 1.34 -6.06
C VAL A 67 6.98 2.37 -6.29
N ARG A 68 7.28 3.18 -5.32
CA ARG A 68 8.36 4.19 -5.50
C ARG A 68 9.36 4.13 -4.35
N LYS A 69 10.48 3.51 -4.57
CA LYS A 69 11.52 3.41 -3.50
C LYS A 69 11.61 4.72 -2.70
N SER A 70 11.71 5.84 -3.37
CA SER A 70 11.79 7.13 -2.63
C SER A 70 10.65 8.08 -3.03
N TYR A 71 10.18 8.87 -2.10
CA TYR A 71 9.07 9.81 -2.43
C TYR A 71 8.75 10.68 -1.19
N THR A 72 8.38 11.92 -1.40
CA THR A 72 8.05 12.80 -0.24
C THR A 72 6.67 12.44 0.33
N GLY A 73 6.59 12.12 1.60
CA GLY A 73 5.28 11.76 2.21
C GLY A 73 4.63 13.01 2.80
N SER A 74 3.43 12.87 3.33
CA SER A 74 2.73 14.04 3.93
C SER A 74 1.36 13.62 4.48
N THR A 75 1.30 12.47 5.11
CA THR A 75 -0.01 11.96 5.67
C THR A 75 -1.13 12.05 4.63
N PRO A 76 -2.22 11.39 4.91
CA PRO A 76 -3.37 11.40 3.97
C PRO A 76 -4.08 12.76 4.00
N GLU A 77 -4.49 13.20 5.15
CA GLU A 77 -5.18 14.51 5.24
C GLU A 77 -5.06 15.08 6.65
N GLY A 78 -4.20 16.05 6.83
CA GLY A 78 -4.03 16.65 8.17
C GLY A 78 -2.83 17.61 8.16
N THR A 79 -1.68 17.14 8.54
CA THR A 79 -0.48 18.02 8.55
C THR A 79 0.65 17.37 7.73
N PRO A 80 1.52 18.21 7.22
CA PRO A 80 2.66 17.73 6.41
C PRO A 80 3.69 17.02 7.31
N VAL A 81 4.45 16.12 6.76
CA VAL A 81 5.46 15.39 7.57
C VAL A 81 6.87 15.70 7.04
N GLY A 82 7.32 14.95 6.08
CA GLY A 82 8.68 15.20 5.52
C GLY A 82 8.90 14.29 4.31
N SER A 83 10.12 14.02 3.97
CA SER A 83 10.39 13.13 2.80
C SER A 83 10.58 11.68 3.26
N VAL A 84 10.48 10.75 2.36
CA VAL A 84 10.65 9.32 2.76
C VAL A 84 11.66 8.64 1.83
N ASP A 85 12.31 7.61 2.31
CA ASP A 85 13.31 6.90 1.46
C ASP A 85 13.50 5.46 1.97
N CYS A 86 13.02 4.50 1.22
CA CYS A 86 13.16 3.08 1.65
C CYS A 86 14.64 2.66 1.61
N ALA A 87 15.50 3.51 1.11
CA ALA A 87 16.95 3.15 1.05
C ALA A 87 17.42 2.73 2.43
N THR A 88 17.01 3.44 3.44
CA THR A 88 17.42 3.09 4.82
C THR A 88 16.20 3.18 5.75
N ALA A 89 15.04 3.43 5.19
CA ALA A 89 13.81 3.53 6.02
C ALA A 89 12.92 2.31 5.79
N ALA A 90 12.41 1.72 6.84
CA ALA A 90 11.54 0.52 6.68
C ALA A 90 10.23 0.91 5.98
N CYS A 91 10.11 0.64 4.71
CA CYS A 91 8.86 1.00 3.99
C CYS A 91 7.85 -0.16 4.06
N ASN A 92 6.60 0.11 3.76
CA ASN A 92 5.59 -0.98 3.81
C ASN A 92 4.33 -0.58 3.01
N LEU A 93 3.32 -1.40 3.04
CA LEU A 93 2.07 -1.09 2.29
C LEU A 93 0.86 -1.66 3.04
N GLY A 94 -0.27 -1.01 2.96
CA GLY A 94 -1.46 -1.53 3.69
C GLY A 94 -2.73 -1.24 2.89
N ALA A 95 -3.73 -2.08 3.02
CA ALA A 95 -5.01 -1.85 2.26
C ALA A 95 -6.22 -2.21 3.14
N GLY A 96 -7.34 -1.59 2.90
CA GLY A 96 -8.55 -1.89 3.73
C GLY A 96 -9.41 -0.63 3.87
N ASN A 97 -10.65 -0.80 4.24
CA ASN A 97 -11.54 0.39 4.40
C ASN A 97 -11.56 0.85 5.86
N SER A 98 -12.30 1.89 6.15
CA SER A 98 -12.35 2.39 7.55
C SER A 98 -13.01 1.36 8.47
N GLY A 99 -13.92 0.59 7.95
CA GLY A 99 -14.61 -0.43 8.78
C GLY A 99 -14.11 -1.83 8.38
N LEU A 100 -14.06 -2.10 7.11
CA LEU A 100 -13.58 -3.43 6.65
C LEU A 100 -12.05 -3.50 6.73
N ASP A 101 -11.53 -4.54 7.32
CA ASP A 101 -10.04 -4.66 7.43
C ASP A 101 -9.51 -5.68 6.43
N LEU A 102 -8.24 -5.64 6.12
CA LEU A 102 -7.68 -6.61 5.15
C LEU A 102 -6.33 -7.14 5.64
N GLY A 103 -5.26 -6.50 5.26
CA GLY A 103 -3.92 -6.96 5.72
C GLY A 103 -2.86 -5.91 5.36
N HIS A 104 -1.63 -6.18 5.70
CA HIS A 104 -0.55 -5.20 5.39
C HIS A 104 0.71 -5.94 4.92
N VAL A 105 1.26 -5.55 3.80
CA VAL A 105 2.49 -6.24 3.29
C VAL A 105 3.70 -5.31 3.39
N ALA A 106 4.78 -5.78 3.97
CA ALA A 106 6.00 -4.92 4.09
C ALA A 106 6.81 -4.97 2.79
N LEU A 107 7.62 -3.97 2.56
CA LEU A 107 8.45 -3.95 1.32
C LEU A 107 9.91 -3.63 1.65
N THR A 108 10.79 -3.72 0.70
CA THR A 108 12.22 -3.41 0.97
C THR A 108 13.00 -3.31 -0.34
N PHE A 109 13.48 -2.13 -0.66
CA PHE A 109 14.25 -1.98 -1.93
C PHE A 109 15.72 -2.33 -1.71
N GLY A 110 16.01 -3.58 -1.48
CA GLY A 110 17.43 -3.98 -1.26
C GLY A 110 17.81 -3.71 0.20
C1' ROM B . -11.20 5.98 5.27
C2' ROM B . -12.11 5.51 4.15
C3' ROM B . -12.08 6.56 3.06
C4' ROM B . -12.52 7.93 3.63
C5' ROM B . -11.66 8.26 4.88
O5' ROM B . -11.67 7.20 5.81
O2' ROM B . -11.64 4.27 3.65
O3' ROM B . -10.76 6.66 2.53
N4' ROM B . -12.50 9.05 2.65
C6D ROM B . -12.24 9.51 5.54
O9 ROM B . -11.16 5.02 6.32
C6B ROM B . -10.23 8.57 4.44
C4D ROM B . -11.80 8.69 1.40
C4B ROM B . -13.84 9.53 2.37
C'8 ROM B . -2.97 8.51 1.99
C'7 ROM B . -2.66 9.28 0.88
C'6 ROM B . -3.60 9.51 -0.10
C'5 ROM B . -4.86 8.96 0.01
C15 ROM B . -5.19 8.18 1.12
C'9 ROM B . -4.24 7.95 2.10
O'7 ROM B . -1.39 9.82 0.76
C1A ROM B . -4.58 7.12 3.25
O'4 ROM B . -5.80 9.18 -0.98
C'3 ROM B . -6.97 8.53 -0.94
C'2 ROM B . -7.26 7.64 0.20
N'1 ROM B . -6.44 7.65 1.24
C1B ROM B . -7.86 8.67 -1.93
O'2 ROM B . -8.24 6.91 0.18
O13 ROM B . -5.12 5.97 2.83
C7X ROM B . -1.39 11.10 1.37
O11 ROM B . -4.43 7.40 4.42
C3 ROM B . -6.82 5.35 4.97
C2 ROM B . -7.85 4.94 5.77
C7 ROM B . -8.11 3.66 6.02
C6 ROM B . -7.33 2.67 5.49
C5 ROM B . -6.27 3.02 4.67
C4 ROM B . -5.99 4.37 4.41
C1 ROM B . -8.78 5.76 6.48
C12 ROM B . -8.53 6.81 7.22
C9 ROM B . -9.90 4.91 7.04
C8 ROM B . -9.32 3.46 6.98
C13 ROM B . -4.81 4.75 3.56
C10 ROM B . -9.97 5.60 8.36
C11 ROM B . -9.21 6.72 8.37
C14 ROM B . -3.54 4.93 4.42
O15 ROM B . -3.18 3.67 4.98
C16 ROM B . -3.19 3.61 6.30
C17 ROM B . -2.75 2.25 6.86
C18 ROM B . -3.34 2.05 8.27
C20 ROM B . -5.69 1.27 8.04
C21 ROM B . -7.04 1.51 8.07
C22 ROM B . -7.55 2.75 8.35
C23 ROM B . -6.69 3.78 8.62
C24 ROM B . -5.32 3.56 8.60
C19 ROM B . -4.81 2.29 8.31
O25 ROM B . -8.94 2.98 8.29
N18 ROM B . -3.00 0.63 8.59
O23 ROM B . -7.18 5.05 8.91
CL21 ROM B . -8.14 0.22 7.74
O16 ROM B . -3.50 4.53 7.04
H1' ROM B . -10.21 6.12 4.88
H2' ROM B . -13.11 5.41 4.53
H3' ROM B . -12.76 6.27 2.26
H4' ROM B . -13.55 7.84 3.95
H2'2 ROM B . -11.34 3.74 4.39
H3'2 ROM B . -10.71 6.13 1.74
H6B1 ROM B . -12.26 10.33 4.83
H6B3 ROM B . -13.25 9.31 5.86
H6B2 ROM B . -11.64 9.79 6.39
H6A1 ROM B . -9.96 9.56 4.75
H6A3 ROM B . -9.56 7.85 4.90
H6A2 ROM B . -10.16 8.49 3.37
H4B1 ROM B . -10.75 8.59 1.61
H4B3 ROM B . -12.21 7.76 1.03
H4B2 ROM B . -11.96 9.48 0.69
H4A1 ROM B . -13.78 10.38 1.70
H4A3 ROM B . -14.40 8.73 1.91
H4A2 ROM B . -14.30 9.82 3.30
H'8 ROM B . -2.23 8.34 2.76
H'6 ROM B . -3.35 10.13 -0.95
H'1 ROM B . -6.74 7.28 2.09
H3A1 ROM B . -8.17 9.66 -2.24
H3A2 ROM B . -8.27 7.83 -2.44
H7A1 ROM B . -1.23 10.98 2.43
H7A3 ROM B . -0.61 11.70 0.95
H7A2 ROM B . -2.35 11.57 1.21
H3 ROM B . -6.65 6.40 4.79
H6 ROM B . -7.55 1.63 5.70
H5 ROM B . -5.65 2.25 4.23
H12 ROM B . -7.87 7.62 6.94
H8 ROM B . -10.04 2.81 6.53
H13 ROM B . -4.64 3.98 2.83
H10 ROM B . -10.57 5.22 9.17
H11 ROM B . -9.14 7.43 9.18
H142 ROM B . -2.72 5.28 3.81
H141 ROM B . -3.73 5.62 5.22
H172 ROM B . -3.11 1.46 6.21
H171 ROM B . -1.68 2.21 6.91
H18 ROM B . -2.84 2.70 8.96
H20 ROM B . -5.33 0.28 7.83
H24 ROM B . -4.64 4.38 8.80
H183 ROM B . -3.46 0.36 9.49
H182 ROM B . -3.36 0.01 7.83
H184 ROM B . -1.97 0.52 8.68
H232 ROM B . -7.36 5.12 9.85
N ALA A 1 -13.00 -11.76 8.38
CA ALA A 1 -11.64 -11.18 8.18
C ALA A 1 -11.07 -11.62 6.82
N PRO A 2 -11.03 -10.68 5.91
CA PRO A 2 -10.51 -10.97 4.56
C PRO A 2 -8.98 -11.12 4.60
N ALA A 3 -8.33 -10.94 3.48
CA ALA A 3 -6.84 -11.08 3.47
C ALA A 3 -6.24 -10.30 2.30
N PHE A 4 -5.07 -9.76 2.48
CA PHE A 4 -4.42 -8.97 1.38
C PHE A 4 -2.97 -9.43 1.23
N SER A 5 -2.55 -9.77 0.04
CA SER A 5 -1.13 -10.22 -0.14
C SER A 5 -0.59 -9.85 -1.52
N VAL A 6 0.70 -9.91 -1.67
CA VAL A 6 1.34 -9.57 -2.99
C VAL A 6 2.30 -10.69 -3.39
N SER A 7 2.68 -10.76 -4.63
CA SER A 7 3.61 -11.84 -5.05
C SER A 7 5.01 -11.56 -4.47
N PRO A 8 5.73 -10.58 -5.05
CA PRO A 8 7.08 -10.25 -4.54
C PRO A 8 6.95 -9.38 -3.28
N ALA A 9 8.06 -9.00 -2.69
CA ALA A 9 8.00 -8.13 -1.46
C ALA A 9 9.41 -7.88 -0.93
N SER A 10 10.38 -7.81 -1.80
CA SER A 10 11.78 -7.57 -1.35
C SER A 10 12.66 -7.24 -2.56
N GLY A 11 13.76 -6.58 -2.35
CA GLY A 11 14.66 -6.25 -3.50
C GLY A 11 13.80 -5.65 -4.61
N LEU A 12 13.05 -4.63 -4.29
CA LEU A 12 12.18 -3.99 -5.33
C LEU A 12 12.94 -2.89 -6.07
N SER A 13 12.22 -2.01 -6.73
CA SER A 13 12.90 -0.91 -7.48
C SER A 13 11.89 0.21 -7.77
N ASP A 14 12.36 1.42 -7.91
CA ASP A 14 11.44 2.55 -8.20
C ASP A 14 10.72 2.31 -9.52
N GLY A 15 9.42 2.44 -9.53
CA GLY A 15 8.66 2.20 -10.80
C GLY A 15 8.27 0.74 -10.89
N GLN A 16 9.03 -0.12 -10.28
CA GLN A 16 8.71 -1.58 -10.33
C GLN A 16 7.24 -1.81 -9.94
N SER A 17 6.56 -2.66 -10.67
CA SER A 17 5.13 -2.94 -10.36
C SER A 17 4.99 -4.34 -9.77
N VAL A 18 4.34 -4.46 -8.66
CA VAL A 18 4.15 -5.80 -8.03
C VAL A 18 2.75 -6.34 -8.30
N SER A 19 2.58 -7.63 -8.27
CA SER A 19 1.24 -8.21 -8.52
C SER A 19 0.49 -8.40 -7.20
N VAL A 20 -0.46 -7.56 -6.92
CA VAL A 20 -1.22 -7.70 -5.64
C VAL A 20 -2.51 -8.47 -5.86
N SER A 21 -3.15 -8.85 -4.79
CA SER A 21 -4.43 -9.61 -4.90
C SER A 21 -5.13 -9.62 -3.55
N VAL A 22 -6.31 -9.07 -3.49
CA VAL A 22 -7.06 -9.05 -2.20
C VAL A 22 -8.25 -9.99 -2.27
N SER A 23 -8.65 -10.52 -1.15
CA SER A 23 -9.82 -11.46 -1.15
C SER A 23 -10.59 -11.32 0.18
N GLY A 24 -11.65 -12.05 0.33
CA GLY A 24 -12.43 -11.95 1.59
C GLY A 24 -13.48 -10.85 1.47
N ALA A 25 -13.14 -9.75 0.84
CA ALA A 25 -14.12 -8.65 0.68
C ALA A 25 -15.35 -9.14 -0.09
N ALA A 26 -16.15 -8.26 -0.61
CA ALA A 26 -17.35 -8.71 -1.37
C ALA A 26 -17.81 -7.64 -2.37
N ALA A 27 -18.36 -8.06 -3.47
CA ALA A 27 -18.82 -7.08 -4.50
C ALA A 27 -19.59 -5.93 -3.84
N GLY A 28 -19.29 -4.72 -4.21
CA GLY A 28 -20.00 -3.56 -3.60
C GLY A 28 -19.09 -2.88 -2.58
N GLU A 29 -17.81 -3.09 -2.67
CA GLU A 29 -16.89 -2.44 -1.70
C GLU A 29 -15.65 -1.91 -2.42
N THR A 30 -15.21 -0.74 -2.05
CA THR A 30 -14.01 -0.16 -2.71
C THR A 30 -12.93 0.17 -1.65
N TYR A 31 -11.80 -0.46 -1.74
CA TYR A 31 -10.72 -0.19 -0.75
C TYR A 31 -9.66 0.74 -1.35
N TYR A 32 -8.78 1.25 -0.55
CA TYR A 32 -7.73 2.16 -1.08
C TYR A 32 -6.34 1.65 -0.68
N ILE A 33 -5.53 1.29 -1.64
CA ILE A 33 -4.16 0.78 -1.30
C ILE A 33 -3.13 1.91 -1.44
N ALA A 34 -2.25 2.04 -0.48
CA ALA A 34 -1.22 3.12 -0.56
C ALA A 34 0.07 2.68 0.15
N GLN A 35 1.19 3.14 -0.33
CA GLN A 35 2.48 2.76 0.31
C GLN A 35 2.75 3.68 1.50
N CYS A 36 3.57 3.26 2.42
CA CYS A 36 3.84 4.14 3.60
C CYS A 36 5.24 3.90 4.15
N ALA A 37 5.61 4.65 5.15
CA ALA A 37 6.96 4.50 5.77
C ALA A 37 7.01 5.30 7.07
N PRO A 38 7.81 4.83 7.99
CA PRO A 38 7.94 5.52 9.29
C PRO A 38 8.65 6.86 9.12
N VAL A 39 8.51 7.73 10.08
CA VAL A 39 9.18 9.06 9.98
C VAL A 39 9.34 9.68 11.37
N GLY A 40 10.26 9.17 12.15
CA GLY A 40 10.46 9.73 13.52
C GLY A 40 9.44 9.12 14.48
N GLY A 41 9.04 7.91 14.24
CA GLY A 41 8.05 7.25 15.13
C GLY A 41 6.64 7.48 14.59
N GLN A 42 6.47 8.50 13.78
CA GLN A 42 5.11 8.78 13.22
C GLN A 42 4.89 7.97 11.94
N ASP A 43 3.75 8.12 11.32
CA ASP A 43 3.49 7.36 10.07
C ASP A 43 3.26 8.33 8.90
N ALA A 44 3.85 8.04 7.77
CA ALA A 44 3.68 8.94 6.59
C ALA A 44 3.39 8.11 5.33
N CYS A 45 2.29 8.37 4.67
CA CYS A 45 1.96 7.59 3.44
C CYS A 45 2.15 8.48 2.20
N ASN A 46 2.11 7.90 1.03
CA ASN A 46 2.29 8.71 -0.20
C ASN A 46 1.02 8.68 -1.05
N PRO A 47 0.47 9.84 -1.27
CA PRO A 47 -0.77 9.95 -2.08
C PRO A 47 -0.46 9.72 -3.55
N ALA A 48 0.54 10.38 -4.06
CA ALA A 48 0.91 10.21 -5.51
C ALA A 48 0.82 8.74 -5.91
N THR A 49 1.02 7.84 -4.98
CA THR A 49 0.96 6.39 -5.33
C THR A 49 -0.20 5.72 -4.58
N ALA A 50 -1.41 5.93 -5.03
CA ALA A 50 -2.58 5.31 -4.34
C ALA A 50 -3.65 4.92 -5.38
N THR A 51 -4.14 3.71 -5.32
CA THR A 51 -5.17 3.29 -6.30
C THR A 51 -6.40 2.72 -5.58
N SER A 52 -7.57 3.15 -5.95
CA SER A 52 -8.81 2.64 -5.28
C SER A 52 -9.42 1.52 -6.12
N PHE A 53 -9.52 0.33 -5.58
CA PHE A 53 -10.12 -0.79 -6.38
C PHE A 53 -11.37 -1.34 -5.68
N THR A 54 -12.16 -2.11 -6.38
CA THR A 54 -13.39 -2.68 -5.76
C THR A 54 -13.47 -4.18 -6.05
N THR A 55 -14.11 -4.93 -5.19
CA THR A 55 -14.21 -6.41 -5.43
C THR A 55 -15.31 -6.69 -6.46
N ASP A 56 -15.18 -7.77 -7.17
CA ASP A 56 -16.22 -8.12 -8.20
C ASP A 56 -17.38 -8.86 -7.53
N ALA A 57 -18.20 -9.52 -8.30
CA ALA A 57 -19.34 -10.26 -7.70
C ALA A 57 -18.83 -11.43 -6.85
N SER A 58 -17.66 -11.92 -7.17
CA SER A 58 -17.10 -13.05 -6.38
C SER A 58 -16.35 -12.54 -5.16
N GLY A 59 -16.40 -11.25 -4.92
CA GLY A 59 -15.69 -10.67 -3.74
C GLY A 59 -14.20 -11.04 -3.79
N ALA A 60 -13.53 -10.65 -4.84
CA ALA A 60 -12.08 -10.97 -4.96
C ALA A 60 -11.46 -10.16 -6.11
N ALA A 61 -10.34 -9.52 -5.87
CA ALA A 61 -9.72 -8.71 -6.97
C ALA A 61 -8.22 -9.01 -7.08
N SER A 62 -7.65 -8.63 -8.19
CA SER A 62 -6.20 -8.87 -8.42
C SER A 62 -5.69 -7.88 -9.46
N PHE A 63 -4.63 -7.16 -9.18
CA PHE A 63 -4.12 -6.18 -10.19
C PHE A 63 -2.66 -5.83 -9.91
N SER A 64 -2.07 -5.02 -10.73
CA SER A 64 -0.65 -4.63 -10.53
C SER A 64 -0.55 -3.24 -9.91
N PHE A 65 0.17 -3.11 -8.83
CA PHE A 65 0.31 -1.78 -8.17
C PHE A 65 1.77 -1.31 -8.28
N VAL A 66 1.99 -0.09 -8.69
CA VAL A 66 3.40 0.41 -8.82
C VAL A 66 3.93 0.91 -7.48
N VAL A 67 5.21 0.99 -7.35
CA VAL A 67 5.82 1.46 -6.08
C VAL A 67 6.90 2.51 -6.37
N ARG A 68 7.48 3.08 -5.35
CA ARG A 68 8.53 4.11 -5.58
C ARG A 68 9.56 4.06 -4.45
N LYS A 69 10.68 3.45 -4.70
CA LYS A 69 11.75 3.35 -3.66
C LYS A 69 11.85 4.67 -2.87
N SER A 70 11.50 5.77 -3.45
CA SER A 70 11.59 7.07 -2.71
C SER A 70 10.32 7.91 -2.93
N TYR A 71 9.83 8.54 -1.90
CA TYR A 71 8.61 9.38 -2.06
C TYR A 71 8.42 10.24 -0.82
N THR A 72 7.72 11.32 -0.93
CA THR A 72 7.50 12.20 0.26
C THR A 72 6.37 11.65 1.12
N GLY A 73 6.61 11.53 2.41
CA GLY A 73 5.56 11.00 3.31
C GLY A 73 4.56 12.10 3.63
N SER A 74 3.35 11.75 3.97
CA SER A 74 2.33 12.79 4.30
C SER A 74 1.04 12.11 4.77
N THR A 75 0.76 12.19 6.04
CA THR A 75 -0.48 11.55 6.57
C THR A 75 -1.68 11.92 5.69
N PRO A 76 -2.75 11.19 5.85
CA PRO A 76 -3.97 11.43 5.07
C PRO A 76 -4.65 12.73 5.55
N GLU A 77 -5.55 12.62 6.51
CA GLU A 77 -6.30 13.83 7.07
C GLU A 77 -5.98 15.11 6.30
N GLY A 78 -5.03 15.90 6.77
CA GLY A 78 -4.68 17.16 6.06
C GLY A 78 -3.44 17.78 6.71
N THR A 79 -2.32 17.12 6.61
CA THR A 79 -1.07 17.68 7.21
C THR A 79 0.15 16.90 6.70
N PRO A 80 1.10 17.64 6.19
CA PRO A 80 2.33 17.01 5.67
C PRO A 80 3.23 16.52 6.81
N VAL A 81 4.20 15.72 6.51
CA VAL A 81 5.10 15.20 7.58
C VAL A 81 6.56 15.43 7.20
N GLY A 82 7.02 14.75 6.18
CA GLY A 82 8.43 14.91 5.75
C GLY A 82 8.68 14.06 4.51
N SER A 83 9.91 13.96 4.08
CA SER A 83 10.21 13.14 2.88
C SER A 83 10.57 11.70 3.29
N VAL A 84 10.46 10.76 2.40
CA VAL A 84 10.79 9.35 2.76
C VAL A 84 11.69 8.73 1.67
N ASP A 85 12.54 7.85 2.06
CA ASP A 85 13.45 7.19 1.06
C ASP A 85 13.63 5.72 1.43
N CYS A 86 12.82 4.86 0.89
CA CYS A 86 12.95 3.42 1.20
C CYS A 86 14.14 2.76 0.48
N ALA A 87 15.16 3.50 0.17
CA ALA A 87 16.32 2.88 -0.54
C ALA A 87 16.93 1.85 0.39
N THR A 88 16.93 2.15 1.66
CA THR A 88 17.49 1.24 2.67
C THR A 88 16.73 1.42 3.98
N ALA A 89 15.56 2.00 3.91
CA ALA A 89 14.74 2.22 5.13
C ALA A 89 13.68 1.13 5.28
N ALA A 90 12.85 1.25 6.27
CA ALA A 90 11.78 0.22 6.48
C ALA A 90 10.48 0.66 5.78
N CYS A 91 10.34 0.36 4.52
CA CYS A 91 9.10 0.75 3.78
C CYS A 91 8.04 -0.34 3.93
N ASN A 92 6.81 -0.02 3.66
CA ASN A 92 5.73 -1.05 3.79
C ASN A 92 4.53 -0.69 2.91
N LEU A 93 3.50 -1.49 2.96
CA LEU A 93 2.29 -1.22 2.14
C LEU A 93 1.04 -1.66 2.92
N GLY A 94 -0.03 -0.91 2.85
CA GLY A 94 -1.26 -1.31 3.60
C GLY A 94 -2.52 -0.87 2.86
N ALA A 95 -3.64 -1.47 3.20
CA ALA A 95 -4.92 -1.09 2.52
C ALA A 95 -6.08 -1.25 3.51
N GLY A 96 -7.29 -1.39 3.03
CA GLY A 96 -8.45 -1.54 3.96
C GLY A 96 -9.37 -0.32 3.86
N ASN A 97 -10.39 -0.27 4.67
CA ASN A 97 -11.31 0.90 4.61
C ASN A 97 -11.63 1.42 6.02
N SER A 98 -12.74 2.08 6.19
CA SER A 98 -13.12 2.61 7.53
C SER A 98 -13.77 1.51 8.38
N GLY A 99 -13.97 0.35 7.82
CA GLY A 99 -14.60 -0.74 8.62
C GLY A 99 -14.34 -2.08 7.95
N LEU A 100 -13.11 -2.51 7.91
CA LEU A 100 -12.80 -3.83 7.27
C LEU A 100 -11.30 -4.12 7.37
N ASP A 101 -10.49 -3.10 7.33
CA ASP A 101 -8.99 -3.32 7.42
C ASP A 101 -8.59 -4.60 6.69
N LEU A 102 -8.20 -4.50 5.45
CA LEU A 102 -7.79 -5.73 4.70
C LEU A 102 -6.46 -6.28 5.25
N GLY A 103 -5.36 -5.87 4.68
CA GLY A 103 -4.04 -6.36 5.17
C GLY A 103 -2.93 -5.43 4.70
N HIS A 104 -1.71 -5.75 5.02
CA HIS A 104 -0.57 -4.87 4.58
C HIS A 104 0.67 -5.72 4.29
N VAL A 105 1.39 -5.38 3.26
CA VAL A 105 2.61 -6.17 2.92
C VAL A 105 3.86 -5.31 3.11
N ALA A 106 4.88 -5.85 3.73
CA ALA A 106 6.14 -5.07 3.93
C ALA A 106 6.99 -5.10 2.67
N LEU A 107 7.65 -4.02 2.34
CA LEU A 107 8.49 -4.01 1.12
C LEU A 107 9.96 -3.76 1.48
N THR A 108 10.85 -3.96 0.55
CA THR A 108 12.29 -3.74 0.85
C THR A 108 13.07 -3.54 -0.45
N PHE A 109 13.65 -2.39 -0.63
CA PHE A 109 14.42 -2.13 -1.88
C PHE A 109 15.90 -2.49 -1.68
N GLY A 110 16.60 -2.72 -2.75
CA GLY A 110 18.05 -3.07 -2.63
C GLY A 110 18.80 -2.60 -3.87
C1' ROM B . -10.82 6.12 5.60
C2' ROM B . -11.33 5.46 4.33
C3' ROM B . -11.42 6.52 3.24
C4' ROM B . -12.33 7.66 3.73
C5' ROM B . -11.82 8.20 5.09
O5' ROM B . -11.70 7.14 6.02
O2' ROM B . -10.46 4.42 3.93
O3' ROM B . -10.11 7.00 2.97
N4' ROM B . -12.49 8.76 2.74
C6D ROM B . -12.82 9.22 5.61
O9 ROM B . -10.70 5.17 6.64
C6B ROM B . -10.46 8.90 4.90
C4D ROM B . -13.72 8.57 1.97
C4B ROM B . -11.34 8.88 1.84
C'8 ROM B . -3.45 8.95 2.09
C'7 ROM B . -3.77 10.17 1.51
C'6 ROM B . -4.66 10.20 0.44
C'5 ROM B . -5.20 9.03 -0.05
C15 ROM B . -4.86 7.82 0.54
C'9 ROM B . -3.99 7.79 1.61
O'7 ROM B . -3.23 11.35 2.00
C1A ROM B . -3.63 6.52 2.23
O'4 ROM B . -6.07 9.05 -1.12
C'3 ROM B . -6.36 7.91 -1.75
C'2 ROM B . -5.93 6.63 -1.14
N'1 ROM B . -5.39 6.65 0.06
C1B ROM B . -7.03 7.93 -2.92
O'2 ROM B . -6.07 5.59 -1.76
O13 ROM B . -4.60 6.11 3.02
C7X ROM B . -1.91 11.47 1.53
O11 ROM B . -2.59 5.90 2.04
C3 ROM B . -6.51 5.35 4.85
C2 ROM B . -7.49 4.95 5.72
C7 ROM B . -7.79 3.68 5.93
C6 ROM B . -7.12 2.67 5.27
C5 ROM B . -6.12 3.02 4.39
C4 ROM B . -5.79 4.36 4.16
C1 ROM B . -8.29 5.78 6.54
C12 ROM B . -7.89 6.78 7.27
C9 ROM B . -9.38 4.96 7.19
C8 ROM B . -8.92 3.50 6.99
C13 ROM B . -4.65 4.71 3.24
C10 ROM B . -9.26 5.59 8.54
C11 ROM B . -8.45 6.68 8.50
C14 ROM B . -3.31 4.23 3.83
O15 ROM B . -3.52 3.03 4.58
C16 ROM B . -2.75 2.86 5.64
C17 ROM B . -2.60 1.40 6.08
C18 ROM B . -3.05 1.24 7.53
C20 ROM B . -5.51 0.79 7.58
C21 ROM B . -6.81 1.20 7.77
C22 ROM B . -7.12 2.48 8.11
C23 ROM B . -6.09 3.40 8.27
C24 ROM B . -4.78 3.00 8.08
C19 ROM B . -4.48 1.68 7.73
O25 ROM B . -8.45 2.90 8.23
N18 ROM B . -2.88 -0.21 7.82
O23 ROM B . -6.39 4.71 8.62
CL21 ROM B . -8.10 0.06 7.57
O16 ROM B . -2.20 3.77 6.24
H1' ROM B . -9.86 6.53 5.39
H2' ROM B . -12.32 5.05 4.52
H3' ROM B . -11.84 6.08 2.34
H4' ROM B . -13.31 7.27 3.89
H2'2 ROM B . -9.60 4.82 3.74
H3'2 ROM B . -9.92 6.82 2.04
H6B1 ROM B . -13.59 8.72 6.18
H6B3 ROM B . -12.31 9.94 6.25
H6B2 ROM B . -13.28 9.74 4.78
H6A1 ROM B . -10.55 9.67 4.16
H6A3 ROM B . -10.16 9.34 5.85
H6A2 ROM B . -9.72 8.19 4.59
H4B1 ROM B . -14.52 8.32 2.65
H4B3 ROM B . -13.96 9.48 1.46
H4B2 ROM B . -13.57 7.77 1.26
H4A1 ROM B . -11.50 9.73 1.19
H4A3 ROM B . -10.45 9.03 2.43
H4A2 ROM B . -11.26 7.98 1.25
H'8 ROM B . -2.75 8.92 2.91
H'6 ROM B . -4.92 11.15 -0.02
H'1 ROM B . -5.37 5.83 0.61
H3A1 ROM B . -6.53 7.66 -3.83
H3A2 ROM B . -8.06 8.21 -2.95
H7A1 ROM B . -1.88 12.19 0.72
H7A3 ROM B . -1.27 11.81 2.34
H7A2 ROM B . -1.55 10.51 1.18
H3 ROM B . -6.31 6.39 4.69
H6 ROM B . -7.37 1.64 5.46
H5 ROM B . -5.58 2.25 3.85
H12 ROM B . -7.25 7.57 6.96
H8 ROM B . -9.71 2.93 6.57
H13 ROM B . -4.81 4.23 2.29
H10 ROM B . -9.77 5.20 9.40
H11 ROM B . -8.28 7.35 9.31
H142 ROM B . -2.61 4.02 3.03
H141 ROM B . -2.91 4.98 4.49
H172 ROM B . -3.20 0.77 5.44
H171 ROM B . -1.56 1.11 5.99
H18 ROM B . -2.41 1.81 8.18
H20 ROM B . -5.30 -0.24 7.32
H24 ROM B . -3.97 3.71 8.21
H183 ROM B . -3.21 -0.41 8.78
H182 ROM B . -3.45 -0.76 7.13
H184 ROM B . -1.89 -0.47 7.73
H232 ROM B . -6.40 4.78 9.58
N ALA A 1 -11.80 -11.95 10.02
CA ALA A 1 -11.26 -10.80 9.25
C ALA A 1 -10.68 -11.28 7.92
N PRO A 2 -10.73 -10.43 6.94
CA PRO A 2 -10.19 -10.78 5.60
C PRO A 2 -8.66 -10.77 5.63
N ALA A 3 -8.03 -10.61 4.50
CA ALA A 3 -6.54 -10.61 4.47
C ALA A 3 -6.03 -9.81 3.25
N PHE A 4 -4.75 -9.71 3.09
CA PHE A 4 -4.18 -8.96 1.94
C PHE A 4 -2.78 -9.48 1.62
N SER A 5 -2.49 -9.73 0.36
CA SER A 5 -1.13 -10.25 0.03
C SER A 5 -0.68 -9.80 -1.37
N VAL A 6 0.60 -9.67 -1.57
CA VAL A 6 1.13 -9.25 -2.89
C VAL A 6 2.12 -10.30 -3.41
N SER A 7 2.40 -10.32 -4.69
CA SER A 7 3.36 -11.33 -5.20
C SER A 7 4.78 -11.00 -4.67
N PRO A 8 5.45 -10.03 -5.27
CA PRO A 8 6.81 -9.68 -4.80
C PRO A 8 6.70 -8.84 -3.53
N ALA A 9 7.78 -8.63 -2.84
CA ALA A 9 7.72 -7.81 -1.59
C ALA A 9 9.13 -7.52 -1.09
N SER A 10 10.10 -7.54 -1.96
CA SER A 10 11.50 -7.26 -1.54
C SER A 10 12.38 -7.05 -2.76
N GLY A 11 13.46 -6.36 -2.62
CA GLY A 11 14.35 -6.13 -3.79
C GLY A 11 13.55 -5.47 -4.92
N LEU A 12 12.86 -4.40 -4.61
CA LEU A 12 12.04 -3.72 -5.65
C LEU A 12 12.87 -2.63 -6.34
N SER A 13 12.21 -1.73 -7.01
CA SER A 13 12.95 -0.63 -7.71
C SER A 13 12.04 0.57 -7.92
N ASP A 14 12.61 1.74 -8.11
CA ASP A 14 11.78 2.95 -8.32
C ASP A 14 10.91 2.79 -9.57
N GLY A 15 9.62 2.91 -9.42
CA GLY A 15 8.71 2.75 -10.61
C GLY A 15 8.29 1.29 -10.71
N GLN A 16 9.08 0.42 -10.17
CA GLN A 16 8.74 -1.03 -10.22
C GLN A 16 7.28 -1.26 -9.85
N SER A 17 6.61 -2.13 -10.55
CA SER A 17 5.18 -2.40 -10.25
C SER A 17 5.01 -3.82 -9.70
N VAL A 18 4.19 -3.98 -8.71
CA VAL A 18 3.98 -5.34 -8.14
C VAL A 18 2.54 -5.81 -8.36
N SER A 19 2.28 -7.09 -8.26
CA SER A 19 0.90 -7.58 -8.47
C SER A 19 0.23 -7.83 -7.12
N VAL A 20 -0.65 -6.95 -6.70
CA VAL A 20 -1.32 -7.14 -5.40
C VAL A 20 -2.57 -8.02 -5.56
N SER A 21 -3.08 -8.51 -4.47
CA SER A 21 -4.30 -9.37 -4.54
C SER A 21 -4.90 -9.52 -3.14
N VAL A 22 -6.02 -8.90 -2.89
CA VAL A 22 -6.65 -9.00 -1.56
C VAL A 22 -7.73 -10.09 -1.57
N SER A 23 -7.96 -10.73 -0.46
CA SER A 23 -8.99 -11.81 -0.42
C SER A 23 -9.71 -11.80 0.92
N GLY A 24 -10.97 -12.12 0.92
CA GLY A 24 -11.73 -12.13 2.21
C GLY A 24 -12.91 -11.17 2.11
N ALA A 25 -12.73 -10.06 1.43
CA ALA A 25 -13.84 -9.09 1.29
C ALA A 25 -15.04 -9.74 0.59
N ALA A 26 -15.67 -9.05 -0.33
CA ALA A 26 -16.84 -9.66 -1.03
C ALA A 26 -17.22 -8.85 -2.26
N ALA A 27 -17.43 -9.51 -3.36
CA ALA A 27 -17.81 -8.79 -4.62
C ALA A 27 -18.91 -7.77 -4.34
N GLY A 28 -18.76 -6.58 -4.83
CA GLY A 28 -19.79 -5.55 -4.60
C GLY A 28 -19.22 -4.43 -3.72
N GLU A 29 -17.94 -4.43 -3.51
CA GLU A 29 -17.33 -3.37 -2.66
C GLU A 29 -15.96 -2.96 -3.21
N THR A 30 -15.49 -1.80 -2.84
CA THR A 30 -14.16 -1.34 -3.33
C THR A 30 -13.25 -1.01 -2.16
N TYR A 31 -11.98 -0.84 -2.41
CA TYR A 31 -11.03 -0.52 -1.31
C TYR A 31 -9.85 0.30 -1.86
N TYR A 32 -9.20 1.06 -1.05
CA TYR A 32 -8.05 1.86 -1.56
C TYR A 32 -6.72 1.20 -1.17
N ILE A 33 -5.65 1.59 -1.80
CA ILE A 33 -4.33 0.99 -1.46
C ILE A 33 -3.22 2.01 -1.68
N ALA A 34 -2.27 2.08 -0.78
CA ALA A 34 -1.17 3.07 -0.96
C ALA A 34 0.10 2.61 -0.21
N GLN A 35 1.22 3.20 -0.52
CA GLN A 35 2.49 2.80 0.16
C GLN A 35 2.82 3.80 1.28
N CYS A 36 3.52 3.36 2.28
CA CYS A 36 3.88 4.27 3.40
C CYS A 36 5.25 3.93 3.97
N ALA A 37 5.69 4.65 4.96
CA ALA A 37 7.01 4.37 5.58
C ALA A 37 7.06 4.95 6.99
N PRO A 38 7.34 4.10 7.94
CA PRO A 38 7.42 4.54 9.35
C PRO A 38 8.62 5.46 9.56
N VAL A 39 8.57 6.26 10.58
CA VAL A 39 9.71 7.20 10.85
C VAL A 39 9.79 7.51 12.34
N GLY A 40 10.14 6.53 13.14
CA GLY A 40 10.25 6.77 14.61
C GLY A 40 8.93 6.38 15.28
N GLY A 41 7.92 6.11 14.52
CA GLY A 41 6.60 5.72 15.11
C GLY A 41 5.47 6.31 14.28
N GLN A 42 5.79 7.25 13.43
CA GLN A 42 4.71 7.87 12.59
C GLN A 42 4.63 7.14 11.24
N ASP A 43 3.54 7.28 10.55
CA ASP A 43 3.39 6.58 9.24
C ASP A 43 3.30 7.61 8.10
N ALA A 44 4.39 7.87 7.44
CA ALA A 44 4.37 8.85 6.32
C ALA A 44 3.96 8.16 5.02
N CYS A 45 2.81 8.49 4.48
CA CYS A 45 2.35 7.84 3.22
C CYS A 45 2.61 8.76 2.01
N ASN A 46 2.58 8.21 0.83
CA ASN A 46 2.84 9.04 -0.38
C ASN A 46 1.50 9.45 -1.02
N PRO A 47 1.30 10.74 -1.10
CA PRO A 47 0.04 11.27 -1.70
C PRO A 47 0.10 11.19 -3.23
N ALA A 48 1.18 10.70 -3.77
CA ALA A 48 1.29 10.60 -5.26
C ALA A 48 0.73 9.26 -5.74
N THR A 49 0.46 8.35 -4.85
CA THR A 49 -0.08 7.02 -5.27
C THR A 49 -1.34 6.68 -4.45
N ALA A 50 -2.49 7.05 -4.94
CA ALA A 50 -3.75 6.75 -4.20
C ALA A 50 -4.83 6.26 -5.16
N THR A 51 -4.87 4.99 -5.44
CA THR A 51 -5.92 4.46 -6.37
C THR A 51 -6.81 3.46 -5.65
N SER A 52 -7.89 3.04 -6.27
CA SER A 52 -8.80 2.07 -5.61
C SER A 52 -9.02 0.84 -6.49
N PHE A 53 -9.61 -0.18 -5.94
CA PHE A 53 -9.87 -1.42 -6.74
C PHE A 53 -11.05 -2.18 -6.14
N THR A 54 -11.87 -2.78 -6.96
CA THR A 54 -13.04 -3.53 -6.42
C THR A 54 -12.78 -5.05 -6.46
N THR A 55 -13.44 -5.79 -5.64
CA THR A 55 -13.23 -7.27 -5.62
C THR A 55 -13.85 -7.90 -6.87
N ASP A 56 -13.76 -9.19 -6.98
CA ASP A 56 -14.35 -9.88 -8.18
C ASP A 56 -15.56 -10.70 -7.74
N ALA A 57 -15.95 -11.66 -8.54
CA ALA A 57 -17.13 -12.49 -8.16
C ALA A 57 -16.81 -13.31 -6.92
N SER A 58 -15.57 -13.63 -6.71
CA SER A 58 -15.19 -14.43 -5.50
C SER A 58 -14.79 -13.48 -4.37
N GLY A 59 -15.14 -12.23 -4.49
CA GLY A 59 -14.78 -11.24 -3.43
C GLY A 59 -13.26 -11.10 -3.35
N ALA A 60 -12.55 -11.63 -4.31
CA ALA A 60 -11.07 -11.52 -4.28
C ALA A 60 -10.59 -10.48 -5.30
N ALA A 61 -9.89 -9.47 -4.85
CA ALA A 61 -9.40 -8.42 -5.79
C ALA A 61 -7.93 -8.67 -6.17
N SER A 62 -7.56 -8.29 -7.35
CA SER A 62 -6.15 -8.50 -7.79
C SER A 62 -5.81 -7.48 -8.88
N PHE A 63 -4.83 -6.65 -8.65
CA PHE A 63 -4.46 -5.64 -9.68
C PHE A 63 -2.99 -5.26 -9.59
N SER A 64 -2.55 -4.39 -10.45
CA SER A 64 -1.11 -3.97 -10.41
C SER A 64 -0.96 -2.61 -9.71
N PHE A 65 -0.07 -2.53 -8.76
CA PHE A 65 0.14 -1.25 -8.03
C PHE A 65 1.61 -0.83 -8.13
N VAL A 66 1.88 0.37 -8.54
CA VAL A 66 3.30 0.81 -8.65
C VAL A 66 3.82 1.29 -7.29
N VAL A 67 5.11 1.40 -7.17
CA VAL A 67 5.71 1.86 -5.88
C VAL A 67 6.77 2.92 -6.17
N ARG A 68 7.39 3.46 -5.15
CA ARG A 68 8.44 4.49 -5.38
C ARG A 68 9.58 4.33 -4.38
N LYS A 69 10.74 3.94 -4.85
CA LYS A 69 11.90 3.76 -3.94
C LYS A 69 12.18 5.05 -3.16
N SER A 70 11.65 6.15 -3.60
CA SER A 70 11.87 7.44 -2.89
C SER A 70 10.68 8.37 -3.10
N TYR A 71 10.07 8.81 -2.03
CA TYR A 71 8.90 9.72 -2.17
C TYR A 71 8.68 10.48 -0.86
N THR A 72 8.25 11.71 -0.95
CA THR A 72 8.02 12.51 0.29
C THR A 72 6.95 11.84 1.15
N GLY A 73 7.27 11.48 2.36
CA GLY A 73 6.27 10.83 3.24
C GLY A 73 5.37 11.90 3.86
N SER A 74 4.16 11.54 4.19
CA SER A 74 3.23 12.52 4.82
C SER A 74 1.87 11.86 5.10
N THR A 75 1.42 11.94 6.31
CA THR A 75 0.11 11.30 6.66
C THR A 75 -0.95 11.63 5.59
N PRO A 76 -1.79 10.67 5.32
CA PRO A 76 -2.86 10.83 4.31
C PRO A 76 -3.85 11.93 4.72
N GLU A 77 -4.05 12.12 5.99
CA GLU A 77 -5.00 13.18 6.45
C GLU A 77 -4.68 13.63 7.88
N GLY A 78 -4.03 14.75 8.01
CA GLY A 78 -3.68 15.24 9.37
C GLY A 78 -2.52 16.24 9.28
N THR A 79 -1.32 15.78 9.39
CA THR A 79 -0.15 16.70 9.31
C THR A 79 0.99 16.04 8.52
N PRO A 80 1.78 16.87 7.89
CA PRO A 80 2.92 16.37 7.09
C PRO A 80 4.02 15.85 8.02
N VAL A 81 4.77 14.88 7.58
CA VAL A 81 5.86 14.34 8.43
C VAL A 81 7.23 14.71 7.86
N GLY A 82 7.61 14.12 6.75
CA GLY A 82 8.94 14.45 6.16
C GLY A 82 9.13 13.64 4.87
N SER A 83 10.35 13.51 4.41
CA SER A 83 10.61 12.74 3.17
C SER A 83 10.90 11.28 3.49
N VAL A 84 10.74 10.40 2.55
CA VAL A 84 11.00 8.95 2.82
C VAL A 84 11.87 8.34 1.71
N ASP A 85 12.59 7.29 2.02
CA ASP A 85 13.46 6.65 0.98
C ASP A 85 13.73 5.18 1.36
N CYS A 86 13.19 4.27 0.59
CA CYS A 86 13.40 2.81 0.88
C CYS A 86 14.88 2.42 0.72
N ALA A 87 15.70 3.33 0.25
CA ALA A 87 17.13 2.99 0.08
C ALA A 87 17.64 2.34 1.36
N THR A 88 17.50 3.02 2.45
CA THR A 88 17.95 2.49 3.75
C THR A 88 16.79 2.55 4.76
N ALA A 89 15.70 3.18 4.38
CA ALA A 89 14.55 3.29 5.30
C ALA A 89 13.61 2.10 5.11
N ALA A 90 12.54 2.06 5.83
CA ALA A 90 11.58 0.92 5.69
C ALA A 90 10.25 1.41 5.11
N CYS A 91 9.67 0.65 4.23
CA CYS A 91 8.37 1.06 3.61
C CYS A 91 7.41 -0.14 3.57
N ASN A 92 6.17 0.09 3.86
CA ASN A 92 5.18 -1.05 3.84
C ASN A 92 4.02 -0.73 2.90
N LEU A 93 3.05 -1.59 2.84
CA LEU A 93 1.87 -1.35 1.96
C LEU A 93 0.59 -1.68 2.72
N GLY A 94 -0.46 -0.95 2.49
CA GLY A 94 -1.73 -1.24 3.22
C GLY A 94 -2.92 -1.11 2.28
N ALA A 95 -3.93 -1.92 2.48
CA ALA A 95 -5.14 -1.86 1.59
C ALA A 95 -6.41 -1.83 2.44
N GLY A 96 -7.18 -0.79 2.33
CA GLY A 96 -8.44 -0.70 3.13
C GLY A 96 -9.11 0.65 2.91
N ASN A 97 -10.40 0.74 3.13
CA ASN A 97 -11.11 2.02 2.92
C ASN A 97 -11.53 2.61 4.27
N SER A 98 -12.67 3.25 4.33
CA SER A 98 -13.13 3.85 5.62
C SER A 98 -14.15 2.93 6.29
N GLY A 99 -13.76 1.72 6.61
CA GLY A 99 -14.72 0.79 7.27
C GLY A 99 -14.10 -0.60 7.38
N LEU A 100 -13.95 -1.29 6.28
CA LEU A 100 -13.35 -2.66 6.33
C LEU A 100 -11.82 -2.59 6.28
N ASP A 101 -11.16 -3.59 6.81
CA ASP A 101 -9.67 -3.59 6.80
C ASP A 101 -9.16 -4.88 6.14
N LEU A 102 -8.17 -4.78 5.30
CA LEU A 102 -7.64 -5.99 4.63
C LEU A 102 -6.34 -6.46 5.30
N GLY A 103 -5.23 -5.85 5.00
CA GLY A 103 -3.95 -6.27 5.61
C GLY A 103 -2.82 -5.35 5.13
N HIS A 104 -1.62 -5.58 5.58
CA HIS A 104 -0.48 -4.72 5.15
C HIS A 104 0.73 -5.58 4.77
N VAL A 105 1.31 -5.32 3.64
CA VAL A 105 2.49 -6.13 3.20
C VAL A 105 3.76 -5.27 3.26
N ALA A 106 4.80 -5.77 3.90
CA ALA A 106 6.06 -4.98 4.00
C ALA A 106 6.88 -5.12 2.72
N LEU A 107 7.36 -4.01 2.20
CA LEU A 107 8.17 -4.06 0.95
C LEU A 107 9.62 -3.64 1.24
N THR A 108 10.52 -3.87 0.33
CA THR A 108 11.94 -3.46 0.58
C THR A 108 12.64 -3.19 -0.75
N PHE A 109 13.31 -2.08 -0.87
CA PHE A 109 14.02 -1.75 -2.14
C PHE A 109 15.48 -2.19 -2.06
N GLY A 110 15.74 -3.46 -2.14
CA GLY A 110 17.16 -3.94 -2.06
C GLY A 110 17.28 -5.01 -0.97
C1' ROM B . -11.24 7.51 3.92
C2' ROM B . -11.63 6.63 2.77
C3' ROM B . -11.54 7.45 1.47
C4' ROM B . -12.36 8.76 1.60
C5' ROM B . -12.06 9.47 2.97
O5' ROM B . -12.14 8.57 4.03
O2' ROM B . -10.74 5.52 2.69
O3' ROM B . -10.18 7.76 1.21
N4' ROM B . -12.17 9.69 0.47
C6D ROM B . -13.06 10.60 3.17
O9 ROM B . -11.25 6.80 5.14
C6B ROM B . -10.65 10.08 2.91
C4D ROM B . -13.41 10.36 0.11
C4B ROM B . -11.61 9.01 -0.72
C'8 ROM B . -2.49 9.38 1.15
C'7 ROM B . -2.15 10.70 0.94
C'6 ROM B . -3.07 11.56 0.36
C'5 ROM B . -4.32 11.09 0.00
C15 ROM B . -4.66 9.76 0.21
C'9 ROM B . -3.74 8.90 0.78
O'7 ROM B . -0.87 11.14 1.24
C1A ROM B . -4.04 7.47 0.88
O'4 ROM B . -5.25 11.95 -0.59
C'3 ROM B . -6.45 11.50 -0.94
C'2 ROM B . -6.81 10.10 -0.62
N'1 ROM B . -5.89 9.28 -0.15
C1B ROM B . -7.31 12.30 -1.58
O'2 ROM B . -7.95 9.71 -0.80
O13 ROM B . -4.94 7.25 1.82
C7X ROM B . -0.95 12.29 2.07
O11 ROM B . -3.56 6.59 0.20
C3 ROM B . -6.94 6.72 3.65
C2 ROM B . -7.98 6.43 4.49
C7 ROM B . -8.33 5.18 4.80
C6 ROM B . -7.67 4.11 4.27
C5 ROM B . -6.61 4.34 3.41
C4 ROM B . -6.22 5.66 3.09
C1 ROM B . -8.82 7.35 5.17
C12 ROM B . -8.47 8.43 5.81
C9 ROM B . -9.98 6.62 5.81
C8 ROM B . -9.52 5.14 5.80
C13 ROM B . -5.01 5.89 2.24
C10 ROM B . -9.95 7.39 7.09
C11 ROM B . -9.12 8.48 6.98
C14 ROM B . -3.73 5.54 2.99
O15 ROM B . -4.04 4.97 4.25
C16 ROM B . -3.07 4.95 5.13
C17 ROM B . -2.96 3.64 5.91
C18 ROM B . -3.52 3.83 7.33
C20 ROM B . -5.86 3.01 7.02
C21 ROM B . -7.22 3.24 6.99
C22 ROM B . -7.75 4.48 7.23
C23 ROM B . -6.91 5.52 7.53
C24 ROM B . -5.54 5.32 7.56
C19 ROM B . -5.01 4.05 7.31
O25 ROM B . -9.14 4.68 7.13
N18 ROM B . -3.17 2.57 8.05
O23 ROM B . -7.42 6.77 7.80
CL21 ROM B . -8.28 1.92 6.65
O16 ROM B . -2.30 5.87 5.34
H1' ROM B . -10.27 7.91 3.74
H2' ROM B . -12.64 6.27 2.90
H3' ROM B . -11.93 6.86 0.65
H4' ROM B . -13.42 8.50 1.60
H2'2 ROM B . -10.95 5.02 1.91
H3'2 ROM B . -9.63 7.09 1.63
H6B1 ROM B . -14.04 10.28 2.83
H6B3 ROM B . -13.12 10.85 4.22
H6B2 ROM B . -12.76 11.47 2.60
H6A1 ROM B . -10.06 9.57 2.17
H6A3 ROM B . -10.72 11.13 2.65
H6A2 ROM B . -10.19 9.99 3.88
H4B1 ROM B . -14.11 9.63 -0.25
H4B3 ROM B . -13.80 10.84 0.99
H4B2 ROM B . -13.20 11.10 -0.65
H4A1 ROM B . -10.55 8.87 -0.57
H4A3 ROM B . -12.10 8.05 -0.82
H4A2 ROM B . -11.80 9.61 -1.59
H'8 ROM B . -1.79 8.71 1.64
H'6 ROM B . -2.81 12.60 0.20
H'1 ROM B . -6.09 8.33 -0.04
H3A1 ROM B . -7.01 12.84 -2.45
H3A2 ROM B . -8.32 12.43 -1.21
H7A1 ROM B . -0.17 12.98 1.79
H7A3 ROM B . -1.91 12.76 1.94
H7A2 ROM B . -0.82 11.99 3.10
H3 ROM B . -6.68 7.74 3.42
H6 ROM B . -7.98 3.10 4.51
H5 ROM B . -6.08 3.51 2.96
H12 ROM B . -7.77 9.17 5.45
H8 ROM B . -10.31 4.53 5.41
H13 ROM B . -5.08 5.27 1.36
H10 ROM B . -10.50 7.11 7.94
H11 ROM B . -9.00 9.24 7.71
H142 ROM B . -3.15 4.82 2.43
H141 ROM B . -3.14 6.44 3.16
H172 ROM B . -3.53 2.88 5.40
H171 ROM B . -1.92 3.34 5.98
H18 ROM B . -3.04 4.66 7.80
H20 ROM B . -5.47 2.03 6.82
H24 ROM B . -4.87 6.14 7.80
H183 ROM B . -2.17 2.34 7.84
H182 ROM B . -3.30 2.71 9.06
H184 ROM B . -3.77 1.80 7.71
H232 ROM B . -6.71 7.37 8.00
N ALA A 1 -12.83 -13.53 8.28
CA ALA A 1 -12.09 -12.27 7.96
C ALA A 1 -11.42 -12.39 6.58
N PRO A 2 -11.36 -11.29 5.91
CA PRO A 2 -10.73 -11.26 4.57
C PRO A 2 -9.21 -11.37 4.68
N ALA A 3 -8.50 -11.09 3.62
CA ALA A 3 -7.02 -11.18 3.68
C ALA A 3 -6.39 -10.29 2.60
N PHE A 4 -5.09 -10.28 2.52
CA PHE A 4 -4.40 -9.45 1.50
C PHE A 4 -2.99 -9.99 1.24
N SER A 5 -2.58 -10.11 0.01
CA SER A 5 -1.21 -10.65 -0.25
C SER A 5 -0.61 -10.04 -1.53
N VAL A 6 0.68 -9.99 -1.59
CA VAL A 6 1.37 -9.41 -2.79
C VAL A 6 2.29 -10.46 -3.40
N SER A 7 2.78 -10.24 -4.59
CA SER A 7 3.68 -11.24 -5.21
C SER A 7 5.10 -11.09 -4.62
N PRO A 8 5.78 -10.00 -4.97
CA PRO A 8 7.14 -9.78 -4.44
C PRO A 8 7.06 -9.27 -3.00
N ALA A 9 8.09 -8.65 -2.51
CA ALA A 9 8.06 -8.12 -1.10
C ALA A 9 9.47 -7.72 -0.65
N SER A 10 10.48 -8.29 -1.24
CA SER A 10 11.88 -7.94 -0.83
C SER A 10 12.74 -7.66 -2.06
N GLY A 11 13.83 -6.97 -1.89
CA GLY A 11 14.71 -6.67 -3.06
C GLY A 11 13.88 -6.03 -4.16
N LEU A 12 13.16 -4.99 -3.83
CA LEU A 12 12.32 -4.31 -4.86
C LEU A 12 13.11 -3.20 -5.54
N SER A 13 12.41 -2.27 -6.14
CA SER A 13 13.10 -1.14 -6.83
C SER A 13 12.11 -0.04 -7.16
N ASP A 14 12.55 1.19 -7.23
CA ASP A 14 11.61 2.31 -7.55
C ASP A 14 11.03 2.12 -8.95
N GLY A 15 9.74 2.23 -9.09
CA GLY A 15 9.11 2.06 -10.42
C GLY A 15 8.62 0.62 -10.59
N GLN A 16 9.22 -0.30 -9.90
CA GLN A 16 8.78 -1.73 -10.00
C GLN A 16 7.29 -1.85 -9.70
N SER A 17 6.62 -2.74 -10.38
CA SER A 17 5.17 -2.93 -10.15
C SER A 17 4.92 -4.35 -9.61
N VAL A 18 4.44 -4.45 -8.41
CA VAL A 18 4.18 -5.80 -7.83
C VAL A 18 2.74 -6.22 -8.11
N SER A 19 2.50 -7.49 -8.22
CA SER A 19 1.10 -7.96 -8.48
C SER A 19 0.36 -8.17 -7.16
N VAL A 20 -0.51 -7.27 -6.80
CA VAL A 20 -1.25 -7.43 -5.53
C VAL A 20 -2.54 -8.19 -5.77
N SER A 21 -3.14 -8.67 -4.72
CA SER A 21 -4.40 -9.42 -4.87
C SER A 21 -5.13 -9.50 -3.53
N VAL A 22 -6.29 -8.91 -3.44
CA VAL A 22 -7.05 -8.94 -2.17
C VAL A 22 -8.21 -9.93 -2.29
N SER A 23 -8.67 -10.46 -1.20
CA SER A 23 -9.80 -11.43 -1.27
C SER A 23 -10.59 -11.43 0.04
N GLY A 24 -11.79 -11.93 0.02
CA GLY A 24 -12.61 -11.94 1.26
C GLY A 24 -13.31 -10.60 1.44
N ALA A 25 -13.20 -9.72 0.48
CA ALA A 25 -13.86 -8.40 0.61
C ALA A 25 -15.30 -8.47 0.08
N ALA A 26 -15.58 -9.39 -0.80
CA ALA A 26 -16.96 -9.52 -1.36
C ALA A 26 -17.28 -8.38 -2.30
N ALA A 27 -17.76 -8.70 -3.47
CA ALA A 27 -18.11 -7.65 -4.47
C ALA A 27 -19.03 -6.60 -3.85
N GLY A 28 -18.84 -5.37 -4.19
CA GLY A 28 -19.70 -4.30 -3.63
C GLY A 28 -18.91 -3.53 -2.56
N GLU A 29 -17.61 -3.62 -2.60
CA GLU A 29 -16.79 -2.90 -1.60
C GLU A 29 -15.61 -2.20 -2.28
N THR A 30 -15.34 -0.99 -1.90
CA THR A 30 -14.21 -0.25 -2.52
C THR A 30 -13.15 0.03 -1.46
N TYR A 31 -11.96 -0.46 -1.65
CA TYR A 31 -10.89 -0.22 -0.64
C TYR A 31 -9.84 0.71 -1.21
N TYR A 32 -9.00 1.25 -0.38
CA TYR A 32 -7.94 2.16 -0.88
C TYR A 32 -6.57 1.60 -0.56
N ILE A 33 -5.90 1.03 -1.53
CA ILE A 33 -4.55 0.46 -1.26
C ILE A 33 -3.49 1.55 -1.45
N ALA A 34 -2.48 1.55 -0.64
CA ALA A 34 -1.42 2.59 -0.78
C ALA A 34 -0.15 2.16 -0.04
N GLN A 35 0.99 2.60 -0.53
CA GLN A 35 2.26 2.23 0.14
C GLN A 35 2.69 3.35 1.10
N CYS A 36 3.29 3.02 2.20
CA CYS A 36 3.72 4.07 3.16
C CYS A 36 5.09 3.75 3.74
N ALA A 37 5.59 4.59 4.59
CA ALA A 37 6.93 4.35 5.20
C ALA A 37 7.05 5.11 6.52
N PRO A 38 7.50 4.42 7.53
CA PRO A 38 7.67 5.04 8.86
C PRO A 38 8.93 5.89 8.90
N VAL A 39 9.06 6.71 9.91
CA VAL A 39 10.27 7.57 10.02
C VAL A 39 10.57 7.87 11.49
N GLY A 40 10.97 6.87 12.23
CA GLY A 40 11.28 7.08 13.66
C GLY A 40 9.98 7.03 14.48
N GLY A 41 8.92 6.56 13.88
CA GLY A 41 7.62 6.49 14.62
C GLY A 41 6.54 7.18 13.79
N GLN A 42 6.83 8.34 13.27
CA GLN A 42 5.82 9.08 12.46
C GLN A 42 5.37 8.22 11.27
N ASP A 43 4.12 8.28 10.91
CA ASP A 43 3.63 7.47 9.74
C ASP A 43 3.45 8.35 8.51
N ALA A 44 4.18 8.09 7.46
CA ALA A 44 4.05 8.92 6.23
C ALA A 44 3.65 8.05 5.03
N CYS A 45 2.41 8.09 4.63
CA CYS A 45 1.98 7.25 3.48
C CYS A 45 2.34 7.94 2.15
N ASN A 46 2.00 7.34 1.05
CA ASN A 46 2.33 7.98 -0.27
C ASN A 46 1.05 8.40 -1.00
N PRO A 47 0.92 9.68 -1.21
CA PRO A 47 -0.25 10.24 -1.90
C PRO A 47 -0.03 10.17 -3.42
N ALA A 48 1.19 10.01 -3.84
CA ALA A 48 1.48 9.95 -5.31
C ALA A 48 0.70 8.82 -5.97
N THR A 49 0.59 7.69 -5.33
CA THR A 49 -0.17 6.56 -5.93
C THR A 49 -1.65 6.63 -5.53
N ALA A 50 -1.99 6.11 -4.37
CA ALA A 50 -3.40 6.15 -3.92
C ALA A 50 -4.31 5.56 -5.01
N THR A 51 -4.69 4.32 -4.87
CA THR A 51 -5.58 3.69 -5.90
C THR A 51 -6.81 3.09 -5.24
N SER A 52 -7.96 3.62 -5.53
CA SER A 52 -9.21 3.07 -4.93
C SER A 52 -9.84 2.06 -5.89
N PHE A 53 -9.83 0.82 -5.53
CA PHE A 53 -10.43 -0.22 -6.44
C PHE A 53 -11.61 -0.92 -5.76
N THR A 54 -12.22 -1.85 -6.45
CA THR A 54 -13.37 -2.59 -5.87
C THR A 54 -13.22 -4.09 -6.14
N THR A 55 -13.62 -4.92 -5.21
CA THR A 55 -13.49 -6.39 -5.44
C THR A 55 -14.29 -6.82 -6.66
N ASP A 56 -14.20 -8.07 -7.04
CA ASP A 56 -14.96 -8.54 -8.23
C ASP A 56 -16.23 -9.24 -7.76
N ALA A 57 -16.87 -9.97 -8.63
CA ALA A 57 -18.14 -10.67 -8.21
C ALA A 57 -17.84 -11.71 -7.12
N SER A 58 -16.66 -12.26 -7.13
CA SER A 58 -16.31 -13.28 -6.09
C SER A 58 -15.61 -12.60 -4.91
N GLY A 59 -15.76 -11.31 -4.80
CA GLY A 59 -15.10 -10.58 -3.67
C GLY A 59 -13.58 -10.81 -3.73
N ALA A 60 -13.02 -10.84 -4.90
CA ALA A 60 -11.55 -11.05 -5.01
C ALA A 60 -11.00 -10.26 -6.20
N ALA A 61 -9.97 -9.48 -5.98
CA ALA A 61 -9.40 -8.68 -7.09
C ALA A 61 -7.88 -8.81 -7.12
N SER A 62 -7.29 -8.56 -8.27
CA SER A 62 -5.81 -8.67 -8.39
C SER A 62 -5.34 -7.70 -9.48
N PHE A 63 -4.45 -6.81 -9.16
CA PHE A 63 -3.97 -5.86 -10.20
C PHE A 63 -2.49 -5.52 -10.01
N SER A 64 -1.94 -4.76 -10.91
CA SER A 64 -0.50 -4.39 -10.80
C SER A 64 -0.36 -3.01 -10.14
N PHE A 65 0.36 -2.94 -9.05
CA PHE A 65 0.55 -1.64 -8.35
C PHE A 65 2.02 -1.25 -8.37
N VAL A 66 2.32 -0.01 -8.65
CA VAL A 66 3.74 0.43 -8.69
C VAL A 66 4.21 0.83 -7.30
N VAL A 67 5.49 0.89 -7.10
CA VAL A 67 6.06 1.29 -5.79
C VAL A 67 7.12 2.37 -6.00
N ARG A 68 7.60 2.98 -4.96
CA ARG A 68 8.64 4.03 -5.15
C ARG A 68 9.59 4.08 -3.96
N LYS A 69 10.77 3.55 -4.13
CA LYS A 69 11.76 3.56 -3.01
C LYS A 69 11.78 4.93 -2.32
N SER A 70 12.10 5.96 -3.05
CA SER A 70 12.15 7.33 -2.45
C SER A 70 10.92 8.14 -2.88
N TYR A 71 10.31 8.85 -1.96
CA TYR A 71 9.12 9.66 -2.31
C TYR A 71 8.65 10.47 -1.11
N THR A 72 7.86 11.50 -1.32
CA THR A 72 7.39 12.32 -0.18
C THR A 72 6.23 11.61 0.54
N GLY A 73 6.22 11.64 1.84
CA GLY A 73 5.12 10.96 2.59
C GLY A 73 4.28 12.00 3.33
N SER A 74 3.23 11.56 3.97
CA SER A 74 2.36 12.51 4.71
C SER A 74 1.18 11.76 5.32
N THR A 75 1.00 11.85 6.61
CA THR A 75 -0.13 11.13 7.27
C THR A 75 -1.40 11.22 6.40
N PRO A 76 -2.15 10.16 6.41
CA PRO A 76 -3.40 10.12 5.62
C PRO A 76 -4.51 10.92 6.32
N GLU A 77 -4.18 11.61 7.38
CA GLU A 77 -5.23 12.41 8.09
C GLU A 77 -5.09 13.90 7.74
N GLY A 78 -4.16 14.59 8.36
CA GLY A 78 -4.00 16.04 8.05
C GLY A 78 -2.52 16.44 8.10
N THR A 79 -2.07 16.92 9.23
CA THR A 79 -0.63 17.34 9.37
C THR A 79 0.29 16.38 8.58
N PRO A 80 1.19 16.96 7.83
CA PRO A 80 2.13 16.15 7.02
C PRO A 80 3.23 15.58 7.91
N VAL A 81 4.28 15.08 7.33
CA VAL A 81 5.38 14.50 8.14
C VAL A 81 6.74 14.87 7.54
N GLY A 82 6.83 14.87 6.23
CA GLY A 82 8.12 15.22 5.57
C GLY A 82 8.39 14.26 4.41
N SER A 83 9.55 14.33 3.83
CA SER A 83 9.87 13.42 2.70
C SER A 83 10.25 12.03 3.23
N VAL A 84 10.43 11.08 2.36
CA VAL A 84 10.80 9.72 2.82
C VAL A 84 11.80 9.09 1.86
N ASP A 85 12.52 8.08 2.30
CA ASP A 85 13.53 7.44 1.41
C ASP A 85 13.82 6.01 1.90
N CYS A 86 13.54 5.03 1.08
CA CYS A 86 13.79 3.61 1.49
C CYS A 86 15.28 3.27 1.31
N ALA A 87 16.09 4.22 0.93
CA ALA A 87 17.55 3.91 0.76
C ALA A 87 18.11 3.39 2.08
N THR A 88 17.82 4.08 3.15
CA THR A 88 18.32 3.66 4.48
C THR A 88 17.14 3.55 5.44
N ALA A 89 15.94 3.62 4.92
CA ALA A 89 14.73 3.53 5.76
C ALA A 89 13.94 2.28 5.40
N ALA A 90 12.85 2.02 6.07
CA ALA A 90 12.04 0.82 5.77
C ALA A 90 10.77 1.23 5.02
N CYS A 91 10.11 0.30 4.40
CA CYS A 91 8.86 0.64 3.66
C CYS A 91 7.79 -0.43 3.91
N ASN A 92 6.56 -0.16 3.55
CA ASN A 92 5.48 -1.16 3.78
C ASN A 92 4.31 -0.92 2.83
N LEU A 93 3.27 -1.70 2.96
CA LEU A 93 2.07 -1.54 2.08
C LEU A 93 0.84 -2.02 2.84
N GLY A 94 -0.28 -1.37 2.65
CA GLY A 94 -1.51 -1.81 3.37
C GLY A 94 -2.76 -1.33 2.63
N ALA A 95 -3.87 -1.96 2.87
CA ALA A 95 -5.14 -1.54 2.20
C ALA A 95 -6.34 -1.80 3.11
N GLY A 96 -7.49 -1.27 2.76
CA GLY A 96 -8.69 -1.49 3.61
C GLY A 96 -9.52 -0.20 3.68
N ASN A 97 -10.76 -0.29 4.05
CA ASN A 97 -11.59 0.94 4.15
C ASN A 97 -11.75 1.37 5.61
N SER A 98 -12.63 2.31 5.87
CA SER A 98 -12.82 2.78 7.27
C SER A 98 -13.54 1.71 8.10
N GLY A 99 -14.51 1.03 7.53
CA GLY A 99 -15.24 -0.02 8.29
C GLY A 99 -14.76 -1.40 7.86
N LEU A 100 -13.66 -1.48 7.15
CA LEU A 100 -13.15 -2.82 6.71
C LEU A 100 -11.62 -2.85 6.75
N ASP A 101 -11.06 -3.95 7.17
CA ASP A 101 -9.57 -4.06 7.24
C ASP A 101 -9.09 -5.18 6.32
N LEU A 102 -7.95 -5.01 5.71
CA LEU A 102 -7.43 -6.06 4.81
C LEU A 102 -6.11 -6.63 5.34
N GLY A 103 -5.00 -6.09 4.91
CA GLY A 103 -3.69 -6.61 5.40
C GLY A 103 -2.60 -5.55 5.27
N HIS A 104 -1.43 -5.85 5.76
CA HIS A 104 -0.29 -4.88 5.68
C HIS A 104 0.97 -5.63 5.24
N VAL A 105 1.30 -5.57 3.98
CA VAL A 105 2.53 -6.30 3.50
C VAL A 105 3.75 -5.37 3.54
N ALA A 106 4.79 -5.77 4.21
CA ALA A 106 6.00 -4.92 4.29
C ALA A 106 6.85 -5.12 3.04
N LEU A 107 7.78 -4.23 2.79
CA LEU A 107 8.64 -4.38 1.58
C LEU A 107 10.10 -4.09 1.93
N THR A 108 10.99 -4.28 1.00
CA THR A 108 12.43 -4.01 1.29
C THR A 108 13.18 -3.69 0.01
N PHE A 109 13.59 -2.46 -0.15
CA PHE A 109 14.33 -2.08 -1.38
C PHE A 109 15.80 -2.46 -1.24
N GLY A 110 16.47 -2.70 -2.34
CA GLY A 110 17.91 -3.07 -2.26
C GLY A 110 18.56 -2.90 -3.64
C1' ROM B . -10.55 5.77 5.35
C2' ROM B . -10.98 5.28 3.99
C3' ROM B . -10.81 6.41 3.00
C4' ROM B . -11.64 7.63 3.48
C5' ROM B . -11.27 7.97 4.95
O5' ROM B . -11.38 6.83 5.78
O2' ROM B . -10.17 4.17 3.60
O3' ROM B . -9.43 6.75 2.91
N4' ROM B . -11.54 8.81 2.59
C6D ROM B . -12.24 9.05 5.44
O9 ROM B . -10.63 4.73 6.33
C6B ROM B . -9.85 8.54 5.02
C4D ROM B . -12.59 8.77 1.57
C4B ROM B . -10.22 8.93 1.97
C'8 ROM B . -2.97 8.47 2.40
C'7 ROM B . -3.23 9.77 2.05
C'6 ROM B . -4.27 10.08 1.20
C'5 ROM B . -5.07 9.08 0.69
C15 ROM B . -4.82 7.76 1.04
C'9 ROM B . -3.77 7.45 1.90
O'7 ROM B . -2.44 10.79 2.56
C1A ROM B . -3.51 6.06 2.27
O'4 ROM B . -6.11 9.37 -0.18
C'3 ROM B . -6.74 8.39 -0.83
C'2 ROM B . -6.40 6.99 -0.49
N'1 ROM B . -5.61 6.75 0.53
C1B ROM B . -7.65 8.68 -1.77
O'2 ROM B . -6.86 6.08 -1.16
O13 ROM B . -4.38 5.67 3.18
C7X ROM B . -1.24 10.82 1.83
O11 ROM B . -2.64 5.35 1.84
C3 ROM B . -6.25 4.86 5.08
C2 ROM B . -7.33 4.43 5.80
C7 ROM B . -7.70 3.16 5.86
C6 ROM B . -7.00 2.20 5.18
C5 ROM B . -5.90 2.57 4.43
C4 ROM B . -5.50 3.92 4.38
C1 ROM B . -8.19 5.22 6.61
C12 ROM B . -7.86 6.13 7.48
C9 ROM B . -9.40 4.41 7.03
C8 ROM B . -8.95 2.94 6.75
C13 ROM B . -4.28 4.32 3.60
C10 ROM B . -9.44 4.90 8.44
C11 ROM B . -8.58 5.94 8.61
C14 ROM B . -3.00 4.16 4.46
O15 ROM B . -2.96 2.84 5.00
C16 ROM B . -2.71 2.75 6.29
C17 ROM B . -2.44 1.31 6.77
C18 ROM B . -3.08 1.10 8.14
C20 ROM B . -5.45 0.45 7.65
C21 ROM B . -6.79 0.75 7.63
C22 ROM B . -7.28 1.94 8.07
C23 ROM B . -6.41 2.88 8.57
C24 ROM B . -5.04 2.61 8.60
C19 ROM B . -4.55 1.39 8.14
O25 ROM B . -8.65 2.22 7.99
N18 ROM B . -2.81 -0.34 8.46
O23 ROM B . -6.88 4.09 9.04
CL21 ROM B . -7.89 -0.44 7.02
O16 ROM B . -2.68 3.69 7.06
H1' ROM B . -9.55 6.12 5.28
H2' ROM B . -12.02 4.97 4.02
H3' ROM B . -11.16 6.10 2.02
H4' ROM B . -12.68 7.34 3.47
H2'2 ROM B . -10.36 3.98 2.68
H3'2 ROM B . -9.04 6.22 2.22
H6B1 ROM B . -12.93 9.29 4.65
H6B3 ROM B . -12.79 8.68 6.30
H6B2 ROM B . -11.69 9.94 5.73
H6A1 ROM B . -9.14 7.82 4.65
H6A3 ROM B . -9.79 9.44 4.43
H6A2 ROM B . -9.61 8.77 6.05
H4B1 ROM B . -13.47 8.31 2.00
H4B3 ROM B . -12.79 9.78 1.26
H4B2 ROM B . -12.22 8.18 0.73
H4A1 ROM B . -9.47 8.83 2.73
H4A3 ROM B . -10.11 8.15 1.23
H4A2 ROM B . -10.15 9.90 1.50
H'8 ROM B . -2.15 8.22 3.06
H'6 ROM B . -4.46 11.11 0.94
H'1 ROM B . -5.58 5.86 0.94
H3A1 ROM B . -7.44 8.48 -2.81
H3A2 ROM B . -8.59 9.11 -1.50
H7A1 ROM B . -0.53 10.13 2.27
H7A3 ROM B . -1.43 10.54 0.81
H7A2 ROM B . -0.83 11.83 1.86
H3 ROM B . -5.99 5.91 5.06
H6 ROM B . -7.32 1.16 5.23
H5 ROM B . -5.34 1.82 3.89
H12 ROM B . -7.14 6.91 7.32
H8 ROM B . -9.71 2.44 6.20
H13 ROM B . -4.19 3.70 2.72
H10 ROM B . -10.07 4.47 9.18
H11 ROM B . -8.49 6.52 9.50
H142 ROM B . -2.13 4.31 3.85
H141 ROM B . -3.01 4.86 5.27
H172 ROM B . -2.87 0.61 6.07
H171 ROM B . -1.37 1.15 6.84
H18 ROM B . -2.60 1.72 8.87
H20 ROM B . -5.08 -0.49 7.30
H24 ROM B . -4.36 3.35 8.99
H183 ROM B . -3.32 -0.61 9.32
H182 ROM B . -3.12 -0.93 7.66
H184 ROM B . -1.79 -0.47 8.60
H232 ROM B . -7.44 3.94 9.80
N ALA A 1 -10.80 -12.30 9.49
CA ALA A 1 -10.25 -11.18 8.68
C ALA A 1 -9.85 -11.67 7.28
N PRO A 2 -9.92 -10.77 6.34
CA PRO A 2 -9.55 -11.11 4.94
C PRO A 2 -8.04 -11.33 4.83
N ALA A 3 -7.49 -11.16 3.66
CA ALA A 3 -6.02 -11.36 3.49
C ALA A 3 -5.51 -10.57 2.28
N PHE A 4 -4.38 -9.92 2.43
CA PHE A 4 -3.82 -9.14 1.31
C PHE A 4 -2.35 -9.50 1.10
N SER A 5 -1.96 -9.88 -0.09
CA SER A 5 -0.53 -10.25 -0.30
C SER A 5 -0.02 -9.74 -1.66
N VAL A 6 1.28 -9.60 -1.78
CA VAL A 6 1.88 -9.12 -3.05
C VAL A 6 2.90 -10.14 -3.56
N SER A 7 3.17 -10.17 -4.84
CA SER A 7 4.15 -11.16 -5.34
C SER A 7 5.54 -10.84 -4.76
N PRO A 8 6.14 -9.73 -5.19
CA PRO A 8 7.46 -9.36 -4.66
C PRO A 8 7.31 -8.65 -3.32
N ALA A 9 8.40 -8.34 -2.68
CA ALA A 9 8.33 -7.64 -1.36
C ALA A 9 9.76 -7.41 -0.84
N SER A 10 10.68 -7.21 -1.74
CA SER A 10 12.09 -6.97 -1.33
C SER A 10 12.95 -6.65 -2.54
N GLY A 11 14.07 -5.99 -2.35
CA GLY A 11 14.94 -5.65 -3.50
C GLY A 11 14.08 -5.13 -4.65
N LEU A 12 13.16 -4.26 -4.35
CA LEU A 12 12.27 -3.71 -5.41
C LEU A 12 13.00 -2.62 -6.22
N SER A 13 12.26 -1.78 -6.88
CA SER A 13 12.87 -0.69 -7.70
C SER A 13 11.83 0.41 -7.96
N ASP A 14 12.26 1.62 -8.14
CA ASP A 14 11.29 2.73 -8.39
C ASP A 14 10.58 2.54 -9.74
N GLY A 15 9.27 2.67 -9.76
CA GLY A 15 8.51 2.49 -11.02
C GLY A 15 8.13 1.02 -11.19
N GLN A 16 8.86 0.16 -10.56
CA GLN A 16 8.55 -1.31 -10.67
C GLN A 16 7.08 -1.58 -10.34
N SER A 17 6.48 -2.53 -11.00
CA SER A 17 5.05 -2.85 -10.72
C SER A 17 4.95 -4.26 -10.12
N VAL A 18 4.41 -4.39 -8.95
CA VAL A 18 4.28 -5.73 -8.33
C VAL A 18 2.89 -6.31 -8.55
N SER A 19 2.77 -7.61 -8.57
CA SER A 19 1.44 -8.24 -8.79
C SER A 19 0.74 -8.44 -7.44
N VAL A 20 -0.24 -7.64 -7.14
CA VAL A 20 -0.95 -7.79 -5.83
C VAL A 20 -2.20 -8.67 -5.99
N SER A 21 -2.77 -9.06 -4.89
CA SER A 21 -3.98 -9.91 -4.94
C SER A 21 -4.70 -9.89 -3.59
N VAL A 22 -5.92 -9.43 -3.56
CA VAL A 22 -6.67 -9.38 -2.27
C VAL A 22 -7.76 -10.45 -2.25
N SER A 23 -8.06 -10.98 -1.10
CA SER A 23 -9.12 -12.03 -1.03
C SER A 23 -9.73 -12.07 0.37
N GLY A 24 -11.00 -12.30 0.47
CA GLY A 24 -11.65 -12.35 1.81
C GLY A 24 -12.64 -11.19 1.95
N ALA A 25 -12.35 -10.07 1.33
CA ALA A 25 -13.26 -8.90 1.41
C ALA A 25 -14.67 -9.30 0.91
N ALA A 26 -15.44 -8.35 0.44
CA ALA A 26 -16.81 -8.70 -0.05
C ALA A 26 -17.27 -7.73 -1.15
N ALA A 27 -17.90 -8.24 -2.17
CA ALA A 27 -18.37 -7.36 -3.28
C ALA A 27 -19.20 -6.21 -2.72
N GLY A 28 -18.98 -5.03 -3.20
CA GLY A 28 -19.74 -3.86 -2.71
C GLY A 28 -18.85 -3.01 -1.81
N GLU A 29 -17.58 -3.32 -1.75
CA GLU A 29 -16.66 -2.52 -0.90
C GLU A 29 -15.51 -1.94 -1.72
N THR A 30 -15.21 -0.70 -1.51
CA THR A 30 -14.09 -0.06 -2.27
C THR A 30 -12.96 0.32 -1.31
N TYR A 31 -11.83 -0.32 -1.44
CA TYR A 31 -10.70 0.01 -0.52
C TYR A 31 -9.67 0.88 -1.23
N TYR A 32 -9.00 1.73 -0.50
CA TYR A 32 -7.97 2.61 -1.13
C TYR A 32 -6.58 2.20 -0.64
N ILE A 33 -5.72 1.78 -1.52
CA ILE A 33 -4.34 1.37 -1.09
C ILE A 33 -3.35 2.52 -1.23
N ALA A 34 -2.23 2.43 -0.57
CA ALA A 34 -1.21 3.52 -0.66
C ALA A 34 0.10 3.06 0.01
N GLN A 35 1.22 3.45 -0.53
CA GLN A 35 2.53 3.03 0.08
C GLN A 35 2.90 3.99 1.22
N CYS A 36 2.94 3.49 2.43
CA CYS A 36 3.28 4.38 3.57
C CYS A 36 4.62 3.96 4.22
N ALA A 37 5.14 4.79 5.06
CA ALA A 37 6.43 4.48 5.76
C ALA A 37 6.51 5.29 7.06
N PRO A 38 7.12 4.71 8.05
CA PRO A 38 7.25 5.39 9.36
C PRO A 38 8.26 6.54 9.26
N VAL A 39 8.22 7.45 10.19
CA VAL A 39 9.18 8.60 10.15
C VAL A 39 9.38 9.16 11.57
N GLY A 40 10.29 8.61 12.31
CA GLY A 40 10.53 9.11 13.70
C GLY A 40 9.44 8.57 14.63
N GLY A 41 8.74 7.56 14.20
CA GLY A 41 7.66 7.00 15.07
C GLY A 41 6.30 7.35 14.48
N GLN A 42 6.23 8.39 13.68
CA GLN A 42 4.92 8.77 13.08
C GLN A 42 4.67 7.97 11.80
N ASP A 43 3.72 8.38 11.01
CA ASP A 43 3.42 7.62 9.75
C ASP A 43 3.30 8.59 8.56
N ALA A 44 3.57 8.13 7.37
CA ALA A 44 3.48 9.02 6.18
C ALA A 44 3.11 8.20 4.93
N CYS A 45 1.91 8.37 4.44
CA CYS A 45 1.49 7.59 3.23
C CYS A 45 1.75 8.41 1.97
N ASN A 46 1.92 7.76 0.85
CA ASN A 46 2.18 8.50 -0.41
C ASN A 46 0.91 8.57 -1.26
N PRO A 47 0.44 9.78 -1.45
CA PRO A 47 -0.79 10.00 -2.25
C PRO A 47 -0.46 9.98 -3.74
N ALA A 48 0.78 10.15 -4.08
CA ALA A 48 1.16 10.14 -5.53
C ALA A 48 0.67 8.86 -6.20
N THR A 49 1.16 7.72 -5.77
CA THR A 49 0.72 6.44 -6.38
C THR A 49 -0.47 5.85 -5.62
N ALA A 50 -1.59 6.54 -5.61
CA ALA A 50 -2.78 6.01 -4.89
C ALA A 50 -3.75 5.39 -5.89
N THR A 51 -4.54 4.44 -5.46
CA THR A 51 -5.51 3.80 -6.40
C THR A 51 -6.65 3.12 -5.62
N SER A 52 -7.87 3.37 -6.02
CA SER A 52 -9.03 2.75 -5.31
C SER A 52 -9.58 1.59 -6.13
N PHE A 53 -9.82 0.47 -5.52
CA PHE A 53 -10.37 -0.69 -6.28
C PHE A 53 -11.45 -1.41 -5.46
N THR A 54 -12.48 -1.87 -6.12
CA THR A 54 -13.57 -2.59 -5.39
C THR A 54 -13.43 -4.10 -5.60
N THR A 55 -13.76 -4.88 -4.60
CA THR A 55 -13.63 -6.36 -4.77
C THR A 55 -14.67 -6.87 -5.76
N ASP A 56 -14.62 -8.14 -6.07
CA ASP A 56 -15.59 -8.71 -7.04
C ASP A 56 -16.81 -9.26 -6.30
N ALA A 57 -17.65 -10.00 -6.98
CA ALA A 57 -18.85 -10.56 -6.30
C ALA A 57 -18.41 -11.54 -5.21
N SER A 58 -17.33 -12.22 -5.43
CA SER A 58 -16.85 -13.19 -4.40
C SER A 58 -15.92 -12.49 -3.42
N GLY A 59 -15.90 -11.19 -3.44
CA GLY A 59 -15.02 -10.43 -2.51
C GLY A 59 -13.56 -10.78 -2.80
N ALA A 60 -13.24 -11.10 -4.02
CA ALA A 60 -11.83 -11.45 -4.37
C ALA A 60 -11.34 -10.61 -5.55
N ALA A 61 -10.22 -9.94 -5.39
CA ALA A 61 -9.70 -9.10 -6.51
C ALA A 61 -8.21 -9.40 -6.74
N SER A 62 -7.67 -8.87 -7.80
CA SER A 62 -6.23 -9.10 -8.11
C SER A 62 -5.81 -8.13 -9.22
N PHE A 63 -4.65 -7.54 -9.12
CA PHE A 63 -4.22 -6.60 -10.18
C PHE A 63 -2.78 -6.17 -9.97
N SER A 64 -2.29 -5.30 -10.80
CA SER A 64 -0.89 -4.84 -10.65
C SER A 64 -0.84 -3.43 -10.02
N PHE A 65 0.08 -3.22 -9.13
CA PHE A 65 0.20 -1.91 -8.47
C PHE A 65 1.65 -1.42 -8.56
N VAL A 66 1.87 -0.20 -8.96
CA VAL A 66 3.27 0.31 -9.07
C VAL A 66 3.78 0.77 -7.71
N VAL A 67 5.05 1.00 -7.61
CA VAL A 67 5.64 1.45 -6.31
C VAL A 67 6.74 2.46 -6.57
N ARG A 68 7.26 3.07 -5.54
CA ARG A 68 8.34 4.07 -5.74
C ARG A 68 9.35 3.99 -4.59
N LYS A 69 10.52 3.51 -4.88
CA LYS A 69 11.58 3.39 -3.83
C LYS A 69 11.60 4.63 -2.92
N SER A 70 11.73 5.79 -3.49
CA SER A 70 11.76 7.02 -2.63
C SER A 70 10.56 7.93 -2.88
N TYR A 71 10.12 8.62 -1.87
CA TYR A 71 8.96 9.53 -2.02
C TYR A 71 8.77 10.33 -0.73
N THR A 72 8.50 11.60 -0.83
CA THR A 72 8.31 12.42 0.40
C THR A 72 7.07 11.94 1.16
N GLY A 73 7.22 11.70 2.44
CA GLY A 73 6.07 11.23 3.25
C GLY A 73 5.19 12.43 3.63
N SER A 74 3.94 12.19 3.94
CA SER A 74 3.04 13.32 4.32
C SER A 74 1.63 12.80 4.61
N THR A 75 1.17 12.95 5.82
CA THR A 75 -0.19 12.47 6.19
C THR A 75 -1.19 12.81 5.08
N PRO A 76 -2.35 12.19 5.14
CA PRO A 76 -3.40 12.44 4.12
C PRO A 76 -3.95 13.86 4.28
N GLU A 77 -3.77 14.45 5.43
CA GLU A 77 -4.29 15.83 5.65
C GLU A 77 -3.99 16.27 7.10
N GLY A 78 -3.10 17.20 7.28
CA GLY A 78 -2.79 17.66 8.67
C GLY A 78 -1.44 18.37 8.70
N THR A 79 -0.36 17.63 8.76
CA THR A 79 0.99 18.29 8.80
C THR A 79 2.02 17.41 8.07
N PRO A 80 3.06 18.05 7.59
CA PRO A 80 4.14 17.33 6.87
C PRO A 80 4.97 16.49 7.86
N VAL A 81 4.96 15.20 7.67
CA VAL A 81 5.75 14.32 8.59
C VAL A 81 7.24 14.35 8.23
N GLY A 82 7.59 13.81 7.11
CA GLY A 82 9.03 13.81 6.69
C GLY A 82 9.19 13.04 5.39
N SER A 83 10.40 12.97 4.88
CA SER A 83 10.64 12.23 3.61
C SER A 83 10.67 10.72 3.87
N VAL A 84 10.59 9.93 2.84
CA VAL A 84 10.63 8.46 3.03
C VAL A 84 11.55 7.80 1.98
N ASP A 85 12.13 6.68 2.31
CA ASP A 85 13.02 6.00 1.33
C ASP A 85 13.21 4.53 1.71
N CYS A 86 12.69 3.63 0.91
CA CYS A 86 12.84 2.19 1.21
C CYS A 86 14.31 1.79 1.13
N ALA A 87 15.15 2.67 0.63
CA ALA A 87 16.59 2.36 0.51
C ALA A 87 17.20 2.22 1.90
N THR A 88 16.82 3.07 2.81
CA THR A 88 17.37 2.99 4.19
C THR A 88 16.22 3.13 5.20
N ALA A 89 15.00 2.95 4.75
CA ALA A 89 13.84 3.07 5.67
C ALA A 89 12.95 1.83 5.56
N ALA A 90 12.06 1.64 6.50
CA ALA A 90 11.16 0.45 6.45
C ALA A 90 9.86 0.80 5.74
N CYS A 91 9.76 0.54 4.46
CA CYS A 91 8.50 0.87 3.72
C CYS A 91 7.46 -0.22 3.96
N ASN A 92 6.21 0.06 3.66
CA ASN A 92 5.16 -0.96 3.87
C ASN A 92 3.86 -0.54 3.18
N LEU A 93 3.39 -1.33 2.26
CA LEU A 93 2.13 -0.97 1.56
C LEU A 93 0.93 -1.41 2.39
N GLY A 94 -0.07 -0.59 2.50
CA GLY A 94 -1.26 -0.98 3.30
C GLY A 94 -2.55 -0.52 2.62
N ALA A 95 -3.63 -1.20 2.88
CA ALA A 95 -4.94 -0.82 2.26
C ALA A 95 -6.06 -0.95 3.27
N GLY A 96 -7.28 -0.65 2.89
CA GLY A 96 -8.41 -0.76 3.85
C GLY A 96 -9.44 0.34 3.58
N ASN A 97 -10.48 0.38 4.36
CA ASN A 97 -11.53 1.43 4.16
C ASN A 97 -12.29 1.65 5.47
N SER A 98 -12.72 2.86 5.71
CA SER A 98 -13.47 3.14 6.98
C SER A 98 -12.81 2.40 8.16
N GLY A 99 -13.27 1.23 8.47
CA GLY A 99 -12.67 0.46 9.60
C GLY A 99 -12.70 -1.03 9.29
N LEU A 100 -12.15 -1.44 8.17
CA LEU A 100 -12.15 -2.89 7.82
C LEU A 100 -10.73 -3.44 7.86
N ASP A 101 -9.75 -2.59 7.71
CA ASP A 101 -8.33 -3.07 7.75
C ASP A 101 -8.15 -4.30 6.86
N LEU A 102 -7.63 -4.13 5.69
CA LEU A 102 -7.43 -5.30 4.78
C LEU A 102 -6.12 -6.02 5.12
N GLY A 103 -5.01 -5.42 4.82
CA GLY A 103 -3.71 -6.07 5.13
C GLY A 103 -2.58 -5.05 4.99
N HIS A 104 -1.40 -5.39 5.44
CA HIS A 104 -0.25 -4.43 5.34
C HIS A 104 1.02 -5.18 4.88
N VAL A 105 1.33 -5.10 3.61
CA VAL A 105 2.56 -5.80 3.11
C VAL A 105 3.80 -4.94 3.34
N ALA A 106 4.94 -5.55 3.51
CA ALA A 106 6.19 -4.77 3.74
C ALA A 106 7.04 -4.77 2.48
N LEU A 107 7.63 -3.64 2.15
CA LEU A 107 8.47 -3.58 0.92
C LEU A 107 9.92 -3.22 1.29
N THR A 108 10.83 -3.42 0.38
CA THR A 108 12.26 -3.09 0.67
C THR A 108 13.04 -2.96 -0.63
N PHE A 109 13.46 -1.78 -0.97
CA PHE A 109 14.23 -1.59 -2.23
C PHE A 109 15.72 -1.84 -1.97
N GLY A 110 16.47 -2.18 -2.98
CA GLY A 110 17.92 -2.43 -2.78
C GLY A 110 18.49 -3.17 -3.99
C1' ROM B . -11.41 6.81 4.67
C2' ROM B . -12.13 6.08 3.55
C3' ROM B . -12.01 6.92 2.30
C4' ROM B . -12.63 8.31 2.57
C5' ROM B . -11.97 8.94 3.83
O5' ROM B . -12.04 8.04 4.93
O2' ROM B . -11.52 4.81 3.35
O3' ROM B . -10.64 7.04 1.95
N4' ROM B . -12.58 9.22 1.40
C6D ROM B . -12.74 10.23 4.17
O9 ROM B . -11.43 6.04 5.87
C6B ROM B . -10.52 9.31 3.54
C4D ROM B . -13.81 9.13 0.63
C4B ROM B . -11.42 8.98 0.55
C'8 ROM B . -3.51 9.53 1.93
C'7 ROM B . -3.24 10.43 0.92
C'6 ROM B . -4.13 10.58 -0.13
C'5 ROM B . -5.29 9.83 -0.16
C15 ROM B . -5.56 8.93 0.87
C'9 ROM B . -4.67 8.79 1.91
O'7 ROM B . -2.12 11.27 1.00
C1A ROM B . -4.96 7.86 2.98
O'4 ROM B . -6.19 9.95 -1.22
C'3 ROM B . -7.25 9.14 -1.30
C'2 ROM B . -7.51 8.17 -0.20
N'1 ROM B . -6.72 8.19 0.86
C1B ROM B . -8.07 9.19 -2.36
O'2 ROM B . -8.44 7.39 -0.27
O13 ROM B . -5.23 6.67 2.48
C7X ROM B . -0.97 10.50 1.29
O11 ROM B . -4.96 8.12 4.18
C3 ROM B . -7.03 6.24 4.62
C2 ROM B . -8.10 5.89 5.40
C7 ROM B . -8.38 4.64 5.72
C6 ROM B . -7.61 3.61 5.28
C5 ROM B . -6.50 3.89 4.47
C4 ROM B . -6.20 5.23 4.14
C1 ROM B . -9.05 6.77 6.02
C12 ROM B . -8.79 7.88 6.65
C9 ROM B . -10.18 5.97 6.61
C8 ROM B . -9.62 4.52 6.66
C13 ROM B . -4.98 5.53 3.32
C10 ROM B . -10.27 6.77 7.87
C11 ROM B . -9.50 7.89 7.79
C14 ROM B . -3.74 5.78 4.21
O15 ROM B . -3.29 4.55 4.76
C16 ROM B . -3.32 4.45 6.08
C17 ROM B . -3.14 3.01 6.58
C18 ROM B . -3.70 2.89 8.01
C20 ROM B . -6.12 2.23 7.88
C21 ROM B . -7.44 2.55 7.91
C22 ROM B . -7.89 3.83 8.10
C23 ROM B . -6.96 4.83 8.28
C24 ROM B . -5.60 4.54 8.26
C19 ROM B . -5.17 3.22 8.05
O25 ROM B . -9.26 4.13 8.02
N18 ROM B . -3.44 1.48 8.38
O23 ROM B . -7.38 6.14 8.48
CL21 ROM B . -8.61 1.29 7.69
O16 ROM B . -3.47 5.38 6.85
H1' ROM B . -10.40 6.98 4.37
H2' ROM B . -13.17 5.95 3.81
H3' ROM B . -12.55 6.44 1.49
H4' ROM B . -13.68 8.17 2.78
H2'2 ROM B . -11.64 4.58 2.42
H3'2 ROM B . -10.27 6.16 1.88
H6B1 ROM B . -13.79 10.05 4.05
H6B3 ROM B . -12.54 10.50 5.20
H6B2 ROM B . -12.42 11.01 3.51
H6A1 ROM B . -10.09 9.81 4.41
H6A3 ROM B . -9.95 8.43 3.31
H6A2 ROM B . -10.48 9.98 2.70
H4B1 ROM B . -13.67 8.40 -0.14
H4B3 ROM B . -14.61 8.85 1.29
H4B2 ROM B . -14.01 10.10 0.19
H4A1 ROM B . -11.53 8.03 0.06
H4A3 ROM B . -11.35 9.77 -0.19
H4A2 ROM B . -10.53 8.97 1.16
H'8 ROM B . -2.80 9.38 2.73
H'6 ROM B . -3.92 11.28 -0.93
H'1 ROM B . -6.97 7.69 1.66
H3A1 ROM B . -8.83 9.95 -2.43
H3A2 ROM B . -7.98 8.47 -3.15
H7A1 ROM B . -0.14 11.16 1.49
H7A3 ROM B . -1.16 9.88 2.14
H7A2 ROM B . -0.73 9.87 0.43
H3 ROM B . -6.85 7.27 4.38
H6 ROM B . -7.84 2.58 5.54
H5 ROM B . -5.90 3.08 4.09
H12 ROM B . -8.14 8.65 6.33
H8 ROM B . -10.33 3.84 6.27
H13 ROM B . -4.77 4.69 2.67
H10 ROM B . -10.87 6.46 8.70
H11 ROM B . -9.49 8.67 8.51
H142 ROM B . -2.95 6.22 3.64
H141 ROM B . -4.02 6.44 5.03
H172 ROM B . -3.65 2.33 5.93
H171 ROM B . -2.08 2.77 6.60
H18 ROM B . -3.17 3.54 8.68
H20 ROM B . -5.79 1.21 7.74
H24 ROM B . -4.87 5.32 8.41
H183 ROM B . -2.43 1.29 8.34
H182 ROM B . -3.80 1.29 9.34
H184 ROM B . -3.93 0.85 7.70
H232 ROM B . -6.75 6.59 9.04
N ALA A 1 -11.88 -14.19 8.52
CA ALA A 1 -11.02 -13.03 8.17
C ALA A 1 -10.51 -13.15 6.73
N PRO A 2 -10.53 -12.05 6.04
CA PRO A 2 -10.06 -12.03 4.63
C PRO A 2 -8.54 -12.15 4.57
N ALA A 3 -7.94 -11.73 3.49
CA ALA A 3 -6.46 -11.82 3.37
C ALA A 3 -5.94 -10.93 2.22
N PHE A 4 -4.73 -10.46 2.33
CA PHE A 4 -4.16 -9.60 1.25
C PHE A 4 -2.67 -9.94 1.08
N SER A 5 -2.24 -10.26 -0.11
CA SER A 5 -0.80 -10.59 -0.29
C SER A 5 -0.31 -10.18 -1.68
N VAL A 6 0.99 -10.14 -1.85
CA VAL A 6 1.58 -9.75 -3.16
C VAL A 6 2.59 -10.81 -3.59
N SER A 7 2.95 -10.86 -4.85
CA SER A 7 3.93 -11.89 -5.27
C SER A 7 5.33 -11.52 -4.69
N PRO A 8 5.99 -10.54 -5.28
CA PRO A 8 7.33 -10.14 -4.77
C PRO A 8 7.16 -9.32 -3.48
N ALA A 9 8.23 -8.98 -2.84
CA ALA A 9 8.13 -8.17 -1.58
C ALA A 9 9.54 -7.97 -0.99
N SER A 10 10.53 -7.87 -1.84
CA SER A 10 11.94 -7.67 -1.35
C SER A 10 12.83 -7.31 -2.54
N GLY A 11 14.00 -6.79 -2.30
CA GLY A 11 14.90 -6.42 -3.43
C GLY A 11 14.08 -5.74 -4.53
N LEU A 12 13.20 -4.85 -4.14
CA LEU A 12 12.37 -4.15 -5.14
C LEU A 12 13.12 -2.96 -5.73
N SER A 13 12.44 -2.09 -6.45
CA SER A 13 13.12 -0.91 -7.04
C SER A 13 12.11 0.20 -7.31
N ASP A 14 12.55 1.44 -7.35
CA ASP A 14 11.61 2.56 -7.61
C ASP A 14 11.04 2.44 -9.02
N GLY A 15 9.75 2.43 -9.14
CA GLY A 15 9.11 2.33 -10.49
C GLY A 15 8.72 0.88 -10.73
N GLN A 16 9.39 -0.03 -10.08
CA GLN A 16 9.06 -1.48 -10.26
C GLN A 16 7.60 -1.75 -9.92
N SER A 17 6.95 -2.61 -10.64
CA SER A 17 5.52 -2.90 -10.34
C SER A 17 5.36 -4.36 -9.90
N VAL A 18 4.64 -4.58 -8.85
CA VAL A 18 4.45 -5.98 -8.36
C VAL A 18 3.00 -6.44 -8.61
N SER A 19 2.70 -7.66 -8.31
CA SER A 19 1.31 -8.16 -8.54
C SER A 19 0.62 -8.42 -7.20
N VAL A 20 -0.35 -7.62 -6.86
CA VAL A 20 -1.05 -7.82 -5.56
C VAL A 20 -2.38 -8.54 -5.78
N SER A 21 -3.03 -8.94 -4.72
CA SER A 21 -4.33 -9.65 -4.84
C SER A 21 -5.09 -9.61 -3.51
N VAL A 22 -6.33 -9.19 -3.54
CA VAL A 22 -7.13 -9.12 -2.28
C VAL A 22 -8.26 -10.16 -2.33
N SER A 23 -8.47 -10.88 -1.27
CA SER A 23 -9.57 -11.91 -1.28
C SER A 23 -10.17 -12.05 0.13
N GLY A 24 -11.47 -12.01 0.23
CA GLY A 24 -12.12 -12.14 1.56
C GLY A 24 -13.07 -10.96 1.79
N ALA A 25 -12.76 -9.83 1.24
CA ALA A 25 -13.64 -8.64 1.42
C ALA A 25 -15.03 -8.94 0.86
N ALA A 26 -15.78 -7.94 0.50
CA ALA A 26 -17.15 -8.19 -0.05
C ALA A 26 -17.67 -6.98 -0.82
N ALA A 27 -18.20 -7.21 -1.99
CA ALA A 27 -18.74 -6.08 -2.81
C ALA A 27 -19.49 -5.10 -1.92
N GLY A 28 -19.30 -3.83 -2.15
CA GLY A 28 -20.00 -2.81 -1.32
C GLY A 28 -18.97 -1.95 -0.59
N GLU A 29 -17.71 -2.17 -0.81
CA GLU A 29 -16.70 -1.35 -0.11
C GLU A 29 -15.50 -1.05 -1.02
N THR A 30 -14.98 0.14 -0.93
CA THR A 30 -13.81 0.51 -1.78
C THR A 30 -12.59 0.76 -0.90
N TYR A 31 -11.53 0.04 -1.13
CA TYR A 31 -10.30 0.23 -0.29
C TYR A 31 -9.25 1.04 -1.05
N TYR A 32 -8.48 1.83 -0.35
CA TYR A 32 -7.43 2.64 -1.04
C TYR A 32 -6.05 2.06 -0.73
N ILE A 33 -5.49 1.31 -1.64
CA ILE A 33 -4.15 0.72 -1.37
C ILE A 33 -3.05 1.73 -1.71
N ALA A 34 -2.08 1.87 -0.85
CA ALA A 34 -0.98 2.83 -1.11
C ALA A 34 0.29 2.42 -0.36
N GLN A 35 1.42 2.99 -0.71
CA GLN A 35 2.68 2.62 0.00
C GLN A 35 2.96 3.65 1.09
N CYS A 36 3.20 3.19 2.29
CA CYS A 36 3.48 4.16 3.39
C CYS A 36 4.72 3.75 4.19
N ALA A 37 5.07 4.53 5.18
CA ALA A 37 6.26 4.20 6.00
C ALA A 37 6.07 4.77 7.42
N PRO A 38 6.75 4.17 8.36
CA PRO A 38 6.67 4.63 9.76
C PRO A 38 7.37 5.97 9.93
N VAL A 39 7.03 6.70 10.97
CA VAL A 39 7.70 8.02 11.19
C VAL A 39 7.58 8.43 12.66
N GLY A 40 8.28 7.75 13.53
CA GLY A 40 8.21 8.10 14.97
C GLY A 40 6.87 7.67 15.54
N GLY A 41 6.27 6.66 14.98
CA GLY A 41 4.94 6.19 15.50
C GLY A 41 3.87 6.50 14.46
N GLN A 42 3.93 7.66 13.85
CA GLN A 42 2.92 8.02 12.84
C GLN A 42 3.14 7.21 11.57
N ASP A 43 2.38 7.46 10.55
CA ASP A 43 2.56 6.69 9.28
C ASP A 43 2.40 7.61 8.07
N ALA A 44 3.48 7.92 7.39
CA ALA A 44 3.36 8.81 6.20
C ALA A 44 2.92 7.96 5.00
N CYS A 45 2.36 8.54 3.99
CA CYS A 45 1.93 7.72 2.83
C CYS A 45 2.26 8.41 1.50
N ASN A 46 2.10 7.71 0.42
CA ASN A 46 2.40 8.33 -0.92
C ASN A 46 1.10 8.51 -1.73
N PRO A 47 0.91 9.71 -2.22
CA PRO A 47 -0.30 10.01 -3.02
C PRO A 47 -0.09 9.62 -4.48
N ALA A 48 0.84 10.25 -5.15
CA ALA A 48 1.11 9.93 -6.59
C ALA A 48 0.89 8.45 -6.88
N THR A 49 1.60 7.59 -6.22
CA THR A 49 1.43 6.14 -6.45
C THR A 49 0.37 5.56 -5.49
N ALA A 50 -0.78 5.24 -6.01
CA ALA A 50 -1.86 4.68 -5.14
C ALA A 50 -3.10 4.38 -5.99
N THR A 51 -3.79 3.29 -5.73
CA THR A 51 -4.99 2.98 -6.53
C THR A 51 -6.19 2.63 -5.64
N SER A 52 -7.34 3.18 -5.93
CA SER A 52 -8.55 2.90 -5.11
C SER A 52 -9.46 1.93 -5.89
N PHE A 53 -9.79 0.81 -5.31
CA PHE A 53 -10.67 -0.14 -6.05
C PHE A 53 -11.74 -0.75 -5.12
N THR A 54 -12.85 -1.15 -5.69
CA THR A 54 -13.94 -1.75 -4.86
C THR A 54 -14.03 -3.25 -5.16
N THR A 55 -14.37 -4.05 -4.18
CA THR A 55 -14.47 -5.52 -4.45
C THR A 55 -15.75 -5.85 -5.20
N ASP A 56 -15.74 -6.89 -5.98
CA ASP A 56 -16.98 -7.26 -6.75
C ASP A 56 -17.91 -8.08 -5.87
N ALA A 57 -18.89 -8.72 -6.44
CA ALA A 57 -19.84 -9.54 -5.63
C ALA A 57 -19.10 -10.69 -4.94
N SER A 58 -18.02 -11.14 -5.50
CA SER A 58 -17.26 -12.25 -4.86
C SER A 58 -16.27 -11.71 -3.83
N GLY A 59 -16.38 -10.45 -3.50
CA GLY A 59 -15.45 -9.86 -2.49
C GLY A 59 -14.02 -10.27 -2.83
N ALA A 60 -13.62 -10.09 -4.06
CA ALA A 60 -12.22 -10.47 -4.45
C ALA A 60 -11.65 -9.46 -5.45
N ALA A 61 -10.36 -9.50 -5.67
CA ALA A 61 -9.72 -8.55 -6.62
C ALA A 61 -8.28 -8.97 -6.91
N SER A 62 -7.67 -8.37 -7.89
CA SER A 62 -6.27 -8.71 -8.24
C SER A 62 -5.73 -7.64 -9.20
N PHE A 63 -4.60 -7.07 -8.92
CA PHE A 63 -4.06 -6.05 -9.83
C PHE A 63 -2.60 -5.73 -9.49
N SER A 64 -1.84 -5.31 -10.46
CA SER A 64 -0.42 -4.97 -10.20
C SER A 64 -0.32 -3.54 -9.69
N PHE A 65 0.55 -3.29 -8.75
CA PHE A 65 0.70 -1.92 -8.20
C PHE A 65 2.16 -1.48 -8.26
N VAL A 66 2.41 -0.28 -8.70
CA VAL A 66 3.81 0.22 -8.79
C VAL A 66 4.30 0.70 -7.42
N VAL A 67 5.57 0.83 -7.26
CA VAL A 67 6.11 1.31 -5.96
C VAL A 67 7.16 2.39 -6.21
N ARG A 68 7.75 2.92 -5.18
CA ARG A 68 8.77 3.98 -5.38
C ARG A 68 9.68 4.09 -4.15
N LYS A 69 10.84 3.50 -4.22
CA LYS A 69 11.78 3.54 -3.06
C LYS A 69 11.71 4.91 -2.36
N SER A 70 11.84 5.98 -3.11
CA SER A 70 11.78 7.33 -2.48
C SER A 70 10.47 8.04 -2.84
N TYR A 71 9.92 8.80 -1.94
CA TYR A 71 8.66 9.51 -2.23
C TYR A 71 8.30 10.46 -1.08
N THR A 72 7.98 11.68 -1.39
CA THR A 72 7.62 12.65 -0.30
C THR A 72 6.48 12.09 0.55
N GLY A 73 6.72 11.91 1.82
CA GLY A 73 5.64 11.38 2.69
C GLY A 73 4.68 12.50 3.05
N SER A 74 3.44 12.16 3.30
CA SER A 74 2.44 13.21 3.65
C SER A 74 1.15 12.55 4.15
N THR A 75 0.66 12.96 5.28
CA THR A 75 -0.60 12.36 5.80
C THR A 75 -1.72 12.48 4.77
N PRO A 76 -2.71 11.65 4.91
CA PRO A 76 -3.86 11.66 3.98
C PRO A 76 -4.81 12.86 4.27
N GLU A 77 -4.32 13.91 4.89
CA GLU A 77 -5.21 15.08 5.19
C GLU A 77 -4.77 16.30 4.37
N GLY A 78 -3.77 17.00 4.82
CA GLY A 78 -3.31 18.20 4.07
C GLY A 78 -2.02 18.75 4.71
N THR A 79 -1.22 17.92 5.30
CA THR A 79 0.04 18.40 5.93
C THR A 79 1.23 17.56 5.47
N PRO A 80 2.24 18.23 4.98
CA PRO A 80 3.45 17.53 4.50
C PRO A 80 4.31 17.06 5.67
N VAL A 81 4.39 15.77 5.87
CA VAL A 81 5.22 15.25 7.01
C VAL A 81 6.70 15.38 6.68
N GLY A 82 7.02 15.48 5.42
CA GLY A 82 8.44 15.61 5.02
C GLY A 82 8.74 14.64 3.88
N SER A 83 9.98 14.48 3.53
CA SER A 83 10.32 13.53 2.42
C SER A 83 10.68 12.16 3.00
N VAL A 84 10.31 11.10 2.33
CA VAL A 84 10.63 9.74 2.84
C VAL A 84 11.61 9.03 1.89
N ASP A 85 12.46 8.20 2.43
CA ASP A 85 13.44 7.48 1.56
C ASP A 85 13.63 6.05 2.06
N CYS A 86 13.26 5.08 1.27
CA CYS A 86 13.41 3.66 1.71
C CYS A 86 14.87 3.20 1.53
N ALA A 87 15.75 4.09 1.15
CA ALA A 87 17.17 3.68 0.97
C ALA A 87 17.68 3.09 2.28
N THR A 88 17.39 3.75 3.36
CA THR A 88 17.83 3.26 4.69
C THR A 88 16.61 3.12 5.60
N ALA A 89 15.45 3.48 5.10
CA ALA A 89 14.22 3.38 5.92
C ALA A 89 13.45 2.10 5.54
N ALA A 90 12.41 1.79 6.27
CA ALA A 90 11.63 0.56 5.95
C ALA A 90 10.22 0.95 5.49
N CYS A 91 9.81 0.45 4.36
CA CYS A 91 8.44 0.80 3.85
C CYS A 91 7.55 -0.45 3.84
N ASN A 92 6.26 -0.26 3.78
CA ASN A 92 5.34 -1.44 3.76
C ASN A 92 4.03 -1.07 3.05
N LEU A 93 3.48 -1.97 2.30
CA LEU A 93 2.20 -1.68 1.57
C LEU A 93 1.00 -1.90 2.50
N GLY A 94 -0.06 -1.18 2.29
CA GLY A 94 -1.26 -1.36 3.17
C GLY A 94 -2.53 -0.98 2.41
N ALA A 95 -3.59 -1.73 2.59
CA ALA A 95 -4.87 -1.41 1.87
C ALA A 95 -6.06 -1.56 2.83
N GLY A 96 -7.21 -1.09 2.42
CA GLY A 96 -8.40 -1.21 3.31
C GLY A 96 -9.07 0.17 3.46
N ASN A 97 -10.35 0.19 3.76
CA ASN A 97 -11.05 1.50 3.92
C ASN A 97 -11.03 1.92 5.39
N SER A 98 -11.87 2.85 5.76
CA SER A 98 -11.91 3.31 7.18
C SER A 98 -12.70 2.33 8.06
N GLY A 99 -12.98 1.15 7.57
CA GLY A 99 -13.74 0.16 8.38
C GLY A 99 -13.15 -1.23 8.18
N LEU A 100 -13.42 -1.85 7.05
CA LEU A 100 -12.87 -3.21 6.80
C LEU A 100 -11.37 -3.11 6.48
N ASP A 101 -10.54 -3.72 7.28
CA ASP A 101 -9.07 -3.66 7.02
C ASP A 101 -8.60 -4.93 6.30
N LEU A 102 -7.88 -4.79 5.22
CA LEU A 102 -7.39 -5.99 4.48
C LEU A 102 -6.11 -6.51 5.12
N GLY A 103 -4.98 -6.02 4.67
CA GLY A 103 -3.69 -6.49 5.25
C GLY A 103 -2.58 -5.48 4.93
N HIS A 104 -1.38 -5.76 5.35
CA HIS A 104 -0.26 -4.82 5.09
C HIS A 104 1.01 -5.62 4.71
N VAL A 105 1.43 -5.54 3.49
CA VAL A 105 2.65 -6.28 3.07
C VAL A 105 3.90 -5.45 3.36
N ALA A 106 5.06 -6.03 3.22
CA ALA A 106 6.31 -5.27 3.48
C ALA A 106 7.22 -5.29 2.25
N LEU A 107 7.91 -4.21 1.98
CA LEU A 107 8.81 -4.18 0.79
C LEU A 107 10.26 -4.02 1.26
N THR A 108 11.20 -4.30 0.40
CA THR A 108 12.63 -4.16 0.80
C THR A 108 13.45 -3.61 -0.36
N PHE A 109 13.77 -2.35 -0.32
CA PHE A 109 14.57 -1.75 -1.43
C PHE A 109 16.06 -2.00 -1.19
N GLY A 110 16.70 -2.67 -2.10
CA GLY A 110 18.15 -2.94 -1.94
C GLY A 110 18.37 -3.90 -0.77
C1' ROM B . -10.34 6.24 4.55
C2' ROM B . -11.43 5.84 3.57
C3' ROM B . -11.49 6.88 2.47
C4' ROM B . -11.79 8.25 3.10
C5' ROM B . -10.72 8.56 4.18
O5' ROM B . -10.61 7.50 5.12
O2' ROM B . -11.14 4.57 3.02
O3' ROM B . -10.24 6.92 1.80
N4' ROM B . -11.89 9.36 2.10
C6D ROM B . -11.15 9.84 4.89
O9 ROM B . -10.24 5.28 5.59
C6B ROM B . -9.38 8.82 3.49
C4D ROM B . -11.33 8.99 0.79
C4B ROM B . -13.26 9.81 1.97
C'8 ROM B . -3.12 9.05 1.16
C'7 ROM B . -3.47 10.26 0.58
C'6 ROM B . -4.38 10.28 -0.47
C'5 ROM B . -4.94 9.11 -0.93
C15 ROM B . -4.58 7.90 -0.35
C'9 ROM B . -3.68 7.87 0.70
O'7 ROM B . -2.90 11.44 1.03
C1A ROM B . -3.29 6.60 1.30
O'4 ROM B . -5.84 9.13 -1.99
C'3 ROM B . -6.28 7.97 -2.51
C'2 ROM B . -5.78 6.70 -1.96
N'1 ROM B . -5.13 6.72 -0.81
C1B ROM B . -7.15 7.99 -3.53
O'2 ROM B . -5.96 5.66 -2.56
O13 ROM B . -4.21 6.20 2.16
C7X ROM B . -1.68 11.65 0.35
O11 ROM B . -2.27 5.99 1.07
C3 ROM B . -5.96 5.62 4.20
C2 ROM B . -6.96 5.25 5.05
C7 ROM B . -7.17 4.00 5.43
C6 ROM B . -6.38 2.99 4.98
C5 ROM B . -5.33 3.30 4.10
C4 ROM B . -5.11 4.63 3.71
C1 ROM B . -7.91 6.11 5.68
C12 ROM B . -7.67 7.23 6.30
C9 ROM B . -9.01 5.29 6.33
C8 ROM B . -8.38 3.87 6.40
C13 ROM B . -3.95 4.96 2.81
C10 ROM B . -9.10 6.10 7.56
C11 ROM B . -8.36 7.24 7.47
C14 ROM B . -2.64 5.06 3.60
O15 ROM B . -2.47 3.88 4.38
C16 ROM B . -2.24 4.08 5.67
C17 ROM B . -1.82 2.81 6.42
C18 ROM B . -2.36 2.86 7.85
C20 ROM B . -4.67 1.95 7.75
C21 ROM B . -6.04 2.13 7.74
C22 ROM B . -6.61 3.37 7.85
C23 ROM B . -5.79 4.47 7.99
C24 ROM B . -4.42 4.31 8.01
C19 ROM B . -3.85 3.05 7.88
O25 ROM B . -7.99 3.52 7.76
N18 ROM B . -1.96 1.56 8.45
O23 ROM B . -6.36 5.73 8.12
CL21 ROM B . -7.06 0.75 7.57
O16 ROM B . -2.32 5.15 6.23
H1' ROM B . -9.40 6.26 4.02
H2' ROM B . -12.38 5.80 4.09
H3' ROM B . -12.27 6.62 1.77
H4' ROM B . -12.75 8.19 3.58
H2'2 ROM B . -10.32 4.64 2.52
H3'2 ROM B . -10.39 6.80 0.86
H6B1 ROM B . -11.58 9.60 5.85
H6B3 ROM B . -10.27 10.47 5.06
H6B2 ROM B . -11.86 10.38 4.30
H6A1 ROM B . -8.78 9.47 4.10
H6A3 ROM B . -8.86 7.88 3.34
H6A2 ROM B . -9.55 9.29 2.53
H4B1 ROM B . -10.27 8.82 0.89
H4B3 ROM B . -11.82 8.09 0.45
H4B2 ROM B . -11.52 9.80 0.10
H4A1 ROM B . -13.88 8.97 1.68
H4A3 ROM B . -13.59 10.21 2.92
H4A2 ROM B . -13.31 10.58 1.21
H'8 ROM B . -2.42 9.02 1.98
H'6 ROM B . -4.64 11.22 -0.93
H'1 ROM B . -5.04 5.90 -0.28
H3A1 ROM B . -8.20 8.11 -3.34
H3A2 ROM B . -6.82 7.89 -4.55
H7A1 ROM B . -1.30 10.71 -0.02
H7A3 ROM B . -1.85 12.32 -0.48
H7A2 ROM B . -0.96 12.08 1.03
H3 ROM B . -5.83 6.65 3.91
H6 ROM B . -6.56 1.97 5.28
H5 ROM B . -4.69 2.51 3.73
H12 ROM B . -7.05 8.03 5.95
H8 ROM B . -9.08 3.15 6.02
H13 ROM B . -3.86 4.21 2.05
H10 ROM B . -9.69 5.80 8.41
H11 ROM B . -8.32 8.02 8.19
H142 ROM B . -1.81 5.14 2.92
H141 ROM B . -2.66 5.92 4.25
H172 ROM B . -2.24 1.94 5.92
H171 ROM B . -0.75 2.73 6.44
H18 ROM B . -1.89 3.67 8.38
H20 ROM B . -4.26 0.97 7.66
H24 ROM B . -3.78 5.18 8.11
H183 ROM B . -2.41 0.79 7.93
H182 ROM B . -0.92 1.46 8.39
H184 ROM B . -2.25 1.53 9.45
H232 ROM B . -5.77 6.28 8.64
N ALA A 1 -10.81 -12.69 9.75
CA ALA A 1 -10.69 -11.50 8.87
C ALA A 1 -10.27 -11.91 7.45
N PRO A 2 -10.39 -10.99 6.54
CA PRO A 2 -10.03 -11.26 5.13
C PRO A 2 -8.50 -11.35 4.99
N ALA A 3 -7.96 -11.05 3.85
CA ALA A 3 -6.47 -11.14 3.69
C ALA A 3 -5.97 -10.18 2.59
N PHE A 4 -4.70 -10.18 2.36
CA PHE A 4 -4.10 -9.28 1.32
C PHE A 4 -2.67 -9.74 1.04
N SER A 5 -2.32 -9.99 -0.19
CA SER A 5 -0.92 -10.44 -0.47
C SER A 5 -0.42 -9.91 -1.82
N VAL A 6 0.86 -9.78 -1.94
CA VAL A 6 1.48 -9.27 -3.20
C VAL A 6 2.44 -10.34 -3.75
N SER A 7 2.59 -10.45 -5.04
CA SER A 7 3.52 -11.49 -5.56
C SER A 7 4.89 -11.36 -4.84
N PRO A 8 5.71 -10.39 -5.24
CA PRO A 8 7.03 -10.21 -4.58
C PRO A 8 6.86 -9.46 -3.25
N ALA A 9 7.94 -9.15 -2.59
CA ALA A 9 7.86 -8.41 -1.28
C ALA A 9 9.27 -8.21 -0.72
N SER A 10 10.24 -8.03 -1.58
CA SER A 10 11.63 -7.82 -1.11
C SER A 10 12.54 -7.50 -2.32
N GLY A 11 13.70 -6.96 -2.09
CA GLY A 11 14.61 -6.63 -3.22
C GLY A 11 13.78 -5.96 -4.32
N LEU A 12 12.90 -5.07 -3.95
CA LEU A 12 12.04 -4.38 -4.96
C LEU A 12 12.82 -3.23 -5.63
N SER A 13 12.13 -2.42 -6.39
CA SER A 13 12.81 -1.27 -7.07
C SER A 13 11.79 -0.18 -7.41
N ASP A 14 12.18 1.06 -7.31
CA ASP A 14 11.23 2.17 -7.63
C ASP A 14 10.76 2.06 -9.07
N GLY A 15 9.48 2.23 -9.30
CA GLY A 15 8.95 2.14 -10.68
C GLY A 15 8.52 0.71 -10.96
N GLN A 16 9.13 -0.24 -10.33
CA GLN A 16 8.74 -1.66 -10.55
C GLN A 16 7.29 -1.89 -10.17
N SER A 17 6.54 -2.57 -10.99
CA SER A 17 5.12 -2.83 -10.67
C SER A 17 4.92 -4.29 -10.26
N VAL A 18 4.39 -4.53 -9.10
CA VAL A 18 4.18 -5.93 -8.65
C VAL A 18 2.72 -6.33 -8.83
N SER A 19 2.41 -7.59 -8.78
CA SER A 19 1.00 -8.03 -8.96
C SER A 19 0.33 -8.20 -7.59
N VAL A 20 -0.45 -7.24 -7.18
CA VAL A 20 -1.13 -7.35 -5.86
C VAL A 20 -2.44 -8.13 -6.01
N SER A 21 -3.03 -8.52 -4.92
CA SER A 21 -4.31 -9.27 -5.00
C SER A 21 -4.95 -9.39 -3.61
N VAL A 22 -6.09 -8.78 -3.41
CA VAL A 22 -6.74 -8.86 -2.08
C VAL A 22 -7.86 -9.90 -2.11
N SER A 23 -8.18 -10.48 -0.99
CA SER A 23 -9.27 -11.51 -0.96
C SER A 23 -9.99 -11.47 0.39
N GLY A 24 -10.93 -12.35 0.60
CA GLY A 24 -11.67 -12.38 1.89
C GLY A 24 -12.80 -11.35 1.87
N ALA A 25 -12.57 -10.19 1.30
CA ALA A 25 -13.65 -9.16 1.25
C ALA A 25 -14.89 -9.72 0.57
N ALA A 26 -15.76 -8.87 0.09
CA ALA A 26 -17.00 -9.39 -0.59
C ALA A 26 -17.41 -8.48 -1.75
N ALA A 27 -17.92 -9.06 -2.80
CA ALA A 27 -18.34 -8.24 -3.98
C ALA A 27 -19.25 -7.10 -3.53
N GLY A 28 -18.98 -5.91 -3.98
CA GLY A 28 -19.82 -4.75 -3.58
C GLY A 28 -19.05 -3.88 -2.58
N GLU A 29 -17.75 -3.97 -2.57
CA GLU A 29 -16.97 -3.14 -1.61
C GLU A 29 -15.78 -2.48 -2.31
N THR A 30 -15.48 -1.26 -1.95
CA THR A 30 -14.35 -0.53 -2.57
C THR A 30 -13.32 -0.19 -1.51
N TYR A 31 -12.09 -0.60 -1.69
CA TYR A 31 -11.04 -0.29 -0.66
C TYR A 31 -9.96 0.61 -1.25
N TYR A 32 -9.06 1.08 -0.43
CA TYR A 32 -7.98 1.96 -0.91
C TYR A 32 -6.62 1.32 -0.58
N ILE A 33 -5.72 1.28 -1.52
CA ILE A 33 -4.39 0.66 -1.24
C ILE A 33 -3.27 1.69 -1.40
N ALA A 34 -2.28 1.64 -0.54
CA ALA A 34 -1.14 2.62 -0.64
C ALA A 34 -0.04 2.23 0.36
N GLN A 35 1.20 2.45 0.00
CA GLN A 35 2.31 2.09 0.94
C GLN A 35 2.77 3.31 1.73
N CYS A 36 3.17 3.12 2.96
CA CYS A 36 3.63 4.28 3.79
C CYS A 36 4.87 3.88 4.58
N ALA A 37 5.42 4.81 5.34
CA ALA A 37 6.63 4.50 6.15
C ALA A 37 6.73 5.48 7.32
N PRO A 38 7.47 5.08 8.32
CA PRO A 38 7.65 5.94 9.52
C PRO A 38 8.48 7.18 9.18
N VAL A 39 8.52 8.15 10.06
CA VAL A 39 9.33 9.37 9.77
C VAL A 39 9.76 10.05 11.07
N GLY A 40 10.54 9.37 11.86
CA GLY A 40 11.00 9.96 13.15
C GLY A 40 9.82 10.14 14.11
N GLY A 41 8.87 9.25 14.09
CA GLY A 41 7.71 9.38 15.01
C GLY A 41 6.42 9.54 14.21
N GLN A 42 6.44 10.38 13.20
CA GLN A 42 5.19 10.57 12.39
C GLN A 42 5.13 9.52 11.29
N ASP A 43 3.97 9.30 10.74
CA ASP A 43 3.83 8.28 9.65
C ASP A 43 3.47 8.98 8.33
N ALA A 44 4.35 8.94 7.38
CA ALA A 44 4.04 9.60 6.07
C ALA A 44 3.80 8.56 4.98
N CYS A 45 2.64 8.58 4.38
CA CYS A 45 2.33 7.60 3.31
C CYS A 45 2.51 8.25 1.94
N ASN A 46 2.34 7.51 0.88
CA ASN A 46 2.50 8.10 -0.48
C ASN A 46 1.17 8.64 -1.02
N PRO A 47 1.16 9.91 -1.35
CA PRO A 47 -0.06 10.54 -1.87
C PRO A 47 -0.11 10.38 -3.40
N ALA A 48 1.02 10.13 -4.01
CA ALA A 48 1.05 9.96 -5.50
C ALA A 48 0.46 8.60 -5.90
N THR A 49 0.99 7.54 -5.40
CA THR A 49 0.46 6.19 -5.77
C THR A 49 -0.69 5.80 -4.83
N ALA A 50 -1.83 6.41 -5.00
CA ALA A 50 -2.99 6.07 -4.13
C ALA A 50 -4.24 5.84 -5.00
N THR A 51 -4.60 4.61 -5.21
CA THR A 51 -5.80 4.33 -6.05
C THR A 51 -6.76 3.39 -5.30
N SER A 52 -7.99 3.34 -5.71
CA SER A 52 -8.97 2.45 -5.02
C SER A 52 -9.35 1.28 -5.93
N PHE A 53 -9.70 0.15 -5.35
CA PHE A 53 -10.08 -1.03 -6.18
C PHE A 53 -11.24 -1.79 -5.52
N THR A 54 -12.19 -2.24 -6.30
CA THR A 54 -13.34 -2.99 -5.72
C THR A 54 -13.13 -4.49 -5.87
N THR A 55 -13.80 -5.28 -5.08
CA THR A 55 -13.63 -6.76 -5.19
C THR A 55 -14.50 -7.32 -6.31
N ASP A 56 -14.41 -8.59 -6.55
CA ASP A 56 -15.23 -9.21 -7.63
C ASP A 56 -16.44 -9.93 -7.04
N ALA A 57 -17.06 -10.78 -7.80
CA ALA A 57 -18.24 -11.53 -7.26
C ALA A 57 -17.79 -12.47 -6.15
N SER A 58 -16.59 -12.95 -6.22
CA SER A 58 -16.09 -13.87 -5.17
C SER A 58 -15.35 -13.07 -4.10
N GLY A 59 -15.53 -11.77 -4.08
CA GLY A 59 -14.83 -10.93 -3.06
C GLY A 59 -13.32 -11.07 -3.22
N ALA A 60 -12.85 -11.11 -4.43
CA ALA A 60 -11.39 -11.24 -4.65
C ALA A 60 -10.94 -10.36 -5.83
N ALA A 61 -9.99 -9.49 -5.61
CA ALA A 61 -9.53 -8.61 -6.72
C ALA A 61 -8.02 -8.73 -6.91
N SER A 62 -7.55 -8.43 -8.08
CA SER A 62 -6.09 -8.50 -8.36
C SER A 62 -5.73 -7.48 -9.42
N PHE A 63 -4.58 -6.88 -9.34
CA PHE A 63 -4.21 -5.87 -10.36
C PHE A 63 -2.72 -5.52 -10.27
N SER A 64 -2.23 -4.72 -11.18
CA SER A 64 -0.80 -4.34 -11.15
C SER A 64 -0.63 -3.00 -10.41
N PHE A 65 0.15 -3.00 -9.36
CA PHE A 65 0.36 -1.75 -8.59
C PHE A 65 1.85 -1.39 -8.63
N VAL A 66 2.16 -0.13 -8.73
CA VAL A 66 3.60 0.27 -8.77
C VAL A 66 4.10 0.62 -7.37
N VAL A 67 5.38 0.64 -7.20
CA VAL A 67 5.96 0.97 -5.88
C VAL A 67 6.98 2.10 -6.04
N ARG A 68 7.39 2.71 -4.98
CA ARG A 68 8.38 3.82 -5.09
C ARG A 68 9.35 3.79 -3.89
N LYS A 69 10.45 3.11 -4.04
CA LYS A 69 11.44 3.02 -2.93
C LYS A 69 11.73 4.42 -2.34
N SER A 70 11.56 5.46 -3.10
CA SER A 70 11.83 6.82 -2.55
C SER A 70 10.68 7.78 -2.90
N TYR A 71 10.27 8.60 -1.97
CA TYR A 71 9.16 9.54 -2.25
C TYR A 71 8.98 10.49 -1.06
N THR A 72 8.35 11.61 -1.28
CA THR A 72 8.15 12.55 -0.15
C THR A 72 7.23 11.91 0.90
N GLY A 73 6.66 12.71 1.76
CA GLY A 73 5.76 12.14 2.80
C GLY A 73 4.57 13.07 3.02
N SER A 74 3.45 12.54 3.39
CA SER A 74 2.24 13.40 3.63
C SER A 74 1.06 12.53 4.06
N THR A 75 0.69 12.59 5.31
CA THR A 75 -0.47 11.77 5.78
C THR A 75 -1.61 11.82 4.75
N PRO A 76 -2.39 10.77 4.71
CA PRO A 76 -3.54 10.68 3.76
C PRO A 76 -4.58 11.78 4.06
N GLU A 77 -4.99 11.89 5.29
CA GLU A 77 -6.01 12.94 5.63
C GLU A 77 -5.46 13.87 6.72
N GLY A 78 -4.69 14.85 6.34
CA GLY A 78 -4.12 15.78 7.37
C GLY A 78 -3.35 16.91 6.68
N THR A 79 -2.05 16.83 6.66
CA THR A 79 -1.23 17.90 6.00
C THR A 79 0.09 17.30 5.48
N PRO A 80 0.89 18.14 4.86
CA PRO A 80 2.19 17.66 4.33
C PRO A 80 3.15 17.36 5.47
N VAL A 81 4.04 16.43 5.29
CA VAL A 81 5.00 16.11 6.39
C VAL A 81 6.45 16.37 5.95
N GLY A 82 7.18 15.35 5.54
CA GLY A 82 8.58 15.58 5.09
C GLY A 82 8.94 14.60 3.97
N SER A 83 10.21 14.40 3.71
CA SER A 83 10.62 13.46 2.63
C SER A 83 10.76 12.03 3.19
N VAL A 84 10.82 11.04 2.33
CA VAL A 84 10.95 9.64 2.83
C VAL A 84 11.83 8.82 1.87
N ASP A 85 12.39 7.75 2.36
CA ASP A 85 13.25 6.89 1.49
C ASP A 85 13.23 5.44 2.00
N CYS A 86 12.35 4.63 1.49
CA CYS A 86 12.27 3.21 1.93
C CYS A 86 13.32 2.34 1.22
N ALA A 87 14.36 2.94 0.70
CA ALA A 87 15.40 2.12 0.00
C ALA A 87 15.91 1.04 0.95
N THR A 88 16.29 1.43 2.13
CA THR A 88 16.79 0.46 3.14
C THR A 88 16.04 0.66 4.46
N ALA A 89 15.01 1.48 4.44
CA ALA A 89 14.23 1.75 5.68
C ALA A 89 13.15 0.68 5.87
N ALA A 90 12.28 0.89 6.81
CA ALA A 90 11.20 -0.10 7.07
C ALA A 90 9.89 0.38 6.42
N CYS A 91 9.62 -0.04 5.22
CA CYS A 91 8.36 0.39 4.53
C CYS A 91 7.35 -0.77 4.52
N ASN A 92 6.08 -0.47 4.59
CA ASN A 92 5.06 -1.55 4.57
C ASN A 92 3.79 -1.07 3.86
N LEU A 93 3.25 -1.89 2.98
CA LEU A 93 2.02 -1.49 2.25
C LEU A 93 0.78 -1.92 3.03
N GLY A 94 -0.28 -1.16 2.97
CA GLY A 94 -1.51 -1.53 3.71
C GLY A 94 -2.75 -1.10 2.93
N ALA A 95 -3.86 -1.77 3.15
CA ALA A 95 -5.11 -1.40 2.42
C ALA A 95 -6.29 -1.35 3.41
N GLY A 96 -7.48 -1.06 2.93
CA GLY A 96 -8.65 -1.00 3.84
C GLY A 96 -9.37 0.35 3.68
N ASN A 97 -10.64 0.39 4.00
CA ASN A 97 -11.41 1.66 3.87
C ASN A 97 -11.70 2.26 5.25
N SER A 98 -12.65 3.15 5.32
CA SER A 98 -12.99 3.79 6.65
C SER A 98 -13.67 2.77 7.57
N GLY A 99 -14.15 1.69 7.04
CA GLY A 99 -14.83 0.68 7.90
C GLY A 99 -14.02 -0.62 7.93
N LEU A 100 -14.23 -1.48 6.97
CA LEU A 100 -13.47 -2.76 6.93
C LEU A 100 -11.99 -2.50 6.69
N ASP A 101 -11.11 -3.23 7.35
CA ASP A 101 -9.65 -3.01 7.14
C ASP A 101 -9.00 -4.32 6.68
N LEU A 102 -8.42 -4.32 5.51
CA LEU A 102 -7.75 -5.55 5.00
C LEU A 102 -6.46 -5.82 5.77
N GLY A 103 -5.42 -6.23 5.10
CA GLY A 103 -4.14 -6.50 5.79
C GLY A 103 -3.05 -5.58 5.24
N HIS A 104 -1.84 -5.72 5.72
CA HIS A 104 -0.73 -4.86 5.23
C HIS A 104 0.50 -5.72 4.90
N VAL A 105 0.99 -5.62 3.70
CA VAL A 105 2.18 -6.43 3.31
C VAL A 105 3.46 -5.65 3.64
N ALA A 106 4.59 -6.29 3.56
CA ALA A 106 5.87 -5.58 3.87
C ALA A 106 6.76 -5.57 2.63
N LEU A 107 7.44 -4.48 2.38
CA LEU A 107 8.33 -4.42 1.18
C LEU A 107 9.78 -4.23 1.63
N THR A 108 10.72 -4.41 0.74
CA THR A 108 12.15 -4.25 1.11
C THR A 108 12.99 -4.01 -0.14
N PHE A 109 13.52 -2.82 -0.30
CA PHE A 109 14.35 -2.53 -1.50
C PHE A 109 15.83 -2.87 -1.23
N GLY A 110 16.18 -4.12 -1.27
CA GLY A 110 17.59 -4.51 -1.01
C GLY A 110 17.71 -5.12 0.39
C1' ROM B . -11.05 7.38 4.46
C2' ROM B . -11.77 6.57 3.38
C3' ROM B . -11.83 7.39 2.08
C4' ROM B . -12.43 8.79 2.38
C5' ROM B . -11.66 9.46 3.58
O5' ROM B . -11.71 8.60 4.68
O2' ROM B . -11.05 5.37 3.14
O3' ROM B . -10.54 7.50 1.51
N4' ROM B . -12.53 9.65 1.16
C6D ROM B . -12.35 10.78 3.92
O9 ROM B . -11.01 6.66 5.69
C6B ROM B . -10.19 9.75 3.24
C4D ROM B . -13.51 10.72 1.36
C4B ROM B . -11.26 10.21 0.73
C'8 ROM B . -2.84 8.91 0.78
C'7 ROM B . -2.60 10.22 0.37
C'6 ROM B . -3.59 10.94 -0.27
C'5 ROM B . -4.82 10.37 -0.52
C15 ROM B . -5.06 9.06 -0.12
C'9 ROM B . -4.07 8.33 0.53
O'7 ROM B . -1.35 10.78 0.56
C1A ROM B . -4.28 6.92 0.85
O'4 ROM B . -5.81 11.09 -1.16
C'3 ROM B . -7.01 10.52 -1.38
C'2 ROM B . -7.27 9.16 -0.90
N'1 ROM B . -6.28 8.47 -0.36
C1B ROM B . -7.96 11.22 -2.04
O'2 ROM B . -8.39 8.69 -1.00
O13 ROM B . -4.86 6.79 2.04
C7X ROM B . -1.44 11.71 1.59
O11 ROM B . -4.00 5.97 0.14
C3 ROM B . -6.77 6.41 3.99
C2 ROM B . -7.78 6.19 4.88
C7 ROM B . -8.14 4.97 5.29
C6 ROM B . -7.52 3.86 4.80
C5 ROM B . -6.48 4.02 3.88
C4 ROM B . -6.09 5.30 3.46
C1 ROM B . -8.56 7.16 5.56
C12 ROM B . -8.15 8.25 6.15
C9 ROM B . -9.71 6.49 6.30
C8 ROM B . -9.28 5.00 6.35
C13 ROM B . -4.94 5.46 2.51
C10 ROM B . -9.60 7.32 7.53
C11 ROM B . -8.74 8.35 7.35
C14 ROM B . -3.62 5.07 3.19
O15 ROM B . -3.75 3.78 3.78
C16 ROM B . -3.30 3.67 5.03
C17 ROM B . -3.32 2.22 5.55
C18 ROM B . -3.71 2.22 7.04
C20 ROM B . -6.19 2.07 7.40
C21 ROM B . -7.42 2.67 7.57
C22 ROM B . -7.56 4.03 7.60
C23 ROM B . -6.44 4.83 7.49
C24 ROM B . -5.18 4.24 7.33
C19 ROM B . -5.06 2.85 7.28
O25 ROM B . -8.83 4.61 7.68
N18 ROM B . -3.70 0.78 7.43
O23 ROM B . -6.55 6.20 7.55
CL21 ROM B . -8.82 1.68 7.73
O16 ROM B . -2.92 4.59 5.70
H1' ROM B . -10.06 7.59 4.12
H2' ROM B . -12.77 6.33 3.71
H3' ROM B . -12.48 6.89 1.37
H4' ROM B . -13.44 8.64 2.71
H2'2 ROM B . -10.68 5.07 3.97
H3'2 ROM B . -10.26 6.63 1.23
H6B1 ROM B . -13.41 10.67 3.83
H6B3 ROM B . -12.09 11.06 4.94
H6B2 ROM B . -12.01 11.55 3.25
H6A1 ROM B . -9.84 9.07 2.50
H6A3 ROM B . -10.10 10.76 2.87
H6A2 ROM B . -9.59 9.64 4.13
H4B1 ROM B . -14.07 10.85 0.45
H4B3 ROM B . -14.17 10.44 2.18
H4B2 ROM B . -12.98 11.63 1.62
H4A1 ROM B . -11.34 10.48 -0.32
H4A3 ROM B . -11.03 11.07 1.33
H4A2 ROM B . -10.50 9.46 0.86
H'8 ROM B . -2.09 8.37 1.32
H'6 ROM B . -3.40 11.96 -0.59
H'1 ROM B . -6.42 7.53 -0.13
H3A1 ROM B . -8.33 12.15 -1.64
H3A2 ROM B . -8.37 10.85 -2.96
H7A1 ROM B . -0.63 12.42 1.51
H7A3 ROM B . -2.38 12.24 1.53
H7A2 ROM B . -1.36 11.20 2.54
H3 ROM B . -6.51 7.42 3.67
H6 ROM B . -7.81 2.88 5.12
H5 ROM B . -5.98 3.16 3.48
H12 ROM B . -7.46 8.95 5.73
H8 ROM B . -10.09 4.38 6.02
H13 ROM B . -5.10 4.80 1.66
H10 ROM B . -10.14 7.09 8.44
H11 ROM B . -8.56 9.14 8.05
H142 ROM B . -2.83 5.04 2.46
H141 ROM B . -3.39 5.78 3.97
H172 ROM B . -4.03 1.64 5.00
H171 ROM B . -2.33 1.79 5.44
H18 ROM B . -2.96 2.74 7.62
H20 ROM B . -6.10 0.99 7.38
H24 ROM B . -4.31 4.87 7.24
H183 ROM B . -2.74 0.40 7.30
H182 ROM B . -3.99 0.68 8.42
H184 ROM B . -4.36 0.26 6.81
H232 ROM B . -6.51 6.49 8.47
N ALA A 1 -10.56 -12.23 10.56
CA ALA A 1 -10.22 -10.97 9.85
C ALA A 1 -9.69 -11.26 8.44
N PRO A 2 -9.86 -10.31 7.57
CA PRO A 2 -9.40 -10.46 6.17
C PRO A 2 -7.87 -10.40 6.12
N ALA A 3 -7.31 -10.26 4.94
CA ALA A 3 -5.83 -10.19 4.82
C ALA A 3 -5.41 -9.52 3.51
N PHE A 4 -4.13 -9.39 3.29
CA PHE A 4 -3.65 -8.75 2.03
C PHE A 4 -2.28 -9.34 1.66
N SER A 5 -2.07 -9.72 0.42
CA SER A 5 -0.74 -10.30 0.05
C SER A 5 -0.29 -9.81 -1.33
N VAL A 6 1.00 -9.88 -1.58
CA VAL A 6 1.54 -9.44 -2.90
C VAL A 6 2.49 -10.51 -3.44
N SER A 7 2.72 -10.56 -4.73
CA SER A 7 3.64 -11.60 -5.27
C SER A 7 5.08 -11.31 -4.79
N PRO A 8 5.63 -10.18 -5.18
CA PRO A 8 6.99 -9.82 -4.77
C PRO A 8 6.95 -9.08 -3.42
N ALA A 9 8.07 -8.75 -2.86
CA ALA A 9 8.06 -8.02 -1.57
C ALA A 9 9.50 -7.73 -1.11
N SER A 10 10.39 -7.55 -2.03
CA SER A 10 11.81 -7.26 -1.67
C SER A 10 12.65 -7.08 -2.93
N GLY A 11 13.74 -6.37 -2.84
CA GLY A 11 14.60 -6.17 -4.04
C GLY A 11 13.74 -5.68 -5.20
N LEU A 12 12.96 -4.65 -4.96
CA LEU A 12 12.09 -4.11 -6.04
C LEU A 12 12.81 -3.03 -6.82
N SER A 13 12.07 -2.07 -7.33
CA SER A 13 12.71 -0.97 -8.09
C SER A 13 11.69 0.13 -8.38
N ASP A 14 12.14 1.35 -8.49
CA ASP A 14 11.18 2.47 -8.78
C ASP A 14 10.49 2.23 -10.12
N GLY A 15 9.19 2.37 -10.15
CA GLY A 15 8.45 2.16 -11.43
C GLY A 15 8.05 0.69 -11.54
N GLN A 16 8.78 -0.18 -10.91
CA GLN A 16 8.46 -1.63 -10.97
C GLN A 16 7.01 -1.87 -10.50
N SER A 17 6.29 -2.71 -11.20
CA SER A 17 4.89 -2.98 -10.79
C SER A 17 4.78 -4.40 -10.20
N VAL A 18 4.00 -4.56 -9.19
CA VAL A 18 3.84 -5.92 -8.57
C VAL A 18 2.39 -6.39 -8.70
N SER A 19 2.16 -7.67 -8.59
CA SER A 19 0.77 -8.19 -8.70
C SER A 19 0.16 -8.36 -7.31
N VAL A 20 -0.64 -7.43 -6.88
CA VAL A 20 -1.25 -7.53 -5.53
C VAL A 20 -2.54 -8.35 -5.58
N SER A 21 -3.04 -8.71 -4.44
CA SER A 21 -4.30 -9.51 -4.39
C SER A 21 -4.85 -9.52 -2.96
N VAL A 22 -5.96 -8.88 -2.75
CA VAL A 22 -6.55 -8.85 -1.39
C VAL A 22 -7.64 -9.93 -1.26
N SER A 23 -7.98 -10.30 -0.06
CA SER A 23 -9.02 -11.34 0.13
C SER A 23 -9.62 -11.26 1.54
N GLY A 24 -10.86 -11.61 1.70
CA GLY A 24 -11.50 -11.55 3.04
C GLY A 24 -12.59 -10.48 3.06
N ALA A 25 -12.37 -9.37 2.40
CA ALA A 25 -13.40 -8.30 2.38
C ALA A 25 -14.70 -8.83 1.74
N ALA A 26 -15.42 -8.01 1.01
CA ALA A 26 -16.69 -8.51 0.40
C ALA A 26 -17.08 -7.66 -0.82
N ALA A 27 -17.52 -8.31 -1.86
CA ALA A 27 -17.93 -7.59 -3.08
C ALA A 27 -18.88 -6.45 -2.73
N GLY A 28 -18.78 -5.36 -3.43
CA GLY A 28 -19.68 -4.20 -3.15
C GLY A 28 -18.93 -3.17 -2.32
N GLU A 29 -17.63 -3.28 -2.23
CA GLU A 29 -16.85 -2.29 -1.45
C GLU A 29 -15.56 -1.92 -2.18
N THR A 30 -15.14 -0.69 -2.07
CA THR A 30 -13.89 -0.27 -2.76
C THR A 30 -12.70 -0.33 -1.79
N TYR A 31 -11.51 -0.11 -2.28
CA TYR A 31 -10.31 -0.15 -1.38
C TYR A 31 -9.16 0.65 -2.00
N TYR A 32 -8.68 1.63 -1.30
CA TYR A 32 -7.56 2.46 -1.84
C TYR A 32 -6.21 1.92 -1.34
N ILE A 33 -5.39 1.42 -2.23
CA ILE A 33 -4.07 0.89 -1.79
C ILE A 33 -2.99 1.97 -1.93
N ALA A 34 -2.09 2.04 -1.00
CA ALA A 34 -1.02 3.08 -1.09
C ALA A 34 0.22 2.64 -0.31
N GLN A 35 1.38 3.00 -0.77
CA GLN A 35 2.64 2.60 -0.05
C GLN A 35 2.97 3.64 1.02
N CYS A 36 3.10 3.22 2.25
CA CYS A 36 3.43 4.19 3.34
C CYS A 36 4.76 3.82 4.01
N ALA A 37 5.16 4.57 5.00
CA ALA A 37 6.44 4.28 5.70
C ALA A 37 6.38 4.83 7.13
N PRO A 38 6.88 4.05 8.05
CA PRO A 38 6.89 4.45 9.48
C PRO A 38 7.96 5.52 9.73
N VAL A 39 7.88 6.19 10.84
CA VAL A 39 8.89 7.24 11.15
C VAL A 39 8.99 7.46 12.67
N GLY A 40 9.69 6.60 13.36
CA GLY A 40 9.82 6.75 14.84
C GLY A 40 8.61 6.12 15.53
N GLY A 41 7.59 5.80 14.79
CA GLY A 41 6.38 5.19 15.40
C GLY A 41 5.14 5.66 14.65
N GLN A 42 5.12 6.89 14.23
CA GLN A 42 3.94 7.42 13.49
C GLN A 42 3.90 6.82 12.07
N ASP A 43 2.82 7.02 11.37
CA ASP A 43 2.72 6.47 9.99
C ASP A 43 2.74 7.60 8.96
N ALA A 44 3.29 7.34 7.80
CA ALA A 44 3.34 8.40 6.75
C ALA A 44 3.08 7.78 5.37
N CYS A 45 1.87 7.87 4.89
CA CYS A 45 1.56 7.27 3.55
C CYS A 45 1.99 8.22 2.44
N ASN A 46 2.11 7.72 1.24
CA ASN A 46 2.53 8.59 0.10
C ASN A 46 1.31 8.97 -0.75
N PRO A 47 1.09 10.26 -0.88
CA PRO A 47 -0.05 10.76 -1.67
C PRO A 47 0.21 10.57 -3.16
N ALA A 48 1.44 10.29 -3.52
CA ALA A 48 1.77 10.08 -4.96
C ALA A 48 1.10 8.82 -5.49
N THR A 49 1.41 7.69 -4.91
CA THR A 49 0.78 6.42 -5.39
C THR A 49 -0.52 6.16 -4.63
N ALA A 50 -1.62 6.13 -5.34
CA ALA A 50 -2.94 5.88 -4.66
C ALA A 50 -3.95 5.35 -5.68
N THR A 51 -3.99 4.05 -5.87
CA THR A 51 -4.95 3.48 -6.84
C THR A 51 -6.22 3.01 -6.12
N SER A 52 -7.33 2.96 -6.81
CA SER A 52 -8.59 2.51 -6.16
C SER A 52 -9.12 1.26 -6.86
N PHE A 53 -9.31 0.20 -6.13
CA PHE A 53 -9.83 -1.05 -6.77
C PHE A 53 -10.96 -1.65 -5.91
N THR A 54 -11.96 -2.18 -6.54
CA THR A 54 -13.09 -2.78 -5.77
C THR A 54 -12.92 -4.31 -5.72
N THR A 55 -13.44 -4.94 -4.70
CA THR A 55 -13.29 -6.43 -4.61
C THR A 55 -14.10 -7.11 -5.70
N ASP A 56 -14.02 -8.41 -5.76
CA ASP A 56 -14.79 -9.15 -6.80
C ASP A 56 -16.07 -9.71 -6.21
N ALA A 57 -16.71 -10.63 -6.88
CA ALA A 57 -17.96 -11.21 -6.34
C ALA A 57 -17.67 -11.98 -5.05
N SER A 58 -16.49 -12.51 -4.93
CA SER A 58 -16.15 -13.27 -3.70
C SER A 58 -15.45 -12.34 -2.70
N GLY A 59 -15.56 -11.06 -2.90
CA GLY A 59 -14.91 -10.10 -1.97
C GLY A 59 -13.40 -10.18 -2.12
N ALA A 60 -12.92 -10.82 -3.16
CA ALA A 60 -11.44 -10.94 -3.36
C ALA A 60 -10.98 -9.96 -4.44
N ALA A 61 -9.98 -9.17 -4.15
CA ALA A 61 -9.48 -8.20 -5.17
C ALA A 61 -8.12 -8.64 -5.71
N SER A 62 -7.76 -8.18 -6.87
CA SER A 62 -6.45 -8.56 -7.47
C SER A 62 -6.12 -7.63 -8.64
N PHE A 63 -4.98 -7.00 -8.62
CA PHE A 63 -4.62 -6.09 -9.73
C PHE A 63 -3.14 -5.73 -9.70
N SER A 64 -2.69 -4.98 -10.66
CA SER A 64 -1.25 -4.58 -10.70
C SER A 64 -1.08 -3.16 -10.15
N PHE A 65 -0.07 -2.93 -9.36
CA PHE A 65 0.16 -1.57 -8.80
C PHE A 65 1.65 -1.22 -8.86
N VAL A 66 1.98 -0.03 -9.28
CA VAL A 66 3.41 0.37 -9.34
C VAL A 66 3.90 0.84 -7.98
N VAL A 67 5.19 0.93 -7.81
CA VAL A 67 5.74 1.39 -6.50
C VAL A 67 6.78 2.50 -6.71
N ARG A 68 7.07 3.27 -5.70
CA ARG A 68 8.08 4.36 -5.86
C ARG A 68 9.20 4.19 -4.83
N LYS A 69 10.36 3.84 -5.28
CA LYS A 69 11.52 3.64 -4.34
C LYS A 69 11.63 4.78 -3.31
N SER A 70 11.44 6.02 -3.72
CA SER A 70 11.55 7.15 -2.73
C SER A 70 10.38 8.13 -2.87
N TYR A 71 10.06 8.86 -1.82
CA TYR A 71 8.93 9.84 -1.90
C TYR A 71 8.81 10.58 -0.56
N THR A 72 8.11 11.69 -0.55
CA THR A 72 7.95 12.46 0.73
C THR A 72 6.84 11.84 1.59
N GLY A 73 7.10 11.62 2.84
CA GLY A 73 6.05 11.02 3.73
C GLY A 73 5.06 12.11 4.18
N SER A 74 3.82 11.75 4.29
CA SER A 74 2.79 12.74 4.72
C SER A 74 1.49 12.01 5.08
N THR A 75 0.96 12.25 6.25
CA THR A 75 -0.30 11.56 6.66
C THR A 75 -1.42 11.85 5.65
N PRO A 76 -2.25 10.87 5.44
CA PRO A 76 -3.39 11.02 4.50
C PRO A 76 -4.45 11.95 5.08
N GLU A 77 -4.29 12.36 6.31
CA GLU A 77 -5.29 13.28 6.92
C GLU A 77 -5.01 14.73 6.51
N GLY A 78 -4.29 15.46 7.32
CA GLY A 78 -3.99 16.88 6.97
C GLY A 78 -2.78 17.36 7.78
N THR A 79 -1.68 16.65 7.69
CA THR A 79 -0.47 17.07 8.45
C THR A 79 0.79 16.43 7.83
N PRO A 80 1.81 17.23 7.70
CA PRO A 80 3.08 16.76 7.12
C PRO A 80 3.84 15.89 8.12
N VAL A 81 4.75 15.08 7.67
CA VAL A 81 5.53 14.22 8.61
C VAL A 81 7.03 14.30 8.29
N GLY A 82 7.38 14.35 7.04
CA GLY A 82 8.82 14.43 6.67
C GLY A 82 9.05 13.74 5.33
N SER A 83 10.28 13.54 4.95
CA SER A 83 10.57 12.87 3.65
C SER A 83 10.77 11.37 3.86
N VAL A 84 10.73 10.59 2.81
CA VAL A 84 10.91 9.12 2.97
C VAL A 84 11.74 8.57 1.81
N ASP A 85 12.40 7.48 2.03
CA ASP A 85 13.22 6.87 0.96
C ASP A 85 13.34 5.36 1.18
N CYS A 86 12.54 4.60 0.48
CA CYS A 86 12.60 3.11 0.65
C CYS A 86 13.96 2.58 0.20
N ALA A 87 14.78 3.41 -0.39
CA ALA A 87 16.12 2.92 -0.85
C ALA A 87 16.91 2.40 0.35
N THR A 88 16.93 3.12 1.42
CA THR A 88 17.68 2.68 2.63
C THR A 88 16.72 2.60 3.83
N ALA A 89 15.46 2.82 3.60
CA ALA A 89 14.47 2.76 4.73
C ALA A 89 13.55 1.56 4.57
N ALA A 90 12.84 1.21 5.61
CA ALA A 90 11.92 0.04 5.53
C ALA A 90 10.52 0.50 5.11
N CYS A 91 10.25 0.53 3.84
CA CYS A 91 8.91 0.97 3.37
C CYS A 91 7.90 -0.17 3.43
N ASN A 92 6.63 0.13 3.33
CA ASN A 92 5.60 -0.93 3.39
C ASN A 92 4.36 -0.50 2.59
N LEU A 93 3.33 -1.31 2.60
CA LEU A 93 2.09 -0.95 1.85
C LEU A 93 0.87 -1.42 2.64
N GLY A 94 -0.24 -0.76 2.48
CA GLY A 94 -1.46 -1.17 3.23
C GLY A 94 -2.71 -0.79 2.44
N ALA A 95 -3.82 -1.41 2.73
CA ALA A 95 -5.08 -1.09 2.00
C ALA A 95 -6.12 -0.52 2.97
N GLY A 96 -7.32 -0.28 2.50
CA GLY A 96 -8.38 0.27 3.39
C GLY A 96 -9.22 1.30 2.64
N ASN A 97 -10.51 1.31 2.84
CA ASN A 97 -11.38 2.28 2.13
C ASN A 97 -11.93 3.32 3.11
N SER A 98 -12.18 2.92 4.33
CA SER A 98 -12.71 3.89 5.33
C SER A 98 -12.70 3.28 6.73
N GLY A 99 -13.31 2.14 6.91
CA GLY A 99 -13.33 1.50 8.25
C GLY A 99 -13.26 -0.02 8.10
N LEU A 100 -12.22 -0.53 7.49
CA LEU A 100 -12.10 -2.00 7.31
C LEU A 100 -10.66 -2.45 7.56
N ASP A 101 -9.71 -1.83 6.93
CA ASP A 101 -8.29 -2.22 7.13
C ASP A 101 -8.10 -3.72 6.86
N LEU A 102 -7.46 -4.06 5.78
CA LEU A 102 -7.24 -5.51 5.47
C LEU A 102 -5.87 -5.95 5.97
N GLY A 103 -4.82 -5.35 5.47
CA GLY A 103 -3.45 -5.74 5.91
C GLY A 103 -2.41 -4.87 5.21
N HIS A 104 -1.16 -5.08 5.49
CA HIS A 104 -0.10 -4.27 4.84
C HIS A 104 1.12 -5.16 4.50
N VAL A 105 1.69 -5.00 3.35
CA VAL A 105 2.87 -5.83 2.98
C VAL A 105 4.16 -4.98 3.04
N ALA A 106 5.16 -5.45 3.72
CA ALA A 106 6.43 -4.66 3.81
C ALA A 106 7.28 -4.88 2.56
N LEU A 107 7.62 -3.83 1.86
CA LEU A 107 8.44 -3.98 0.63
C LEU A 107 9.87 -3.51 0.90
N THR A 108 10.77 -3.75 -0.02
CA THR A 108 12.19 -3.31 0.19
C THR A 108 12.82 -2.98 -1.17
N PHE A 109 13.63 -1.95 -1.23
CA PHE A 109 14.27 -1.59 -2.53
C PHE A 109 15.77 -1.89 -2.48
N GLY A 110 16.14 -3.14 -2.55
CA GLY A 110 17.59 -3.49 -2.51
C GLY A 110 18.19 -3.03 -1.18
C1' ROM B . -10.92 7.71 2.34
C2' ROM B . -11.63 7.14 1.11
C3' ROM B . -11.41 8.09 -0.06
C4' ROM B . -11.95 9.47 0.31
C5' ROM B . -11.24 9.94 1.60
O5' ROM B . -11.41 9.00 2.64
O2' ROM B . -11.07 5.86 0.79
O3' ROM B . -10.02 8.17 -0.36
N4' ROM B . -11.85 10.47 -0.78
C6D ROM B . -11.86 11.28 2.01
O9 ROM B . -11.15 6.86 3.46
C6B ROM B . -9.75 10.17 1.31
C4D ROM B . -13.15 10.70 -1.39
C4B ROM B . -10.87 10.10 -1.80
C'8 ROM B . -3.06 9.50 1.13
C'7 ROM B . -2.96 10.86 0.90
C'6 ROM B . -3.67 11.46 -0.13
C'5 ROM B . -4.49 10.69 -0.93
C15 ROM B . -4.60 9.32 -0.72
C'9 ROM B . -3.88 8.73 0.31
O'7 ROM B . -2.13 11.63 1.71
C1A ROM B . -3.99 7.29 0.55
O'4 ROM B . -5.21 11.28 -1.96
C'3 ROM B . -6.10 10.56 -2.65
C'2 ROM B . -6.24 9.11 -2.37
N'1 ROM B . -5.41 8.55 -1.51
C1B ROM B . -6.87 11.16 -3.58
O'2 ROM B . -7.09 8.46 -2.93
O13 ROM B . -4.26 7.07 1.81
C7X ROM B . -0.83 11.12 1.63
O11 ROM B . -3.86 6.41 -0.28
C3 ROM B . -6.64 6.67 3.02
C2 ROM B . -7.84 6.46 3.63
C7 ROM B . -8.27 5.27 4.00
C6 ROM B . -7.51 4.15 3.79
C5 ROM B . -6.27 4.29 3.18
C4 ROM B . -5.81 5.56 2.79
C1 ROM B . -8.80 7.45 4.00
C12 ROM B . -8.57 8.58 4.60
C9 ROM B . -10.09 6.79 4.43
C8 ROM B . -9.66 5.31 4.70
C13 ROM B . -4.45 5.71 2.18
C10 ROM B . -10.33 7.69 5.59
C11 ROM B . -9.47 8.74 5.59
C14 ROM B . -3.36 5.29 3.17
O15 ROM B . -3.77 4.11 3.84
C16 ROM B . -3.62 4.10 5.16
C17 ROM B . -3.67 2.69 5.78
C18 ROM B . -4.49 2.72 7.08
C20 ROM B . -6.96 2.53 6.68
C21 ROM B . -8.19 3.11 6.47
C22 ROM B . -8.36 4.46 6.44
C23 ROM B . -7.27 5.29 6.64
C24 ROM B . -6.01 4.72 6.86
C19 ROM B . -5.85 3.34 6.88
O25 ROM B . -9.59 5.02 6.12
N18 ROM B . -4.59 1.29 7.48
O23 ROM B . -7.41 6.66 6.62
CL21 ROM B . -9.56 2.09 6.21
O16 ROM B . -3.44 5.09 5.85
H1' ROM B . -9.87 7.75 2.14
H2' ROM B . -12.68 7.05 1.30
H3' ROM B . -11.94 7.71 -0.93
H4' ROM B . -13.00 9.36 0.54
H2'2 ROM B . -10.13 5.97 0.67
H3'2 ROM B . -9.79 7.43 -0.92
H6B1 ROM B . -11.27 12.09 1.62
H6B3 ROM B . -12.86 11.35 1.62
H6B2 ROM B . -11.89 11.35 3.09
H6A1 ROM B . -9.65 10.69 0.38
H6A3 ROM B . -9.32 10.76 2.11
H6A2 ROM B . -9.25 9.23 1.26
H4B1 ROM B . -13.12 11.61 -1.98
H4B3 ROM B . -13.39 9.85 -2.02
H4B2 ROM B . -13.89 10.80 -0.60
H4A1 ROM B . -11.13 9.12 -2.18
H4A3 ROM B . -10.89 10.83 -2.58
H4A2 ROM B . -9.88 10.07 -1.34
H'8 ROM B . -2.50 9.04 1.93
H'6 ROM B . -3.58 12.53 -0.30
H'1 ROM B . -5.38 7.58 -1.44
H3A1 ROM B . -6.78 12.20 -3.77
H3A2 ROM B . -7.58 10.59 -4.15
H7A1 ROM B . -0.75 10.24 2.23
H7A3 ROM B . -0.60 10.88 0.60
H7A2 ROM B . -0.13 11.87 1.98
H3 ROM B . -6.33 7.66 2.73
H6 ROM B . -7.86 3.17 4.08
H5 ROM B . -5.66 3.43 2.98
H12 ROM B . -7.80 9.27 4.36
H8 ROM B . -10.35 4.65 4.20
H13 ROM B . -4.39 5.11 1.30
H10 ROM B . -11.11 7.50 6.31
H11 ROM B . -9.50 9.56 6.28
H142 ROM B . -2.45 5.09 2.64
H141 ROM B . -3.21 6.07 3.90
H172 ROM B . -4.13 2.01 5.08
H171 ROM B . -2.67 2.36 6.00
H18 ROM B . -3.96 3.28 7.83
H20 ROM B . -6.86 1.46 6.70
H24 ROM B . -5.15 5.36 7.02
H183 ROM B . -3.65 0.95 7.76
H182 ROM B . -5.24 1.20 8.29
H184 ROM B . -4.94 0.73 6.68
H232 ROM B . -7.50 6.98 7.51
N ALA A 1 -13.30 -13.62 7.19
CA ALA A 1 -11.97 -12.99 7.41
C ALA A 1 -11.25 -12.78 6.08
N PRO A 2 -11.37 -11.60 5.55
CA PRO A 2 -10.72 -11.27 4.26
C PRO A 2 -9.21 -11.10 4.47
N ALA A 3 -8.45 -11.32 3.44
CA ALA A 3 -6.97 -11.17 3.56
C ALA A 3 -6.38 -10.41 2.36
N PHE A 4 -5.23 -9.83 2.52
CA PHE A 4 -4.61 -9.08 1.39
C PHE A 4 -3.17 -9.57 1.19
N SER A 5 -2.79 -9.89 -0.02
CA SER A 5 -1.39 -10.36 -0.24
C SER A 5 -0.79 -9.80 -1.53
N VAL A 6 0.52 -9.86 -1.64
CA VAL A 6 1.21 -9.34 -2.84
C VAL A 6 2.24 -10.37 -3.32
N SER A 7 2.59 -10.36 -4.57
CA SER A 7 3.59 -11.35 -5.05
C SER A 7 4.97 -11.01 -4.45
N PRO A 8 5.57 -9.91 -4.90
CA PRO A 8 6.89 -9.53 -4.36
C PRO A 8 6.70 -8.78 -3.03
N ALA A 9 7.75 -8.50 -2.34
CA ALA A 9 7.62 -7.77 -1.04
C ALA A 9 9.01 -7.38 -0.52
N SER A 10 9.95 -7.21 -1.42
CA SER A 10 11.33 -6.83 -1.00
C SER A 10 12.22 -6.69 -2.24
N GLY A 11 13.43 -6.24 -2.06
CA GLY A 11 14.34 -6.08 -3.24
C GLY A 11 13.56 -5.45 -4.40
N LEU A 12 12.66 -4.55 -4.10
CA LEU A 12 11.87 -3.89 -5.18
C LEU A 12 12.70 -2.81 -5.87
N SER A 13 12.06 -1.93 -6.59
CA SER A 13 12.81 -0.84 -7.28
C SER A 13 11.88 0.35 -7.58
N ASP A 14 12.44 1.50 -7.80
CA ASP A 14 11.59 2.70 -8.09
C ASP A 14 10.83 2.52 -9.41
N GLY A 15 9.53 2.66 -9.38
CA GLY A 15 8.73 2.49 -10.63
C GLY A 15 8.33 1.04 -10.79
N GLN A 16 9.05 0.16 -10.15
CA GLN A 16 8.71 -1.29 -10.25
C GLN A 16 7.25 -1.53 -9.91
N SER A 17 6.62 -2.44 -10.60
CA SER A 17 5.20 -2.74 -10.32
C SER A 17 5.06 -4.12 -9.68
N VAL A 18 4.15 -4.27 -8.76
CA VAL A 18 3.99 -5.60 -8.10
C VAL A 18 2.59 -6.17 -8.39
N SER A 19 2.45 -7.46 -8.36
CA SER A 19 1.12 -8.08 -8.63
C SER A 19 0.39 -8.31 -7.31
N VAL A 20 -0.59 -7.51 -7.00
CA VAL A 20 -1.32 -7.70 -5.72
C VAL A 20 -2.64 -8.43 -5.97
N SER A 21 -3.23 -8.92 -4.93
CA SER A 21 -4.52 -9.64 -5.08
C SER A 21 -5.19 -9.78 -3.73
N VAL A 22 -6.40 -9.33 -3.62
CA VAL A 22 -7.12 -9.42 -2.34
C VAL A 22 -8.21 -10.48 -2.42
N SER A 23 -8.60 -11.04 -1.32
CA SER A 23 -9.66 -12.09 -1.36
C SER A 23 -10.50 -12.05 -0.08
N GLY A 24 -11.62 -12.70 -0.07
CA GLY A 24 -12.47 -12.71 1.14
C GLY A 24 -13.53 -11.60 1.04
N ALA A 25 -13.12 -10.44 0.62
CA ALA A 25 -14.10 -9.32 0.49
C ALA A 25 -15.33 -9.78 -0.30
N ALA A 26 -16.25 -8.89 -0.57
CA ALA A 26 -17.47 -9.29 -1.33
C ALA A 26 -17.68 -8.35 -2.52
N ALA A 27 -18.20 -8.88 -3.61
CA ALA A 27 -18.44 -8.03 -4.81
C ALA A 27 -19.17 -6.73 -4.43
N GLY A 28 -18.69 -5.61 -4.88
CA GLY A 28 -19.35 -4.33 -4.54
C GLY A 28 -18.53 -3.57 -3.50
N GLU A 29 -17.49 -4.19 -2.99
CA GLU A 29 -16.66 -3.50 -1.97
C GLU A 29 -15.41 -2.89 -2.63
N THR A 30 -14.98 -1.75 -2.15
CA THR A 30 -13.77 -1.11 -2.75
C THR A 30 -12.80 -0.70 -1.65
N TYR A 31 -11.56 -1.12 -1.75
CA TYR A 31 -10.56 -0.75 -0.71
C TYR A 31 -9.52 0.22 -1.29
N TYR A 32 -8.98 1.07 -0.47
CA TYR A 32 -7.97 2.03 -0.97
C TYR A 32 -6.58 1.56 -0.54
N ILE A 33 -5.63 1.52 -1.43
CA ILE A 33 -4.28 1.06 -1.05
C ILE A 33 -3.22 2.13 -1.33
N ALA A 34 -2.21 2.19 -0.51
CA ALA A 34 -1.14 3.20 -0.72
C ALA A 34 0.12 2.76 0.02
N GLN A 35 1.28 3.00 -0.53
CA GLN A 35 2.53 2.59 0.17
C GLN A 35 2.94 3.64 1.20
N CYS A 36 3.03 3.25 2.45
CA CYS A 36 3.42 4.22 3.51
C CYS A 36 4.61 3.66 4.31
N ALA A 37 5.57 4.49 4.62
CA ALA A 37 6.75 4.01 5.39
C ALA A 37 6.89 4.82 6.69
N PRO A 38 7.25 4.13 7.74
CA PRO A 38 7.42 4.79 9.05
C PRO A 38 8.67 5.66 9.06
N VAL A 39 8.77 6.55 10.01
CA VAL A 39 9.96 7.43 10.08
C VAL A 39 10.29 7.79 11.53
N GLY A 40 10.62 6.80 12.32
CA GLY A 40 10.95 7.07 13.75
C GLY A 40 10.00 8.11 14.33
N GLY A 41 8.73 7.94 14.16
CA GLY A 41 7.75 8.93 14.71
C GLY A 41 6.33 8.51 14.32
N GLN A 42 5.98 8.68 13.08
CA GLN A 42 4.60 8.29 12.64
C GLN A 42 4.68 7.53 11.32
N ASP A 43 3.60 7.49 10.58
CA ASP A 43 3.62 6.78 9.27
C ASP A 43 3.30 7.75 8.12
N ALA A 44 4.21 7.89 7.19
CA ALA A 44 3.96 8.81 6.05
C ALA A 44 3.60 8.00 4.81
N CYS A 45 2.63 8.43 4.05
CA CYS A 45 2.25 7.66 2.84
C CYS A 45 2.23 8.55 1.60
N ASN A 46 2.35 7.97 0.43
CA ASN A 46 2.33 8.79 -0.81
C ASN A 46 0.88 8.97 -1.31
N PRO A 47 0.54 10.19 -1.62
CA PRO A 47 -0.82 10.49 -2.11
C PRO A 47 -0.97 10.13 -3.59
N ALA A 48 -0.15 10.72 -4.43
CA ALA A 48 -0.23 10.42 -5.89
C ALA A 48 -0.52 8.94 -6.14
N THR A 49 -0.12 8.08 -5.25
CA THR A 49 -0.39 6.62 -5.46
C THR A 49 -1.65 6.19 -4.69
N ALA A 50 -2.71 6.94 -4.83
CA ALA A 50 -3.98 6.59 -4.11
C ALA A 50 -4.94 5.88 -5.07
N THR A 51 -4.74 4.60 -5.29
CA THR A 51 -5.63 3.85 -6.20
C THR A 51 -6.67 3.04 -5.42
N SER A 52 -7.89 3.03 -5.85
CA SER A 52 -8.94 2.26 -5.13
C SER A 52 -9.42 1.11 -6.02
N PHE A 53 -9.29 -0.10 -5.56
CA PHE A 53 -9.75 -1.27 -6.38
C PHE A 53 -10.98 -1.94 -5.75
N THR A 54 -11.71 -2.71 -6.53
CA THR A 54 -12.92 -3.40 -5.99
C THR A 54 -12.84 -4.90 -6.24
N THR A 55 -13.56 -5.68 -5.49
CA THR A 55 -13.53 -7.16 -5.69
C THR A 55 -14.49 -7.55 -6.82
N ASP A 56 -14.58 -8.82 -7.10
CA ASP A 56 -15.49 -9.28 -8.19
C ASP A 56 -16.73 -9.96 -7.59
N ALA A 57 -17.43 -10.73 -8.37
CA ALA A 57 -18.65 -11.41 -7.83
C ALA A 57 -18.25 -12.41 -6.75
N SER A 58 -17.08 -12.97 -6.86
CA SER A 58 -16.63 -13.96 -5.84
C SER A 58 -15.89 -13.24 -4.71
N GLY A 59 -15.97 -11.93 -4.68
CA GLY A 59 -15.26 -11.16 -3.62
C GLY A 59 -13.75 -11.38 -3.74
N ALA A 60 -13.23 -11.33 -4.93
CA ALA A 60 -11.75 -11.53 -5.12
C ALA A 60 -11.21 -10.51 -6.12
N ALA A 61 -10.27 -9.70 -5.70
CA ALA A 61 -9.70 -8.68 -6.64
C ALA A 61 -8.25 -9.00 -6.99
N SER A 62 -7.75 -8.38 -8.02
CA SER A 62 -6.34 -8.63 -8.45
C SER A 62 -5.89 -7.49 -9.38
N PHE A 63 -4.85 -6.80 -9.04
CA PHE A 63 -4.39 -5.69 -9.92
C PHE A 63 -2.91 -5.38 -9.67
N SER A 64 -2.29 -4.67 -10.56
CA SER A 64 -0.85 -4.33 -10.38
C SER A 64 -0.71 -2.94 -9.78
N PHE A 65 0.05 -2.82 -8.72
CA PHE A 65 0.24 -1.49 -8.08
C PHE A 65 1.69 -1.05 -8.20
N VAL A 66 1.94 0.15 -8.64
CA VAL A 66 3.35 0.63 -8.77
C VAL A 66 3.88 1.12 -7.43
N VAL A 67 5.17 1.23 -7.30
CA VAL A 67 5.76 1.69 -6.02
C VAL A 67 6.85 2.72 -6.29
N ARG A 68 7.30 3.41 -5.28
CA ARG A 68 8.38 4.43 -5.49
C ARG A 68 9.41 4.34 -4.35
N LYS A 69 10.57 3.81 -4.63
CA LYS A 69 11.62 3.70 -3.58
C LYS A 69 11.70 5.00 -2.77
N SER A 70 11.87 6.12 -3.42
CA SER A 70 11.95 7.41 -2.67
C SER A 70 10.74 8.29 -2.94
N TYR A 71 10.27 9.01 -1.95
CA TYR A 71 9.09 9.89 -2.14
C TYR A 71 8.82 10.70 -0.86
N THR A 72 8.47 11.95 -1.00
CA THR A 72 8.20 12.77 0.21
C THR A 72 7.03 12.17 1.00
N GLY A 73 7.21 11.96 2.28
CA GLY A 73 6.11 11.38 3.09
C GLY A 73 5.08 12.46 3.40
N SER A 74 3.89 12.06 3.77
CA SER A 74 2.83 13.06 4.09
C SER A 74 1.55 12.33 4.48
N THR A 75 0.82 12.85 5.44
CA THR A 75 -0.44 12.19 5.86
C THR A 75 -1.58 12.50 4.88
N PRO A 76 -2.62 11.72 4.96
CA PRO A 76 -3.79 11.92 4.07
C PRO A 76 -4.60 13.14 4.51
N GLU A 77 -4.44 13.58 5.74
CA GLU A 77 -5.20 14.76 6.23
C GLU A 77 -4.84 16.01 5.42
N GLY A 78 -3.67 16.53 5.60
CA GLY A 78 -3.26 17.74 4.84
C GLY A 78 -2.04 18.39 5.52
N THR A 79 -1.16 17.59 6.05
CA THR A 79 0.05 18.16 6.72
C THR A 79 1.28 17.33 6.36
N PRO A 80 2.35 18.02 6.09
CA PRO A 80 3.63 17.36 5.72
C PRO A 80 4.26 16.69 6.95
N VAL A 81 4.78 15.51 6.79
CA VAL A 81 5.42 14.81 7.94
C VAL A 81 6.93 14.75 7.72
N GLY A 82 7.37 14.80 6.50
CA GLY A 82 8.83 14.75 6.21
C GLY A 82 9.06 13.96 4.93
N SER A 83 10.29 13.81 4.54
CA SER A 83 10.59 13.04 3.30
C SER A 83 10.88 11.58 3.64
N VAL A 84 10.73 10.69 2.69
CA VAL A 84 11.01 9.25 2.97
C VAL A 84 12.00 8.70 1.94
N ASP A 85 12.78 7.72 2.31
CA ASP A 85 13.76 7.13 1.36
C ASP A 85 13.98 5.64 1.67
N CYS A 86 13.46 4.78 0.84
CA CYS A 86 13.62 3.32 1.08
C CYS A 86 15.05 2.87 0.71
N ALA A 87 15.84 3.75 0.18
CA ALA A 87 17.23 3.37 -0.20
C ALA A 87 17.87 2.64 0.97
N THR A 88 17.62 3.10 2.14
CA THR A 88 18.21 2.46 3.36
C THR A 88 17.16 2.41 4.47
N ALA A 89 15.94 2.75 4.14
CA ALA A 89 14.86 2.73 5.18
C ALA A 89 13.92 1.54 4.95
N ALA A 90 13.00 1.32 5.85
CA ALA A 90 12.04 0.18 5.68
C ALA A 90 10.64 0.71 5.37
N CYS A 91 10.16 0.50 4.17
CA CYS A 91 8.80 0.98 3.81
C CYS A 91 7.80 -0.17 3.85
N ASN A 92 6.52 0.13 3.77
CA ASN A 92 5.50 -0.96 3.81
C ASN A 92 4.24 -0.52 3.06
N LEU A 93 3.41 -1.46 2.68
CA LEU A 93 2.16 -1.11 1.94
C LEU A 93 0.94 -1.40 2.83
N GLY A 94 -0.11 -0.62 2.72
CA GLY A 94 -1.31 -0.87 3.56
C GLY A 94 -2.59 -0.61 2.75
N ALA A 95 -3.65 -1.30 3.08
CA ALA A 95 -4.93 -1.10 2.33
C ALA A 95 -6.13 -1.16 3.28
N GLY A 96 -7.30 -0.91 2.78
CA GLY A 96 -8.51 -0.95 3.66
C GLY A 96 -9.35 0.31 3.45
N ASN A 97 -10.65 0.19 3.53
CA ASN A 97 -11.51 1.39 3.33
C ASN A 97 -11.75 2.11 4.66
N SER A 98 -12.73 2.97 4.72
CA SER A 98 -13.01 3.70 6.00
C SER A 98 -13.30 2.70 7.13
N GLY A 99 -13.71 1.51 6.80
CA GLY A 99 -14.01 0.50 7.86
C GLY A 99 -13.36 -0.84 7.52
N LEU A 100 -14.02 -1.62 6.71
CA LEU A 100 -13.44 -2.96 6.33
C LEU A 100 -11.93 -2.84 6.07
N ASP A 101 -11.13 -3.11 7.07
CA ASP A 101 -9.66 -3.02 6.88
C ASP A 101 -9.07 -4.41 6.58
N LEU A 102 -8.16 -4.49 5.64
CA LEU A 102 -7.56 -5.81 5.31
C LEU A 102 -6.28 -6.02 6.12
N GLY A 103 -5.17 -5.51 5.64
CA GLY A 103 -3.90 -5.69 6.38
C GLY A 103 -2.82 -4.78 5.77
N HIS A 104 -1.63 -4.85 6.30
CA HIS A 104 -0.53 -3.99 5.76
C HIS A 104 0.64 -4.86 5.31
N VAL A 105 0.95 -4.87 4.04
CA VAL A 105 2.09 -5.70 3.55
C VAL A 105 3.41 -4.97 3.83
N ALA A 106 4.51 -5.59 3.55
CA ALA A 106 5.82 -4.92 3.80
C ALA A 106 6.70 -4.97 2.56
N LEU A 107 7.33 -3.87 2.23
CA LEU A 107 8.20 -3.85 1.02
C LEU A 107 9.66 -3.58 1.43
N THR A 108 10.57 -3.66 0.51
CA THR A 108 12.01 -3.43 0.86
C THR A 108 12.83 -3.12 -0.40
N PHE A 109 13.24 -1.89 -0.57
CA PHE A 109 14.04 -1.54 -1.78
C PHE A 109 15.51 -1.87 -1.55
N GLY A 110 16.14 -2.52 -2.49
CA GLY A 110 17.58 -2.86 -2.33
C GLY A 110 18.00 -3.81 -3.45
C1' ROM B . -11.44 7.25 3.19
C2' ROM B . -12.14 6.78 1.93
C3' ROM B . -12.00 7.85 0.87
C4' ROM B . -12.60 9.18 1.40
C5' ROM B . -11.94 9.53 2.76
O5' ROM B . -12.03 8.45 3.67
O2' ROM B . -11.55 5.57 1.48
O3' ROM B . -10.63 8.03 0.56
N4' ROM B . -12.53 10.30 0.44
C6D ROM B . -12.67 10.74 3.34
O9 ROM B . -11.54 6.27 4.22
C6B ROM B . -10.48 9.92 2.53
C4D ROM B . -13.80 10.44 -0.28
C4B ROM B . -11.42 10.17 -0.52
C'8 ROM B . -3.19 9.77 1.25
C'7 ROM B . -2.95 11.10 0.95
C'6 ROM B . -3.67 11.73 -0.04
C'5 ROM B . -4.63 11.03 -0.75
C15 ROM B . -4.87 9.69 -0.46
C'9 ROM B . -4.14 9.06 0.54
O'7 ROM B . -1.97 11.79 1.64
C1A ROM B . -4.38 7.64 0.82
O'4 ROM B . -5.35 11.66 -1.75
C'3 ROM B . -6.29 10.98 -2.43
C'2 ROM B . -6.56 9.58 -2.07
N'1 ROM B . -5.80 8.98 -1.16
C1B ROM B . -6.95 11.58 -3.43
O'2 ROM B . -7.47 8.98 -2.62
O13 ROM B . -4.95 7.50 2.01
C7X ROM B . -0.74 11.13 1.40
O11 ROM B . -4.09 6.72 0.10
C3 ROM B . -7.06 6.73 3.65
C2 ROM B . -8.20 6.29 4.26
C7 ROM B . -8.46 5.00 4.46
C6 ROM B . -7.60 4.03 4.03
C5 ROM B . -6.41 4.42 3.40
C4 ROM B . -6.13 5.79 3.20
C1 ROM B . -9.26 7.08 4.79
C12 ROM B . -9.17 8.14 5.55
C9 ROM B . -10.44 6.20 5.16
C8 ROM B . -9.81 4.76 5.19
C13 ROM B . -4.83 6.21 2.58
C10 ROM B . -10.76 6.89 6.43
C11 ROM B . -10.04 8.04 6.56
C14 ROM B . -3.71 6.23 3.63
O15 ROM B . -3.81 5.08 4.47
C16 ROM B . -3.28 5.19 5.68
C17 ROM B . -3.24 3.87 6.45
C18 ROM B . -4.07 4.00 7.75
C20 ROM B . -6.22 2.97 7.00
C21 ROM B . -7.56 3.05 6.74
C22 ROM B . -8.27 4.21 6.91
C23 ROM B . -7.60 5.34 7.37
C24 ROM B . -6.24 5.26 7.65
C19 ROM B . -5.55 4.07 7.45
O25 ROM B . -9.63 4.29 6.57
N18 ROM B . -3.72 2.78 8.52
O23 ROM B . -8.29 6.50 7.58
CL21 ROM B . -8.40 1.65 6.17
O16 ROM B . -2.86 6.23 6.15
H1' ROM B . -10.40 7.42 2.97
H2' ROM B . -13.19 6.61 2.14
H3' ROM B . -12.53 7.55 -0.02
H4' ROM B . -13.65 9.00 1.58
H2'2 ROM B . -10.62 5.76 1.27
H3'2 ROM B . -10.51 7.86 -0.37
H6B1 ROM B . -12.44 10.83 4.40
H6B3 ROM B . -12.35 11.64 2.83
H6B2 ROM B . -13.73 10.61 3.22
H6A1 ROM B . -10.06 10.31 3.44
H6A3 ROM B . -9.92 9.05 2.22
H6A2 ROM B . -10.43 10.67 1.76
H4B1 ROM B . -13.86 9.68 -1.03
H4B3 ROM B . -14.61 10.34 0.43
H4B2 ROM B . -13.82 11.43 -0.73
H4A1 ROM B . -10.51 10.01 0.04
H4A3 ROM B . -11.62 9.33 -1.16
H4A2 ROM B . -11.36 11.07 -1.10
H'8 ROM B . -2.62 9.29 2.03
H'6 ROM B . -3.48 12.77 -0.28
H'1 ROM B . -5.92 8.03 -1.00
H3A1 ROM B . -8.01 11.46 -3.52
H3A2 ROM B . -6.43 12.20 -4.14
H7A1 ROM B . -0.86 10.08 1.59
H7A3 ROM B . -0.45 11.28 0.36
H7A2 ROM B . 0.01 11.54 2.05
H3 ROM B . -6.89 7.79 3.50
H6 ROM B . -7.82 2.99 4.19
H5 ROM B . -5.73 3.67 3.05
H12 ROM B . -8.50 8.97 5.39
H8 ROM B . -10.43 4.09 4.64
H13 ROM B . -4.56 5.51 1.80
H10 ROM B . -11.47 6.49 7.14
H11 ROM B . -10.17 8.75 7.36
H142 ROM B . -2.74 6.21 3.14
H141 ROM B . -3.79 7.11 4.25
H172 ROM B . -3.66 3.08 5.84
H171 ROM B . -2.22 3.63 6.70
H18 ROM B . -3.77 4.87 8.27
H20 ROM B . -5.69 2.05 6.86
H24 ROM B . -5.72 6.14 8.01
H183 ROM B . -4.17 2.83 9.46
H182 ROM B . -4.05 1.94 8.02
H184 ROM B . -2.68 2.73 8.65
H232 ROM B . -8.93 6.38 8.29
N ALA A 1 -11.42 -12.40 9.55
CA ALA A 1 -10.11 -11.85 9.07
C ALA A 1 -9.85 -12.29 7.62
N PRO A 2 -9.96 -11.35 6.72
CA PRO A 2 -9.74 -11.62 5.29
C PRO A 2 -8.24 -11.80 5.02
N ALA A 3 -7.83 -11.73 3.78
CA ALA A 3 -6.37 -11.89 3.48
C ALA A 3 -5.93 -10.85 2.43
N PHE A 4 -4.65 -10.71 2.25
CA PHE A 4 -4.13 -9.74 1.25
C PHE A 4 -2.63 -9.93 1.06
N SER A 5 -2.17 -9.97 -0.17
CA SER A 5 -0.70 -10.16 -0.39
C SER A 5 -0.27 -9.71 -1.78
N VAL A 6 1.03 -9.64 -1.99
CA VAL A 6 1.57 -9.22 -3.31
C VAL A 6 2.54 -10.30 -3.82
N SER A 7 2.71 -10.43 -5.10
CA SER A 7 3.64 -11.47 -5.60
C SER A 7 5.03 -11.30 -4.91
N PRO A 8 5.83 -10.34 -5.37
CA PRO A 8 7.15 -10.15 -4.74
C PRO A 8 6.98 -9.36 -3.44
N ALA A 9 8.05 -9.04 -2.79
CA ALA A 9 7.95 -8.25 -1.51
C ALA A 9 9.34 -8.07 -0.90
N SER A 10 10.35 -7.99 -1.73
CA SER A 10 11.73 -7.81 -1.21
C SER A 10 12.69 -7.56 -2.38
N GLY A 11 13.77 -6.87 -2.14
CA GLY A 11 14.73 -6.61 -3.24
C GLY A 11 13.96 -6.09 -4.45
N LEU A 12 13.14 -5.08 -4.26
CA LEU A 12 12.36 -4.51 -5.40
C LEU A 12 13.14 -3.41 -6.10
N SER A 13 12.47 -2.56 -6.83
CA SER A 13 13.17 -1.45 -7.55
C SER A 13 12.18 -0.32 -7.88
N ASP A 14 12.67 0.89 -7.97
CA ASP A 14 11.78 2.04 -8.29
C ASP A 14 11.12 1.84 -9.66
N GLY A 15 9.85 2.08 -9.76
CA GLY A 15 9.15 1.91 -11.07
C GLY A 15 8.68 0.46 -11.20
N GLN A 16 9.39 -0.46 -10.59
CA GLN A 16 8.99 -1.89 -10.68
C GLN A 16 7.51 -2.07 -10.31
N SER A 17 6.81 -2.92 -11.00
CA SER A 17 5.38 -3.13 -10.70
C SER A 17 5.16 -4.58 -10.22
N VAL A 18 4.43 -4.76 -9.17
CA VAL A 18 4.18 -6.13 -8.66
C VAL A 18 2.70 -6.51 -8.82
N SER A 19 2.41 -7.79 -8.92
CA SER A 19 0.99 -8.22 -9.08
C SER A 19 0.33 -8.40 -7.71
N VAL A 20 -0.58 -7.53 -7.36
CA VAL A 20 -1.25 -7.64 -6.04
C VAL A 20 -2.54 -8.44 -6.15
N SER A 21 -3.10 -8.81 -5.04
CA SER A 21 -4.36 -9.60 -5.06
C SER A 21 -4.93 -9.70 -3.65
N VAL A 22 -6.19 -9.37 -3.49
CA VAL A 22 -6.80 -9.45 -2.15
C VAL A 22 -7.99 -10.41 -2.15
N SER A 23 -8.46 -10.77 -0.99
CA SER A 23 -9.61 -11.71 -0.92
C SER A 23 -10.23 -11.67 0.48
N GLY A 24 -11.34 -12.33 0.68
CA GLY A 24 -11.98 -12.33 2.02
C GLY A 24 -12.95 -11.15 2.12
N ALA A 25 -12.63 -10.04 1.51
CA ALA A 25 -13.53 -8.87 1.58
C ALA A 25 -14.93 -9.24 1.05
N ALA A 26 -15.70 -8.28 0.60
CA ALA A 26 -17.06 -8.62 0.08
C ALA A 26 -17.47 -7.66 -1.04
N ALA A 27 -18.11 -8.17 -2.05
CA ALA A 27 -18.55 -7.31 -3.18
C ALA A 27 -19.40 -6.15 -2.68
N GLY A 28 -19.18 -4.98 -3.20
CA GLY A 28 -19.97 -3.80 -2.75
C GLY A 28 -19.10 -2.91 -1.86
N GLU A 29 -17.82 -3.15 -1.82
CA GLU A 29 -16.95 -2.30 -0.96
C GLU A 29 -15.65 -1.97 -1.69
N THR A 30 -15.16 -0.77 -1.54
CA THR A 30 -13.91 -0.38 -2.23
C THR A 30 -12.74 -0.39 -1.23
N TYR A 31 -11.55 -0.12 -1.68
CA TYR A 31 -10.39 -0.13 -0.73
C TYR A 31 -9.22 0.67 -1.31
N TYR A 32 -8.75 1.65 -0.59
CA TYR A 32 -7.60 2.46 -1.10
C TYR A 32 -6.28 1.86 -0.61
N ILE A 33 -5.41 1.53 -1.51
CA ILE A 33 -4.10 0.93 -1.09
C ILE A 33 -2.95 1.88 -1.44
N ALA A 34 -1.93 1.93 -0.62
CA ALA A 34 -0.78 2.85 -0.91
C ALA A 34 0.44 2.49 -0.05
N GLN A 35 1.61 2.92 -0.45
CA GLN A 35 2.84 2.62 0.34
C GLN A 35 3.04 3.67 1.42
N CYS A 36 3.20 3.28 2.65
CA CYS A 36 3.40 4.27 3.74
C CYS A 36 4.67 3.96 4.53
N ALA A 37 5.27 4.96 5.11
CA ALA A 37 6.51 4.74 5.91
C ALA A 37 6.39 5.49 7.25
N PRO A 38 7.17 5.06 8.21
CA PRO A 38 7.13 5.71 9.55
C PRO A 38 7.75 7.11 9.49
N VAL A 39 7.54 7.90 10.51
CA VAL A 39 8.11 9.28 10.52
C VAL A 39 8.11 9.86 11.94
N GLY A 40 9.11 9.55 12.73
CA GLY A 40 9.16 10.09 14.12
C GLY A 40 8.06 9.45 14.97
N GLY A 41 7.34 8.50 14.43
CA GLY A 41 6.26 7.84 15.21
C GLY A 41 5.00 7.75 14.36
N GLN A 42 4.69 8.77 13.62
CA GLN A 42 3.46 8.73 12.77
C GLN A 42 3.76 7.94 11.48
N ASP A 43 2.94 8.08 10.48
CA ASP A 43 3.17 7.33 9.22
C ASP A 43 2.71 8.15 8.02
N ALA A 44 3.61 8.51 7.14
CA ALA A 44 3.23 9.30 5.95
C ALA A 44 3.05 8.38 4.73
N CYS A 45 1.94 8.47 4.06
CA CYS A 45 1.71 7.59 2.87
C CYS A 45 2.10 8.32 1.59
N ASN A 46 2.07 7.62 0.48
CA ASN A 46 2.44 8.27 -0.81
C ASN A 46 1.19 8.58 -1.66
N PRO A 47 1.04 9.83 -2.00
CA PRO A 47 -0.10 10.27 -2.81
C PRO A 47 0.22 10.08 -4.30
N ALA A 48 1.36 9.52 -4.61
CA ALA A 48 1.73 9.32 -6.05
C ALA A 48 0.99 8.11 -6.62
N THR A 49 1.30 6.94 -6.15
CA THR A 49 0.62 5.72 -6.67
C THR A 49 -0.60 5.38 -5.79
N ALA A 50 -1.28 6.38 -5.30
CA ALA A 50 -2.47 6.12 -4.44
C ALA A 50 -3.68 5.75 -5.32
N THR A 51 -3.90 4.49 -5.54
CA THR A 51 -5.06 4.06 -6.38
C THR A 51 -6.13 3.38 -5.52
N SER A 52 -7.30 3.19 -6.06
CA SER A 52 -8.39 2.53 -5.29
C SER A 52 -8.92 1.32 -6.06
N PHE A 53 -9.38 0.31 -5.36
CA PHE A 53 -9.91 -0.90 -6.06
C PHE A 53 -11.09 -1.48 -5.28
N THR A 54 -12.05 -2.03 -5.98
CA THR A 54 -13.24 -2.61 -5.28
C THR A 54 -13.28 -4.13 -5.52
N THR A 55 -13.90 -4.86 -4.64
CA THR A 55 -13.98 -6.34 -4.83
C THR A 55 -15.10 -6.70 -5.79
N ASP A 56 -15.24 -7.96 -6.10
CA ASP A 56 -16.32 -8.39 -7.04
C ASP A 56 -17.26 -9.35 -6.33
N ALA A 57 -17.96 -10.18 -7.07
CA ALA A 57 -18.90 -11.14 -6.43
C ALA A 57 -18.13 -12.13 -5.56
N SER A 58 -16.87 -12.27 -5.80
CA SER A 58 -16.06 -13.22 -4.98
C SER A 58 -15.27 -12.44 -3.92
N GLY A 59 -15.70 -11.24 -3.63
CA GLY A 59 -15.00 -10.42 -2.61
C GLY A 59 -13.48 -10.45 -2.87
N ALA A 60 -13.08 -10.68 -4.10
CA ALA A 60 -11.62 -10.72 -4.40
C ALA A 60 -11.24 -9.55 -5.33
N ALA A 61 -10.14 -8.89 -5.06
CA ALA A 61 -9.73 -7.74 -5.92
C ALA A 61 -8.27 -7.89 -6.35
N SER A 62 -8.03 -8.29 -7.57
CA SER A 62 -6.63 -8.44 -8.04
C SER A 62 -6.28 -7.31 -8.99
N PHE A 63 -5.06 -6.89 -8.99
CA PHE A 63 -4.67 -5.78 -9.91
C PHE A 63 -3.17 -5.52 -9.82
N SER A 64 -2.64 -4.71 -10.69
CA SER A 64 -1.18 -4.42 -10.64
C SER A 64 -0.93 -3.13 -9.87
N PHE A 65 0.26 -2.96 -9.38
CA PHE A 65 0.57 -1.72 -8.62
C PHE A 65 2.06 -1.40 -8.72
N VAL A 66 2.41 -0.15 -8.86
CA VAL A 66 3.86 0.21 -8.96
C VAL A 66 4.42 0.56 -7.58
N VAL A 67 5.71 0.62 -7.47
CA VAL A 67 6.34 0.95 -6.16
C VAL A 67 7.43 2.00 -6.37
N ARG A 68 7.67 2.83 -5.40
CA ARG A 68 8.72 3.87 -5.55
C ARG A 68 9.74 3.76 -4.42
N LYS A 69 10.92 3.27 -4.71
CA LYS A 69 11.96 3.13 -3.66
C LYS A 69 11.98 4.36 -2.72
N SER A 70 11.71 5.52 -3.25
CA SER A 70 11.71 6.75 -2.39
C SER A 70 10.53 7.66 -2.77
N TYR A 71 10.06 8.45 -1.84
CA TYR A 71 8.92 9.36 -2.14
C TYR A 71 8.63 10.27 -0.94
N THR A 72 8.06 11.43 -1.17
CA THR A 72 7.76 12.36 -0.04
C THR A 72 6.51 11.90 0.71
N GLY A 73 6.59 11.77 1.99
CA GLY A 73 5.42 11.32 2.79
C GLY A 73 4.43 12.48 3.00
N SER A 74 3.17 12.16 3.16
CA SER A 74 2.12 13.21 3.38
C SER A 74 0.79 12.53 3.70
N THR A 75 0.24 12.81 4.86
CA THR A 75 -1.08 12.17 5.23
C THR A 75 -2.08 12.27 4.07
N PRO A 76 -3.02 11.35 4.09
CA PRO A 76 -4.06 11.31 3.03
C PRO A 76 -5.02 12.50 3.16
N GLU A 77 -5.18 13.03 4.34
CA GLU A 77 -6.10 14.19 4.52
C GLU A 77 -5.51 15.44 3.86
N GLY A 78 -4.53 16.05 4.48
CA GLY A 78 -3.91 17.26 3.89
C GLY A 78 -2.63 17.61 4.64
N THR A 79 -2.70 17.69 5.95
CA THR A 79 -1.48 18.02 6.73
C THR A 79 -0.27 17.25 6.19
N PRO A 80 0.74 17.98 5.84
CA PRO A 80 1.97 17.36 5.30
C PRO A 80 2.70 16.59 6.39
N VAL A 81 3.83 16.03 6.10
CA VAL A 81 4.59 15.27 7.13
C VAL A 81 6.09 15.43 6.92
N GLY A 82 6.65 14.64 6.07
CA GLY A 82 8.12 14.74 5.80
C GLY A 82 8.46 13.88 4.58
N SER A 83 9.71 13.63 4.35
CA SER A 83 10.10 12.79 3.19
C SER A 83 10.28 11.33 3.60
N VAL A 84 10.28 10.42 2.67
CA VAL A 84 10.45 8.99 3.02
C VAL A 84 11.49 8.34 2.10
N ASP A 85 12.20 7.37 2.59
CA ASP A 85 13.22 6.69 1.74
C ASP A 85 13.36 5.22 2.15
N CYS A 86 12.81 4.34 1.36
CA CYS A 86 12.89 2.88 1.68
C CYS A 86 14.36 2.42 1.71
N ALA A 87 15.26 3.25 1.27
CA ALA A 87 16.70 2.85 1.27
C ALA A 87 17.22 2.79 2.71
N THR A 88 16.83 3.74 3.52
CA THR A 88 17.29 3.75 4.93
C THR A 88 16.09 3.80 5.87
N ALA A 89 14.90 3.57 5.36
CA ALA A 89 13.70 3.60 6.23
C ALA A 89 12.87 2.32 6.04
N ALA A 90 11.99 2.04 6.95
CA ALA A 90 11.16 0.81 6.83
C ALA A 90 9.91 1.10 5.98
N CYS A 91 9.97 0.81 4.71
CA CYS A 91 8.79 1.08 3.84
C CYS A 91 7.83 -0.12 3.86
N ASN A 92 6.56 0.14 3.80
CA ASN A 92 5.58 -0.98 3.82
C ASN A 92 4.37 -0.64 2.95
N LEU A 93 3.41 -1.52 2.89
CA LEU A 93 2.20 -1.26 2.07
C LEU A 93 0.96 -1.69 2.84
N GLY A 94 -0.04 -0.85 2.91
CA GLY A 94 -1.27 -1.24 3.67
C GLY A 94 -2.52 -0.86 2.87
N ALA A 95 -3.61 -1.53 3.14
CA ALA A 95 -4.87 -1.23 2.41
C ALA A 95 -6.02 -1.07 3.41
N GLY A 96 -7.15 -0.61 2.96
CA GLY A 96 -8.30 -0.43 3.89
C GLY A 96 -9.33 0.48 3.24
N ASN A 97 -10.21 1.05 4.02
CA ASN A 97 -11.24 1.95 3.45
C ASN A 97 -11.82 2.88 4.52
N SER A 98 -11.92 2.42 5.74
CA SER A 98 -12.47 3.31 6.81
C SER A 98 -12.68 2.53 8.12
N GLY A 99 -13.51 1.52 8.09
CA GLY A 99 -13.75 0.73 9.34
C GLY A 99 -13.23 -0.71 9.16
N LEU A 100 -12.96 -1.11 7.94
CA LEU A 100 -12.45 -2.50 7.72
C LEU A 100 -11.04 -2.44 7.13
N ASP A 101 -10.09 -3.04 7.80
CA ASP A 101 -8.70 -3.03 7.28
C ASP A 101 -8.43 -4.31 6.48
N LEU A 102 -7.54 -4.25 5.52
CA LEU A 102 -7.25 -5.46 4.72
C LEU A 102 -5.97 -6.13 5.22
N GLY A 103 -4.83 -5.67 4.81
CA GLY A 103 -3.56 -6.29 5.26
C GLY A 103 -2.42 -5.28 5.16
N HIS A 104 -1.23 -5.67 5.54
CA HIS A 104 -0.06 -4.74 5.47
C HIS A 104 1.17 -5.49 4.99
N VAL A 105 1.40 -5.52 3.70
CA VAL A 105 2.60 -6.23 3.15
C VAL A 105 3.83 -5.34 3.22
N ALA A 106 4.86 -5.77 3.90
CA ALA A 106 6.10 -4.94 3.99
C ALA A 106 6.91 -5.09 2.70
N LEU A 107 7.54 -4.03 2.24
CA LEU A 107 8.33 -4.16 0.99
C LEU A 107 9.80 -3.77 1.23
N THR A 108 10.66 -4.09 0.30
CA THR A 108 12.10 -3.75 0.47
C THR A 108 12.68 -3.33 -0.88
N PHE A 109 13.85 -2.75 -0.89
CA PHE A 109 14.46 -2.32 -2.18
C PHE A 109 15.95 -2.70 -2.22
N GLY A 110 16.31 -3.67 -3.02
CA GLY A 110 17.73 -4.08 -3.09
C GLY A 110 18.25 -3.87 -4.52
C1' ROM B . -11.27 7.17 3.88
C2' ROM B . -11.95 6.51 2.68
C3' ROM B . -12.08 7.54 1.57
C4' ROM B . -12.88 8.73 2.08
C5' ROM B . -12.19 9.30 3.32
O5' ROM B . -12.02 8.30 4.32
O2' ROM B . -11.17 5.42 2.24
O3' ROM B . -10.78 7.97 1.18
N4' ROM B . -13.11 9.78 1.05
C6D ROM B . -13.06 10.44 3.88
O9 ROM B . -11.20 6.26 4.95
C6B ROM B . -10.84 9.89 2.92
C4D ROM B . -14.51 9.76 0.62
C4B ROM B . -12.21 9.66 -0.10
C'8 ROM B . -3.29 8.96 0.40
C'7 ROM B . -2.68 10.00 -0.28
C'6 ROM B . -3.29 10.57 -1.38
C'5 ROM B . -4.51 10.09 -1.82
C15 ROM B . -5.13 9.04 -1.14
C'9 ROM B . -4.52 8.47 -0.04
O'7 ROM B . -1.46 10.47 0.15
C1A ROM B . -5.16 7.34 0.65
O'4 ROM B . -5.11 10.65 -2.93
C'3 ROM B . -6.19 10.05 -3.47
C'2 ROM B . -6.79 8.88 -2.79
N'1 ROM B . -6.34 8.56 -1.58
C1B ROM B . -6.72 10.51 -4.61
O'2 ROM B . -7.66 8.23 -3.32
O13 ROM B . -4.85 7.36 1.93
C7X ROM B . -1.61 11.78 0.61
O11 ROM B . -5.88 6.51 0.14
C3 ROM B . -6.80 6.67 3.76
C2 ROM B . -7.87 6.27 4.52
C7 ROM B . -8.08 5.01 4.85
C6 ROM B . -7.23 4.02 4.43
C5 ROM B . -6.13 4.36 3.65
C4 ROM B . -5.90 5.71 3.31
C1 ROM B . -8.86 7.10 5.12
C12 ROM B . -8.67 8.21 5.78
C9 ROM B . -9.96 6.25 5.70
C8 ROM B . -9.33 4.83 5.76
C13 ROM B . -4.67 6.08 2.53
C10 ROM B . -10.09 7.03 6.97
C11 ROM B . -9.38 8.18 6.92
C14 ROM B . -3.43 6.12 3.43
O15 ROM B . -3.30 4.87 4.12
C16 ROM B . -3.19 4.93 5.43
C17 ROM B . -2.76 3.61 6.08
C18 ROM B . -3.43 3.47 7.45
C20 ROM B . -5.79 2.68 7.18
C21 ROM B . -7.13 2.94 7.11
C22 ROM B . -7.64 4.20 7.24
C23 ROM B . -6.78 5.25 7.46
C24 ROM B . -5.41 5.03 7.54
C19 ROM B . -4.90 3.72 7.39
O25 ROM B . -9.01 4.43 7.11
N18 ROM B . -3.14 2.07 7.86
O23 ROM B . -7.27 6.54 7.61
CL21 ROM B . -8.21 1.62 6.83
O16 ROM B . -3.40 5.92 6.08
H1' ROM B . -10.29 7.47 3.59
H2' ROM B . -12.94 6.17 2.96
H3' ROM B . -12.57 7.09 0.72
H4' ROM B . -13.86 8.37 2.38
H2'2 ROM B . -11.76 4.68 2.07
H3'2 ROM B . -10.69 7.86 0.24
H6B1 ROM B . -13.97 10.50 3.30
H6B3 ROM B . -13.30 10.24 4.92
H6B2 ROM B . -12.52 11.38 3.81
H6A1 ROM B . -10.93 10.42 1.99
H6A3 ROM B . -10.50 10.58 3.69
H6A2 ROM B . -10.11 9.10 2.81
H4B1 ROM B . -14.69 10.64 0.00
H4B3 ROM B . -14.69 8.87 0.05
H4B2 ROM B . -15.14 9.79 1.49
H4A1 ROM B . -12.25 8.65 -0.47
H4A3 ROM B . -12.53 10.35 -0.86
H4A2 ROM B . -11.21 9.91 0.22
H'8 ROM B . -2.81 8.52 1.27
H'6 ROM B . -2.81 11.38 -1.91
H'1 ROM B . -6.88 7.99 -0.99
H3A1 ROM B . -6.14 10.49 -5.53
H3A2 ROM B . -7.71 10.91 -4.65
H7A1 ROM B . -2.39 12.28 0.04
H7A3 ROM B . -1.90 11.76 1.65
H7A2 ROM B . -0.68 12.32 0.50
H3 ROM B . -6.68 7.71 3.49
H6 ROM B . -7.42 2.98 4.71
H5 ROM B . -5.46 3.59 3.30
H12 ROM B . -8.05 9.03 5.46
H8 ROM B . -10.01 4.13 5.30
H13 ROM B . -4.51 5.36 1.74
H10 ROM B . -10.68 6.68 7.80
H11 ROM B . -9.37 8.94 7.66
H142 ROM B . -2.54 6.29 2.84
H141 ROM B . -3.54 6.90 4.18
H172 ROM B . -3.06 2.78 5.44
H171 ROM B . -1.69 3.59 6.19
H18 ROM B . -2.97 4.15 8.15
H20 ROM B . -5.41 1.68 7.06
H24 ROM B . -4.74 5.84 7.71
H183 ROM B . -3.52 1.41 7.15
H182 ROM B . -2.11 1.93 7.93
H184 ROM B . -3.58 1.88 8.78
H232 ROM B . -7.17 6.81 8.52
N ALA A 1 -11.49 -10.60 9.84
CA ALA A 1 -10.39 -9.95 9.09
C ALA A 1 -10.10 -10.70 7.79
N PRO A 2 -10.20 -9.99 6.70
CA PRO A 2 -9.95 -10.60 5.36
C PRO A 2 -8.46 -10.88 5.17
N ALA A 3 -8.03 -11.02 3.94
CA ALA A 3 -6.58 -11.30 3.68
C ALA A 3 -6.03 -10.29 2.66
N PHE A 4 -4.77 -10.40 2.35
CA PHE A 4 -4.14 -9.46 1.37
C PHE A 4 -2.69 -9.89 1.11
N SER A 5 -2.32 -10.11 -0.12
CA SER A 5 -0.92 -10.53 -0.38
C SER A 5 -0.40 -9.96 -1.71
N VAL A 6 0.90 -9.86 -1.84
CA VAL A 6 1.51 -9.32 -3.08
C VAL A 6 2.53 -10.32 -3.62
N SER A 7 2.94 -10.19 -4.86
CA SER A 7 3.94 -11.15 -5.39
C SER A 7 5.33 -10.81 -4.84
N PRO A 8 5.88 -9.68 -5.27
CA PRO A 8 7.21 -9.27 -4.79
C PRO A 8 7.08 -8.68 -3.38
N ALA A 9 8.18 -8.41 -2.73
CA ALA A 9 8.10 -7.84 -1.36
C ALA A 9 9.52 -7.64 -0.78
N SER A 10 10.49 -7.42 -1.64
CA SER A 10 11.89 -7.23 -1.17
C SER A 10 12.80 -6.97 -2.35
N GLY A 11 13.95 -6.41 -2.13
CA GLY A 11 14.88 -6.14 -3.27
C GLY A 11 14.09 -5.58 -4.45
N LEU A 12 13.16 -4.70 -4.18
CA LEU A 12 12.34 -4.12 -5.28
C LEU A 12 13.14 -3.06 -6.04
N SER A 13 12.46 -2.18 -6.72
CA SER A 13 13.18 -1.11 -7.48
C SER A 13 12.21 0.03 -7.80
N ASP A 14 12.70 1.25 -7.82
CA ASP A 14 11.81 2.39 -8.12
C ASP A 14 11.20 2.25 -9.52
N GLY A 15 9.91 2.39 -9.63
CA GLY A 15 9.26 2.25 -10.95
C GLY A 15 8.83 0.80 -11.17
N GLN A 16 9.51 -0.12 -10.53
CA GLN A 16 9.16 -1.56 -10.70
C GLN A 16 7.69 -1.78 -10.32
N SER A 17 7.07 -2.79 -10.87
CA SER A 17 5.64 -3.07 -10.54
C SER A 17 5.52 -4.36 -9.74
N VAL A 18 4.40 -4.56 -9.10
CA VAL A 18 4.22 -5.80 -8.30
C VAL A 18 2.82 -6.38 -8.54
N SER A 19 2.66 -7.67 -8.39
CA SER A 19 1.31 -8.28 -8.61
C SER A 19 0.58 -8.38 -7.27
N VAL A 20 -0.37 -7.51 -7.04
CA VAL A 20 -1.12 -7.57 -5.75
C VAL A 20 -2.42 -8.34 -5.92
N SER A 21 -3.05 -8.66 -4.84
CA SER A 21 -4.33 -9.42 -4.91
C SER A 21 -4.99 -9.49 -3.53
N VAL A 22 -6.09 -8.80 -3.35
CA VAL A 22 -6.77 -8.82 -2.04
C VAL A 22 -7.88 -9.88 -2.07
N SER A 23 -8.39 -10.23 -0.92
CA SER A 23 -9.47 -11.25 -0.88
C SER A 23 -10.12 -11.27 0.50
N GLY A 24 -11.19 -12.01 0.65
CA GLY A 24 -11.87 -12.07 1.97
C GLY A 24 -12.69 -10.80 2.20
N ALA A 25 -12.62 -9.86 1.29
CA ALA A 25 -13.41 -8.60 1.46
C ALA A 25 -14.89 -8.87 1.19
N ALA A 26 -15.56 -7.98 0.52
CA ALA A 26 -17.02 -8.21 0.24
C ALA A 26 -17.54 -7.23 -0.82
N ALA A 27 -18.15 -7.75 -1.84
CA ALA A 27 -18.69 -6.88 -2.93
C ALA A 27 -19.50 -5.73 -2.32
N GLY A 28 -19.29 -4.54 -2.82
CA GLY A 28 -20.04 -3.38 -2.28
C GLY A 28 -19.11 -2.52 -1.43
N GLU A 29 -17.83 -2.75 -1.51
CA GLU A 29 -16.88 -1.93 -0.70
C GLU A 29 -15.67 -1.52 -1.53
N THR A 30 -15.20 -0.32 -1.34
CA THR A 30 -14.02 0.17 -2.12
C THR A 30 -12.86 0.44 -1.15
N TYR A 31 -11.72 -0.14 -1.40
CA TYR A 31 -10.56 0.09 -0.50
C TYR A 31 -9.49 0.91 -1.20
N TYR A 32 -8.64 1.56 -0.45
CA TYR A 32 -7.57 2.38 -1.07
C TYR A 32 -6.19 1.81 -0.70
N ILE A 33 -5.46 1.34 -1.66
CA ILE A 33 -4.11 0.77 -1.38
C ILE A 33 -3.03 1.86 -1.53
N ALA A 34 -2.05 1.85 -0.67
CA ALA A 34 -0.97 2.88 -0.77
C ALA A 34 0.28 2.45 0.01
N GLN A 35 1.44 2.90 -0.41
CA GLN A 35 2.69 2.52 0.30
C GLN A 35 2.98 3.57 1.38
N CYS A 36 3.40 3.14 2.54
CA CYS A 36 3.69 4.13 3.62
C CYS A 36 5.03 3.82 4.29
N ALA A 37 5.42 4.65 5.23
CA ALA A 37 6.71 4.43 5.94
C ALA A 37 6.64 5.13 7.30
N PRO A 38 7.19 4.47 8.29
CA PRO A 38 7.19 5.03 9.66
C PRO A 38 8.09 6.27 9.75
N VAL A 39 7.88 7.08 10.74
CA VAL A 39 8.72 8.31 10.90
C VAL A 39 8.83 8.69 12.37
N GLY A 40 9.54 7.91 13.15
CA GLY A 40 9.70 8.23 14.60
C GLY A 40 8.39 7.92 15.33
N GLY A 41 7.38 7.45 14.63
CA GLY A 41 6.10 7.14 15.30
C GLY A 41 4.94 7.51 14.36
N GLN A 42 5.07 8.59 13.65
CA GLN A 42 3.97 9.00 12.72
C GLN A 42 3.94 8.08 11.49
N ASP A 43 2.84 8.04 10.80
CA ASP A 43 2.74 7.17 9.59
C ASP A 43 2.64 8.02 8.33
N ALA A 44 3.65 8.03 7.52
CA ALA A 44 3.60 8.85 6.27
C ALA A 44 3.26 7.96 5.06
N CYS A 45 2.06 8.08 4.54
CA CYS A 45 1.68 7.24 3.37
C CYS A 45 1.90 8.01 2.06
N ASN A 46 1.69 7.37 0.95
CA ASN A 46 1.90 8.06 -0.36
C ASN A 46 0.54 8.36 -1.02
N PRO A 47 0.29 9.63 -1.23
CA PRO A 47 -0.98 10.05 -1.85
C PRO A 47 -0.91 9.87 -3.37
N ALA A 48 0.23 10.12 -3.94
CA ALA A 48 0.37 9.96 -5.43
C ALA A 48 0.09 8.52 -5.84
N THR A 49 0.73 7.58 -5.21
CA THR A 49 0.50 6.15 -5.56
C THR A 49 -0.64 5.56 -4.74
N ALA A 50 -1.74 6.27 -4.67
CA ALA A 50 -2.91 5.75 -3.87
C ALA A 50 -4.04 5.35 -4.82
N THR A 51 -4.01 4.15 -5.32
CA THR A 51 -5.09 3.69 -6.24
C THR A 51 -6.31 3.21 -5.45
N SER A 52 -7.48 3.40 -5.98
CA SER A 52 -8.71 2.96 -5.27
C SER A 52 -9.43 1.89 -6.09
N PHE A 53 -9.83 0.81 -5.47
CA PHE A 53 -10.53 -0.26 -6.23
C PHE A 53 -11.69 -0.82 -5.41
N THR A 54 -12.46 -1.69 -6.00
CA THR A 54 -13.61 -2.29 -5.27
C THR A 54 -13.59 -3.81 -5.43
N THR A 55 -14.07 -4.53 -4.46
CA THR A 55 -14.07 -6.02 -4.58
C THR A 55 -15.22 -6.49 -5.47
N ASP A 56 -15.27 -7.75 -5.78
CA ASP A 56 -16.36 -8.27 -6.65
C ASP A 56 -17.40 -8.98 -5.80
N ALA A 57 -18.25 -9.76 -6.41
CA ALA A 57 -19.30 -10.46 -5.61
C ALA A 57 -18.64 -11.48 -4.68
N SER A 58 -17.48 -11.96 -5.04
CA SER A 58 -16.79 -12.96 -4.17
C SER A 58 -15.83 -12.23 -3.22
N GLY A 59 -15.94 -10.93 -3.14
CA GLY A 59 -15.06 -10.15 -2.24
C GLY A 59 -13.60 -10.46 -2.59
N ALA A 60 -13.21 -10.20 -3.80
CA ALA A 60 -11.78 -10.49 -4.20
C ALA A 60 -11.34 -9.52 -5.30
N ALA A 61 -10.05 -9.26 -5.39
CA ALA A 61 -9.56 -8.34 -6.44
C ALA A 61 -8.07 -8.61 -6.73
N SER A 62 -7.67 -8.47 -7.96
CA SER A 62 -6.25 -8.72 -8.32
C SER A 62 -5.81 -7.71 -9.36
N PHE A 63 -4.66 -7.10 -9.19
CA PHE A 63 -4.20 -6.11 -10.19
C PHE A 63 -2.73 -5.76 -9.97
N SER A 64 -2.13 -5.07 -10.89
CA SER A 64 -0.70 -4.70 -10.74
C SER A 64 -0.58 -3.31 -10.13
N PHE A 65 0.44 -3.08 -9.35
CA PHE A 65 0.62 -1.75 -8.73
C PHE A 65 2.11 -1.36 -8.76
N VAL A 66 2.41 -0.18 -9.23
CA VAL A 66 3.84 0.24 -9.27
C VAL A 66 4.30 0.73 -7.90
N VAL A 67 5.57 0.73 -7.68
CA VAL A 67 6.10 1.20 -6.36
C VAL A 67 7.17 2.27 -6.57
N ARG A 68 7.64 2.86 -5.52
CA ARG A 68 8.68 3.92 -5.66
C ARG A 68 9.62 3.90 -4.45
N LYS A 69 10.80 3.39 -4.64
CA LYS A 69 11.78 3.34 -3.50
C LYS A 69 11.69 4.61 -2.66
N SER A 70 11.81 5.76 -3.29
CA SER A 70 11.72 7.03 -2.53
C SER A 70 10.48 7.83 -2.94
N TYR A 71 9.88 8.53 -2.02
CA TYR A 71 8.67 9.32 -2.35
C TYR A 71 8.26 10.19 -1.17
N THR A 72 7.71 11.35 -1.43
CA THR A 72 7.29 12.24 -0.30
C THR A 72 6.20 11.56 0.52
N GLY A 73 6.39 11.44 1.80
CA GLY A 73 5.35 10.80 2.65
C GLY A 73 4.46 11.86 3.31
N SER A 74 3.29 11.47 3.75
CA SER A 74 2.38 12.45 4.41
C SER A 74 1.21 11.70 5.06
N THR A 75 0.94 11.97 6.31
CA THR A 75 -0.19 11.26 6.99
C THR A 75 -1.49 11.50 6.22
N PRO A 76 -2.30 10.47 6.17
CA PRO A 76 -3.59 10.55 5.45
C PRO A 76 -4.60 11.39 6.26
N GLU A 77 -4.18 11.91 7.39
CA GLU A 77 -5.12 12.73 8.22
C GLU A 77 -5.26 14.13 7.61
N GLY A 78 -4.65 14.37 6.49
CA GLY A 78 -4.77 15.72 5.86
C GLY A 78 -3.48 16.51 6.13
N THR A 79 -2.80 16.23 7.19
CA THR A 79 -1.54 16.95 7.51
C THR A 79 -0.35 16.24 6.86
N PRO A 80 0.62 17.03 6.46
CA PRO A 80 1.82 16.47 5.83
C PRO A 80 2.83 16.01 6.89
N VAL A 81 3.94 15.48 6.47
CA VAL A 81 4.97 15.01 7.45
C VAL A 81 6.37 15.35 6.93
N GLY A 82 6.81 14.68 5.92
CA GLY A 82 8.16 14.96 5.36
C GLY A 82 8.45 14.01 4.20
N SER A 83 9.64 14.04 3.69
CA SER A 83 9.97 13.14 2.54
C SER A 83 10.35 11.75 3.06
N VAL A 84 10.15 10.74 2.26
CA VAL A 84 10.50 9.36 2.71
C VAL A 84 11.46 8.71 1.71
N ASP A 85 12.25 7.77 2.16
CA ASP A 85 13.21 7.10 1.25
C ASP A 85 13.56 5.70 1.76
N CYS A 86 13.23 4.69 1.03
CA CYS A 86 13.54 3.29 1.47
C CYS A 86 15.04 3.10 1.58
N ALA A 87 15.82 4.03 1.09
CA ALA A 87 17.30 3.88 1.17
C ALA A 87 17.72 3.76 2.64
N THR A 88 17.33 4.69 3.44
CA THR A 88 17.69 4.65 4.88
C THR A 88 16.41 4.67 5.72
N ALA A 89 15.29 4.41 5.11
CA ALA A 89 14.01 4.40 5.87
C ALA A 89 13.26 3.10 5.65
N ALA A 90 12.44 2.70 6.58
CA ALA A 90 11.68 1.42 6.42
C ALA A 90 10.52 1.64 5.46
N CYS A 91 9.98 0.59 4.90
CA CYS A 91 8.85 0.75 3.94
C CYS A 91 7.83 -0.38 4.11
N ASN A 92 6.58 -0.10 3.86
CA ASN A 92 5.53 -1.15 3.99
C ASN A 92 4.36 -0.85 3.07
N LEU A 93 3.34 -1.65 3.12
CA LEU A 93 2.16 -1.42 2.24
C LEU A 93 0.89 -1.79 3.01
N GLY A 94 -0.16 -1.02 2.87
CA GLY A 94 -1.42 -1.37 3.61
C GLY A 94 -2.64 -0.98 2.78
N ALA A 95 -3.75 -1.63 3.03
CA ALA A 95 -4.99 -1.32 2.26
C ALA A 95 -6.23 -1.59 3.13
N GLY A 96 -7.33 -0.96 2.83
CA GLY A 96 -8.56 -1.19 3.66
C GLY A 96 -9.40 0.09 3.70
N ASN A 97 -10.27 0.21 4.68
CA ASN A 97 -11.12 1.42 4.78
C ASN A 97 -11.37 1.78 6.24
N SER A 98 -12.02 2.88 6.49
CA SER A 98 -12.29 3.29 7.89
C SER A 98 -13.07 2.21 8.63
N GLY A 99 -14.00 1.57 7.97
CA GLY A 99 -14.79 0.50 8.64
C GLY A 99 -14.07 -0.85 8.47
N LEU A 100 -14.20 -1.45 7.32
CA LEU A 100 -13.52 -2.77 7.09
C LEU A 100 -12.11 -2.55 6.53
N ASP A 101 -11.12 -3.12 7.17
CA ASP A 101 -9.72 -2.96 6.68
C ASP A 101 -9.23 -4.26 6.03
N LEU A 102 -7.98 -4.32 5.66
CA LEU A 102 -7.46 -5.56 5.03
C LEU A 102 -6.14 -5.98 5.72
N GLY A 103 -5.03 -5.91 5.03
CA GLY A 103 -3.74 -6.32 5.65
C GLY A 103 -2.63 -5.37 5.20
N HIS A 104 -1.41 -5.62 5.62
CA HIS A 104 -0.28 -4.74 5.22
C HIS A 104 0.95 -5.59 4.84
N VAL A 105 1.47 -5.41 3.65
CA VAL A 105 2.67 -6.21 3.23
C VAL A 105 3.94 -5.37 3.38
N ALA A 106 4.97 -5.92 3.94
CA ALA A 106 6.23 -5.15 4.10
C ALA A 106 7.04 -5.19 2.81
N LEU A 107 7.87 -4.21 2.59
CA LEU A 107 8.70 -4.19 1.34
C LEU A 107 10.15 -3.84 1.68
N THR A 108 11.06 -4.06 0.76
CA THR A 108 12.48 -3.73 1.04
C THR A 108 13.24 -3.43 -0.26
N PHE A 109 13.75 -2.24 -0.39
CA PHE A 109 14.49 -1.87 -1.62
C PHE A 109 15.99 -2.14 -1.44
N GLY A 110 16.53 -3.08 -2.16
CA GLY A 110 17.98 -3.38 -2.02
C GLY A 110 18.32 -3.60 -0.54
C1' ROM B . -10.57 6.45 5.36
C2' ROM B . -11.24 5.88 4.11
C3' ROM B . -11.27 6.97 3.03
C4' ROM B . -11.95 8.23 3.60
C5' ROM B . -11.27 8.65 4.95
O5' ROM B . -11.30 7.56 5.84
O2' ROM B . -10.48 4.77 3.65
O3' ROM B . -9.96 7.25 2.60
N4' ROM B . -12.06 9.32 2.60
C6D ROM B . -12.04 9.82 5.55
O9 ROM B . -10.51 5.48 6.40
C6B ROM B . -9.81 9.09 4.75
C4D ROM B . -10.79 9.99 2.32
C4B ROM B . -13.09 10.29 2.99
C'8 ROM B . -3.43 9.04 1.98
C'7 ROM B . -3.44 10.40 1.74
C'6 ROM B . -4.30 10.94 0.80
C'5 ROM B . -5.16 10.11 0.09
C15 ROM B . -5.14 8.73 0.33
C'9 ROM B . -4.28 8.20 1.26
O'7 ROM B . -2.60 11.23 2.46
C1A ROM B . -4.26 6.76 1.50
O'4 ROM B . -6.02 10.65 -0.85
C'3 ROM B . -6.75 9.82 -1.62
C'2 ROM B . -6.67 8.36 -1.40
N'1 ROM B . -5.99 7.91 -0.37
C1B ROM B . -7.54 10.33 -2.59
O'2 ROM B . -7.23 7.60 -2.17
O13 ROM B . -4.55 6.52 2.77
C7X ROM B . -1.29 11.08 1.95
O11 ROM B . -4.03 5.90 0.69
C3 ROM B . -6.26 5.72 4.78
C2 ROM B . -7.27 5.28 5.61
C7 ROM B . -7.57 4.00 5.75
C6 ROM B . -6.89 3.03 5.08
C5 ROM B . -5.84 3.41 4.23
C4 ROM B . -5.52 4.76 4.08
C1 ROM B . -8.09 6.08 6.44
C12 ROM B . -7.73 7.04 7.24
C9 ROM B . -9.22 5.24 7.00
C8 ROM B . -8.74 3.78 6.76
C13 ROM B . -4.37 5.17 3.20
C10 ROM B . -9.16 5.80 8.38
C11 ROM B . -8.32 6.88 8.43
C14 ROM B . -3.04 5.04 3.95
O15 ROM B . -2.95 3.75 4.53
C16 ROM B . -2.75 3.71 5.83
C17 ROM B . -2.19 2.37 6.34
C18 ROM B . -2.74 2.07 7.73
C20 ROM B . -5.13 1.38 7.51
C21 ROM B . -6.47 1.66 7.59
C22 ROM B . -6.94 2.87 7.98
C23 ROM B . -6.04 3.86 8.32
C24 ROM B . -4.67 3.60 8.24
C19 ROM B . -4.21 2.36 7.83
O25 ROM B . -8.31 3.13 7.99
N18 ROM B . -2.44 0.63 7.94
O23 ROM B . -6.49 5.10 8.73
CL21 ROM B . -7.61 0.42 7.17
O16 ROM B . -2.99 4.63 6.60
H1' ROM B . -9.59 6.76 5.10
H2' ROM B . -12.24 5.57 4.35
H3' ROM B . -11.86 6.60 2.19
H4' ROM B . -12.97 7.96 3.84
H2'2 ROM B . -10.05 4.36 4.40
H3'2 ROM B . -9.84 6.86 1.73
H6B1 ROM B . -13.10 9.60 5.52
H6B3 ROM B . -11.73 9.98 6.57
H6B2 ROM B . -11.85 10.71 4.97
H6A1 ROM B . -9.75 10.16 4.80
H6A3 ROM B . -9.19 8.66 5.52
H6A2 ROM B . -9.46 8.76 3.79
H4B1 ROM B . -10.92 10.62 1.45
H4B3 ROM B . -10.53 10.60 3.17
H4B2 ROM B . -10.04 9.25 2.14
H4A1 ROM B . -13.70 10.50 2.13
H4A3 ROM B . -13.68 9.86 3.77
H4A2 ROM B . -12.60 11.18 3.33
H'8 ROM B . -2.76 8.61 2.72
H'6 ROM B . -4.31 12.01 0.62
H'1 ROM B . -6.08 6.97 -0.10
H3A1 ROM B . -7.34 10.12 -3.62
H3A2 ROM B . -8.38 10.95 -2.34
H7A1 ROM B . -1.14 10.06 1.61
H7A3 ROM B . -1.14 11.76 1.12
H7A2 ROM B . -0.57 11.30 2.72
H3 ROM B . -6.05 6.77 4.69
H6 ROM B . -7.15 1.99 5.20
H5 ROM B . -5.29 2.66 3.69
H12 ROM B . -7.06 7.84 6.99
H8 ROM B . -9.52 3.22 6.30
H13 ROM B . -4.36 4.55 2.32
H10 ROM B . -9.70 5.37 9.20
H11 ROM B . -8.18 7.50 9.28
H142 ROM B . -2.22 5.17 3.25
H141 ROM B . -2.98 5.78 4.73
H172 ROM B . -2.48 1.59 5.65
H171 ROM B . -1.12 2.43 6.37
H18 ROM B . -2.21 2.65 8.46
H20 ROM B . -4.79 0.40 7.20
H24 ROM B . -3.97 4.37 8.51
H183 ROM B . -1.41 0.47 7.85
H182 ROM B . -2.75 0.34 8.89
H184 ROM B . -2.94 0.06 7.22
H232 ROM B . -7.19 5.00 9.37
N ALA A 1 -12.14 -14.29 8.22
CA ALA A 1 -11.68 -12.94 7.79
C ALA A 1 -11.17 -12.99 6.35
N PRO A 2 -11.13 -11.84 5.73
CA PRO A 2 -10.64 -11.75 4.34
C PRO A 2 -9.13 -11.92 4.29
N ALA A 3 -8.49 -11.47 3.24
CA ALA A 3 -7.01 -11.62 3.14
C ALA A 3 -6.43 -10.64 2.12
N PHE A 4 -5.16 -10.36 2.21
CA PHE A 4 -4.51 -9.41 1.25
C PHE A 4 -3.04 -9.79 1.11
N SER A 5 -2.58 -10.00 -0.08
CA SER A 5 -1.14 -10.37 -0.25
C SER A 5 -0.60 -9.88 -1.60
N VAL A 6 0.70 -9.88 -1.73
CA VAL A 6 1.36 -9.43 -2.98
C VAL A 6 2.34 -10.51 -3.44
N SER A 7 2.76 -10.48 -4.68
CA SER A 7 3.73 -11.54 -5.12
C SER A 7 5.12 -11.23 -4.53
N PRO A 8 5.77 -10.21 -5.03
CA PRO A 8 7.10 -9.84 -4.51
C PRO A 8 6.94 -9.12 -3.16
N ALA A 9 8.01 -8.94 -2.45
CA ALA A 9 7.92 -8.24 -1.13
C ALA A 9 9.33 -8.12 -0.52
N SER A 10 10.32 -8.01 -1.35
CA SER A 10 11.72 -7.89 -0.86
C SER A 10 12.67 -7.75 -2.05
N GLY A 11 13.74 -7.00 -1.89
CA GLY A 11 14.68 -6.82 -3.02
C GLY A 11 13.97 -6.16 -4.20
N LEU A 12 13.14 -5.19 -3.93
CA LEU A 12 12.40 -4.49 -5.01
C LEU A 12 13.28 -3.43 -5.68
N SER A 13 12.67 -2.43 -6.24
CA SER A 13 13.46 -1.35 -6.91
C SER A 13 12.56 -0.15 -7.22
N ASP A 14 13.15 1.01 -7.38
CA ASP A 14 12.34 2.22 -7.69
C ASP A 14 11.58 2.05 -9.02
N GLY A 15 10.28 2.22 -8.98
CA GLY A 15 9.48 2.07 -10.24
C GLY A 15 9.06 0.61 -10.40
N GLN A 16 9.81 -0.29 -9.83
CA GLN A 16 9.47 -1.74 -9.93
C GLN A 16 7.96 -1.94 -9.76
N SER A 17 7.40 -2.96 -10.35
CA SER A 17 5.94 -3.19 -10.21
C SER A 17 5.66 -4.58 -9.62
N VAL A 18 4.78 -4.66 -8.67
CA VAL A 18 4.46 -5.97 -8.05
C VAL A 18 3.01 -6.37 -8.35
N SER A 19 2.69 -7.63 -8.23
CA SER A 19 1.30 -8.08 -8.53
C SER A 19 0.53 -8.26 -7.21
N VAL A 20 -0.44 -7.42 -6.96
CA VAL A 20 -1.21 -7.54 -5.69
C VAL A 20 -2.57 -8.22 -5.94
N SER A 21 -3.23 -8.61 -4.88
CA SER A 21 -4.56 -9.28 -5.02
C SER A 21 -5.24 -9.37 -3.65
N VAL A 22 -6.49 -8.99 -3.58
CA VAL A 22 -7.22 -9.05 -2.27
C VAL A 22 -8.43 -9.98 -2.39
N SER A 23 -8.55 -10.95 -1.52
CA SER A 23 -9.72 -11.87 -1.61
C SER A 23 -10.33 -12.09 -0.22
N GLY A 24 -11.62 -12.29 -0.17
CA GLY A 24 -12.28 -12.52 1.14
C GLY A 24 -13.22 -11.35 1.46
N ALA A 25 -13.00 -10.21 0.86
CA ALA A 25 -13.89 -9.04 1.14
C ALA A 25 -15.31 -9.34 0.65
N ALA A 26 -16.10 -8.32 0.40
CA ALA A 26 -17.49 -8.57 -0.08
C ALA A 26 -17.98 -7.43 -0.98
N ALA A 27 -18.62 -7.77 -2.07
CA ALA A 27 -19.13 -6.72 -3.00
C ALA A 27 -19.91 -5.65 -2.25
N GLY A 28 -19.67 -4.41 -2.55
CA GLY A 28 -20.40 -3.32 -1.85
C GLY A 28 -19.42 -2.43 -1.10
N GLU A 29 -18.14 -2.62 -1.30
CA GLU A 29 -17.15 -1.76 -0.59
C GLU A 29 -15.92 -1.49 -1.45
N THR A 30 -15.32 -0.34 -1.27
CA THR A 30 -14.12 0.02 -2.07
C THR A 30 -12.94 0.27 -1.12
N TYR A 31 -11.86 -0.44 -1.28
CA TYR A 31 -10.70 -0.23 -0.38
C TYR A 31 -9.60 0.57 -1.09
N TYR A 32 -8.84 1.32 -0.35
CA TYR A 32 -7.74 2.11 -0.97
C TYR A 32 -6.38 1.56 -0.54
N ILE A 33 -5.54 1.22 -1.47
CA ILE A 33 -4.20 0.68 -1.11
C ILE A 33 -3.11 1.68 -1.51
N ALA A 34 -2.08 1.80 -0.70
CA ALA A 34 -0.99 2.76 -1.03
C ALA A 34 0.29 2.40 -0.27
N GLN A 35 1.42 2.88 -0.72
CA GLN A 35 2.70 2.57 -0.03
C GLN A 35 2.93 3.55 1.12
N CYS A 36 3.64 3.15 2.14
CA CYS A 36 3.88 4.08 3.27
C CYS A 36 5.29 3.92 3.83
N ALA A 37 5.63 4.73 4.79
CA ALA A 37 6.99 4.66 5.41
C ALA A 37 7.03 5.59 6.62
N PRO A 38 7.50 5.06 7.72
CA PRO A 38 7.58 5.86 8.95
C PRO A 38 8.66 6.94 8.85
N VAL A 39 8.60 7.94 9.68
CA VAL A 39 9.61 9.03 9.64
C VAL A 39 9.92 9.53 11.06
N GLY A 40 10.55 8.72 11.86
CA GLY A 40 10.89 9.14 13.25
C GLY A 40 9.66 9.72 13.96
N GLY A 41 8.48 9.37 13.52
CA GLY A 41 7.25 9.90 14.18
C GLY A 41 6.08 8.98 13.90
N GLN A 42 5.46 9.11 12.76
CA GLN A 42 4.30 8.24 12.43
C GLN A 42 4.51 7.58 11.06
N ASP A 43 3.46 7.09 10.46
CA ASP A 43 3.61 6.44 9.13
C ASP A 43 3.11 7.37 8.02
N ALA A 44 4.01 7.90 7.22
CA ALA A 44 3.59 8.81 6.13
C ALA A 44 3.36 8.02 4.84
N CYS A 45 2.21 8.17 4.24
CA CYS A 45 1.92 7.42 2.99
C CYS A 45 2.12 8.32 1.77
N ASN A 46 2.07 7.77 0.58
CA ASN A 46 2.26 8.62 -0.62
C ASN A 46 0.93 8.78 -1.38
N PRO A 47 0.60 10.00 -1.68
CA PRO A 47 -0.66 10.29 -2.41
C PRO A 47 -0.47 10.03 -3.90
N ALA A 48 0.60 10.52 -4.47
CA ALA A 48 0.84 10.31 -5.93
C ALA A 48 0.47 8.89 -6.34
N THR A 49 1.10 7.91 -5.74
CA THR A 49 0.78 6.50 -6.09
C THR A 49 -0.33 5.96 -5.18
N ALA A 50 -1.47 5.68 -5.74
CA ALA A 50 -2.60 5.14 -4.93
C ALA A 50 -3.66 4.53 -5.85
N THR A 51 -4.26 3.45 -5.46
CA THR A 51 -5.29 2.83 -6.33
C THR A 51 -6.50 2.36 -5.50
N SER A 52 -7.67 2.78 -5.86
CA SER A 52 -8.89 2.36 -5.11
C SER A 52 -9.59 1.25 -5.88
N PHE A 53 -9.77 0.11 -5.27
CA PHE A 53 -10.45 -1.01 -5.99
C PHE A 53 -11.65 -1.53 -5.19
N THR A 54 -12.75 -1.77 -5.84
CA THR A 54 -13.95 -2.30 -5.14
C THR A 54 -14.11 -3.79 -5.44
N THR A 55 -14.77 -4.51 -4.59
CA THR A 55 -14.95 -5.97 -4.84
C THR A 55 -16.28 -6.23 -5.55
N ASP A 56 -16.41 -7.38 -6.17
CA ASP A 56 -17.68 -7.70 -6.88
C ASP A 56 -18.43 -8.77 -6.08
N ALA A 57 -19.31 -9.48 -6.71
CA ALA A 57 -20.07 -10.52 -5.97
C ALA A 57 -19.13 -11.64 -5.53
N SER A 58 -18.01 -11.77 -6.19
CA SER A 58 -17.05 -12.83 -5.80
C SER A 58 -16.12 -12.32 -4.70
N GLY A 59 -16.27 -11.06 -4.35
CA GLY A 59 -15.42 -10.47 -3.28
C GLY A 59 -13.95 -10.78 -3.58
N ALA A 60 -13.48 -10.40 -4.73
CA ALA A 60 -12.05 -10.68 -5.07
C ALA A 60 -11.54 -9.66 -6.11
N ALA A 61 -10.33 -9.21 -5.94
CA ALA A 61 -9.76 -8.23 -6.90
C ALA A 61 -8.27 -8.50 -7.11
N SER A 62 -7.72 -7.94 -8.14
CA SER A 62 -6.27 -8.16 -8.42
C SER A 62 -5.79 -7.07 -9.38
N PHE A 63 -4.59 -6.60 -9.20
CA PHE A 63 -4.11 -5.54 -10.12
C PHE A 63 -2.61 -5.30 -9.91
N SER A 64 -1.93 -4.83 -10.93
CA SER A 64 -0.47 -4.58 -10.80
C SER A 64 -0.24 -3.20 -10.17
N PHE A 65 0.46 -3.16 -9.09
CA PHE A 65 0.72 -1.86 -8.42
C PHE A 65 2.19 -1.48 -8.58
N VAL A 66 2.51 -0.22 -8.48
CA VAL A 66 3.95 0.19 -8.64
C VAL A 66 4.51 0.62 -7.28
N VAL A 67 5.80 0.76 -7.19
CA VAL A 67 6.40 1.17 -5.89
C VAL A 67 7.50 2.20 -6.14
N ARG A 68 7.98 2.82 -5.10
CA ARG A 68 9.05 3.84 -5.28
C ARG A 68 9.99 3.84 -4.07
N LYS A 69 11.18 3.36 -4.26
CA LYS A 69 12.16 3.31 -3.13
C LYS A 69 12.22 4.66 -2.39
N SER A 70 11.79 5.73 -3.01
CA SER A 70 11.83 7.05 -2.32
C SER A 70 10.66 7.94 -2.78
N TYR A 71 10.11 8.72 -1.89
CA TYR A 71 8.96 9.60 -2.27
C TYR A 71 8.58 10.50 -1.09
N THR A 72 7.87 11.56 -1.35
CA THR A 72 7.48 12.47 -0.23
C THR A 72 6.32 11.86 0.55
N GLY A 73 6.44 11.77 1.85
CA GLY A 73 5.34 11.19 2.67
C GLY A 73 4.46 12.30 3.25
N SER A 74 3.22 12.01 3.48
CA SER A 74 2.28 13.04 4.05
C SER A 74 0.94 12.38 4.39
N THR A 75 0.55 12.44 5.63
CA THR A 75 -0.74 11.82 6.05
C THR A 75 -1.83 12.08 4.98
N PRO A 76 -2.89 11.32 5.06
CA PRO A 76 -4.00 11.45 4.10
C PRO A 76 -4.72 12.79 4.30
N GLU A 77 -4.69 13.32 5.49
CA GLU A 77 -5.37 14.62 5.76
C GLU A 77 -5.13 15.06 7.20
N GLY A 78 -4.55 16.21 7.40
CA GLY A 78 -4.29 16.69 8.79
C GLY A 78 -2.97 17.46 8.83
N THR A 79 -1.87 16.77 8.98
CA THR A 79 -0.56 17.45 9.02
C THR A 79 0.46 16.71 8.15
N PRO A 80 1.28 17.48 7.48
CA PRO A 80 2.32 16.91 6.60
C PRO A 80 3.44 16.27 7.43
N VAL A 81 3.84 15.09 7.08
CA VAL A 81 4.93 14.42 7.86
C VAL A 81 6.30 14.82 7.30
N GLY A 82 6.40 14.99 6.02
CA GLY A 82 7.70 15.37 5.42
C GLY A 82 8.05 14.40 4.28
N SER A 83 9.30 14.31 3.93
CA SER A 83 9.70 13.39 2.83
C SER A 83 9.89 11.97 3.38
N VAL A 84 10.08 11.01 2.51
CA VAL A 84 10.25 9.60 2.98
C VAL A 84 11.35 8.91 2.16
N ASP A 85 12.00 7.96 2.74
CA ASP A 85 13.07 7.24 1.99
C ASP A 85 13.13 5.78 2.43
N CYS A 86 12.61 4.89 1.62
CA CYS A 86 12.62 3.45 1.98
C CYS A 86 14.06 2.88 1.91
N ALA A 87 15.00 3.69 1.54
CA ALA A 87 16.41 3.19 1.46
C ALA A 87 16.90 2.79 2.84
N THR A 88 16.84 3.71 3.77
CA THR A 88 17.29 3.40 5.15
C THR A 88 16.09 3.32 6.09
N ALA A 89 14.93 3.71 5.61
CA ALA A 89 13.71 3.66 6.46
C ALA A 89 12.99 2.32 6.29
N ALA A 90 11.91 2.13 6.98
CA ALA A 90 11.15 0.85 6.86
C ALA A 90 9.96 1.03 5.90
N CYS A 91 10.11 0.61 4.68
CA CYS A 91 9.01 0.75 3.69
C CYS A 91 8.01 -0.41 3.83
N ASN A 92 6.74 -0.13 3.72
CA ASN A 92 5.73 -1.22 3.84
C ASN A 92 4.43 -0.83 3.13
N LEU A 93 3.76 -1.78 2.55
CA LEU A 93 2.49 -1.47 1.84
C LEU A 93 1.30 -1.80 2.74
N GLY A 94 0.23 -1.05 2.65
CA GLY A 94 -0.94 -1.35 3.52
C GLY A 94 -2.24 -0.89 2.85
N ALA A 95 -3.34 -1.53 3.15
CA ALA A 95 -4.63 -1.14 2.54
C ALA A 95 -5.76 -1.26 3.57
N GLY A 96 -6.99 -1.06 3.15
CA GLY A 96 -8.12 -1.17 4.11
C GLY A 96 -9.14 -0.06 3.81
N ASN A 97 -10.06 0.17 4.71
CA ASN A 97 -11.08 1.23 4.47
C ASN A 97 -11.44 1.93 5.78
N SER A 98 -12.62 2.48 5.86
CA SER A 98 -13.04 3.18 7.12
C SER A 98 -13.34 2.16 8.23
N GLY A 99 -13.91 1.03 7.88
CA GLY A 99 -14.22 0.01 8.92
C GLY A 99 -13.53 -1.31 8.60
N LEU A 100 -14.12 -2.11 7.76
CA LEU A 100 -13.49 -3.42 7.39
C LEU A 100 -11.97 -3.27 7.24
N ASP A 101 -11.24 -4.33 7.46
CA ASP A 101 -9.76 -4.25 7.34
C ASP A 101 -9.24 -5.37 6.42
N LEU A 102 -8.37 -5.04 5.51
CA LEU A 102 -7.84 -6.08 4.58
C LEU A 102 -6.55 -6.67 5.15
N GLY A 103 -5.45 -5.98 5.00
CA GLY A 103 -4.16 -6.51 5.53
C GLY A 103 -3.03 -5.52 5.23
N HIS A 104 -1.83 -5.85 5.62
CA HIS A 104 -0.68 -4.92 5.37
C HIS A 104 0.57 -5.73 5.00
N VAL A 105 1.15 -5.47 3.86
CA VAL A 105 2.37 -6.22 3.45
C VAL A 105 3.62 -5.37 3.71
N ALA A 106 4.76 -5.98 3.71
CA ALA A 106 6.02 -5.22 3.96
C ALA A 106 6.92 -5.30 2.74
N LEU A 107 7.60 -4.23 2.40
CA LEU A 107 8.49 -4.26 1.22
C LEU A 107 9.93 -3.95 1.64
N THR A 108 10.87 -4.13 0.76
CA THR A 108 12.29 -3.85 1.12
C THR A 108 13.06 -3.41 -0.13
N PHE A 109 13.87 -2.41 -0.02
CA PHE A 109 14.65 -1.96 -1.22
C PHE A 109 16.14 -2.23 -1.02
N GLY A 110 16.59 -3.38 -1.42
CA GLY A 110 18.04 -3.73 -1.25
C GLY A 110 18.89 -2.73 -2.06
C1' ROM B . -10.48 6.80 5.06
C2' ROM B . -11.27 6.22 3.91
C3' ROM B . -11.16 7.18 2.73
C4' ROM B . -11.67 8.59 3.17
C5' ROM B . -10.96 9.01 4.49
O5' ROM B . -11.06 8.01 5.46
O2' ROM B . -10.72 4.96 3.55
O3' ROM B . -9.81 7.25 2.31
N4' ROM B . -11.52 9.63 2.12
C6D ROM B . -11.65 10.29 5.00
O9 ROM B . -10.47 5.91 6.16
C6B ROM B . -9.50 9.34 4.21
C4D ROM B . -12.82 10.14 1.70
C4B ROM B . -10.75 9.17 0.95
C'8 ROM B . -3.37 8.78 1.24
C'7 ROM B . -2.85 9.59 0.25
C'6 ROM B . -3.56 9.80 -0.92
C'5 ROM B . -4.80 9.21 -1.11
C15 ROM B . -5.33 8.39 -0.10
C'9 ROM B . -4.62 8.18 1.07
O'7 ROM B . -1.62 10.18 0.42
C1A ROM B . -5.19 7.34 2.12
O'4 ROM B . -5.51 9.42 -2.28
C'3 ROM B . -6.77 8.96 -2.38
C'2 ROM B . -7.35 8.17 -1.26
N'1 ROM B . -6.54 7.78 -0.30
C1B ROM B . -7.49 9.22 -3.48
O'2 ROM B . -8.54 7.91 -1.25
O13 ROM B . -4.22 6.84 2.87
C7X ROM B . -1.82 11.43 1.02
O11 ROM B . -6.37 7.14 2.31
C3 ROM B . -6.18 6.05 4.61
C2 ROM B . -7.20 5.64 5.41
C7 ROM B . -7.54 4.38 5.58
C6 ROM B . -6.86 3.38 4.93
C5 ROM B . -5.80 3.73 4.10
C4 ROM B . -5.45 5.07 3.92
C1 ROM B . -8.04 6.47 6.21
C12 ROM B . -7.68 7.46 6.97
C9 ROM B . -9.18 5.67 6.79
C8 ROM B . -8.71 4.19 6.60
C13 ROM B . -4.26 5.43 3.08
C10 ROM B . -9.12 6.27 8.15
C11 ROM B . -8.29 7.35 8.16
C14 ROM B . -2.96 4.97 3.74
O15 ROM B . -3.26 4.17 4.89
C16 ROM B . -2.24 3.64 5.53
C17 ROM B . -2.40 2.16 5.85
C18 ROM B . -2.86 1.99 7.30
C20 ROM B . -5.31 1.48 7.41
C21 ROM B . -6.61 1.89 7.55
C22 ROM B . -6.94 3.21 7.78
C23 ROM B . -5.94 4.14 7.87
C24 ROM B . -4.61 3.75 7.73
C19 ROM B . -4.30 2.41 7.49
O25 ROM B . -8.28 3.59 7.86
N18 ROM B . -2.68 0.53 7.58
O23 ROM B . -6.24 5.47 8.10
CL21 ROM B . -7.88 0.71 7.45
O16 ROM B . -1.24 4.26 5.85
H1' ROM B . -9.48 6.98 4.73
H2' ROM B . -12.30 6.10 4.19
H3' ROM B . -11.76 6.81 1.91
H4' ROM B . -12.72 8.50 3.37
H2'2 ROM B . -11.08 4.29 4.14
H3'2 ROM B . -9.52 6.38 2.07
H6B1 ROM B . -12.01 10.86 4.15
H6B3 ROM B . -12.49 10.02 5.63
H6B2 ROM B . -10.94 10.87 5.56
H6A1 ROM B . -9.01 8.49 3.77
H6A3 ROM B . -9.44 10.18 3.53
H6A2 ROM B . -9.00 9.60 5.14
H4B1 ROM B . -13.47 9.29 1.51
H4B3 ROM B . -13.23 10.74 2.50
H4B2 ROM B . -12.70 10.74 0.81
H4A1 ROM B . -10.85 9.90 0.16
H4A3 ROM B . -9.72 9.07 1.24
H4A2 ROM B . -11.15 8.22 0.63
H'8 ROM B . -2.82 8.62 2.15
H'6 ROM B . -3.16 10.43 -1.70
H'1 ROM B . -6.82 7.03 0.28
H3A1 ROM B . -7.64 10.24 -3.81
H3A2 ROM B . -7.92 8.42 -4.05
H7A1 ROM B . -0.93 12.05 0.87
H7A3 ROM B . -2.66 11.92 0.55
H7A2 ROM B . -2.00 11.32 2.07
H3 ROM B . -5.94 7.10 4.49
H6 ROM B . -7.15 2.35 5.07
H5 ROM B . -5.26 2.95 3.57
H12 ROM B . -7.00 8.24 6.70
H8 ROM B . -9.50 3.62 6.15
H13 ROM B . -4.36 4.94 2.12
H10 ROM B . -9.68 5.88 8.98
H11 ROM B . -8.15 8.02 8.99
H142 ROM B . -2.38 4.38 3.05
H141 ROM B . -2.39 5.83 4.06
H172 ROM B . -3.13 1.73 5.19
H171 ROM B . -1.46 1.65 5.71
H18 ROM B . -2.23 2.56 7.96
H20 ROM B . -5.08 0.45 7.24
H24 ROM B . -3.82 4.48 7.79
H183 ROM B . -2.96 0.32 8.55
H182 ROM B . -3.27 -0.02 6.92
H184 ROM B . -1.68 0.27 7.43
H232 ROM B . -5.43 5.96 8.24
N ALA A 1 -11.07 -10.27 10.18
CA ALA A 1 -10.55 -9.35 9.13
C ALA A 1 -10.20 -10.14 7.86
N PRO A 2 -10.23 -9.45 6.76
CA PRO A 2 -9.91 -10.08 5.46
C PRO A 2 -8.40 -10.34 5.33
N ALA A 3 -7.96 -10.77 4.18
CA ALA A 3 -6.50 -11.04 4.01
C ALA A 3 -5.91 -10.10 2.94
N PHE A 4 -4.64 -10.25 2.66
CA PHE A 4 -3.99 -9.38 1.63
C PHE A 4 -2.58 -9.90 1.33
N SER A 5 -2.22 -10.05 0.08
CA SER A 5 -0.85 -10.56 -0.24
C SER A 5 -0.36 -10.00 -1.58
N VAL A 6 0.93 -9.91 -1.74
CA VAL A 6 1.52 -9.40 -3.00
C VAL A 6 2.50 -10.43 -3.56
N SER A 7 2.75 -10.42 -4.85
CA SER A 7 3.70 -11.42 -5.40
C SER A 7 5.09 -11.20 -4.72
N PRO A 8 5.95 -10.34 -5.27
CA PRO A 8 7.26 -10.14 -4.62
C PRO A 8 7.08 -9.18 -3.44
N ALA A 9 8.02 -9.16 -2.55
CA ALA A 9 7.89 -8.24 -1.37
C ALA A 9 9.27 -7.74 -0.93
N SER A 10 10.30 -8.07 -1.65
CA SER A 10 11.67 -7.61 -1.28
C SER A 10 12.51 -7.39 -2.54
N GLY A 11 13.70 -6.88 -2.39
CA GLY A 11 14.55 -6.65 -3.59
C GLY A 11 13.72 -5.95 -4.67
N LEU A 12 12.96 -4.96 -4.30
CA LEU A 12 12.12 -4.24 -5.29
C LEU A 12 12.92 -3.10 -5.94
N SER A 13 12.27 -2.23 -6.64
CA SER A 13 12.99 -1.10 -7.30
C SER A 13 12.03 0.04 -7.60
N ASP A 14 12.54 1.24 -7.70
CA ASP A 14 11.64 2.41 -8.00
C ASP A 14 11.04 2.26 -9.40
N GLY A 15 9.73 2.29 -9.50
CA GLY A 15 9.08 2.15 -10.83
C GLY A 15 8.63 0.70 -11.00
N GLN A 16 9.24 -0.20 -10.30
CA GLN A 16 8.87 -1.62 -10.41
C GLN A 16 7.40 -1.82 -10.03
N SER A 17 6.67 -2.55 -10.83
CA SER A 17 5.23 -2.77 -10.52
C SER A 17 5.02 -4.21 -10.02
N VAL A 18 4.47 -4.37 -8.85
CA VAL A 18 4.25 -5.74 -8.31
C VAL A 18 2.79 -6.16 -8.55
N SER A 19 2.48 -7.41 -8.32
CA SER A 19 1.08 -7.87 -8.53
C SER A 19 0.40 -8.10 -7.18
N VAL A 20 -0.48 -7.22 -6.78
CA VAL A 20 -1.16 -7.40 -5.47
C VAL A 20 -2.44 -8.21 -5.64
N SER A 21 -3.03 -8.61 -4.56
CA SER A 21 -4.28 -9.42 -4.64
C SER A 21 -4.93 -9.52 -3.27
N VAL A 22 -6.07 -8.89 -3.10
CA VAL A 22 -6.76 -8.94 -1.79
C VAL A 22 -7.83 -10.04 -1.81
N SER A 23 -8.22 -10.54 -0.67
CA SER A 23 -9.26 -11.59 -0.63
C SER A 23 -9.81 -11.75 0.79
N GLY A 24 -11.08 -11.53 0.97
CA GLY A 24 -11.69 -11.66 2.32
C GLY A 24 -12.78 -10.61 2.50
N ALA A 25 -12.63 -9.48 1.86
CA ALA A 25 -13.67 -8.40 1.99
C ALA A 25 -15.01 -8.92 1.46
N ALA A 26 -15.67 -8.17 0.61
CA ALA A 26 -16.99 -8.64 0.08
C ALA A 26 -17.40 -7.85 -1.16
N ALA A 27 -18.03 -8.51 -2.09
CA ALA A 27 -18.47 -7.82 -3.34
C ALA A 27 -19.33 -6.60 -3.00
N GLY A 28 -19.07 -5.49 -3.62
CA GLY A 28 -19.85 -4.26 -3.34
C GLY A 28 -19.06 -3.34 -2.41
N GLU A 29 -17.77 -3.49 -2.37
CA GLU A 29 -16.96 -2.62 -1.47
C GLU A 29 -15.69 -2.14 -2.18
N THR A 30 -15.30 -0.92 -1.96
CA THR A 30 -14.08 -0.37 -2.61
C THR A 30 -13.03 -0.05 -1.54
N TYR A 31 -11.81 -0.47 -1.75
CA TYR A 31 -10.75 -0.17 -0.75
C TYR A 31 -9.67 0.74 -1.36
N TYR A 32 -8.85 1.33 -0.54
CA TYR A 32 -7.79 2.23 -1.08
C TYR A 32 -6.41 1.66 -0.72
N ILE A 33 -5.48 1.72 -1.63
CA ILE A 33 -4.12 1.18 -1.33
C ILE A 33 -3.05 2.21 -1.69
N ALA A 34 -1.98 2.24 -0.93
CA ALA A 34 -0.88 3.21 -1.23
C ALA A 34 0.40 2.80 -0.50
N GLN A 35 1.53 3.26 -0.94
CA GLN A 35 2.80 2.89 -0.26
C GLN A 35 3.05 3.80 0.94
N CYS A 36 3.19 3.24 2.10
CA CYS A 36 3.43 4.08 3.32
C CYS A 36 4.64 3.58 4.08
N ALA A 37 4.99 4.24 5.15
CA ALA A 37 6.17 3.80 5.95
C ALA A 37 6.19 4.55 7.28
N PRO A 38 6.76 3.92 8.27
CA PRO A 38 6.85 4.53 9.61
C PRO A 38 7.91 5.64 9.63
N VAL A 39 7.86 6.49 10.61
CA VAL A 39 8.86 7.59 10.68
C VAL A 39 9.18 7.90 12.15
N GLY A 40 9.67 6.92 12.86
CA GLY A 40 10.02 7.13 14.30
C GLY A 40 8.96 8.00 14.98
N GLY A 41 7.71 7.79 14.67
CA GLY A 41 6.64 8.61 15.30
C GLY A 41 5.27 8.18 14.76
N GLN A 42 4.96 8.54 13.55
CA GLN A 42 3.65 8.15 12.97
C GLN A 42 3.85 7.40 11.64
N ASP A 43 2.81 7.25 10.88
CA ASP A 43 2.93 6.53 9.57
C ASP A 43 2.74 7.51 8.40
N ALA A 44 3.80 7.85 7.73
CA ALA A 44 3.67 8.81 6.59
C ALA A 44 3.40 8.04 5.29
N CYS A 45 2.27 8.27 4.68
CA CYS A 45 1.95 7.55 3.41
C CYS A 45 2.45 8.34 2.19
N ASN A 46 2.27 7.82 1.02
CA ASN A 46 2.74 8.54 -0.21
C ASN A 46 1.54 9.12 -0.97
N PRO A 47 1.55 10.42 -1.14
CA PRO A 47 0.46 11.10 -1.85
C PRO A 47 0.68 10.99 -3.37
N ALA A 48 1.80 10.47 -3.78
CA ALA A 48 2.07 10.34 -5.24
C ALA A 48 1.25 9.19 -5.83
N THR A 49 1.55 7.98 -5.45
CA THR A 49 0.79 6.82 -5.98
C THR A 49 -0.38 6.49 -5.06
N ALA A 50 -1.57 6.91 -5.41
CA ALA A 50 -2.75 6.62 -4.55
C ALA A 50 -3.98 6.28 -5.42
N THR A 51 -4.33 5.03 -5.48
CA THR A 51 -5.50 4.63 -6.31
C THR A 51 -6.47 3.78 -5.49
N SER A 52 -7.57 3.38 -6.06
CA SER A 52 -8.56 2.55 -5.30
C SER A 52 -9.05 1.38 -6.15
N PHE A 53 -9.52 0.34 -5.52
CA PHE A 53 -10.02 -0.85 -6.27
C PHE A 53 -11.29 -1.39 -5.61
N THR A 54 -11.84 -2.46 -6.12
CA THR A 54 -13.08 -3.04 -5.52
C THR A 54 -13.05 -4.57 -5.62
N THR A 55 -13.77 -5.24 -4.76
CA THR A 55 -13.79 -6.74 -4.81
C THR A 55 -14.80 -7.23 -5.84
N ASP A 56 -14.87 -8.52 -6.04
CA ASP A 56 -15.84 -9.06 -7.04
C ASP A 56 -16.92 -9.85 -6.31
N ALA A 57 -17.59 -10.74 -6.97
CA ALA A 57 -18.66 -11.52 -6.30
C ALA A 57 -18.05 -12.41 -5.20
N SER A 58 -16.82 -12.78 -5.35
CA SER A 58 -16.17 -13.64 -4.31
C SER A 58 -15.46 -12.76 -3.28
N GLY A 59 -15.79 -11.50 -3.23
CA GLY A 59 -15.13 -10.60 -2.25
C GLY A 59 -13.61 -10.73 -2.38
N ALA A 60 -13.11 -10.61 -3.58
CA ALA A 60 -11.63 -10.72 -3.78
C ALA A 60 -11.21 -9.89 -5.00
N ALA A 61 -10.07 -9.25 -4.93
CA ALA A 61 -9.62 -8.43 -6.08
C ALA A 61 -8.13 -8.67 -6.36
N SER A 62 -7.68 -8.31 -7.52
CA SER A 62 -6.24 -8.49 -7.88
C SER A 62 -5.84 -7.45 -8.92
N PHE A 63 -4.74 -6.80 -8.74
CA PHE A 63 -4.32 -5.78 -9.74
C PHE A 63 -2.84 -5.44 -9.58
N SER A 64 -2.26 -4.79 -10.55
CA SER A 64 -0.82 -4.43 -10.45
C SER A 64 -0.66 -3.04 -9.85
N PHE A 65 0.29 -2.88 -8.97
CA PHE A 65 0.51 -1.55 -8.34
C PHE A 65 1.99 -1.17 -8.42
N VAL A 66 2.29 0.05 -8.82
CA VAL A 66 3.71 0.47 -8.92
C VAL A 66 4.24 0.94 -7.57
N VAL A 67 5.53 0.98 -7.41
CA VAL A 67 6.11 1.43 -6.12
C VAL A 67 7.25 2.42 -6.39
N ARG A 68 7.93 2.88 -5.37
CA ARG A 68 9.04 3.84 -5.60
C ARG A 68 10.03 3.82 -4.43
N LYS A 69 11.19 3.25 -4.64
CA LYS A 69 12.21 3.18 -3.55
C LYS A 69 12.22 4.49 -2.73
N SER A 70 11.87 5.58 -3.35
CA SER A 70 11.86 6.89 -2.60
C SER A 70 10.61 7.68 -2.95
N TYR A 71 10.10 8.47 -2.03
CA TYR A 71 8.88 9.27 -2.31
C TYR A 71 8.57 10.21 -1.14
N THR A 72 8.02 11.36 -1.42
CA THR A 72 7.71 12.32 -0.32
C THR A 72 6.56 11.76 0.53
N GLY A 73 6.70 11.79 1.83
CA GLY A 73 5.62 11.26 2.71
C GLY A 73 4.55 12.34 2.94
N SER A 74 3.41 11.95 3.43
CA SER A 74 2.30 12.92 3.70
C SER A 74 1.09 12.18 4.26
N THR A 75 0.59 12.61 5.39
CA THR A 75 -0.60 11.93 6.00
C THR A 75 -1.74 11.81 4.98
N PRO A 76 -2.46 10.72 5.06
CA PRO A 76 -3.59 10.47 4.16
C PRO A 76 -4.78 11.38 4.48
N GLU A 77 -5.09 11.58 5.73
CA GLU A 77 -6.23 12.47 6.09
C GLU A 77 -6.22 13.74 5.23
N GLY A 78 -5.28 14.60 5.46
CA GLY A 78 -5.21 15.85 4.65
C GLY A 78 -4.13 16.78 5.21
N THR A 79 -2.94 16.27 5.38
CA THR A 79 -1.85 17.12 5.93
C THR A 79 -0.49 16.64 5.39
N PRO A 80 0.44 17.54 5.38
CA PRO A 80 1.79 17.22 4.90
C PRO A 80 2.64 16.67 6.05
N VAL A 81 3.83 16.23 5.76
CA VAL A 81 4.70 15.68 6.83
C VAL A 81 6.16 15.91 6.48
N GLY A 82 6.68 15.17 5.54
CA GLY A 82 8.10 15.32 5.15
C GLY A 82 8.40 14.38 3.98
N SER A 83 9.64 14.07 3.75
CA SER A 83 9.99 13.16 2.62
C SER A 83 10.41 11.77 3.16
N VAL A 84 10.30 10.75 2.34
CA VAL A 84 10.69 9.38 2.80
C VAL A 84 11.72 8.78 1.84
N ASP A 85 12.53 7.86 2.32
CA ASP A 85 13.55 7.25 1.42
C ASP A 85 13.79 5.79 1.82
N CYS A 86 13.17 4.88 1.12
CA CYS A 86 13.34 3.42 1.44
C CYS A 86 14.79 2.99 1.20
N ALA A 87 15.60 3.83 0.64
CA ALA A 87 17.02 3.45 0.37
C ALA A 87 17.64 2.93 1.67
N THR A 88 17.24 3.48 2.77
CA THR A 88 17.80 3.05 4.08
C THR A 88 16.67 2.91 5.10
N ALA A 89 15.45 3.15 4.69
CA ALA A 89 14.30 3.03 5.63
C ALA A 89 13.44 1.82 5.28
N ALA A 90 12.70 1.30 6.23
CA ALA A 90 11.85 0.12 5.95
C ALA A 90 10.43 0.56 5.59
N CYS A 91 9.99 0.29 4.40
CA CYS A 91 8.61 0.71 4.00
C CYS A 91 7.69 -0.51 3.92
N ASN A 92 6.43 -0.29 3.68
CA ASN A 92 5.48 -1.43 3.59
C ASN A 92 4.19 -0.98 2.88
N LEU A 93 3.55 -1.88 2.18
CA LEU A 93 2.29 -1.50 1.46
C LEU A 93 1.11 -1.56 2.42
N GLY A 94 0.35 -0.50 2.51
CA GLY A 94 -0.81 -0.52 3.44
C GLY A 94 -2.11 -0.24 2.66
N ALA A 95 -3.16 -0.95 2.98
CA ALA A 95 -4.45 -0.74 2.26
C ALA A 95 -5.58 -0.60 3.29
N GLY A 96 -6.81 -0.67 2.85
CA GLY A 96 -7.95 -0.54 3.81
C GLY A 96 -8.89 0.57 3.34
N ASN A 97 -10.17 0.28 3.28
CA ASN A 97 -11.15 1.32 2.84
C ASN A 97 -11.64 2.14 4.05
N SER A 98 -12.43 3.16 3.81
CA SER A 98 -12.94 3.98 4.94
C SER A 98 -14.13 3.29 5.61
N GLY A 99 -13.88 2.31 6.44
CA GLY A 99 -15.00 1.60 7.12
C GLY A 99 -14.62 0.14 7.40
N LEU A 100 -13.55 -0.34 6.81
CA LEU A 100 -13.14 -1.75 7.05
C LEU A 100 -11.64 -1.93 6.80
N ASP A 101 -10.86 -2.09 7.83
CA ASP A 101 -9.40 -2.26 7.63
C ASP A 101 -9.16 -3.45 6.71
N LEU A 102 -8.15 -3.38 5.88
CA LEU A 102 -7.87 -4.51 4.96
C LEU A 102 -6.61 -5.28 5.40
N GLY A 103 -5.45 -4.87 4.94
CA GLY A 103 -4.21 -5.58 5.34
C GLY A 103 -2.99 -4.67 5.15
N HIS A 104 -1.81 -5.16 5.44
CA HIS A 104 -0.60 -4.32 5.27
C HIS A 104 0.60 -5.21 4.87
N VAL A 105 0.98 -5.17 3.62
CA VAL A 105 2.14 -6.01 3.16
C VAL A 105 3.44 -5.25 3.42
N ALA A 106 4.56 -5.91 3.31
CA ALA A 106 5.86 -5.21 3.54
C ALA A 106 6.71 -5.20 2.27
N LEU A 107 7.55 -4.21 2.13
CA LEU A 107 8.41 -4.13 0.91
C LEU A 107 9.88 -3.90 1.32
N THR A 108 10.81 -4.28 0.47
CA THR A 108 12.26 -4.07 0.82
C THR A 108 13.06 -3.75 -0.44
N PHE A 109 13.53 -2.53 -0.55
CA PHE A 109 14.32 -2.15 -1.76
C PHE A 109 15.80 -2.50 -1.57
N GLY A 110 16.14 -3.75 -1.67
CA GLY A 110 17.56 -4.16 -1.49
C GLY A 110 18.03 -3.74 -0.10
C1' ROM B . -10.49 7.49 2.91
C2' ROM B . -11.28 7.27 1.65
C3' ROM B . -10.64 8.10 0.54
C4' ROM B . -10.54 9.59 0.97
C5' ROM B . -9.91 9.69 2.39
O5' ROM B . -10.56 8.83 3.29
O2' ROM B . -11.25 5.90 1.29
O3' ROM B . -9.34 7.60 0.25
N4' ROM B . -9.78 10.39 -0.02
C6D ROM B . -10.03 11.13 2.88
O9 ROM B . -10.98 6.68 3.97
C6B ROM B . -8.41 9.34 2.31
C4D ROM B . -10.10 10.00 -1.38
C4B ROM B . -10.04 11.82 0.18
C'8 ROM B . -2.72 8.59 1.36
C'7 ROM B . -2.33 9.80 0.82
C'6 ROM B . -3.13 10.43 -0.14
C'5 ROM B . -4.31 9.84 -0.53
C15 ROM B . -4.70 8.62 0.01
C'9 ROM B . -3.91 7.99 0.95
O'7 ROM B . -1.12 10.38 1.20
C1A ROM B . -4.31 6.69 1.48
O'4 ROM B . -5.11 10.46 -1.49
C'3 ROM B . -6.24 9.88 -1.90
C'2 ROM B . -6.59 8.54 -1.37
N'1 ROM B . -5.88 8.03 -0.39
C1B ROM B . -7.03 10.51 -2.78
O'2 ROM B . -7.55 7.93 -1.84
O13 ROM B . -4.09 6.63 2.77
C7X ROM B . -1.35 11.71 1.57
O11 ROM B . -4.79 5.78 0.84
C3 ROM B . -6.49 6.31 4.07
C2 ROM B . -7.76 6.12 4.53
C7 ROM B . -8.27 4.91 4.76
C6 ROM B . -7.54 3.78 4.52
C5 ROM B . -6.24 3.91 4.04
C4 ROM B . -5.69 5.19 3.81
C1 ROM B . -8.71 7.12 4.86
C12 ROM B . -8.53 8.20 5.55
C9 ROM B . -10.07 6.49 5.08
C8 ROM B . -9.73 4.98 5.30
C13 ROM B . -4.26 5.34 3.36
C10 ROM B . -10.44 7.34 6.25
C11 ROM B . -9.54 8.35 6.42
C14 ROM B . -3.29 5.16 4.53
O15 ROM B . -3.85 4.24 5.46
C16 ROM B . -3.43 4.36 6.71
C17 ROM B . -3.66 3.09 7.55
C18 ROM B . -4.64 3.40 8.69
C20 ROM B . -6.83 2.72 7.71
C21 ROM B . -8.08 3.02 7.24
C22 ROM B . -8.56 4.30 7.24
C23 ROM B . -7.76 5.32 7.73
C24 ROM B . -6.49 5.03 8.20
C19 ROM B . -6.01 3.72 8.19
O25 ROM B . -9.84 4.59 6.71
N18 ROM B . -4.62 2.16 9.52
O23 ROM B . -8.23 6.62 7.74
CL21 ROM B . -9.08 1.75 6.66
O16 ROM B . -2.92 5.35 7.18
H1' ROM B . -9.46 7.22 2.73
H2' ROM B . -12.30 7.60 1.79
H3' ROM B . -11.25 8.03 -0.35
H4' ROM B . -11.54 10.00 1.01
H2'2 ROM B . -12.02 5.47 1.68
H3'2 ROM B . -9.37 7.16 -0.61
H6B1 ROM B . -9.14 11.67 2.65
H6B3 ROM B . -10.87 11.61 2.40
H6B2 ROM B . -10.19 11.13 3.96
H6A1 ROM B . -8.29 8.37 1.87
H6A3 ROM B . -7.91 10.08 1.71
H6A2 ROM B . -8.00 9.34 3.30
H4B1 ROM B . -11.17 9.89 -1.46
H4B3 ROM B . -9.76 10.78 -2.05
H4B2 ROM B . -9.61 9.07 -1.60
H4A1 ROM B . -9.32 12.22 0.87
H4A3 ROM B . -9.96 12.31 -0.78
H4A2 ROM B . -11.04 11.94 0.57
H'8 ROM B . -2.11 8.11 2.10
H'6 ROM B . -2.81 11.37 -0.56
H'1 ROM B . -6.20 7.22 0.06
H3A1 ROM B . -8.01 10.11 -3.01
H3A2 ROM B . -6.71 11.41 -3.26
H7A1 ROM B . -2.30 11.79 2.09
H7A3 ROM B . -0.56 12.04 2.22
H7A2 ROM B . -1.38 12.33 0.70
H3 ROM B . -6.11 7.31 3.90
H6 ROM B . -7.97 2.80 4.71
H5 ROM B . -5.65 3.02 3.84
H12 ROM B . -7.71 8.88 5.45
H8 ROM B . -10.38 4.36 4.70
H13 ROM B . -4.06 4.60 2.61
H10 ROM B . -11.30 7.13 6.85
H11 ROM B . -9.64 9.14 7.13
H142 ROM B . -2.35 4.76 4.17
H141 ROM B . -3.13 6.10 5.02
H172 ROM B . -4.08 2.31 6.93
H171 ROM B . -2.72 2.76 7.96
H18 ROM B . -4.26 4.23 9.28
H20 ROM B . -6.47 1.70 7.71
H24 ROM B . -5.86 5.83 8.58
H183 ROM B . -5.34 1.51 9.18
H182 ROM B . -3.69 1.72 9.47
H184 ROM B . -4.83 2.41 10.52
H232 ROM B . -8.60 6.81 8.60
N ALA A 1 -11.37 -12.49 9.07
CA ALA A 1 -10.91 -11.23 8.40
C ALA A 1 -10.37 -11.54 7.01
N PRO A 2 -10.46 -10.57 6.14
CA PRO A 2 -9.97 -10.73 4.75
C PRO A 2 -8.43 -10.74 4.72
N ALA A 3 -7.85 -11.37 3.72
CA ALA A 3 -6.37 -11.41 3.64
C ALA A 3 -5.86 -10.48 2.53
N PHE A 4 -4.57 -10.44 2.33
CA PHE A 4 -4.00 -9.56 1.28
C PHE A 4 -2.51 -9.93 1.06
N SER A 5 -2.14 -10.28 -0.14
CA SER A 5 -0.71 -10.65 -0.38
C SER A 5 -0.23 -10.17 -1.76
N VAL A 6 1.06 -10.00 -1.90
CA VAL A 6 1.63 -9.54 -3.20
C VAL A 6 2.66 -10.56 -3.68
N SER A 7 2.85 -10.69 -4.97
CA SER A 7 3.85 -11.68 -5.46
C SER A 7 5.24 -11.33 -4.91
N PRO A 8 5.84 -10.26 -5.40
CA PRO A 8 7.18 -9.86 -4.91
C PRO A 8 7.04 -9.15 -3.55
N ALA A 9 8.14 -8.81 -2.94
CA ALA A 9 8.07 -8.11 -1.61
C ALA A 9 9.49 -7.82 -1.09
N SER A 10 10.43 -7.60 -1.97
CA SER A 10 11.83 -7.31 -1.53
C SER A 10 12.70 -6.95 -2.75
N GLY A 11 13.83 -6.34 -2.52
CA GLY A 11 14.72 -5.96 -3.68
C GLY A 11 13.86 -5.36 -4.79
N LEU A 12 12.87 -4.58 -4.44
CA LEU A 12 12.00 -3.97 -5.49
C LEU A 12 12.73 -2.83 -6.21
N SER A 13 11.99 -1.98 -6.87
CA SER A 13 12.64 -0.85 -7.60
C SER A 13 11.61 0.27 -7.85
N ASP A 14 12.07 1.49 -7.99
CA ASP A 14 11.12 2.61 -8.23
C ASP A 14 10.36 2.40 -9.54
N GLY A 15 9.06 2.53 -9.51
CA GLY A 15 8.26 2.33 -10.75
C GLY A 15 7.90 0.85 -10.91
N GLN A 16 8.71 -0.02 -10.36
CA GLN A 16 8.43 -1.47 -10.46
C GLN A 16 6.98 -1.77 -10.07
N SER A 17 6.30 -2.58 -10.83
CA SER A 17 4.88 -2.91 -10.51
C SER A 17 4.77 -4.35 -10.01
N VAL A 18 4.25 -4.56 -8.84
CA VAL A 18 4.12 -5.94 -8.31
C VAL A 18 2.68 -6.45 -8.54
N SER A 19 2.50 -7.73 -8.57
CA SER A 19 1.12 -8.28 -8.80
C SER A 19 0.44 -8.52 -7.44
N VAL A 20 -0.45 -7.65 -7.06
CA VAL A 20 -1.15 -7.81 -5.76
C VAL A 20 -2.42 -8.64 -5.92
N SER A 21 -3.01 -9.04 -4.84
CA SER A 21 -4.26 -9.84 -4.90
C SER A 21 -4.90 -9.91 -3.53
N VAL A 22 -6.08 -9.35 -3.39
CA VAL A 22 -6.76 -9.37 -2.07
C VAL A 22 -7.89 -10.40 -2.07
N SER A 23 -8.14 -11.01 -0.96
CA SER A 23 -9.22 -12.03 -0.89
C SER A 23 -9.93 -11.95 0.47
N GLY A 24 -11.01 -12.66 0.62
CA GLY A 24 -11.75 -12.63 1.93
C GLY A 24 -12.62 -11.38 2.00
N ALA A 25 -12.47 -10.48 1.07
CA ALA A 25 -13.30 -9.24 1.09
C ALA A 25 -14.73 -9.56 0.66
N ALA A 26 -15.31 -8.80 -0.23
CA ALA A 26 -16.70 -9.09 -0.65
C ALA A 26 -17.09 -8.25 -1.87
N ALA A 27 -17.63 -8.88 -2.87
CA ALA A 27 -18.03 -8.13 -4.09
C ALA A 27 -18.95 -6.97 -3.72
N GLY A 28 -18.70 -5.82 -4.27
CA GLY A 28 -19.55 -4.65 -3.95
C GLY A 28 -18.84 -3.75 -2.95
N GLU A 29 -17.53 -3.77 -2.94
CA GLU A 29 -16.79 -2.90 -1.96
C GLU A 29 -15.54 -2.29 -2.61
N THR A 30 -15.21 -1.10 -2.24
CA THR A 30 -14.00 -0.44 -2.83
C THR A 30 -12.99 -0.13 -1.73
N TYR A 31 -11.80 -0.65 -1.83
CA TYR A 31 -10.79 -0.38 -0.77
C TYR A 31 -9.75 0.62 -1.27
N TYR A 32 -9.16 1.36 -0.38
CA TYR A 32 -8.14 2.36 -0.79
C TYR A 32 -6.74 1.84 -0.46
N ILE A 33 -5.93 1.62 -1.44
CA ILE A 33 -4.55 1.11 -1.15
C ILE A 33 -3.51 2.20 -1.43
N ALA A 34 -2.43 2.19 -0.71
CA ALA A 34 -1.37 3.23 -0.94
C ALA A 34 -0.08 2.83 -0.23
N GLN A 35 1.03 3.35 -0.68
CA GLN A 35 2.33 2.99 -0.04
C GLN A 35 2.66 3.99 1.07
N CYS A 36 3.08 3.50 2.20
CA CYS A 36 3.42 4.42 3.32
C CYS A 36 4.71 3.98 4.00
N ALA A 37 5.13 4.69 5.01
CA ALA A 37 6.39 4.31 5.72
C ALA A 37 6.48 5.07 7.05
N PRO A 38 6.49 4.33 8.12
CA PRO A 38 6.58 4.94 9.46
C PRO A 38 7.99 5.46 9.73
N VAL A 39 8.14 6.30 10.71
CA VAL A 39 9.48 6.84 11.04
C VAL A 39 9.64 6.98 12.55
N GLY A 40 9.47 5.90 13.26
CA GLY A 40 9.60 5.93 14.75
C GLY A 40 8.99 7.23 15.30
N GLY A 41 7.77 7.53 14.93
CA GLY A 41 7.12 8.77 15.42
C GLY A 41 5.82 9.00 14.67
N GLN A 42 5.89 9.24 13.39
CA GLN A 42 4.65 9.48 12.60
C GLN A 42 4.60 8.55 11.38
N ASP A 43 3.47 8.46 10.75
CA ASP A 43 3.35 7.56 9.54
C ASP A 43 3.30 8.41 8.27
N ALA A 44 4.34 8.41 7.50
CA ALA A 44 4.35 9.20 6.24
C ALA A 44 3.82 8.37 5.07
N CYS A 45 2.66 8.71 4.57
CA CYS A 45 2.08 7.94 3.43
C CYS A 45 2.40 8.64 2.11
N ASN A 46 1.95 8.11 1.00
CA ASN A 46 2.24 8.75 -0.31
C ASN A 46 0.93 9.20 -1.00
N PRO A 47 0.75 10.49 -1.09
CA PRO A 47 -0.46 11.04 -1.74
C PRO A 47 -0.40 10.85 -3.26
N ALA A 48 0.78 10.88 -3.82
CA ALA A 48 0.91 10.71 -5.30
C ALA A 48 0.42 9.32 -5.72
N THR A 49 0.78 8.31 -4.98
CA THR A 49 0.34 6.93 -5.33
C THR A 49 -0.91 6.55 -4.52
N ALA A 50 -2.04 7.08 -4.88
CA ALA A 50 -3.29 6.75 -4.14
C ALA A 50 -4.34 6.20 -5.10
N THR A 51 -4.46 4.91 -5.19
CA THR A 51 -5.47 4.32 -6.12
C THR A 51 -6.48 3.46 -5.35
N SER A 52 -7.75 3.61 -5.64
CA SER A 52 -8.78 2.81 -4.94
C SER A 52 -9.36 1.76 -5.89
N PHE A 53 -9.47 0.54 -5.44
CA PHE A 53 -10.03 -0.54 -6.35
C PHE A 53 -11.24 -1.22 -5.71
N THR A 54 -11.77 -2.21 -6.38
CA THR A 54 -12.96 -2.93 -5.83
C THR A 54 -12.77 -4.45 -5.94
N THR A 55 -13.42 -5.22 -5.10
CA THR A 55 -13.26 -6.70 -5.17
C THR A 55 -14.03 -7.26 -6.36
N ASP A 56 -14.03 -8.56 -6.50
CA ASP A 56 -14.76 -9.18 -7.64
C ASP A 56 -16.05 -9.82 -7.14
N ALA A 57 -16.61 -10.73 -7.88
CA ALA A 57 -17.88 -11.38 -7.43
C ALA A 57 -17.62 -12.20 -6.16
N SER A 58 -16.53 -12.90 -6.12
CA SER A 58 -16.23 -13.73 -4.91
C SER A 58 -15.59 -12.85 -3.84
N GLY A 59 -15.58 -11.55 -4.03
CA GLY A 59 -14.97 -10.65 -3.03
C GLY A 59 -13.46 -10.75 -3.11
N ALA A 60 -12.95 -11.32 -4.15
CA ALA A 60 -11.46 -11.44 -4.29
C ALA A 60 -10.95 -10.52 -5.39
N ALA A 61 -10.15 -9.56 -5.04
CA ALA A 61 -9.63 -8.62 -6.08
C ALA A 61 -8.21 -9.03 -6.50
N SER A 62 -7.70 -8.39 -7.51
CA SER A 62 -6.32 -8.72 -8.00
C SER A 62 -5.93 -7.75 -9.10
N PHE A 63 -4.73 -7.23 -9.07
CA PHE A 63 -4.30 -6.29 -10.13
C PHE A 63 -2.82 -5.93 -9.98
N SER A 64 -2.32 -5.12 -10.86
CA SER A 64 -0.88 -4.73 -10.78
C SER A 64 -0.72 -3.36 -10.09
N PHE A 65 -0.01 -3.32 -9.00
CA PHE A 65 0.18 -2.04 -8.27
C PHE A 65 1.61 -1.52 -8.48
N VAL A 66 1.81 -0.24 -8.44
CA VAL A 66 3.18 0.31 -8.63
C VAL A 66 3.77 0.75 -7.28
N VAL A 67 5.07 0.80 -7.17
CA VAL A 67 5.70 1.21 -5.89
C VAL A 67 6.69 2.37 -6.13
N ARG A 68 7.14 2.98 -5.07
CA ARG A 68 8.10 4.11 -5.23
C ARG A 68 9.20 4.02 -4.16
N LYS A 69 10.39 3.67 -4.58
CA LYS A 69 11.51 3.55 -3.59
C LYS A 69 11.56 4.78 -2.68
N SER A 70 11.74 5.95 -3.24
CA SER A 70 11.80 7.17 -2.40
C SER A 70 10.59 8.07 -2.68
N TYR A 71 10.16 8.81 -1.70
CA TYR A 71 8.98 9.71 -1.89
C TYR A 71 8.74 10.54 -0.63
N THR A 72 8.44 11.80 -0.80
CA THR A 72 8.20 12.66 0.40
C THR A 72 7.00 12.13 1.19
N GLY A 73 7.17 11.84 2.45
CA GLY A 73 6.03 11.32 3.26
C GLY A 73 5.13 12.47 3.69
N SER A 74 3.86 12.23 3.78
CA SER A 74 2.90 13.29 4.20
C SER A 74 1.56 12.67 4.60
N THR A 75 1.22 12.71 5.85
CA THR A 75 -0.08 12.11 6.29
C THR A 75 -1.19 12.44 5.29
N PRO A 76 -2.21 11.60 5.28
CA PRO A 76 -3.37 11.78 4.36
C PRO A 76 -3.97 13.19 4.51
N GLU A 77 -3.63 13.90 5.55
CA GLU A 77 -4.19 15.26 5.74
C GLU A 77 -3.38 16.26 4.92
N GLY A 78 -3.72 17.52 4.99
CA GLY A 78 -2.97 18.54 4.20
C GLY A 78 -1.74 18.99 5.00
N THR A 79 -1.05 18.08 5.62
CA THR A 79 0.15 18.45 6.40
C THR A 79 1.36 17.63 5.97
N PRO A 80 2.34 18.30 5.42
CA PRO A 80 3.57 17.62 4.95
C PRO A 80 4.45 17.26 6.15
N VAL A 81 4.71 15.99 6.34
CA VAL A 81 5.57 15.57 7.49
C VAL A 81 7.06 15.70 7.11
N GLY A 82 7.64 14.66 6.57
CA GLY A 82 9.08 14.73 6.19
C GLY A 82 9.31 13.90 4.92
N SER A 83 10.55 13.72 4.55
CA SER A 83 10.84 12.92 3.32
C SER A 83 11.11 11.46 3.68
N VAL A 84 10.83 10.56 2.78
CA VAL A 84 11.07 9.11 3.07
C VAL A 84 11.91 8.47 1.97
N ASP A 85 12.60 7.41 2.27
CA ASP A 85 13.44 6.73 1.24
C ASP A 85 13.65 5.26 1.60
N CYS A 86 13.45 4.38 0.67
CA CYS A 86 13.63 2.93 0.98
C CYS A 86 15.08 2.51 0.70
N ALA A 87 15.96 3.44 0.44
CA ALA A 87 17.38 3.06 0.17
C ALA A 87 17.91 2.27 1.36
N THR A 88 17.45 2.61 2.53
CA THR A 88 17.90 1.91 3.76
C THR A 88 16.78 1.96 4.80
N ALA A 89 15.58 2.29 4.38
CA ALA A 89 14.44 2.36 5.33
C ALA A 89 13.52 1.15 5.18
N ALA A 90 12.48 1.09 5.95
CA ALA A 90 11.54 -0.06 5.87
C ALA A 90 10.16 0.43 5.40
N CYS A 91 9.94 0.48 4.12
CA CYS A 91 8.63 0.95 3.61
C CYS A 91 7.61 -0.18 3.64
N ASN A 92 6.36 0.12 3.49
CA ASN A 92 5.32 -0.94 3.51
C ASN A 92 4.13 -0.54 2.63
N LEU A 93 3.13 -1.37 2.56
CA LEU A 93 1.92 -1.05 1.74
C LEU A 93 0.67 -1.48 2.48
N GLY A 94 -0.28 -0.60 2.68
CA GLY A 94 -1.52 -0.99 3.40
C GLY A 94 -2.76 -0.67 2.57
N ALA A 95 -3.81 -1.43 2.74
CA ALA A 95 -5.06 -1.18 1.96
C ALA A 95 -6.28 -1.18 2.91
N GLY A 96 -7.47 -1.03 2.38
CA GLY A 96 -8.67 -1.04 3.26
C GLY A 96 -9.46 0.28 3.09
N ASN A 97 -10.72 0.26 3.40
CA ASN A 97 -11.55 1.48 3.26
C ASN A 97 -12.03 1.93 4.65
N SER A 98 -12.70 3.06 4.72
CA SER A 98 -13.18 3.55 6.04
C SER A 98 -14.01 2.46 6.78
N GLY A 99 -14.42 1.42 6.10
CA GLY A 99 -15.23 0.37 6.78
C GLY A 99 -14.71 -1.04 6.46
N LEU A 100 -13.42 -1.22 6.35
CA LEU A 100 -12.89 -2.59 6.04
C LEU A 100 -11.36 -2.59 6.00
N ASP A 101 -10.73 -3.18 6.98
CA ASP A 101 -9.25 -3.21 6.99
C ASP A 101 -8.75 -4.51 6.33
N LEU A 102 -7.77 -4.41 5.47
CA LEU A 102 -7.25 -5.64 4.80
C LEU A 102 -5.95 -6.10 5.44
N GLY A 103 -4.84 -5.53 5.05
CA GLY A 103 -3.54 -5.93 5.64
C GLY A 103 -2.45 -4.96 5.20
N HIS A 104 -1.23 -5.20 5.61
CA HIS A 104 -0.11 -4.30 5.21
C HIS A 104 1.10 -5.13 4.75
N VAL A 105 1.35 -5.18 3.47
CA VAL A 105 2.52 -5.97 2.97
C VAL A 105 3.79 -5.13 3.04
N ALA A 106 4.80 -5.59 3.73
CA ALA A 106 6.07 -4.81 3.84
C ALA A 106 6.96 -5.06 2.61
N LEU A 107 7.53 -4.00 2.08
CA LEU A 107 8.42 -4.17 0.88
C LEU A 107 9.84 -3.72 1.22
N THR A 108 10.78 -3.94 0.35
CA THR A 108 12.18 -3.52 0.65
C THR A 108 12.96 -3.29 -0.66
N PHE A 109 13.40 -2.09 -0.91
CA PHE A 109 14.16 -1.80 -2.16
C PHE A 109 15.64 -2.14 -1.97
N GLY A 110 15.98 -3.40 -1.89
CA GLY A 110 17.40 -3.79 -1.71
C GLY A 110 17.48 -5.24 -1.24
C1' ROM B . -10.91 7.37 4.49
C2' ROM B . -11.58 6.85 3.24
C3' ROM B . -11.22 7.79 2.10
C4' ROM B . -11.69 9.22 2.47
C5' ROM B . -11.16 9.61 3.90
O5' ROM B . -11.47 8.61 4.84
O2' ROM B . -11.11 5.55 2.95
O3' ROM B . -9.82 7.75 1.91
N4' ROM B . -11.33 10.25 1.45
C6D ROM B . -11.83 10.93 4.32
O9 ROM B . -11.07 6.47 5.59
C6B ROM B . -9.65 9.83 3.87
C4D ROM B . -10.02 9.99 0.83
C4B ROM B . -12.36 10.33 0.43
C'8 ROM B . -2.82 9.56 1.38
C'7 ROM B . -2.61 10.87 1.00
C'6 ROM B . -3.61 11.59 0.37
C'5 ROM B . -4.83 10.98 0.12
C15 ROM B . -5.05 9.66 0.49
C'9 ROM B . -4.04 8.94 1.11
O'7 ROM B . -1.35 11.43 1.16
C1A ROM B . -4.22 7.50 1.35
O'4 ROM B . -5.83 11.70 -0.51
C'3 ROM B . -6.95 11.09 -0.89
C'2 ROM B . -7.16 9.67 -0.53
N'1 ROM B . -6.26 9.06 0.23
C1B ROM B . -7.87 11.77 -1.61
O'2 ROM B . -8.14 9.08 -0.93
O13 ROM B . -4.68 7.28 2.58
C7X ROM B . -1.48 12.67 1.82
O11 ROM B . -4.00 6.61 0.56
C3 ROM B . -6.66 6.52 4.44
C2 ROM B . -7.77 6.12 5.13
C7 ROM B . -8.18 4.86 5.15
C6 ROM B . -7.51 3.88 4.46
C5 ROM B . -6.38 4.23 3.74
C4 ROM B . -5.92 5.55 3.72
C1 ROM B . -8.64 6.92 5.92
C12 ROM B . -8.32 7.84 6.78
C9 ROM B . -9.87 6.12 6.32
C8 ROM B . -9.44 4.65 6.07
C13 ROM B . -4.65 5.91 2.99
C10 ROM B . -9.94 6.65 7.73
C11 ROM B . -9.06 7.68 7.89
C14 ROM B . -3.40 5.67 3.87
O15 ROM B . -3.52 4.43 4.58
C16 ROM B . -3.21 4.48 5.86
C17 ROM B . -2.81 3.12 6.49
C18 ROM B . -3.89 2.06 6.25
C20 ROM B . -5.46 3.73 7.30
C21 ROM B . -6.75 4.14 7.56
C22 ROM B . -7.84 3.40 7.23
C23 ROM B . -7.65 2.17 6.63
C24 ROM B . -6.36 1.73 6.36
C19 ROM B . -5.26 2.51 6.68
O25 ROM B . -9.11 3.95 7.32
N18 ROM B . -3.82 1.82 4.77
O23 ROM B . -8.73 1.37 6.32
CL21 ROM B . -6.98 5.66 8.35
O16 ROM B . -3.22 5.49 6.53
H1' ROM B . -9.87 7.51 4.29
H2' ROM B . -12.65 6.82 3.37
H3' ROM B . -11.72 7.47 1.20
H4' ROM B . -12.76 9.21 2.51
H2'2 ROM B . -11.81 5.06 2.51
H3'2 ROM B . -9.60 6.93 1.45
H6B1 ROM B . -12.79 11.01 3.83
H6B3 ROM B . -11.96 10.94 5.38
H6B2 ROM B . -11.21 11.76 4.01
H6A1 ROM B . -9.43 10.72 3.29
H6A3 ROM B . -9.29 9.96 4.88
H6A2 ROM B . -9.17 8.98 3.42
H4B1 ROM B . -9.80 10.80 0.15
H4B3 ROM B . -9.28 9.93 1.60
H4B2 ROM B . -10.08 9.05 0.29
H4A1 ROM B . -12.88 9.38 0.38
H4A3 ROM B . -13.05 11.12 0.70
H4A2 ROM B . -11.90 10.54 -0.52
H'8 ROM B . -2.06 9.03 1.95
H'6 ROM B . -3.43 12.60 0.07
H'1 ROM B . -6.45 8.18 0.60
H3A1 ROM B . -8.03 11.53 -2.64
H3A2 ROM B . -8.45 12.54 -1.15
H7A1 ROM B . -1.58 12.49 2.88
H7A3 ROM B . -0.60 13.27 1.65
H7A2 ROM B . -2.35 13.19 1.46
H3 ROM B . -6.35 7.56 4.44
H6 ROM B . -7.88 2.87 4.46
H5 ROM B . -5.84 3.47 3.19
H12 ROM B . -7.58 8.59 6.64
H8 ROM B . -10.21 4.13 5.55
H13 ROM B . -4.58 5.30 2.10
H10 ROM B . -10.58 6.24 8.46
H11 ROM B . -9.00 8.30 8.76
H142 ROM B . -2.52 5.62 3.25
H141 ROM B . -3.31 6.46 4.59
H172 ROM B . -1.89 2.78 6.05
H171 ROM B . -2.67 3.24 7.55
H18 ROM B . -3.64 1.15 6.77
H20 ROM B . -4.63 4.33 7.62
H24 ROM B . -6.20 0.77 5.90
H183 ROM B . -2.84 1.90 4.46
H182 ROM B . -4.19 0.87 4.57
H184 ROM B . -4.40 2.53 4.28
H232 ROM B . -8.43 0.48 6.16
N ALA A 1 -12.82 -14.72 7.44
CA ALA A 1 -11.39 -14.30 7.38
C ALA A 1 -10.93 -14.18 5.92
N PRO A 2 -10.85 -12.95 5.47
CA PRO A 2 -10.41 -12.69 4.08
C PRO A 2 -8.91 -12.92 3.93
N ALA A 3 -8.28 -12.34 2.94
CA ALA A 3 -6.82 -12.54 2.77
C ALA A 3 -6.24 -11.57 1.74
N PHE A 4 -5.22 -10.84 2.09
CA PHE A 4 -4.60 -9.86 1.13
C PHE A 4 -3.12 -10.17 0.99
N SER A 5 -2.61 -10.26 -0.22
CA SER A 5 -1.16 -10.56 -0.37
C SER A 5 -0.59 -10.01 -1.69
N VAL A 6 0.71 -9.93 -1.77
CA VAL A 6 1.39 -9.43 -2.99
C VAL A 6 2.32 -10.51 -3.52
N SER A 7 2.77 -10.41 -4.74
CA SER A 7 3.69 -11.47 -5.26
C SER A 7 5.05 -11.38 -4.50
N PRO A 8 5.85 -10.35 -4.78
CA PRO A 8 7.15 -10.23 -4.08
C PRO A 8 6.94 -9.45 -2.77
N ALA A 9 7.99 -8.87 -2.24
CA ALA A 9 7.85 -8.10 -0.97
C ALA A 9 9.22 -7.66 -0.46
N SER A 10 10.25 -8.39 -0.77
CA SER A 10 11.61 -8.01 -0.30
C SER A 10 12.52 -7.77 -1.50
N GLY A 11 13.67 -7.20 -1.27
CA GLY A 11 14.61 -6.94 -2.41
C GLY A 11 13.84 -6.24 -3.53
N LEU A 12 13.11 -5.21 -3.22
CA LEU A 12 12.34 -4.48 -4.26
C LEU A 12 13.19 -3.38 -4.89
N SER A 13 12.60 -2.57 -5.72
CA SER A 13 13.35 -1.47 -6.38
C SER A 13 12.39 -0.42 -6.94
N ASP A 14 12.77 0.82 -6.91
CA ASP A 14 11.87 1.89 -7.44
C ASP A 14 11.53 1.62 -8.91
N GLY A 15 10.29 1.79 -9.28
CA GLY A 15 9.89 1.55 -10.69
C GLY A 15 9.39 0.11 -10.84
N GLN A 16 9.88 -0.78 -10.02
CA GLN A 16 9.44 -2.19 -10.11
C GLN A 16 7.94 -2.30 -9.86
N SER A 17 7.29 -3.27 -10.48
CA SER A 17 5.82 -3.42 -10.28
C SER A 17 5.53 -4.78 -9.64
N VAL A 18 4.79 -4.79 -8.56
CA VAL A 18 4.47 -6.08 -7.90
C VAL A 18 3.03 -6.49 -8.23
N SER A 19 2.75 -7.76 -8.22
CA SER A 19 1.37 -8.22 -8.53
C SER A 19 0.56 -8.34 -7.25
N VAL A 20 -0.39 -7.47 -7.05
CA VAL A 20 -1.20 -7.53 -5.80
C VAL A 20 -2.50 -8.28 -6.06
N SER A 21 -3.15 -8.70 -5.01
CA SER A 21 -4.43 -9.45 -5.18
C SER A 21 -5.18 -9.53 -3.85
N VAL A 22 -6.40 -9.08 -3.83
CA VAL A 22 -7.19 -9.12 -2.57
C VAL A 22 -8.28 -10.19 -2.70
N SER A 23 -8.51 -10.94 -1.67
CA SER A 23 -9.56 -11.99 -1.75
C SER A 23 -10.16 -12.26 -0.38
N GLY A 24 -11.42 -12.01 -0.22
CA GLY A 24 -12.07 -12.25 1.10
C GLY A 24 -13.04 -11.11 1.40
N ALA A 25 -12.71 -9.91 0.98
CA ALA A 25 -13.63 -8.75 1.24
C ALA A 25 -15.01 -9.07 0.64
N ALA A 26 -15.81 -8.06 0.41
CA ALA A 26 -17.16 -8.33 -0.17
C ALA A 26 -17.70 -7.11 -0.93
N ALA A 27 -18.41 -7.34 -2.01
CA ALA A 27 -18.97 -6.21 -2.80
C ALA A 27 -19.68 -5.22 -1.88
N GLY A 28 -19.44 -3.95 -2.08
CA GLY A 28 -20.09 -2.92 -1.22
C GLY A 28 -19.02 -2.21 -0.38
N GLU A 29 -17.79 -2.56 -0.56
CA GLU A 29 -16.72 -1.90 0.23
C GLU A 29 -15.60 -1.41 -0.68
N THR A 30 -15.04 -0.28 -0.38
CA THR A 30 -13.93 0.26 -1.22
C THR A 30 -12.62 0.15 -0.45
N TYR A 31 -11.53 -0.01 -1.15
CA TYR A 31 -10.22 -0.13 -0.45
C TYR A 31 -9.23 0.90 -0.99
N TYR A 32 -8.14 1.10 -0.32
CA TYR A 32 -7.14 2.10 -0.80
C TYR A 32 -5.72 1.58 -0.53
N ILE A 33 -5.12 0.95 -1.50
CA ILE A 33 -3.74 0.42 -1.30
C ILE A 33 -2.72 1.53 -1.55
N ALA A 34 -1.67 1.57 -0.77
CA ALA A 34 -0.63 2.63 -0.97
C ALA A 34 0.63 2.28 -0.19
N GLN A 35 1.77 2.69 -0.69
CA GLN A 35 3.05 2.38 0.02
C GLN A 35 3.33 3.47 1.06
N CYS A 36 3.45 3.10 2.31
CA CYS A 36 3.71 4.14 3.36
C CYS A 36 5.04 3.84 4.08
N ALA A 37 5.40 4.68 5.02
CA ALA A 37 6.66 4.48 5.77
C ALA A 37 6.67 5.41 6.99
N PRO A 38 7.20 4.92 8.08
CA PRO A 38 7.26 5.72 9.32
C PRO A 38 8.22 6.90 9.16
N VAL A 39 8.08 7.88 10.00
CA VAL A 39 8.99 9.07 9.90
C VAL A 39 9.00 9.84 11.23
N GLY A 40 9.70 9.35 12.21
CA GLY A 40 9.74 10.06 13.53
C GLY A 40 8.66 9.50 14.45
N GLY A 41 7.91 8.54 13.98
CA GLY A 41 6.84 7.94 14.83
C GLY A 41 5.50 8.03 14.10
N GLN A 42 5.30 9.06 13.32
CA GLN A 42 4.01 9.20 12.58
C GLN A 42 4.02 8.30 11.33
N ASP A 43 2.89 8.12 10.71
CA ASP A 43 2.84 7.27 9.49
C ASP A 43 2.65 8.12 8.24
N ALA A 44 3.64 8.17 7.39
CA ALA A 44 3.54 8.99 6.16
C ALA A 44 3.27 8.08 4.94
N CYS A 45 2.08 8.14 4.40
CA CYS A 45 1.77 7.28 3.22
C CYS A 45 2.11 7.99 1.91
N ASN A 46 2.08 7.28 0.82
CA ASN A 46 2.41 7.91 -0.50
C ASN A 46 1.13 8.43 -1.18
N PRO A 47 1.03 9.73 -1.27
CA PRO A 47 -0.15 10.36 -1.90
C PRO A 47 0.02 10.36 -3.42
N ALA A 48 1.20 10.12 -3.90
CA ALA A 48 1.41 10.11 -5.39
C ALA A 48 0.85 8.82 -6.00
N THR A 49 1.19 7.70 -5.44
CA THR A 49 0.67 6.41 -5.99
C THR A 49 -0.56 5.95 -5.21
N ALA A 50 -1.71 6.46 -5.55
CA ALA A 50 -2.94 6.04 -4.83
C ALA A 50 -3.79 5.12 -5.70
N THR A 51 -4.24 4.01 -5.17
CA THR A 51 -5.06 3.07 -5.98
C THR A 51 -6.26 2.56 -5.16
N SER A 52 -7.37 3.24 -5.25
CA SER A 52 -8.58 2.80 -4.48
C SER A 52 -9.39 1.81 -5.33
N PHE A 53 -9.73 0.67 -4.80
CA PHE A 53 -10.51 -0.31 -5.60
C PHE A 53 -11.59 -0.99 -4.75
N THR A 54 -12.78 -1.06 -5.24
CA THR A 54 -13.88 -1.71 -4.47
C THR A 54 -14.05 -3.15 -4.96
N THR A 55 -14.45 -4.04 -4.09
CA THR A 55 -14.62 -5.46 -4.55
C THR A 55 -15.93 -5.61 -5.31
N ASP A 56 -16.05 -6.61 -6.12
CA ASP A 56 -17.31 -6.82 -6.90
C ASP A 56 -18.24 -7.77 -6.15
N ALA A 57 -19.20 -8.33 -6.83
CA ALA A 57 -20.13 -9.28 -6.15
C ALA A 57 -19.37 -10.53 -5.70
N SER A 58 -18.30 -10.84 -6.37
CA SER A 58 -17.51 -12.04 -5.98
C SER A 58 -16.57 -11.69 -4.82
N GLY A 59 -16.57 -10.45 -4.40
CA GLY A 59 -15.69 -10.03 -3.27
C GLY A 59 -14.25 -10.44 -3.57
N ALA A 60 -13.71 -10.00 -4.67
CA ALA A 60 -12.30 -10.37 -5.00
C ALA A 60 -11.70 -9.35 -5.98
N ALA A 61 -10.39 -9.29 -6.05
CA ALA A 61 -9.74 -8.33 -6.99
C ALA A 61 -8.28 -8.73 -7.24
N SER A 62 -7.65 -8.08 -8.18
CA SER A 62 -6.23 -8.40 -8.49
C SER A 62 -5.71 -7.36 -9.50
N PHE A 63 -4.55 -6.80 -9.27
CA PHE A 63 -4.03 -5.80 -10.24
C PHE A 63 -2.54 -5.53 -9.99
N SER A 64 -1.87 -4.99 -10.98
CA SER A 64 -0.42 -4.70 -10.81
C SER A 64 -0.25 -3.31 -10.20
N PHE A 65 0.78 -3.12 -9.42
CA PHE A 65 1.00 -1.78 -8.81
C PHE A 65 2.50 -1.47 -8.73
N VAL A 66 2.91 -0.34 -9.25
CA VAL A 66 4.36 0.01 -9.20
C VAL A 66 4.72 0.59 -7.84
N VAL A 67 5.98 0.66 -7.53
CA VAL A 67 6.40 1.21 -6.22
C VAL A 67 7.47 2.29 -6.42
N ARG A 68 7.91 2.91 -5.36
CA ARG A 68 8.95 3.96 -5.48
C ARG A 68 9.76 4.06 -4.18
N LYS A 69 10.86 3.35 -4.12
CA LYS A 69 11.73 3.37 -2.90
C LYS A 69 11.69 4.73 -2.20
N SER A 70 11.77 5.80 -2.93
CA SER A 70 11.74 7.16 -2.29
C SER A 70 10.53 7.96 -2.79
N TYR A 71 9.90 8.70 -1.93
CA TYR A 71 8.71 9.51 -2.36
C TYR A 71 8.25 10.41 -1.22
N THR A 72 7.80 11.60 -1.52
CA THR A 72 7.34 12.52 -0.46
C THR A 72 6.19 11.88 0.32
N GLY A 73 6.37 11.65 1.59
CA GLY A 73 5.30 11.03 2.40
C GLY A 73 4.34 12.10 2.92
N SER A 74 3.17 11.71 3.31
CA SER A 74 2.19 12.72 3.83
C SER A 74 1.04 12.00 4.53
N THR A 75 0.43 12.64 5.50
CA THR A 75 -0.70 11.99 6.22
C THR A 75 -1.93 11.89 5.30
N PRO A 76 -2.68 10.85 5.49
CA PRO A 76 -3.90 10.62 4.69
C PRO A 76 -4.99 11.63 5.05
N GLU A 77 -4.80 12.41 6.09
CA GLU A 77 -5.84 13.40 6.48
C GLU A 77 -5.22 14.55 7.28
N GLY A 78 -5.33 15.75 6.80
CA GLY A 78 -4.75 16.90 7.54
C GLY A 78 -3.83 17.72 6.61
N THR A 79 -2.64 17.23 6.38
CA THR A 79 -1.70 17.96 5.48
C THR A 79 -0.48 17.07 5.19
N PRO A 80 0.48 17.62 4.48
CA PRO A 80 1.69 16.84 4.14
C PRO A 80 2.56 16.64 5.39
N VAL A 81 3.53 15.77 5.33
CA VAL A 81 4.40 15.54 6.52
C VAL A 81 5.87 15.80 6.18
N GLY A 82 6.25 15.62 4.95
CA GLY A 82 7.66 15.86 4.55
C GLY A 82 8.09 14.84 3.49
N SER A 83 9.36 14.63 3.32
CA SER A 83 9.81 13.64 2.30
C SER A 83 10.18 12.30 2.97
N VAL A 84 10.01 11.22 2.27
CA VAL A 84 10.35 9.89 2.87
C VAL A 84 11.37 9.15 1.98
N ASP A 85 12.13 8.26 2.55
CA ASP A 85 13.13 7.51 1.75
C ASP A 85 13.23 6.06 2.25
N CYS A 86 12.44 5.19 1.70
CA CYS A 86 12.49 3.76 2.14
C CYS A 86 13.74 3.06 1.62
N ALA A 87 14.62 3.78 0.95
CA ALA A 87 15.86 3.15 0.43
C ALA A 87 16.54 2.39 1.56
N THR A 88 16.60 2.98 2.71
CA THR A 88 17.25 2.31 3.87
C THR A 88 16.24 2.19 5.01
N ALA A 89 15.09 2.82 4.87
CA ALA A 89 14.06 2.74 5.94
C ALA A 89 13.18 1.50 5.74
N ALA A 90 12.35 1.19 6.70
CA ALA A 90 11.47 -0.01 6.56
C ALA A 90 10.12 0.39 5.96
N CYS A 91 9.97 0.25 4.67
CA CYS A 91 8.67 0.62 4.02
C CYS A 91 7.67 -0.53 4.17
N ASN A 92 6.43 -0.29 3.85
CA ASN A 92 5.41 -1.38 3.98
C ASN A 92 4.11 -1.01 3.25
N LEU A 93 3.62 -1.88 2.43
CA LEU A 93 2.36 -1.60 1.69
C LEU A 93 1.14 -1.94 2.56
N GLY A 94 0.10 -1.15 2.49
CA GLY A 94 -1.11 -1.44 3.32
C GLY A 94 -2.38 -1.34 2.46
N ALA A 95 -3.38 -2.11 2.79
CA ALA A 95 -4.65 -2.06 1.99
C ALA A 95 -5.85 -2.44 2.88
N GLY A 96 -6.38 -1.51 3.59
CA GLY A 96 -7.54 -1.82 4.48
C GLY A 96 -8.46 -0.59 4.60
N ASN A 97 -9.73 -0.80 4.75
CA ASN A 97 -10.66 0.36 4.88
C ASN A 97 -10.58 0.94 6.30
N SER A 98 -11.34 1.97 6.58
CA SER A 98 -11.31 2.57 7.93
C SER A 98 -11.78 1.56 8.99
N GLY A 99 -12.53 0.57 8.57
CA GLY A 99 -13.02 -0.44 9.56
C GLY A 99 -12.78 -1.84 9.00
N LEU A 100 -13.04 -2.05 7.73
CA LEU A 100 -12.83 -3.40 7.13
C LEU A 100 -11.35 -3.80 7.24
N ASP A 101 -10.98 -4.54 8.24
CA ASP A 101 -9.56 -4.96 8.39
C ASP A 101 -9.21 -5.99 7.32
N LEU A 102 -8.75 -5.53 6.18
CA LEU A 102 -8.39 -6.48 5.08
C LEU A 102 -7.00 -7.09 5.34
N GLY A 103 -5.95 -6.34 5.11
CA GLY A 103 -4.59 -6.90 5.35
C GLY A 103 -3.53 -5.87 4.94
N HIS A 104 -2.28 -6.15 5.24
CA HIS A 104 -1.20 -5.20 4.87
C HIS A 104 0.11 -5.96 4.62
N VAL A 105 0.83 -5.62 3.59
CA VAL A 105 2.11 -6.33 3.30
C VAL A 105 3.30 -5.40 3.56
N ALA A 106 4.45 -5.95 3.84
CA ALA A 106 5.64 -5.09 4.10
C ALA A 106 6.61 -5.16 2.90
N LEU A 107 7.42 -4.15 2.73
CA LEU A 107 8.37 -4.16 1.59
C LEU A 107 9.81 -3.98 2.10
N THR A 108 10.79 -4.14 1.26
CA THR A 108 12.20 -3.99 1.70
C THR A 108 13.10 -3.72 0.50
N PHE A 109 13.50 -2.49 0.30
CA PHE A 109 14.39 -2.17 -0.84
C PHE A 109 15.84 -2.52 -0.52
N GLY A 110 16.26 -3.70 -0.87
CA GLY A 110 17.68 -4.11 -0.59
C GLY A 110 17.71 -4.89 0.73
C1' ROM B . -10.34 6.21 5.09
C2' ROM B . -11.33 5.64 4.08
C3' ROM B . -11.39 6.58 2.88
C4' ROM B . -11.80 7.99 3.37
C5' ROM B . -10.84 8.45 4.49
O5' ROM B . -10.77 7.48 5.52
O2' ROM B . -10.89 4.36 3.66
O3' ROM B . -10.11 6.64 2.26
N4' ROM B . -11.87 9.00 2.28
C6D ROM B . -11.37 9.76 5.06
O9 ROM B . -10.22 5.36 6.22
C6B ROM B . -9.45 8.69 3.90
C4D ROM B . -11.31 8.53 1.01
C4B ROM B . -13.25 9.48 2.10
C'8 ROM B . -2.82 8.66 1.79
C'7 ROM B . -2.95 10.00 1.44
C'6 ROM B . -3.85 10.38 0.46
C'5 ROM B . -4.61 9.42 -0.19
C15 ROM B . -4.48 8.09 0.16
C'9 ROM B . -3.59 7.70 1.14
O'7 ROM B . -2.18 10.95 2.08
C1A ROM B . -3.44 6.30 1.50
O'4 ROM B . -5.49 9.79 -1.19
C'3 ROM B . -5.97 8.86 -2.00
C'2 ROM B . -5.84 7.43 -1.62
N'1 ROM B . -5.25 7.14 -0.47
C1B ROM B . -6.57 9.20 -3.16
O'2 ROM B . -6.25 6.56 -2.35
O13 ROM B . -4.33 5.96 2.42
C7X ROM B . -0.83 10.63 1.86
O11 ROM B . -2.63 5.52 1.03
C3 ROM B . -6.02 5.46 4.50
C2 ROM B . -6.98 5.16 5.42
C7 ROM B . -7.24 3.92 5.84
C6 ROM B . -6.52 2.86 5.36
C5 ROM B . -5.52 3.10 4.41
C4 ROM B . -5.27 4.41 3.97
C1 ROM B . -7.84 6.06 6.10
C12 ROM B . -7.52 7.20 6.67
C9 ROM B . -8.92 5.31 6.84
C8 ROM B . -8.37 3.86 6.90
C13 ROM B . -4.16 4.68 3.00
C10 ROM B . -8.87 6.15 8.08
C11 ROM B . -8.09 7.25 7.89
C14 ROM B . -2.79 4.60 3.68
O15 ROM B . -2.81 3.57 4.65
C16 ROM B . -2.41 3.91 5.87
C17 ROM B . -1.72 2.78 6.63
C18 ROM B . -2.27 2.71 8.07
C20 ROM B . -4.61 1.86 8.04
C21 ROM B . -5.97 2.07 8.09
C22 ROM B . -6.50 3.33 8.23
C23 ROM B . -5.65 4.41 8.33
C24 ROM B . -4.28 4.20 8.27
C19 ROM B . -3.75 2.93 8.13
O25 ROM B . -7.89 3.52 8.23
N18 ROM B . -1.90 1.34 8.53
O23 ROM B . -6.16 5.68 8.48
CL21 ROM B . -7.04 0.72 7.98
O16 ROM B . -2.56 5.02 6.36
H1' ROM B . -9.39 6.31 4.60
H2' ROM B . -12.31 5.56 4.53
H3' ROM B . -12.12 6.22 2.18
H4' ROM B . -12.80 7.92 3.79
H2'2 ROM B . -10.58 3.88 4.43
H3'2 ROM B . -9.99 5.84 1.75
H6B1 ROM B . -10.58 10.50 5.05
H6B3 ROM B . -12.19 10.11 4.45
H6B2 ROM B . -11.71 9.61 6.07
H6A1 ROM B . -9.16 9.72 4.09
H6A3 ROM B . -8.74 8.02 4.35
H6A2 ROM B . -9.48 8.53 2.84
H4B1 ROM B . -11.77 7.57 0.78
H4B3 ROM B . -11.54 9.24 0.24
H4B2 ROM B . -10.25 8.42 1.12
H4A1 ROM B . -13.75 8.82 1.39
H4A3 ROM B . -13.75 9.45 3.06
H4A2 ROM B . -13.21 10.49 1.72
H'8 ROM B . -2.13 8.37 2.55
H'6 ROM B . -3.95 11.42 0.18
H'1 ROM B . -5.37 6.25 -0.07
H3A1 ROM B . -7.57 9.57 -3.16
H3A2 ROM B . -6.04 9.12 -4.09
H7A1 ROM B . -0.69 10.37 0.83
H7A3 ROM B . -0.22 11.48 2.11
H7A2 ROM B . -0.56 9.79 2.49
H3 ROM B . -5.87 6.47 4.18
H6 ROM B . -6.72 1.85 5.70
H5 ROM B . -4.95 2.28 4.01
H12 ROM B . -6.89 7.96 6.24
H8 ROM B . -9.13 3.17 6.58
H13 ROM B . -4.21 3.94 2.20
H10 ROM B . -9.41 5.90 8.97
H11 ROM B . -7.94 8.03 8.60
H142 ROM B . -2.03 4.38 2.95
H141 ROM B . -2.58 5.54 4.17
H172 ROM B . -1.91 1.84 6.14
H171 ROM B . -0.65 2.96 6.66
H18 ROM B . -1.78 3.44 8.68
H20 ROM B . -4.23 0.86 7.93
H24 ROM B . -3.61 5.06 8.34
H183 ROM B . -2.37 1.14 9.44
H182 ROM B . -2.21 0.64 7.82
H184 ROM B . -0.87 1.28 8.66
H232 ROM B . -6.40 5.81 9.40
N ALA A 1 -12.06 -12.58 9.03
CA ALA A 1 -11.02 -11.63 8.55
C ALA A 1 -10.56 -12.01 7.15
N PRO A 2 -10.60 -11.06 6.26
CA PRO A 2 -10.18 -11.30 4.87
C PRO A 2 -8.65 -11.44 4.79
N ALA A 3 -8.11 -11.57 3.62
CA ALA A 3 -6.64 -11.70 3.48
C ALA A 3 -6.11 -10.74 2.42
N PHE A 4 -4.84 -10.48 2.45
CA PHE A 4 -4.25 -9.56 1.44
C PHE A 4 -2.77 -9.88 1.24
N SER A 5 -2.34 -10.11 0.03
CA SER A 5 -0.91 -10.43 -0.19
C SER A 5 -0.45 -10.02 -1.60
N VAL A 6 0.83 -9.99 -1.80
CA VAL A 6 1.39 -9.60 -3.13
C VAL A 6 2.38 -10.67 -3.60
N SER A 7 2.56 -10.83 -4.88
CA SER A 7 3.53 -11.87 -5.33
C SER A 7 4.94 -11.58 -4.74
N PRO A 8 5.67 -10.64 -5.32
CA PRO A 8 7.01 -10.33 -4.78
C PRO A 8 6.86 -9.44 -3.55
N ALA A 9 7.88 -9.32 -2.76
CA ALA A 9 7.77 -8.45 -1.54
C ALA A 9 9.16 -8.18 -0.96
N SER A 10 10.17 -8.17 -1.79
CA SER A 10 11.54 -7.91 -1.29
C SER A 10 12.48 -7.65 -2.48
N GLY A 11 13.55 -6.94 -2.28
CA GLY A 11 14.49 -6.67 -3.42
C GLY A 11 13.72 -5.96 -4.53
N LEU A 12 12.91 -4.99 -4.18
CA LEU A 12 12.12 -4.26 -5.21
C LEU A 12 12.95 -3.12 -5.82
N SER A 13 12.30 -2.18 -6.44
CA SER A 13 13.03 -1.05 -7.05
C SER A 13 12.06 0.09 -7.36
N ASP A 14 12.52 1.32 -7.29
CA ASP A 14 11.60 2.47 -7.57
C ASP A 14 11.07 2.37 -9.00
N GLY A 15 9.79 2.49 -9.16
CA GLY A 15 9.21 2.40 -10.54
C GLY A 15 8.76 0.97 -10.79
N GLN A 16 9.39 0.03 -10.15
CA GLN A 16 9.01 -1.40 -10.34
C GLN A 16 7.54 -1.62 -9.96
N SER A 17 6.88 -2.55 -10.60
CA SER A 17 5.45 -2.80 -10.26
C SER A 17 5.27 -4.25 -9.81
N VAL A 18 4.60 -4.46 -8.71
CA VAL A 18 4.38 -5.85 -8.21
C VAL A 18 2.93 -6.26 -8.46
N SER A 19 2.63 -7.53 -8.33
CA SER A 19 1.23 -7.99 -8.55
C SER A 19 0.53 -8.17 -7.22
N VAL A 20 -0.28 -7.22 -6.82
CA VAL A 20 -0.99 -7.36 -5.52
C VAL A 20 -2.24 -8.19 -5.68
N SER A 21 -2.85 -8.55 -4.58
CA SER A 21 -4.08 -9.37 -4.65
C SER A 21 -4.81 -9.32 -3.31
N VAL A 22 -6.11 -9.20 -3.33
CA VAL A 22 -6.86 -9.15 -2.07
C VAL A 22 -7.94 -10.23 -2.06
N SER A 23 -8.49 -10.54 -0.92
CA SER A 23 -9.54 -11.58 -0.85
C SER A 23 -10.28 -11.50 0.48
N GLY A 24 -11.35 -12.25 0.63
CA GLY A 24 -12.12 -12.19 1.91
C GLY A 24 -13.17 -11.08 1.86
N ALA A 25 -12.87 -10.01 1.18
CA ALA A 25 -13.86 -8.89 1.09
C ALA A 25 -15.16 -9.37 0.45
N ALA A 26 -15.68 -8.64 -0.52
CA ALA A 26 -16.96 -9.08 -1.17
C ALA A 26 -17.22 -8.27 -2.44
N ALA A 27 -17.56 -8.93 -3.51
CA ALA A 27 -17.84 -8.20 -4.79
C ALA A 27 -18.90 -7.12 -4.57
N GLY A 28 -18.66 -5.94 -5.04
CA GLY A 28 -19.65 -4.84 -4.86
C GLY A 28 -19.14 -3.87 -3.80
N GLU A 29 -17.91 -4.01 -3.38
CA GLU A 29 -17.36 -3.09 -2.35
C GLU A 29 -16.03 -2.51 -2.81
N THR A 30 -15.71 -1.31 -2.40
CA THR A 30 -14.42 -0.69 -2.82
C THR A 30 -13.58 -0.28 -1.61
N TYR A 31 -12.30 -0.55 -1.65
CA TYR A 31 -11.41 -0.20 -0.51
C TYR A 31 -10.28 0.70 -1.03
N TYR A 32 -9.49 1.29 -0.16
CA TYR A 32 -8.39 2.17 -0.65
C TYR A 32 -7.02 1.57 -0.29
N ILE A 33 -6.10 1.61 -1.21
CA ILE A 33 -4.74 1.04 -0.92
C ILE A 33 -3.66 2.09 -1.19
N ALA A 34 -2.53 1.98 -0.54
CA ALA A 34 -1.44 2.98 -0.76
C ALA A 34 -0.14 2.50 -0.09
N GLN A 35 1.00 2.96 -0.57
CA GLN A 35 2.29 2.53 0.05
C GLN A 35 2.74 3.58 1.06
N CYS A 36 3.15 3.15 2.22
CA CYS A 36 3.60 4.14 3.25
C CYS A 36 4.88 3.65 3.93
N ALA A 37 5.52 4.50 4.67
CA ALA A 37 6.77 4.10 5.38
C ALA A 37 6.89 4.91 6.68
N PRO A 38 7.50 4.30 7.67
CA PRO A 38 7.67 4.99 8.97
C PRO A 38 8.67 6.13 8.84
N VAL A 39 8.68 7.04 9.76
CA VAL A 39 9.64 8.18 9.68
C VAL A 39 10.10 8.58 11.08
N GLY A 40 10.86 7.75 11.73
CA GLY A 40 11.35 8.08 13.09
C GLY A 40 10.23 7.88 14.13
N GLY A 41 9.02 7.66 13.68
CA GLY A 41 7.90 7.46 14.65
C GLY A 41 6.56 7.67 13.95
N GLN A 42 6.44 8.70 13.15
CA GLN A 42 5.14 8.96 12.45
C GLN A 42 5.07 8.12 11.16
N ASP A 43 3.87 7.87 10.69
CA ASP A 43 3.71 7.07 9.44
C ASP A 43 3.28 7.97 8.27
N ALA A 44 4.14 8.18 7.32
CA ALA A 44 3.77 9.04 6.16
C ALA A 44 3.54 8.19 4.92
N CYS A 45 2.38 8.24 4.35
CA CYS A 45 2.11 7.42 3.14
C CYS A 45 2.27 8.27 1.88
N ASN A 46 2.09 7.68 0.72
CA ASN A 46 2.22 8.46 -0.54
C ASN A 46 0.86 8.86 -1.09
N PRO A 47 0.78 10.08 -1.56
CA PRO A 47 -0.47 10.60 -2.13
C PRO A 47 -0.49 10.36 -3.63
N ALA A 48 0.55 9.74 -4.16
CA ALA A 48 0.61 9.47 -5.63
C ALA A 48 0.02 8.11 -5.99
N THR A 49 0.51 7.05 -5.40
CA THR A 49 -0.04 5.69 -5.73
C THR A 49 -1.25 5.37 -4.86
N ALA A 50 -2.21 6.27 -4.79
CA ALA A 50 -3.42 6.01 -3.97
C ALA A 50 -4.59 5.67 -4.90
N THR A 51 -4.89 4.42 -5.06
CA THR A 51 -6.03 4.04 -5.97
C THR A 51 -7.10 3.26 -5.22
N SER A 52 -8.32 3.42 -5.62
CA SER A 52 -9.43 2.68 -4.95
C SER A 52 -9.84 1.52 -5.85
N PHE A 53 -9.87 0.32 -5.33
CA PHE A 53 -10.26 -0.83 -6.20
C PHE A 53 -11.43 -1.61 -5.60
N THR A 54 -12.19 -2.27 -6.45
CA THR A 54 -13.35 -3.06 -5.95
C THR A 54 -13.03 -4.55 -6.06
N THR A 55 -13.50 -5.34 -5.15
CA THR A 55 -13.21 -6.81 -5.21
C THR A 55 -13.96 -7.47 -6.37
N ASP A 56 -13.72 -8.73 -6.58
CA ASP A 56 -14.39 -9.45 -7.69
C ASP A 56 -15.57 -10.26 -7.13
N ALA A 57 -16.12 -11.15 -7.91
CA ALA A 57 -17.26 -11.96 -7.40
C ALA A 57 -16.81 -12.78 -6.18
N SER A 58 -15.59 -13.22 -6.16
CA SER A 58 -15.12 -14.03 -5.01
C SER A 58 -14.46 -13.10 -3.98
N GLY A 59 -14.87 -11.85 -3.95
CA GLY A 59 -14.27 -10.90 -2.97
C GLY A 59 -12.76 -10.85 -3.16
N ALA A 60 -12.30 -11.15 -4.34
CA ALA A 60 -10.82 -11.13 -4.59
C ALA A 60 -10.45 -9.99 -5.56
N ALA A 61 -9.63 -9.08 -5.13
CA ALA A 61 -9.24 -7.95 -6.03
C ALA A 61 -7.73 -8.01 -6.34
N SER A 62 -7.37 -8.48 -7.49
CA SER A 62 -5.92 -8.57 -7.84
C SER A 62 -5.59 -7.58 -8.95
N PHE A 63 -4.47 -6.92 -8.86
CA PHE A 63 -4.10 -5.95 -9.92
C PHE A 63 -2.62 -5.55 -9.78
N SER A 64 -2.12 -4.79 -10.71
CA SER A 64 -0.70 -4.36 -10.64
C SER A 64 -0.58 -3.02 -9.90
N PHE A 65 0.46 -2.87 -9.12
CA PHE A 65 0.66 -1.61 -8.37
C PHE A 65 2.13 -1.22 -8.41
N VAL A 66 2.43 -0.01 -8.80
CA VAL A 66 3.86 0.40 -8.85
C VAL A 66 4.33 0.87 -7.47
N VAL A 67 5.61 1.01 -7.29
CA VAL A 67 6.14 1.45 -5.97
C VAL A 67 7.22 2.52 -6.16
N ARG A 68 7.81 2.97 -5.08
CA ARG A 68 8.87 4.01 -5.20
C ARG A 68 9.80 3.94 -3.99
N LYS A 69 10.97 3.37 -4.15
CA LYS A 69 11.93 3.27 -3.02
C LYS A 69 11.92 4.56 -2.18
N SER A 70 12.17 5.68 -2.81
CA SER A 70 12.18 6.98 -2.06
C SER A 70 11.06 7.90 -2.58
N TYR A 71 10.41 8.61 -1.70
CA TYR A 71 9.32 9.53 -2.14
C TYR A 71 8.90 10.44 -0.99
N THR A 72 8.50 11.65 -1.28
CA THR A 72 8.08 12.58 -0.19
C THR A 72 6.89 11.99 0.59
N GLY A 73 7.03 11.85 1.88
CA GLY A 73 5.91 11.27 2.69
C GLY A 73 4.91 12.38 3.04
N SER A 74 3.73 12.02 3.48
CA SER A 74 2.72 13.05 3.84
C SER A 74 1.42 12.37 4.32
N THR A 75 1.05 12.62 5.55
CA THR A 75 -0.20 11.99 6.08
C THR A 75 -1.32 12.04 5.03
N PRO A 76 -2.37 11.28 5.27
CA PRO A 76 -3.51 11.25 4.31
C PRO A 76 -4.24 12.60 4.29
N GLU A 77 -3.86 13.51 5.15
CA GLU A 77 -4.54 14.84 5.15
C GLU A 77 -3.71 15.85 4.35
N GLY A 78 -3.79 17.10 4.72
CA GLY A 78 -3.02 18.14 3.98
C GLY A 78 -1.78 18.51 4.79
N THR A 79 -1.47 17.76 5.81
CA THR A 79 -0.28 18.07 6.66
C THR A 79 0.94 17.28 6.15
N PRO A 80 1.98 18.01 5.82
CA PRO A 80 3.21 17.38 5.32
C PRO A 80 4.00 16.76 6.47
N VAL A 81 4.71 15.70 6.22
CA VAL A 81 5.50 15.06 7.31
C VAL A 81 6.99 15.15 6.99
N GLY A 82 7.34 15.29 5.73
CA GLY A 82 8.77 15.38 5.35
C GLY A 82 9.06 14.41 4.22
N SER A 83 10.30 14.34 3.80
CA SER A 83 10.65 13.40 2.69
C SER A 83 10.90 12.00 3.26
N VAL A 84 10.60 10.97 2.50
CA VAL A 84 10.82 9.58 3.01
C VAL A 84 11.81 8.84 2.11
N ASP A 85 12.45 7.84 2.65
CA ASP A 85 13.44 7.06 1.84
C ASP A 85 13.54 5.64 2.39
N CYS A 86 12.97 4.69 1.71
CA CYS A 86 13.02 3.28 2.18
C CYS A 86 14.36 2.62 1.82
N ALA A 87 15.35 3.40 1.45
CA ALA A 87 16.66 2.79 1.09
C ALA A 87 17.09 1.87 2.24
N THR A 88 17.23 2.43 3.40
CA THR A 88 17.65 1.63 4.57
C THR A 88 16.45 1.49 5.53
N ALA A 89 15.39 2.21 5.25
CA ALA A 89 14.18 2.15 6.11
C ALA A 89 13.33 0.94 5.73
N ALA A 90 12.19 0.81 6.35
CA ALA A 90 11.30 -0.34 6.04
C ALA A 90 10.02 0.14 5.34
N CYS A 91 9.94 -0.01 4.04
CA CYS A 91 8.72 0.44 3.31
C CYS A 91 7.60 -0.59 3.51
N ASN A 92 6.39 -0.26 3.16
CA ASN A 92 5.29 -1.24 3.34
C ASN A 92 4.05 -0.85 2.51
N LEU A 93 3.01 -1.63 2.59
CA LEU A 93 1.77 -1.33 1.82
C LEU A 93 0.55 -1.75 2.64
N GLY A 94 -0.51 -0.98 2.63
CA GLY A 94 -1.72 -1.36 3.42
C GLY A 94 -2.98 -1.21 2.56
N ALA A 95 -4.03 -1.91 2.92
CA ALA A 95 -5.29 -1.83 2.14
C ALA A 95 -6.51 -1.82 3.10
N GLY A 96 -7.69 -2.02 2.57
CA GLY A 96 -8.90 -2.02 3.45
C GLY A 96 -9.49 -0.60 3.51
N ASN A 97 -10.60 -0.44 4.19
CA ASN A 97 -11.21 0.91 4.28
C ASN A 97 -11.36 1.34 5.75
N SER A 98 -12.49 1.90 6.11
CA SER A 98 -12.68 2.32 7.54
C SER A 98 -13.36 1.24 8.37
N GLY A 99 -14.42 0.66 7.89
CA GLY A 99 -15.11 -0.42 8.68
C GLY A 99 -14.93 -1.78 8.02
N LEU A 100 -13.79 -2.06 7.46
CA LEU A 100 -13.58 -3.38 6.81
C LEU A 100 -12.20 -3.94 7.19
N ASP A 101 -11.19 -3.14 7.06
CA ASP A 101 -9.82 -3.61 7.41
C ASP A 101 -9.43 -4.79 6.53
N LEU A 102 -8.25 -4.76 5.96
CA LEU A 102 -7.81 -5.89 5.10
C LEU A 102 -6.44 -6.40 5.54
N GLY A 103 -5.40 -5.80 5.06
CA GLY A 103 -4.04 -6.24 5.45
C GLY A 103 -2.98 -5.38 4.76
N HIS A 104 -1.77 -5.41 5.24
CA HIS A 104 -0.70 -4.58 4.61
C HIS A 104 0.54 -5.44 4.36
N VAL A 105 1.11 -5.33 3.20
CA VAL A 105 2.32 -6.15 2.88
C VAL A 105 3.58 -5.29 3.01
N ALA A 106 4.55 -5.75 3.76
CA ALA A 106 5.80 -4.96 3.92
C ALA A 106 6.74 -5.23 2.75
N LEU A 107 7.32 -4.19 2.19
CA LEU A 107 8.25 -4.38 1.04
C LEU A 107 9.69 -4.11 1.46
N THR A 108 10.62 -4.38 0.60
CA THR A 108 12.05 -4.14 0.94
C THR A 108 12.77 -3.52 -0.27
N PHE A 109 13.64 -2.59 -0.04
CA PHE A 109 14.36 -1.96 -1.18
C PHE A 109 15.87 -2.24 -1.08
N GLY A 110 16.44 -2.86 -2.07
CA GLY A 110 17.89 -3.16 -2.02
C GLY A 110 18.14 -4.57 -2.56
C1' ROM B . -11.41 6.36 5.26
C2' ROM B . -12.30 5.87 4.12
C3' ROM B . -12.19 6.87 2.98
C4' ROM B . -12.65 8.26 3.49
C5' ROM B . -11.77 8.64 4.70
O5' ROM B . -11.82 7.65 5.70
O2' ROM B . -11.85 4.60 3.68
O3' ROM B . -10.85 6.94 2.53
N4' ROM B . -12.62 9.31 2.44
C6D ROM B . -12.30 9.97 5.25
O9 ROM B . -11.48 5.47 6.36
C6B ROM B . -10.33 8.87 4.24
C4D ROM B . -13.98 9.67 2.04
C4B ROM B . -11.82 8.93 1.25
C'8 ROM B . -3.32 8.72 2.02
C'7 ROM B . -3.56 9.90 1.34
C'6 ROM B . -4.75 10.08 0.66
C'5 ROM B . -5.71 9.07 0.66
C15 ROM B . -5.46 7.89 1.35
C'9 ROM B . -4.27 7.71 2.02
O'7 ROM B . -2.61 10.92 1.34
C1A ROM B . -4.00 6.47 2.73
O'4 ROM B . -6.91 9.25 -0.02
C'3 ROM B . -7.88 8.33 0.10
C'2 ROM B . -7.62 7.11 0.89
N'1 ROM B . -6.40 6.88 1.34
C1B ROM B . -9.06 8.53 -0.50
O'2 ROM B . -8.53 6.32 1.10
O13 ROM B . -5.05 6.13 3.44
C7X ROM B . -1.36 10.37 0.98
O11 ROM B . -2.97 5.82 2.68
C3 ROM B . -7.10 5.53 5.17
C2 ROM B . -8.17 5.21 5.95
C7 ROM B . -8.51 3.97 6.26
C6 ROM B . -7.78 2.91 5.76
C5 ROM B . -6.68 3.17 4.94
C4 ROM B . -6.32 4.49 4.65
C1 ROM B . -9.08 6.12 6.58
C12 ROM B . -8.80 7.20 7.24
C9 ROM B . -10.26 5.35 7.14
C8 ROM B . -9.75 3.89 7.18
C13 ROM B . -5.08 4.77 3.85
C10 ROM B . -10.34 6.15 8.41
C11 ROM B . -9.53 7.23 8.37
C14 ROM B . -3.82 4.47 4.68
O15 ROM B . -4.16 3.59 5.76
C16 ROM B . -3.33 3.60 6.78
C17 ROM B . -3.26 2.26 7.52
C18 ROM B . -3.86 2.41 8.92
C20 ROM B . -6.24 1.66 8.74
C21 ROM B . -7.59 1.93 8.65
C22 ROM B . -8.07 3.21 8.69
C23 ROM B . -7.18 4.27 8.81
C24 ROM B . -5.82 4.00 8.89
C19 ROM B . -5.33 2.69 8.85
O25 ROM B . -9.44 3.46 8.54
N18 ROM B . -3.58 1.11 9.59
O23 ROM B . -7.64 5.56 8.88
CL21 ROM B . -8.70 0.61 8.51
O16 ROM B . -2.68 4.56 7.13
H1' ROM B . -10.41 6.41 4.90
H2' ROM B . -13.32 5.81 4.45
H3' ROM B . -12.84 6.56 2.17
H4' ROM B . -13.67 8.17 3.81
H2'2 ROM B . -12.48 3.94 4.00
H3'2 ROM B . -10.80 6.47 1.69
H6B1 ROM B . -11.67 10.30 6.05
H6B3 ROM B . -12.32 10.71 4.47
H6B2 ROM B . -13.30 9.82 5.63
H6A1 ROM B . -9.84 7.92 4.07
H6A3 ROM B . -10.33 9.43 3.31
H6A2 ROM B . -9.80 9.43 4.99
H4B1 ROM B . -14.00 10.72 1.78
H4B3 ROM B . -14.27 9.08 1.19
H4B2 ROM B . -14.64 9.49 2.87
H4A1 ROM B . -10.79 8.89 1.54
H4A3 ROM B . -12.16 7.97 0.91
H4A2 ROM B . -11.97 9.68 0.48
H'8 ROM B . -2.40 8.57 2.56
H'6 ROM B . -4.94 11.00 0.12
H'1 ROM B . -6.17 5.99 1.69
H3A1 ROM B . -9.64 7.70 -0.86
H3A2 ROM B . -9.45 9.53 -0.62
H7A1 ROM B . -0.89 9.93 1.85
H7A3 ROM B . -1.50 9.62 0.23
H7A2 ROM B . -0.72 11.16 0.61
H3 ROM B . -6.86 6.57 4.95
H6 ROM B . -8.07 1.90 6.00
H5 ROM B . -6.14 2.35 4.50
H12 ROM B . -8.11 7.96 6.94
H8 ROM B . -10.49 3.25 6.75
H13 ROM B . -5.08 4.16 2.97
H10 ROM B . -10.97 5.84 9.23
H11 ROM B . -9.49 8.00 9.11
H142 ROM B . -3.08 3.99 4.07
H141 ROM B . -3.42 5.39 5.09
H172 ROM B . -3.80 1.51 6.96
H171 ROM B . -2.22 1.96 7.60
H18 ROM B . -3.37 3.21 9.44
H20 ROM B . -5.89 0.64 8.71
H24 ROM B . -5.12 4.83 8.99
H183 ROM B . -4.07 0.35 9.08
H182 ROM B . -2.56 0.93 9.56
H184 ROM B . -3.91 1.15 10.57
H232 ROM B . -7.81 5.79 9.79
N ALA A 1 -13.16 -12.62 8.47
CA ALA A 1 -11.70 -12.32 8.52
C ALA A 1 -11.11 -12.40 7.12
N PRO A 2 -11.05 -11.28 6.47
CA PRO A 2 -10.49 -11.21 5.10
C PRO A 2 -8.97 -11.33 5.14
N ALA A 3 -8.32 -11.04 4.06
CA ALA A 3 -6.82 -11.12 4.04
C ALA A 3 -6.25 -10.23 2.94
N PHE A 4 -4.95 -10.22 2.78
CA PHE A 4 -4.33 -9.37 1.72
C PHE A 4 -2.90 -9.86 1.45
N SER A 5 -2.50 -9.91 0.21
CA SER A 5 -1.11 -10.38 -0.09
C SER A 5 -0.60 -9.81 -1.41
N VAL A 6 0.68 -9.89 -1.63
CA VAL A 6 1.29 -9.37 -2.88
C VAL A 6 2.26 -10.41 -3.45
N SER A 7 2.32 -10.57 -4.75
CA SER A 7 3.25 -11.57 -5.30
C SER A 7 4.68 -11.24 -4.82
N PRO A 8 5.30 -10.21 -5.39
CA PRO A 8 6.66 -9.85 -4.96
C PRO A 8 6.60 -9.03 -3.68
N ALA A 9 7.66 -8.96 -2.95
CA ALA A 9 7.65 -8.16 -1.68
C ALA A 9 9.08 -7.81 -1.28
N SER A 10 10.01 -7.85 -2.20
CA SER A 10 11.41 -7.52 -1.87
C SER A 10 12.20 -7.27 -3.16
N GLY A 11 13.43 -6.83 -3.04
CA GLY A 11 14.24 -6.57 -4.26
C GLY A 11 13.37 -5.81 -5.27
N LEU A 12 12.65 -4.83 -4.80
CA LEU A 12 11.79 -4.02 -5.70
C LEU A 12 12.59 -2.89 -6.34
N SER A 13 11.93 -1.87 -6.80
CA SER A 13 12.65 -0.73 -7.43
C SER A 13 11.66 0.35 -7.86
N ASP A 14 12.12 1.57 -7.99
CA ASP A 14 11.21 2.67 -8.42
C ASP A 14 10.63 2.38 -9.80
N GLY A 15 9.35 2.47 -9.96
CA GLY A 15 8.73 2.19 -11.29
C GLY A 15 8.38 0.70 -11.38
N GLN A 16 9.09 -0.13 -10.65
CA GLN A 16 8.79 -1.58 -10.68
C GLN A 16 7.29 -1.82 -10.43
N SER A 17 6.76 -2.90 -10.93
CA SER A 17 5.31 -3.18 -10.71
C SER A 17 5.12 -4.52 -10.00
N VAL A 18 4.12 -4.63 -9.18
CA VAL A 18 3.88 -5.91 -8.46
C VAL A 18 2.42 -6.34 -8.65
N SER A 19 2.13 -7.61 -8.43
CA SER A 19 0.73 -8.08 -8.61
C SER A 19 0.07 -8.24 -7.25
N VAL A 20 -0.72 -7.28 -6.84
CA VAL A 20 -1.39 -7.37 -5.52
C VAL A 20 -2.73 -8.11 -5.65
N SER A 21 -3.30 -8.50 -4.56
CA SER A 21 -4.60 -9.22 -4.62
C SER A 21 -5.26 -9.21 -3.23
N VAL A 22 -6.45 -8.69 -3.15
CA VAL A 22 -7.16 -8.64 -1.84
C VAL A 22 -8.39 -9.55 -1.88
N SER A 23 -8.84 -10.00 -0.75
CA SER A 23 -10.05 -10.89 -0.75
C SER A 23 -10.68 -10.93 0.64
N GLY A 24 -11.90 -11.39 0.72
CA GLY A 24 -12.58 -11.47 2.05
C GLY A 24 -13.37 -10.18 2.30
N ALA A 25 -13.38 -9.28 1.35
CA ALA A 25 -14.14 -8.01 1.54
C ALA A 25 -15.55 -8.13 0.95
N ALA A 26 -15.74 -9.05 0.04
CA ALA A 26 -17.09 -9.23 -0.59
C ALA A 26 -17.39 -8.09 -1.57
N ALA A 27 -17.80 -8.44 -2.76
CA ALA A 27 -18.13 -7.41 -3.78
C ALA A 27 -19.08 -6.36 -3.19
N GLY A 28 -18.83 -5.11 -3.46
CA GLY A 28 -19.71 -4.05 -2.92
C GLY A 28 -18.89 -3.06 -2.09
N GLU A 29 -17.60 -3.08 -2.23
CA GLU A 29 -16.75 -2.14 -1.44
C GLU A 29 -15.48 -1.79 -2.20
N THR A 30 -15.00 -0.58 -2.02
CA THR A 30 -13.75 -0.17 -2.72
C THR A 30 -12.62 0.04 -1.71
N TYR A 31 -11.40 0.01 -2.16
CA TYR A 31 -10.26 0.20 -1.20
C TYR A 31 -9.11 0.93 -1.89
N TYR A 32 -8.40 1.76 -1.16
CA TYR A 32 -7.28 2.51 -1.76
C TYR A 32 -5.95 1.96 -1.21
N ILE A 33 -5.25 1.19 -1.99
CA ILE A 33 -3.94 0.63 -1.50
C ILE A 33 -2.83 1.67 -1.71
N ALA A 34 -1.94 1.79 -0.76
CA ALA A 34 -0.83 2.77 -0.91
C ALA A 34 0.37 2.34 -0.07
N GLN A 35 1.56 2.71 -0.47
CA GLN A 35 2.77 2.32 0.30
C GLN A 35 3.07 3.35 1.37
N CYS A 36 3.21 2.93 2.60
CA CYS A 36 3.49 3.90 3.69
C CYS A 36 4.91 3.69 4.24
N ALA A 37 5.35 4.57 5.10
CA ALA A 37 6.72 4.44 5.68
C ALA A 37 6.95 5.52 6.75
N PRO A 38 7.60 5.13 7.81
CA PRO A 38 7.88 6.08 8.92
C PRO A 38 8.97 7.08 8.51
N VAL A 39 9.14 8.12 9.27
CA VAL A 39 10.17 9.13 8.93
C VAL A 39 11.17 9.27 10.08
N GLY A 40 11.77 8.19 10.47
CA GLY A 40 12.74 8.23 11.60
C GLY A 40 12.06 8.67 12.90
N GLY A 41 10.75 8.56 12.97
CA GLY A 41 10.05 8.98 14.22
C GLY A 41 8.55 8.69 14.10
N GLN A 42 7.84 9.49 13.37
CA GLN A 42 6.37 9.26 13.22
C GLN A 42 6.08 8.40 11.98
N ASP A 43 4.84 8.29 11.60
CA ASP A 43 4.48 7.48 10.41
C ASP A 43 3.92 8.37 9.31
N ALA A 44 4.26 8.12 8.08
CA ALA A 44 3.74 8.95 6.96
C ALA A 44 3.45 8.08 5.72
N CYS A 45 2.26 8.14 5.21
CA CYS A 45 1.93 7.32 4.01
C CYS A 45 2.21 8.10 2.72
N ASN A 46 2.21 7.44 1.60
CA ASN A 46 2.48 8.16 0.32
C ASN A 46 1.16 8.58 -0.36
N PRO A 47 1.00 9.87 -0.51
CA PRO A 47 -0.22 10.39 -1.15
C PRO A 47 -0.02 10.47 -2.67
N ALA A 48 1.08 9.97 -3.17
CA ALA A 48 1.34 10.02 -4.63
C ALA A 48 0.72 8.80 -5.34
N THR A 49 1.27 7.64 -5.12
CA THR A 49 0.71 6.43 -5.79
C THR A 49 -0.39 5.79 -4.92
N ALA A 50 -1.59 5.76 -5.42
CA ALA A 50 -2.72 5.16 -4.65
C ALA A 50 -3.73 4.54 -5.61
N THR A 51 -3.60 3.27 -5.89
CA THR A 51 -4.56 2.61 -6.82
C THR A 51 -5.84 2.21 -6.10
N SER A 52 -6.96 2.71 -6.54
CA SER A 52 -8.25 2.36 -5.88
C SER A 52 -8.89 1.17 -6.60
N PHE A 53 -8.99 0.05 -5.94
CA PHE A 53 -9.61 -1.15 -6.60
C PHE A 53 -10.80 -1.66 -5.79
N THR A 54 -11.78 -2.20 -6.46
CA THR A 54 -12.98 -2.74 -5.75
C THR A 54 -12.95 -4.28 -5.79
N THR A 55 -13.59 -4.92 -4.85
CA THR A 55 -13.59 -6.42 -4.86
C THR A 55 -14.36 -6.94 -6.09
N ASP A 56 -14.20 -8.19 -6.40
CA ASP A 56 -14.93 -8.76 -7.58
C ASP A 56 -16.26 -9.33 -7.13
N ALA A 57 -16.91 -10.09 -7.96
CA ALA A 57 -18.22 -10.68 -7.56
C ALA A 57 -18.02 -11.66 -6.41
N SER A 58 -16.89 -12.28 -6.34
CA SER A 58 -16.63 -13.26 -5.23
C SER A 58 -15.92 -12.54 -4.09
N GLY A 59 -15.94 -11.24 -4.08
CA GLY A 59 -15.26 -10.48 -2.99
C GLY A 59 -13.76 -10.72 -3.04
N ALA A 60 -13.19 -10.71 -4.22
CA ALA A 60 -11.72 -10.94 -4.34
C ALA A 60 -11.19 -10.22 -5.59
N ALA A 61 -10.31 -9.28 -5.41
CA ALA A 61 -9.75 -8.55 -6.58
C ALA A 61 -8.24 -8.75 -6.70
N SER A 62 -7.70 -8.45 -7.84
CA SER A 62 -6.24 -8.62 -8.07
C SER A 62 -5.82 -7.68 -9.20
N PHE A 63 -4.81 -6.88 -8.99
CA PHE A 63 -4.38 -5.94 -10.07
C PHE A 63 -2.88 -5.66 -9.99
N SER A 64 -2.37 -4.92 -10.94
CA SER A 64 -0.91 -4.59 -10.94
C SER A 64 -0.71 -3.18 -10.38
N PHE A 65 -0.05 -3.07 -9.26
CA PHE A 65 0.20 -1.73 -8.66
C PHE A 65 1.68 -1.37 -8.72
N VAL A 66 1.99 -0.17 -9.17
CA VAL A 66 3.43 0.22 -9.25
C VAL A 66 3.91 0.71 -7.89
N VAL A 67 5.19 0.81 -7.72
CA VAL A 67 5.74 1.28 -6.41
C VAL A 67 6.79 2.36 -6.63
N ARG A 68 7.00 3.20 -5.67
CA ARG A 68 8.03 4.28 -5.82
C ARG A 68 8.99 4.25 -4.65
N LYS A 69 10.17 3.73 -4.86
CA LYS A 69 11.18 3.65 -3.78
C LYS A 69 11.12 4.89 -2.85
N SER A 70 11.23 6.06 -3.40
CA SER A 70 11.18 7.29 -2.55
C SER A 70 9.90 8.08 -2.83
N TYR A 71 9.41 8.78 -1.84
CA TYR A 71 8.17 9.59 -2.02
C TYR A 71 7.88 10.40 -0.76
N THR A 72 7.45 11.63 -0.89
CA THR A 72 7.15 12.45 0.31
C THR A 72 6.08 11.76 1.16
N GLY A 73 6.32 11.62 2.43
CA GLY A 73 5.31 10.96 3.31
C GLY A 73 4.36 12.01 3.88
N SER A 74 3.30 11.57 4.50
CA SER A 74 2.32 12.53 5.09
C SER A 74 1.09 11.77 5.58
N THR A 75 0.79 11.85 6.85
CA THR A 75 -0.40 11.14 7.39
C THR A 75 -1.59 11.31 6.45
N PRO A 76 -2.37 10.27 6.34
CA PRO A 76 -3.56 10.30 5.47
C PRO A 76 -4.62 11.24 6.05
N GLU A 77 -4.60 11.45 7.33
CA GLU A 77 -5.60 12.36 7.97
C GLU A 77 -5.07 12.88 9.31
N GLY A 78 -4.61 14.11 9.34
CA GLY A 78 -4.08 14.67 10.61
C GLY A 78 -3.09 15.80 10.32
N THR A 79 -1.83 15.48 10.16
CA THR A 79 -0.82 16.53 9.87
C THR A 79 0.26 15.98 8.93
N PRO A 80 0.83 16.88 8.17
CA PRO A 80 1.88 16.48 7.21
C PRO A 80 3.17 16.11 7.97
N VAL A 81 3.58 14.88 7.89
CA VAL A 81 4.82 14.45 8.60
C VAL A 81 6.07 14.99 7.88
N GLY A 82 6.65 14.20 7.01
CA GLY A 82 7.87 14.68 6.29
C GLY A 82 8.07 13.86 5.02
N SER A 83 9.27 13.81 4.52
CA SER A 83 9.53 13.01 3.27
C SER A 83 9.91 11.57 3.63
N VAL A 84 9.86 10.68 2.68
CA VAL A 84 10.22 9.26 2.96
C VAL A 84 11.15 8.73 1.87
N ASP A 85 11.86 7.66 2.15
CA ASP A 85 12.79 7.09 1.12
C ASP A 85 13.19 5.67 1.51
N CYS A 86 12.85 4.71 0.71
CA CYS A 86 13.21 3.29 1.03
C CYS A 86 14.73 3.11 0.98
N ALA A 87 15.44 4.08 0.49
CA ALA A 87 16.92 3.96 0.42
C ALA A 87 17.49 3.75 1.82
N THR A 88 16.87 4.37 2.79
CA THR A 88 17.35 4.22 4.19
C THR A 88 16.15 4.19 5.14
N ALA A 89 14.97 4.03 4.59
CA ALA A 89 13.75 3.98 5.44
C ALA A 89 13.00 2.66 5.23
N ALA A 90 12.32 2.17 6.24
CA ALA A 90 11.57 0.89 6.08
C ALA A 90 10.20 1.16 5.45
N CYS A 91 9.93 0.54 4.33
CA CYS A 91 8.61 0.77 3.67
C CYS A 91 7.73 -0.48 3.79
N ASN A 92 6.45 -0.31 3.77
CA ASN A 92 5.52 -1.47 3.88
C ASN A 92 4.20 -1.15 3.20
N LEU A 93 3.64 -2.09 2.48
CA LEU A 93 2.34 -1.84 1.79
C LEU A 93 1.17 -1.95 2.77
N GLY A 94 0.18 -1.11 2.62
CA GLY A 94 -0.99 -1.15 3.53
C GLY A 94 -2.24 -0.68 2.78
N ALA A 95 -3.32 -1.41 2.89
CA ALA A 95 -4.57 -0.99 2.18
C ALA A 95 -5.69 -0.73 3.19
N GLY A 96 -6.88 -0.45 2.71
CA GLY A 96 -8.01 -0.19 3.64
C GLY A 96 -8.93 0.87 3.04
N ASN A 97 -10.18 0.90 3.45
CA ASN A 97 -11.11 1.91 2.90
C ASN A 97 -11.88 2.59 4.02
N SER A 98 -12.77 3.52 3.66
CA SER A 98 -13.60 4.27 4.67
C SER A 98 -13.39 3.77 6.12
N GLY A 99 -13.78 2.56 6.41
CA GLY A 99 -13.59 2.04 7.80
C GLY A 99 -12.96 0.64 7.75
N LEU A 100 -13.67 -0.32 7.23
CA LEU A 100 -13.11 -1.72 7.16
C LEU A 100 -11.62 -1.68 6.77
N ASP A 101 -10.79 -2.37 7.52
CA ASP A 101 -9.34 -2.39 7.20
C ASP A 101 -8.89 -3.81 6.84
N LEU A 102 -7.95 -3.94 5.94
CA LEU A 102 -7.47 -5.31 5.55
C LEU A 102 -6.14 -5.63 6.26
N GLY A 103 -5.04 -5.43 5.59
CA GLY A 103 -3.71 -5.73 6.22
C GLY A 103 -2.61 -4.93 5.52
N HIS A 104 -1.38 -5.10 5.94
CA HIS A 104 -0.27 -4.35 5.30
C HIS A 104 0.94 -5.27 5.06
N VAL A 105 1.39 -5.36 3.82
CA VAL A 105 2.56 -6.23 3.51
C VAL A 105 3.86 -5.44 3.67
N ALA A 106 4.99 -6.08 3.53
CA ALA A 106 6.29 -5.36 3.68
C ALA A 106 7.03 -5.33 2.34
N LEU A 107 7.76 -4.29 2.06
CA LEU A 107 8.49 -4.22 0.76
C LEU A 107 9.95 -3.80 0.98
N THR A 108 10.80 -4.06 0.02
CA THR A 108 12.23 -3.70 0.15
C THR A 108 12.73 -3.13 -1.18
N PHE A 109 13.73 -2.30 -1.16
CA PHE A 109 14.24 -1.72 -2.45
C PHE A 109 15.74 -1.96 -2.58
N GLY A 110 16.18 -2.45 -3.70
CA GLY A 110 17.64 -2.69 -3.89
C GLY A 110 18.18 -1.74 -4.96
C1' ROM B . -10.51 7.29 2.37
C2' ROM B . -11.27 6.88 1.11
C3' ROM B . -10.97 7.87 0.00
C4' ROM B . -11.36 9.27 0.48
C5' ROM B . -10.57 9.59 1.76
O5' ROM B . -10.82 8.61 2.76
O2' ROM B . -10.88 5.58 0.70
O3' ROM B . -9.58 7.84 -0.30
N4' ROM B . -11.19 10.33 -0.56
C6D ROM B . -11.02 10.97 2.27
O9 ROM B . -10.87 6.43 3.44
C6B ROM B . -9.08 9.67 1.42
C4D ROM B . -10.39 9.87 -1.71
C4B ROM B . -12.48 10.82 -1.01
C'8 ROM B . -2.86 8.78 2.05
C'7 ROM B . -2.79 10.16 1.88
C'6 ROM B . -3.51 10.76 0.86
C'5 ROM B . -4.29 10.00 0.03
C15 ROM B . -4.37 8.62 0.20
C'9 ROM B . -3.65 8.02 1.21
O'7 ROM B . -2.00 10.93 2.71
C1A ROM B . -3.72 6.57 1.40
O'4 ROM B . -5.02 10.61 -0.99
C'3 ROM B . -5.92 9.90 -1.68
C'2 ROM B . -6.02 8.43 -1.44
N'1 ROM B . -5.15 7.86 -0.64
C1B ROM B . -6.72 10.50 -2.57
O'2 ROM B . -6.87 7.79 -2.01
O13 ROM B . -3.82 6.30 2.67
C7X ROM B . -0.64 10.60 2.45
O11 ROM B . -3.70 5.72 0.52
C3 ROM B . -6.36 6.03 3.54
C2 ROM B . -7.63 5.91 4.01
C7 ROM B . -8.16 4.75 4.37
C6 ROM B . -7.44 3.59 4.28
C5 ROM B . -6.13 3.65 3.81
C4 ROM B . -5.57 4.89 3.44
C1 ROM B . -8.57 6.96 4.22
C12 ROM B . -8.37 8.11 4.79
C9 ROM B . -9.93 6.37 4.52
C8 ROM B . -9.61 4.90 4.90
C13 ROM B . -4.14 4.95 3.01
C10 ROM B . -10.28 7.34 5.61
C11 ROM B . -9.37 8.35 5.66
C14 ROM B . -3.19 4.48 4.11
O15 ROM B . -3.87 3.60 4.99
C16 ROM B . -3.63 3.76 6.29
C17 ROM B . -3.79 2.48 7.11
C18 ROM B . -4.75 2.74 8.28
C20 ROM B . -7.13 2.40 7.58
C21 ROM B . -8.32 2.89 7.11
C22 ROM B . -8.51 4.22 6.86
C23 ROM B . -7.47 5.10 7.08
C24 ROM B . -6.25 4.62 7.54
C19 ROM B . -6.08 3.26 7.80
O25 ROM B . -9.72 4.68 6.34
N18 ROM B . -4.89 1.41 8.93
O23 ROM B . -7.64 6.45 6.83
CL21 ROM B . -9.62 1.80 6.85
O16 ROM B . -3.31 4.82 6.79
H1' ROM B . -9.45 7.18 2.19
H2' ROM B . -12.34 6.88 1.32
H3' ROM B . -11.55 7.62 -0.88
H4' ROM B . -12.41 9.26 0.72
H2'2 ROM B . -11.06 4.98 1.43
H3'2 ROM B . -9.38 6.97 -0.65
H6B1 ROM B . -11.84 10.84 2.96
H6B3 ROM B . -10.20 11.45 2.76
H6B2 ROM B . -11.36 11.57 1.43
H6A1 ROM B . -8.60 10.38 2.08
H6A3 ROM B . -8.63 8.70 1.56
H6A2 ROM B . -8.96 9.99 0.40
H4B1 ROM B . -10.80 8.95 -2.07
H4B3 ROM B . -10.42 10.63 -2.47
H4B2 ROM B . -9.37 9.72 -1.38
H4A1 ROM B . -12.32 11.47 -1.86
H4A3 ROM B . -13.10 9.98 -1.28
H4A2 ROM B . -12.94 11.37 -0.20
H'8 ROM B . -2.30 8.32 2.85
H'6 ROM B . -3.46 11.84 0.73
H'1 ROM B . -5.07 6.88 -0.61
H3A1 ROM B . -7.23 11.41 -2.31
H3A2 ROM B . -6.85 10.10 -3.56
H7A1 ROM B . -0.02 11.47 2.66
H7A3 ROM B . -0.34 9.78 3.09
H7A2 ROM B . -0.53 10.32 1.41
H3 ROM B . -5.98 7.00 3.24
H6 ROM B . -7.88 2.65 4.56
H5 ROM B . -5.55 2.75 3.70
H12 ROM B . -7.55 8.77 4.59
H8 ROM B . -10.26 4.24 4.37
H13 ROM B . -4.00 4.34 2.13
H10 ROM B . -11.14 7.23 6.23
H11 ROM B . -9.42 9.20 6.30
H142 ROM B . -2.36 3.94 3.67
H141 ROM B . -2.83 5.32 4.67
H172 ROM B . -4.19 1.69 6.48
H171 ROM B . -2.83 2.18 7.49
H18 ROM B . -4.31 3.43 8.97
H20 ROM B . -7.01 1.35 7.77
H24 ROM B . -5.43 5.32 7.72
H183 ROM B . -3.97 1.10 9.30
H182 ROM B . -5.58 1.48 9.72
H184 ROM B . -5.23 0.72 8.24
H232 ROM B . -6.79 6.85 6.61
N ALA A 1 -11.25 -15.12 8.21
CA ALA A 1 -10.81 -13.73 7.90
C ALA A 1 -10.18 -13.68 6.50
N PRO A 2 -10.16 -12.50 5.95
CA PRO A 2 -9.56 -12.30 4.61
C PRO A 2 -8.03 -12.38 4.67
N ALA A 3 -7.36 -11.88 3.66
CA ALA A 3 -5.87 -11.93 3.67
C ALA A 3 -5.29 -11.20 2.45
N PHE A 4 -4.48 -10.21 2.69
CA PHE A 4 -3.87 -9.44 1.57
C PHE A 4 -2.57 -10.11 1.12
N SER A 5 -2.32 -10.18 -0.16
CA SER A 5 -1.06 -10.84 -0.64
C SER A 5 -0.49 -10.14 -1.88
N VAL A 6 0.81 -10.13 -2.02
CA VAL A 6 1.47 -9.48 -3.20
C VAL A 6 2.44 -10.47 -3.85
N SER A 7 2.63 -10.41 -5.15
CA SER A 7 3.58 -11.37 -5.78
C SER A 7 4.97 -11.26 -5.09
N PRO A 8 5.79 -10.28 -5.47
CA PRO A 8 7.11 -10.16 -4.82
C PRO A 8 6.94 -9.51 -3.44
N ALA A 9 7.99 -8.97 -2.88
CA ALA A 9 7.86 -8.33 -1.54
C ALA A 9 9.22 -7.78 -1.10
N SER A 10 10.29 -8.41 -1.53
CA SER A 10 11.65 -7.91 -1.13
C SER A 10 12.52 -7.74 -2.38
N GLY A 11 13.52 -6.90 -2.30
CA GLY A 11 14.40 -6.68 -3.47
C GLY A 11 13.60 -6.00 -4.58
N LEU A 12 12.82 -5.01 -4.24
CA LEU A 12 12.02 -4.31 -5.27
C LEU A 12 12.81 -3.17 -5.89
N SER A 13 12.14 -2.14 -6.34
CA SER A 13 12.87 -1.00 -6.96
C SER A 13 11.88 0.11 -7.36
N ASP A 14 12.32 1.33 -7.41
CA ASP A 14 11.40 2.44 -7.80
C ASP A 14 10.86 2.21 -9.21
N GLY A 15 9.57 2.35 -9.39
CA GLY A 15 8.98 2.15 -10.73
C GLY A 15 8.57 0.67 -10.87
N GLN A 16 9.26 -0.20 -10.18
CA GLN A 16 8.91 -1.65 -10.27
C GLN A 16 7.46 -1.88 -9.88
N SER A 17 6.69 -2.48 -10.75
CA SER A 17 5.25 -2.74 -10.41
C SER A 17 5.05 -4.19 -10.01
N VAL A 18 4.34 -4.44 -8.95
CA VAL A 18 4.12 -5.84 -8.51
C VAL A 18 2.64 -6.22 -8.69
N SER A 19 2.36 -7.48 -8.79
CA SER A 19 0.95 -7.91 -8.97
C SER A 19 0.30 -8.14 -7.61
N VAL A 20 -0.44 -7.18 -7.12
CA VAL A 20 -1.09 -7.35 -5.79
C VAL A 20 -2.44 -8.03 -5.96
N SER A 21 -2.96 -8.59 -4.90
CA SER A 21 -4.28 -9.27 -4.98
C SER A 21 -4.84 -9.53 -3.58
N VAL A 22 -6.01 -9.01 -3.31
CA VAL A 22 -6.61 -9.23 -1.97
C VAL A 22 -7.75 -10.22 -2.09
N SER A 23 -7.91 -11.08 -1.11
CA SER A 23 -9.02 -12.08 -1.20
C SER A 23 -9.63 -12.31 0.19
N GLY A 24 -10.93 -12.38 0.27
CA GLY A 24 -11.58 -12.61 1.58
C GLY A 24 -12.63 -11.54 1.85
N ALA A 25 -12.44 -10.37 1.30
CA ALA A 25 -13.43 -9.27 1.50
C ALA A 25 -14.80 -9.70 0.94
N ALA A 26 -15.48 -8.82 0.25
CA ALA A 26 -16.82 -9.21 -0.30
C ALA A 26 -17.20 -8.31 -1.48
N ALA A 27 -17.69 -8.90 -2.54
CA ALA A 27 -18.09 -8.09 -3.73
C ALA A 27 -19.05 -6.97 -3.32
N GLY A 28 -18.74 -5.74 -3.64
CA GLY A 28 -19.65 -4.62 -3.27
C GLY A 28 -18.92 -3.68 -2.31
N GLU A 29 -17.65 -3.89 -2.11
CA GLU A 29 -16.89 -3.01 -1.18
C GLU A 29 -15.64 -2.45 -1.88
N THR A 30 -15.33 -1.21 -1.65
CA THR A 30 -14.13 -0.61 -2.30
C THR A 30 -13.01 -0.45 -1.28
N TYR A 31 -11.82 -0.19 -1.73
CA TYR A 31 -10.68 -0.02 -0.79
C TYR A 31 -9.61 0.88 -1.39
N TYR A 32 -8.59 1.18 -0.64
CA TYR A 32 -7.51 2.06 -1.17
C TYR A 32 -6.14 1.48 -0.83
N ILE A 33 -5.31 1.26 -1.82
CA ILE A 33 -3.95 0.69 -1.53
C ILE A 33 -2.91 1.80 -1.60
N ALA A 34 -2.05 1.89 -0.60
CA ALA A 34 -1.01 2.96 -0.63
C ALA A 34 0.24 2.54 0.14
N GLN A 35 1.39 2.94 -0.32
CA GLN A 35 2.66 2.58 0.37
C GLN A 35 2.95 3.61 1.45
N CYS A 36 3.21 3.18 2.66
CA CYS A 36 3.48 4.16 3.74
C CYS A 36 4.85 3.91 4.38
N ALA A 37 5.21 4.73 5.33
CA ALA A 37 6.52 4.59 6.02
C ALA A 37 6.51 5.46 7.28
N PRO A 38 7.24 5.05 8.28
CA PRO A 38 7.29 5.82 9.54
C PRO A 38 8.04 7.13 9.33
N VAL A 39 7.77 8.11 10.15
CA VAL A 39 8.46 9.42 10.01
C VAL A 39 8.74 10.02 11.38
N GLY A 40 9.63 9.44 12.13
CA GLY A 40 9.95 9.98 13.49
C GLY A 40 8.93 9.46 14.49
N GLY A 41 7.83 8.94 14.04
CA GLY A 41 6.80 8.41 14.99
C GLY A 41 5.50 8.11 14.23
N GLN A 42 5.04 9.04 13.43
CA GLN A 42 3.78 8.80 12.67
C GLN A 42 4.07 7.94 11.44
N ASP A 43 3.21 7.98 10.45
CA ASP A 43 3.44 7.17 9.23
C ASP A 43 2.97 7.94 7.99
N ALA A 44 3.89 8.43 7.21
CA ALA A 44 3.50 9.19 5.98
C ALA A 44 3.20 8.23 4.84
N CYS A 45 2.12 8.44 4.13
CA CYS A 45 1.79 7.53 3.01
C CYS A 45 2.11 8.19 1.66
N ASN A 46 1.91 7.49 0.59
CA ASN A 46 2.21 8.08 -0.76
C ASN A 46 0.98 8.81 -1.30
N PRO A 47 1.16 10.08 -1.55
CA PRO A 47 0.06 10.91 -2.08
C PRO A 47 -0.01 10.81 -3.62
N ALA A 48 1.03 10.31 -4.23
CA ALA A 48 1.02 10.20 -5.72
C ALA A 48 0.38 8.87 -6.16
N THR A 49 0.47 7.85 -5.37
CA THR A 49 -0.14 6.55 -5.76
C THR A 49 -1.45 6.31 -4.99
N ALA A 50 -2.40 7.19 -5.13
CA ALA A 50 -3.70 7.00 -4.42
C ALA A 50 -4.70 6.29 -5.33
N THR A 51 -4.50 5.01 -5.55
CA THR A 51 -5.44 4.27 -6.43
C THR A 51 -6.43 3.44 -5.61
N SER A 52 -7.68 3.42 -6.01
CA SER A 52 -8.70 2.64 -5.26
C SER A 52 -9.14 1.43 -6.09
N PHE A 53 -9.60 0.38 -5.46
CA PHE A 53 -10.03 -0.81 -6.23
C PHE A 53 -11.16 -1.55 -5.50
N THR A 54 -12.10 -2.08 -6.23
CA THR A 54 -13.22 -2.81 -5.59
C THR A 54 -13.02 -4.32 -5.75
N THR A 55 -13.62 -5.11 -4.90
CA THR A 55 -13.46 -6.58 -5.02
C THR A 55 -14.28 -7.12 -6.19
N ASP A 56 -14.29 -8.41 -6.35
CA ASP A 56 -15.07 -9.02 -7.46
C ASP A 56 -16.18 -9.89 -6.89
N ALA A 57 -16.75 -10.77 -7.67
CA ALA A 57 -17.84 -11.63 -7.13
C ALA A 57 -17.31 -12.52 -6.02
N SER A 58 -16.03 -12.81 -6.05
CA SER A 58 -15.44 -13.68 -4.99
C SER A 58 -14.79 -12.80 -3.93
N GLY A 59 -15.23 -11.57 -3.82
CA GLY A 59 -14.66 -10.66 -2.79
C GLY A 59 -13.13 -10.67 -2.91
N ALA A 60 -12.62 -11.01 -4.06
CA ALA A 60 -11.13 -11.04 -4.23
C ALA A 60 -10.73 -10.10 -5.37
N ALA A 61 -9.97 -9.09 -5.08
CA ALA A 61 -9.54 -8.14 -6.16
C ALA A 61 -8.07 -8.38 -6.53
N SER A 62 -7.66 -7.85 -7.65
CA SER A 62 -6.25 -8.03 -8.08
C SER A 62 -5.87 -6.92 -9.06
N PHE A 63 -4.70 -6.37 -8.94
CA PHE A 63 -4.29 -5.28 -9.87
C PHE A 63 -2.79 -5.04 -9.77
N SER A 64 -2.22 -4.35 -10.72
CA SER A 64 -0.75 -4.08 -10.66
C SER A 64 -0.48 -2.75 -9.95
N PHE A 65 0.16 -2.80 -8.81
CA PHE A 65 0.45 -1.54 -8.06
C PHE A 65 1.95 -1.22 -8.14
N VAL A 66 2.29 -0.02 -8.52
CA VAL A 66 3.73 0.35 -8.61
C VAL A 66 4.26 0.75 -7.24
N VAL A 67 5.55 0.67 -7.05
CA VAL A 67 6.14 1.04 -5.74
C VAL A 67 7.24 2.08 -5.94
N ARG A 68 7.39 3.00 -5.03
CA ARG A 68 8.45 4.03 -5.20
C ARG A 68 9.48 3.94 -4.07
N LYS A 69 10.64 3.38 -4.34
CA LYS A 69 11.68 3.26 -3.28
C LYS A 69 11.75 4.57 -2.50
N SER A 70 11.98 5.66 -3.18
CA SER A 70 12.05 6.98 -2.49
C SER A 70 10.87 7.85 -2.93
N TYR A 71 10.00 8.17 -2.02
CA TYR A 71 8.82 9.02 -2.39
C TYR A 71 8.46 9.97 -1.26
N THR A 72 7.92 11.12 -1.58
CA THR A 72 7.54 12.09 -0.51
C THR A 72 6.28 11.61 0.21
N GLY A 73 6.38 11.34 1.48
CA GLY A 73 5.19 10.86 2.24
C GLY A 73 4.30 12.06 2.60
N SER A 74 3.08 11.81 2.97
CA SER A 74 2.15 12.92 3.33
C SER A 74 0.82 12.35 3.83
N THR A 75 0.38 12.78 4.98
CA THR A 75 -0.91 12.26 5.51
C THR A 75 -2.02 12.45 4.49
N PRO A 76 -3.04 11.67 4.61
CA PRO A 76 -4.19 11.75 3.69
C PRO A 76 -5.01 13.01 3.97
N GLU A 77 -4.69 13.73 5.01
CA GLU A 77 -5.46 14.97 5.33
C GLU A 77 -4.88 16.18 4.58
N GLY A 78 -4.49 16.00 3.36
CA GLY A 78 -3.91 17.14 2.58
C GLY A 78 -2.85 17.86 3.41
N THR A 79 -1.98 17.12 4.05
CA THR A 79 -0.91 17.76 4.88
C THR A 79 0.43 17.06 4.64
N PRO A 80 1.36 17.80 4.10
CA PRO A 80 2.70 17.24 3.83
C PRO A 80 3.48 17.01 5.13
N VAL A 81 3.96 15.80 5.34
CA VAL A 81 4.72 15.49 6.57
C VAL A 81 6.22 15.59 6.30
N GLY A 82 6.68 14.89 5.32
CA GLY A 82 8.13 14.93 4.99
C GLY A 82 8.43 13.97 3.85
N SER A 83 9.67 13.69 3.58
CA SER A 83 10.01 12.76 2.48
C SER A 83 10.26 11.34 3.04
N VAL A 84 10.17 10.34 2.21
CA VAL A 84 10.39 8.95 2.69
C VAL A 84 11.42 8.24 1.81
N ASP A 85 12.13 7.29 2.36
CA ASP A 85 13.15 6.55 1.56
C ASP A 85 13.39 5.16 2.14
N CYS A 86 12.97 4.14 1.44
CA CYS A 86 13.16 2.75 1.95
C CYS A 86 14.59 2.26 1.67
N ALA A 87 15.34 2.99 0.91
CA ALA A 87 16.74 2.55 0.60
C ALA A 87 17.42 2.12 1.90
N THR A 88 17.31 2.93 2.91
CA THR A 88 17.94 2.60 4.21
C THR A 88 16.87 2.60 5.30
N ALA A 89 15.62 2.75 4.91
CA ALA A 89 14.52 2.77 5.89
C ALA A 89 13.59 1.56 5.68
N ALA A 90 12.63 1.40 6.54
CA ALA A 90 11.69 0.24 6.40
C ALA A 90 10.35 0.74 5.85
N CYS A 91 10.01 0.35 4.66
CA CYS A 91 8.71 0.78 4.06
C CYS A 91 7.74 -0.40 3.99
N ASN A 92 6.46 -0.15 4.09
CA ASN A 92 5.48 -1.26 4.03
C ASN A 92 4.31 -0.89 3.12
N LEU A 93 3.35 -1.77 3.01
CA LEU A 93 2.17 -1.50 2.14
C LEU A 93 0.90 -1.83 2.91
N GLY A 94 -0.03 -0.91 2.97
CA GLY A 94 -1.29 -1.21 3.71
C GLY A 94 -2.49 -1.12 2.77
N ALA A 95 -3.47 -1.96 2.98
CA ALA A 95 -4.68 -1.92 2.09
C ALA A 95 -5.94 -2.23 2.91
N GLY A 96 -6.58 -1.22 3.43
CA GLY A 96 -7.82 -1.44 4.23
C GLY A 96 -8.77 -0.25 4.08
N ASN A 97 -9.97 -0.38 4.57
CA ASN A 97 -10.95 0.74 4.45
C ASN A 97 -11.28 1.30 5.84
N SER A 98 -12.03 2.37 5.89
CA SER A 98 -12.38 2.96 7.22
C SER A 98 -13.02 1.90 8.11
N GLY A 99 -13.59 0.88 7.53
CA GLY A 99 -14.23 -0.18 8.34
C GLY A 99 -13.29 -1.39 8.42
N LEU A 100 -13.17 -2.13 7.35
CA LEU A 100 -12.27 -3.31 7.37
C LEU A 100 -10.82 -2.86 7.56
N ASP A 101 -10.03 -3.66 8.23
CA ASP A 101 -8.60 -3.27 8.45
C ASP A 101 -7.69 -4.06 7.51
N LEU A 102 -8.19 -5.14 6.94
CA LEU A 102 -7.35 -5.94 6.01
C LEU A 102 -5.94 -6.11 6.60
N GLY A 103 -4.96 -6.35 5.76
CA GLY A 103 -3.58 -6.52 6.29
C GLY A 103 -2.62 -5.53 5.62
N HIS A 104 -1.37 -5.60 5.96
CA HIS A 104 -0.36 -4.68 5.36
C HIS A 104 0.88 -5.49 4.96
N VAL A 105 1.16 -5.57 3.69
CA VAL A 105 2.36 -6.34 3.23
C VAL A 105 3.60 -5.46 3.28
N ALA A 106 4.59 -5.84 4.04
CA ALA A 106 5.82 -5.01 4.12
C ALA A 106 6.72 -5.29 2.91
N LEU A 107 7.32 -4.28 2.37
CA LEU A 107 8.21 -4.48 1.18
C LEU A 107 9.66 -4.19 1.56
N THR A 108 10.59 -4.50 0.69
CA THR A 108 12.02 -4.25 1.01
C THR A 108 12.76 -3.83 -0.26
N PHE A 109 13.38 -2.68 -0.24
CA PHE A 109 14.12 -2.22 -1.45
C PHE A 109 15.60 -2.61 -1.34
N GLY A 110 16.22 -2.93 -2.45
CA GLY A 110 17.66 -3.31 -2.42
C GLY A 110 18.06 -3.92 -3.75
C1' ROM B . -10.50 6.40 4.75
C2' ROM B . -11.57 5.97 3.79
C3' ROM B . -11.40 6.75 2.51
C4' ROM B . -11.41 8.29 2.81
C5' ROM B . -10.46 8.61 4.02
O5' ROM B . -10.70 7.73 5.09
O2' ROM B . -11.45 4.58 3.54
O3' ROM B . -10.16 6.39 1.90
N4' ROM B . -11.06 9.13 1.63
C6D ROM B . -10.69 10.05 4.46
O9 ROM B . -10.50 5.61 5.94
C6B ROM B . -9.00 8.47 3.56
C4D ROM B . -10.86 8.35 0.41
C4B ROM B . -12.07 10.16 1.43
C'8 ROM B . -3.09 9.24 1.34
C'7 ROM B . -2.96 10.15 0.31
C'6 ROM B . -3.98 10.31 -0.60
C'5 ROM B . -5.13 9.57 -0.50
C15 ROM B . -5.26 8.65 0.54
C'9 ROM B . -4.24 8.48 1.45
O'7 ROM B . -1.79 10.88 0.19
C1A ROM B . -4.37 7.51 2.53
O'4 ROM B . -6.16 9.72 -1.42
C'3 ROM B . -7.20 8.87 -1.40
C'2 ROM B . -7.29 7.86 -0.33
N'1 ROM B . -6.41 7.90 0.66
C1B ROM B . -8.14 8.94 -2.36
O'2 ROM B . -8.15 7.01 -0.37
O13 ROM B . -4.66 6.32 2.00
C7X ROM B . -1.82 11.90 1.17
O11 ROM B . -4.26 7.72 3.72
C3 ROM B . -6.25 5.82 4.33
C2 ROM B . -7.25 5.44 5.19
C7 ROM B . -7.53 4.17 5.45
C6 ROM B . -6.85 3.16 4.83
C5 ROM B . -5.82 3.47 3.95
C4 ROM B . -5.51 4.81 3.68
C1 ROM B . -8.11 6.29 5.95
C12 ROM B . -7.78 7.36 6.62
C9 ROM B . -9.21 5.48 6.59
C8 ROM B . -8.66 4.02 6.53
C13 ROM B . -4.36 5.15 2.77
C10 ROM B . -9.19 6.22 7.90
C11 ROM B . -8.41 7.33 7.81
C14 ROM B . -3.03 5.32 3.55
O15 ROM B . -2.78 4.17 4.37
C16 ROM B . -2.49 4.44 5.64
C17 ROM B . -1.89 3.25 6.44
C18 ROM B . -2.87 2.06 6.45
C20 ROM B . -4.51 3.70 7.45
C21 ROM B . -5.78 4.02 7.79
C22 ROM B . -6.82 3.13 7.68
C23 ROM B . -6.56 1.85 7.25
C24 ROM B . -5.24 1.50 6.90
C19 ROM B . -4.23 2.43 6.97
O25 ROM B . -8.13 3.57 7.83
N18 ROM B . -2.93 1.64 5.02
O23 ROM B . -7.57 0.92 7.17
CL21 ROM B . -6.10 5.61 8.38
O16 ROM B . -2.67 5.52 6.16
H1' ROM B . -9.55 6.30 4.26
H2' ROM B . -12.54 6.18 4.22
H3' ROM B . -12.21 6.52 1.84
H4' ROM B . -12.40 8.57 3.10
H2'2 ROM B . -12.32 4.24 3.33
H3'2 ROM B . -10.02 5.46 2.06
H6B1 ROM B . -11.66 10.13 4.94
H6B3 ROM B . -9.92 10.35 5.14
H6B2 ROM B . -10.68 10.69 3.59
H6A1 ROM B . -8.75 9.29 2.90
H6A3 ROM B . -8.35 8.51 4.43
H6A2 ROM B . -8.86 7.53 3.05
H4B1 ROM B . -9.89 7.89 0.46
H4B3 ROM B . -11.64 7.61 0.34
H4B2 ROM B . -10.91 9.03 -0.44
H4A1 ROM B . -11.99 10.52 0.41
H4A3 ROM B . -13.05 9.73 1.60
H4A2 ROM B . -11.89 10.97 2.13
H'8 ROM B . -2.30 9.11 2.06
H'6 ROM B . -3.87 11.03 -1.42
H'1 ROM B . -6.58 7.40 1.48
H3A1 ROM B . -8.61 9.88 -2.60
H3A2 ROM B . -8.44 8.06 -2.91
H7A1 ROM B . -2.78 12.39 1.15
H7A3 ROM B . -1.65 11.47 2.15
H7A2 ROM B . -1.03 12.61 0.96
H3 ROM B . -6.06 6.86 4.13
H6 ROM B . -7.11 2.13 5.03
H5 ROM B . -5.27 2.69 3.46
H12 ROM B . -7.14 8.14 6.28
H8 ROM B . -9.43 3.35 6.18
H13 ROM B . -4.23 4.34 2.06
H10 ROM B . -9.74 5.88 8.75
H11 ROM B . -8.31 8.07 8.57
H142 ROM B . -2.20 5.43 2.86
H141 ROM B . -3.08 6.19 4.18
H172 ROM B . -0.97 2.94 5.98
H171 ROM B . -1.70 3.56 7.45
H18 ROM B . -2.46 1.26 7.04
H20 ROM B . -3.72 4.42 7.58
H24 ROM B . -5.03 0.50 6.56
H183 ROM B . -2.02 1.83 4.57
H182 ROM B . -3.15 0.63 4.96
H184 ROM B . -3.68 2.19 4.54
H232 ROM B . -7.22 0.08 6.84
N ALA A 1 -12.92 -14.22 7.20
CA ALA A 1 -11.96 -13.08 7.19
C ALA A 1 -11.35 -12.90 5.79
N PRO A 2 -11.20 -11.67 5.40
CA PRO A 2 -10.62 -11.37 4.07
C PRO A 2 -9.11 -11.58 4.09
N ALA A 3 -8.49 -11.64 2.95
CA ALA A 3 -7.01 -11.85 2.91
C ALA A 3 -6.38 -11.02 1.77
N PHE A 4 -5.27 -10.39 2.05
CA PHE A 4 -4.60 -9.56 1.00
C PHE A 4 -3.13 -9.96 0.90
N SER A 5 -2.63 -10.22 -0.28
CA SER A 5 -1.19 -10.61 -0.39
C SER A 5 -0.59 -10.21 -1.74
N VAL A 6 0.71 -10.13 -1.81
CA VAL A 6 1.40 -9.75 -3.08
C VAL A 6 2.42 -10.84 -3.43
N SER A 7 2.82 -10.95 -4.67
CA SER A 7 3.81 -12.00 -5.03
C SER A 7 5.18 -11.63 -4.41
N PRO A 8 5.80 -10.56 -4.89
CA PRO A 8 7.10 -10.16 -4.34
C PRO A 8 6.89 -9.24 -3.14
N ALA A 9 7.90 -9.00 -2.37
CA ALA A 9 7.74 -8.10 -1.19
C ALA A 9 9.11 -7.73 -0.60
N SER A 10 10.12 -7.77 -1.40
CA SER A 10 11.49 -7.42 -0.89
C SER A 10 12.43 -7.13 -2.06
N GLY A 11 13.59 -6.59 -1.79
CA GLY A 11 14.53 -6.28 -2.89
C GLY A 11 13.77 -5.62 -4.04
N LEU A 12 12.76 -4.85 -3.73
CA LEU A 12 11.97 -4.16 -4.78
C LEU A 12 12.80 -3.08 -5.46
N SER A 13 12.17 -2.21 -6.20
CA SER A 13 12.94 -1.11 -6.89
C SER A 13 11.99 0.04 -7.26
N ASP A 14 12.53 1.21 -7.47
CA ASP A 14 11.66 2.37 -7.84
C ASP A 14 11.07 2.16 -9.24
N GLY A 15 9.78 2.28 -9.37
CA GLY A 15 9.13 2.10 -10.69
C GLY A 15 8.76 0.63 -10.87
N GLN A 16 9.45 -0.25 -10.18
CA GLN A 16 9.14 -1.70 -10.31
C GLN A 16 7.66 -1.95 -10.00
N SER A 17 7.08 -2.97 -10.59
CA SER A 17 5.64 -3.25 -10.33
C SER A 17 5.46 -4.67 -9.75
N VAL A 18 4.77 -4.77 -8.66
CA VAL A 18 4.55 -6.12 -8.04
C VAL A 18 3.12 -6.60 -8.32
N SER A 19 2.90 -7.89 -8.33
CA SER A 19 1.52 -8.40 -8.62
C SER A 19 0.73 -8.56 -7.32
N VAL A 20 -0.31 -7.80 -7.14
CA VAL A 20 -1.10 -7.93 -5.89
C VAL A 20 -2.36 -8.74 -6.16
N SER A 21 -3.04 -9.13 -5.12
CA SER A 21 -4.29 -9.92 -5.28
C SER A 21 -5.08 -9.95 -3.98
N VAL A 22 -6.28 -9.46 -3.99
CA VAL A 22 -7.09 -9.46 -2.75
C VAL A 22 -8.26 -10.45 -2.90
N SER A 23 -8.67 -11.06 -1.81
CA SER A 23 -9.79 -12.03 -1.91
C SER A 23 -10.47 -12.19 -0.54
N GLY A 24 -11.75 -12.00 -0.48
CA GLY A 24 -12.47 -12.15 0.82
C GLY A 24 -13.37 -10.94 1.06
N ALA A 25 -12.99 -9.79 0.54
CA ALA A 25 -13.85 -8.58 0.75
C ALA A 25 -15.26 -8.84 0.20
N ALA A 26 -16.00 -7.81 -0.14
CA ALA A 26 -17.37 -8.03 -0.67
C ALA A 26 -17.75 -6.95 -1.69
N ALA A 27 -18.37 -7.35 -2.77
CA ALA A 27 -18.77 -6.37 -3.82
C ALA A 27 -19.51 -5.19 -3.19
N GLY A 28 -19.19 -4.00 -3.61
CA GLY A 28 -19.86 -2.80 -3.05
C GLY A 28 -18.91 -2.09 -2.10
N GLU A 29 -17.71 -2.60 -1.92
CA GLU A 29 -16.76 -1.93 -1.01
C GLU A 29 -15.55 -1.40 -1.80
N THR A 30 -15.08 -0.24 -1.45
CA THR A 30 -13.91 0.33 -2.16
C THR A 30 -12.76 0.55 -1.18
N TYR A 31 -11.69 -0.16 -1.34
CA TYR A 31 -10.53 0.01 -0.41
C TYR A 31 -9.51 0.95 -1.03
N TYR A 32 -8.67 1.52 -0.21
CA TYR A 32 -7.63 2.46 -0.72
C TYR A 32 -6.25 1.92 -0.39
N ILE A 33 -5.62 1.24 -1.31
CA ILE A 33 -4.26 0.70 -1.02
C ILE A 33 -3.20 1.77 -1.26
N ALA A 34 -2.10 1.71 -0.57
CA ALA A 34 -1.03 2.73 -0.76
C ALA A 34 0.24 2.32 -0.01
N GLN A 35 1.37 2.74 -0.51
CA GLN A 35 2.66 2.40 0.16
C GLN A 35 3.02 3.47 1.18
N CYS A 36 3.30 3.11 2.40
CA CYS A 36 3.65 4.12 3.42
C CYS A 36 5.03 3.86 4.03
N ALA A 37 5.46 4.73 4.90
CA ALA A 37 6.80 4.56 5.54
C ALA A 37 6.89 5.48 6.76
N PRO A 38 7.51 4.99 7.79
CA PRO A 38 7.66 5.78 9.03
C PRO A 38 8.65 6.93 8.82
N VAL A 39 8.66 7.87 9.71
CA VAL A 39 9.59 9.04 9.57
C VAL A 39 9.81 9.70 10.93
N GLY A 40 10.75 9.24 11.70
CA GLY A 40 11.00 9.85 13.03
C GLY A 40 10.16 9.11 14.09
N GLY A 41 9.33 8.20 13.66
CA GLY A 41 8.49 7.45 14.64
C GLY A 41 7.03 7.47 14.19
N GLN A 42 6.64 8.48 13.46
CA GLN A 42 5.23 8.56 12.99
C GLN A 42 5.07 7.80 11.66
N ASP A 43 3.90 7.82 11.09
CA ASP A 43 3.67 7.10 9.81
C ASP A 43 3.48 8.10 8.66
N ALA A 44 3.82 7.72 7.46
CA ALA A 44 3.66 8.65 6.31
C ALA A 44 3.28 7.87 5.04
N CYS A 45 2.03 7.88 4.69
CA CYS A 45 1.61 7.13 3.46
C CYS A 45 1.84 8.00 2.21
N ASN A 46 1.76 7.40 1.05
CA ASN A 46 1.99 8.18 -0.20
C ASN A 46 0.66 8.46 -0.90
N PRO A 47 0.37 9.72 -1.08
CA PRO A 47 -0.88 10.13 -1.75
C PRO A 47 -0.79 9.91 -3.26
N ALA A 48 0.35 10.18 -3.83
CA ALA A 48 0.52 9.99 -5.30
C ALA A 48 0.17 8.55 -5.70
N THR A 49 0.63 7.59 -4.96
CA THR A 49 0.32 6.17 -5.29
C THR A 49 -0.95 5.71 -4.57
N ALA A 50 -1.90 6.59 -4.39
CA ALA A 50 -3.16 6.20 -3.69
C ALA A 50 -4.16 5.63 -4.70
N THR A 51 -4.24 4.33 -4.81
CA THR A 51 -5.20 3.72 -5.77
C THR A 51 -6.45 3.22 -5.04
N SER A 52 -7.60 3.77 -5.35
CA SER A 52 -8.84 3.33 -4.68
C SER A 52 -9.60 2.37 -5.62
N PHE A 53 -9.81 1.16 -5.21
CA PHE A 53 -10.54 0.21 -6.10
C PHE A 53 -11.66 -0.50 -5.34
N THR A 54 -12.51 -1.16 -6.05
CA THR A 54 -13.64 -1.87 -5.40
C THR A 54 -13.57 -3.36 -5.75
N THR A 55 -14.09 -4.21 -4.91
CA THR A 55 -14.04 -5.67 -5.22
C THR A 55 -15.14 -6.04 -6.23
N ASP A 56 -15.19 -7.27 -6.64
CA ASP A 56 -16.23 -7.70 -7.62
C ASP A 56 -17.42 -8.28 -6.88
N ALA A 57 -18.31 -8.93 -7.59
CA ALA A 57 -19.51 -9.52 -6.92
C ALA A 57 -19.07 -10.60 -5.94
N SER A 58 -18.08 -11.36 -6.30
CA SER A 58 -17.61 -12.44 -5.39
C SER A 58 -16.62 -11.87 -4.37
N GLY A 59 -16.50 -10.56 -4.33
CA GLY A 59 -15.55 -9.94 -3.36
C GLY A 59 -14.13 -10.44 -3.64
N ALA A 60 -13.70 -10.39 -4.88
CA ALA A 60 -12.32 -10.86 -5.21
C ALA A 60 -11.68 -9.95 -6.27
N ALA A 61 -10.53 -9.40 -5.96
CA ALA A 61 -9.86 -8.50 -6.94
C ALA A 61 -8.42 -8.97 -7.21
N SER A 62 -7.77 -8.37 -8.15
CA SER A 62 -6.37 -8.75 -8.49
C SER A 62 -5.81 -7.76 -9.51
N PHE A 63 -4.62 -7.27 -9.30
CA PHE A 63 -4.05 -6.29 -10.27
C PHE A 63 -2.61 -5.96 -9.90
N SER A 64 -1.91 -5.29 -10.77
CA SER A 64 -0.50 -4.93 -10.46
C SER A 64 -0.43 -3.59 -9.72
N PHE A 65 0.65 -3.33 -9.05
CA PHE A 65 0.79 -2.05 -8.30
C PHE A 65 2.24 -1.57 -8.37
N VAL A 66 2.46 -0.37 -8.81
CA VAL A 66 3.86 0.14 -8.90
C VAL A 66 4.33 0.63 -7.53
N VAL A 67 5.60 0.71 -7.34
CA VAL A 67 6.13 1.18 -6.02
C VAL A 67 7.12 2.33 -6.23
N ARG A 68 7.50 3.00 -5.19
CA ARG A 68 8.46 4.12 -5.33
C ARG A 68 9.46 4.12 -4.18
N LYS A 69 10.67 3.72 -4.45
CA LYS A 69 11.72 3.70 -3.37
C LYS A 69 11.70 5.02 -2.59
N SER A 70 11.79 6.14 -3.27
CA SER A 70 11.78 7.45 -2.57
C SER A 70 10.50 8.23 -2.92
N TYR A 71 9.93 8.92 -1.96
CA TYR A 71 8.68 9.69 -2.25
C TYR A 71 8.25 10.51 -1.03
N THR A 72 7.71 11.68 -1.22
CA THR A 72 7.28 12.49 -0.05
C THR A 72 6.16 11.75 0.68
N GLY A 73 6.21 11.67 1.97
CA GLY A 73 5.13 10.96 2.72
C GLY A 73 4.23 11.95 3.46
N SER A 74 3.10 11.48 3.92
CA SER A 74 2.14 12.36 4.64
C SER A 74 1.10 11.50 5.36
N THR A 75 0.52 11.99 6.42
CA THR A 75 -0.51 11.17 7.14
C THR A 75 -1.84 11.20 6.38
N PRO A 76 -2.41 10.03 6.21
CA PRO A 76 -3.70 9.92 5.50
C PRO A 76 -4.82 10.54 6.32
N GLU A 77 -4.54 10.97 7.51
CA GLU A 77 -5.60 11.59 8.36
C GLU A 77 -6.01 12.94 7.77
N GLY A 78 -5.07 13.66 7.20
CA GLY A 78 -5.39 14.99 6.61
C GLY A 78 -4.17 15.90 6.70
N THR A 79 -3.29 15.65 7.63
CA THR A 79 -2.08 16.52 7.76
C THR A 79 -0.87 15.86 7.09
N PRO A 80 -0.06 16.66 6.48
CA PRO A 80 1.14 16.16 5.79
C PRO A 80 2.24 15.81 6.80
N VAL A 81 3.39 15.41 6.33
CA VAL A 81 4.49 15.05 7.26
C VAL A 81 5.83 15.59 6.73
N GLY A 82 6.48 14.85 5.88
CA GLY A 82 7.79 15.32 5.32
C GLY A 82 8.18 14.45 4.15
N SER A 83 9.44 14.42 3.80
CA SER A 83 9.88 13.58 2.65
C SER A 83 10.33 12.20 3.15
N VAL A 84 10.17 11.19 2.33
CA VAL A 84 10.59 9.82 2.77
C VAL A 84 11.56 9.22 1.75
N ASP A 85 12.35 8.27 2.17
CA ASP A 85 13.33 7.63 1.24
C ASP A 85 13.57 6.19 1.67
N CYS A 86 12.77 5.28 1.18
CA CYS A 86 12.95 3.85 1.56
C CYS A 86 14.09 3.19 0.77
N ALA A 87 15.08 3.95 0.35
CA ALA A 87 16.20 3.33 -0.41
C ALA A 87 16.75 2.15 0.40
N THR A 88 16.73 2.30 1.68
CA THR A 88 17.23 1.23 2.58
C THR A 88 16.50 1.33 3.92
N ALA A 89 15.37 2.01 3.93
CA ALA A 89 14.59 2.16 5.19
C ALA A 89 13.52 1.07 5.29
N ALA A 90 12.76 1.08 6.35
CA ALA A 90 11.69 0.05 6.52
C ALA A 90 10.38 0.54 5.88
N CYS A 91 10.14 0.17 4.66
CA CYS A 91 8.88 0.62 3.98
C CYS A 91 7.80 -0.46 4.11
N ASN A 92 6.57 -0.10 3.88
CA ASN A 92 5.47 -1.11 4.00
C ASN A 92 4.34 -0.79 3.03
N LEU A 93 3.31 -1.58 3.05
CA LEU A 93 2.16 -1.36 2.15
C LEU A 93 0.89 -1.88 2.82
N GLY A 94 -0.17 -1.13 2.81
CA GLY A 94 -1.41 -1.63 3.47
C GLY A 94 -2.64 -1.08 2.76
N ALA A 95 -3.77 -1.72 2.96
CA ALA A 95 -5.03 -1.26 2.30
C ALA A 95 -6.23 -1.66 3.15
N GLY A 96 -7.40 -1.17 2.81
CA GLY A 96 -8.60 -1.53 3.61
C GLY A 96 -9.54 -0.33 3.73
N ASN A 97 -10.52 -0.41 4.58
CA ASN A 97 -11.47 0.74 4.73
C ASN A 97 -11.45 1.25 6.17
N SER A 98 -12.42 2.04 6.54
CA SER A 98 -12.46 2.59 7.94
C SER A 98 -13.16 1.60 8.88
N GLY A 99 -13.57 0.48 8.37
CA GLY A 99 -14.26 -0.52 9.23
C GLY A 99 -14.17 -1.90 8.58
N LEU A 100 -12.97 -2.39 8.38
CA LEU A 100 -12.80 -3.73 7.75
C LEU A 100 -11.35 -4.18 7.83
N ASP A 101 -10.43 -3.33 7.47
CA ASP A 101 -9.00 -3.72 7.52
C ASP A 101 -8.73 -4.90 6.58
N LEU A 102 -7.79 -4.75 5.67
CA LEU A 102 -7.50 -5.86 4.73
C LEU A 102 -6.18 -6.55 5.11
N GLY A 103 -5.08 -5.89 4.92
CA GLY A 103 -3.78 -6.52 5.27
C GLY A 103 -2.65 -5.48 5.15
N HIS A 104 -1.48 -5.82 5.64
CA HIS A 104 -0.33 -4.86 5.56
C HIS A 104 0.91 -5.60 5.08
N VAL A 105 1.19 -5.56 3.80
CA VAL A 105 2.39 -6.27 3.27
C VAL A 105 3.62 -5.38 3.41
N ALA A 106 4.67 -5.87 4.03
CA ALA A 106 5.89 -5.05 4.19
C ALA A 106 6.73 -5.09 2.91
N LEU A 107 7.35 -4.00 2.56
CA LEU A 107 8.19 -3.99 1.31
C LEU A 107 9.65 -3.64 1.64
N THR A 108 10.53 -3.79 0.70
CA THR A 108 11.96 -3.47 0.95
C THR A 108 12.61 -2.96 -0.34
N PHE A 109 13.70 -2.24 -0.23
CA PHE A 109 14.36 -1.72 -1.47
C PHE A 109 15.86 -2.03 -1.42
N GLY A 110 16.32 -2.91 -2.25
CA GLY A 110 17.78 -3.24 -2.24
C GLY A 110 18.00 -4.57 -1.51
C1' ROM B . -10.67 6.07 5.42
C2' ROM B . -11.83 5.71 4.54
C3' ROM B . -11.78 6.60 3.31
C4' ROM B . -11.83 8.08 3.77
C5' ROM B . -10.72 8.34 4.83
O5' ROM B . -10.81 7.40 5.88
O2' ROM B . -11.73 4.34 4.14
O3' ROM B . -10.57 6.35 2.60
N4' ROM B . -11.75 9.06 2.65
C6D ROM B . -10.91 9.76 5.39
O9 ROM B . -10.58 5.22 6.56
C6B ROM B . -9.34 8.26 4.17
C4D ROM B . -13.03 9.75 2.47
C4B ROM B . -11.32 8.45 1.39
C'8 ROM B . -3.66 8.71 2.00
C'7 ROM B . -3.92 10.06 1.77
C'6 ROM B . -4.88 10.43 0.85
C'5 ROM B . -5.58 9.47 0.16
C15 ROM B . -5.33 8.12 0.39
C'9 ROM B . -4.37 7.76 1.32
O'7 ROM B . -3.24 11.02 2.50
C1A ROM B . -4.15 6.34 1.60
O'4 ROM B . -6.53 9.85 -0.78
C'3 ROM B . -7.09 8.92 -1.57
C'2 ROM B . -6.79 7.48 -1.32
N'1 ROM B . -6.04 7.16 -0.28
C1B ROM B . -7.90 9.28 -2.58
O'2 ROM B . -7.24 6.63 -2.06
O13 ROM B . -4.67 6.04 2.78
C7X ROM B . -2.22 11.54 1.69
O11 ROM B . -3.57 5.53 0.89
C3 ROM B . -6.41 5.40 4.77
C2 ROM B . -7.37 5.04 5.67
C7 ROM B . -7.62 3.79 6.01
C6 ROM B . -6.93 2.76 5.43
C5 ROM B . -5.93 3.05 4.51
C4 ROM B . -5.66 4.38 4.17
C1 ROM B . -8.20 5.91 6.43
C12 ROM B . -7.85 7.01 7.06
C9 ROM B . -9.27 5.12 7.16
C8 ROM B . -8.71 3.66 7.11
C13 ROM B . -4.55 4.70 3.21
C10 ROM B . -9.19 5.90 8.43
C11 ROM B . -8.41 7.00 8.28
C14 ROM B . -3.18 4.50 3.87
O15 ROM B . -3.31 3.73 5.07
C16 ROM B . -2.72 2.54 5.08
C17 ROM B . -2.18 2.11 6.45
C18 ROM B . -3.13 1.06 7.06
C20 ROM B . -4.56 3.01 7.74
C21 ROM B . -5.80 3.51 8.09
C22 ROM B . -6.89 2.70 8.21
C23 ROM B . -6.75 1.35 8.02
C24 ROM B . -5.51 0.82 7.67
C19 ROM B . -4.42 1.65 7.52
O25 ROM B . -8.16 3.26 8.41
N18 ROM B . -3.34 0.09 5.95
O23 ROM B . -7.84 0.50 8.17
CL21 ROM B . -5.95 5.21 8.38
O16 ROM B . -2.59 1.84 4.10
H1' ROM B . -9.76 5.99 4.85
H2' ROM B . -12.76 5.87 5.07
H3' ROM B . -12.63 6.39 2.68
H4' ROM B . -12.79 8.25 4.24
H2'2 ROM B . -10.87 4.23 3.73
H3'2 ROM B . -10.80 5.88 1.79
H6B1 ROM B . -11.96 9.98 5.46
H6B3 ROM B . -10.47 9.81 6.38
H6B2 ROM B . -10.43 10.46 4.73
H6A1 ROM B . -8.85 9.22 4.26
H6A3 ROM B . -8.76 7.50 4.66
H6A2 ROM B . -9.46 8.03 3.12
H4B1 ROM B . -13.24 9.82 1.42
H4B3 ROM B . -13.79 9.19 2.98
H4B2 ROM B . -12.94 10.74 2.91
H4A1 ROM B . -11.42 9.19 0.60
H4A3 ROM B . -10.30 8.13 1.48
H4A2 ROM B . -11.97 7.60 1.18
H'8 ROM B . -2.89 8.43 2.69
H'6 ROM B . -5.07 11.48 0.67
H'1 ROM B . -5.98 6.22 0.00
H3A1 ROM B . -8.82 9.81 -2.37
H3A2 ROM B . -7.63 9.06 -3.60
H7A1 ROM B . -1.69 10.72 1.21
H7A3 ROM B . -2.65 12.18 0.94
H7A2 ROM B . -1.53 12.10 2.30
H3 ROM B . -6.25 6.43 4.52
H6 ROM B . -7.14 1.73 5.70
H5 ROM B . -5.37 2.26 4.04
H12 ROM B . -7.23 7.78 6.66
H8 ROM B . -9.49 2.98 6.80
H13 ROM B . -4.62 4.06 2.34
H10 ROM B . -9.69 5.58 9.31
H11 ROM B . -8.26 7.76 9.02
H142 ROM B . -2.51 3.97 3.21
H141 ROM B . -2.74 5.45 4.13
H172 ROM B . -1.21 1.68 6.34
H171 ROM B . -2.13 2.96 7.10
H18 ROM B . -2.66 0.56 7.88
H20 ROM B . -3.73 3.67 7.63
H24 ROM B . -5.38 -0.24 7.53
H183 ROM B . -4.05 0.46 5.29
H182 ROM B . -2.43 -0.05 5.44
H184 ROM B . -3.66 -0.82 6.34
H232 ROM B . -7.65 -0.14 8.86
N ALA A 1 -10.66 -17.39 6.17
CA ALA A 1 -10.51 -15.94 6.50
C ALA A 1 -9.97 -15.17 5.31
N PRO A 2 -10.36 -13.92 5.21
CA PRO A 2 -9.90 -13.08 4.10
C PRO A 2 -8.43 -12.67 4.30
N ALA A 3 -7.71 -12.47 3.24
CA ALA A 3 -6.28 -12.07 3.38
C ALA A 3 -5.83 -11.25 2.18
N PHE A 4 -4.76 -10.52 2.32
CA PHE A 4 -4.26 -9.69 1.19
C PHE A 4 -2.75 -9.96 1.01
N SER A 5 -2.33 -10.30 -0.19
CA SER A 5 -0.87 -10.57 -0.38
C SER A 5 -0.40 -10.13 -1.77
N VAL A 6 0.89 -10.07 -1.96
CA VAL A 6 1.46 -9.65 -3.27
C VAL A 6 2.55 -10.65 -3.71
N SER A 7 2.83 -10.75 -4.98
CA SER A 7 3.87 -11.72 -5.43
C SER A 7 5.24 -11.29 -4.86
N PRO A 8 5.81 -10.22 -5.40
CA PRO A 8 7.12 -9.76 -4.91
C PRO A 8 6.91 -9.03 -3.57
N ALA A 9 7.95 -8.47 -3.00
CA ALA A 9 7.77 -7.76 -1.70
C ALA A 9 9.12 -7.37 -1.11
N SER A 10 10.08 -7.07 -1.94
CA SER A 10 11.42 -6.68 -1.44
C SER A 10 12.39 -6.50 -2.62
N GLY A 11 13.51 -5.88 -2.40
CA GLY A 11 14.47 -5.69 -3.53
C GLY A 11 13.69 -5.20 -4.76
N LEU A 12 12.81 -4.27 -4.57
CA LEU A 12 12.01 -3.74 -5.72
C LEU A 12 12.77 -2.62 -6.42
N SER A 13 12.06 -1.75 -7.09
CA SER A 13 12.73 -0.62 -7.81
C SER A 13 11.73 0.52 -8.04
N ASP A 14 12.20 1.74 -8.14
CA ASP A 14 11.27 2.87 -8.37
C ASP A 14 10.54 2.69 -9.69
N GLY A 15 9.24 2.83 -9.69
CA GLY A 15 8.47 2.65 -10.95
C GLY A 15 8.08 1.19 -11.13
N GLN A 16 8.82 0.30 -10.52
CA GLN A 16 8.48 -1.15 -10.64
C GLN A 16 7.03 -1.40 -10.24
N SER A 17 6.41 -2.39 -10.81
CA SER A 17 4.99 -2.68 -10.46
C SER A 17 4.87 -4.11 -9.93
N VAL A 18 4.26 -4.28 -8.79
CA VAL A 18 4.09 -5.64 -8.20
C VAL A 18 2.68 -6.17 -8.49
N SER A 19 2.52 -7.46 -8.49
CA SER A 19 1.15 -8.03 -8.76
C SER A 19 0.48 -8.38 -7.44
N VAL A 20 -0.50 -7.61 -7.03
CA VAL A 20 -1.19 -7.90 -5.75
C VAL A 20 -2.44 -8.73 -5.99
N SER A 21 -2.98 -9.30 -4.95
CA SER A 21 -4.20 -10.12 -5.10
C SER A 21 -4.86 -10.35 -3.73
N VAL A 22 -6.07 -9.88 -3.58
CA VAL A 22 -6.77 -10.04 -2.29
C VAL A 22 -7.94 -11.00 -2.46
N SER A 23 -8.30 -11.72 -1.45
CA SER A 23 -9.44 -12.67 -1.58
C SER A 23 -10.13 -12.86 -0.22
N GLY A 24 -11.38 -13.20 -0.22
CA GLY A 24 -12.10 -13.41 1.07
C GLY A 24 -12.96 -12.17 1.37
N ALA A 25 -12.57 -11.03 0.86
CA ALA A 25 -13.37 -9.79 1.12
C ALA A 25 -14.85 -10.01 0.74
N ALA A 26 -15.30 -9.43 -0.36
CA ALA A 26 -16.74 -9.64 -0.75
C ALA A 26 -17.15 -8.67 -1.85
N ALA A 27 -17.77 -9.17 -2.88
CA ALA A 27 -18.22 -8.30 -4.00
C ALA A 27 -19.10 -7.18 -3.48
N GLY A 28 -18.88 -5.98 -3.92
CA GLY A 28 -19.70 -4.85 -3.45
C GLY A 28 -18.91 -4.01 -2.44
N GLU A 29 -17.62 -4.16 -2.42
CA GLU A 29 -16.80 -3.38 -1.46
C GLU A 29 -15.53 -2.87 -2.14
N THR A 30 -15.10 -1.68 -1.79
CA THR A 30 -13.88 -1.12 -2.42
C THR A 30 -12.83 -0.82 -1.35
N TYR A 31 -11.59 -0.73 -1.73
CA TYR A 31 -10.52 -0.44 -0.73
C TYR A 31 -9.45 0.46 -1.34
N TYR A 32 -9.10 1.52 -0.66
CA TYR A 32 -8.06 2.44 -1.21
C TYR A 32 -6.69 2.03 -0.68
N ILE A 33 -5.91 1.37 -1.47
CA ILE A 33 -4.56 0.95 -1.01
C ILE A 33 -3.52 2.04 -1.28
N ALA A 34 -2.43 2.02 -0.57
CA ALA A 34 -1.38 3.07 -0.80
C ALA A 34 -0.07 2.66 -0.14
N GLN A 35 1.05 3.05 -0.72
CA GLN A 35 2.37 2.69 -0.14
C GLN A 35 2.81 3.79 0.84
N CYS A 36 3.19 3.42 2.03
CA CYS A 36 3.63 4.46 3.01
C CYS A 36 4.74 3.92 3.91
N ALA A 37 5.46 4.80 4.58
CA ALA A 37 6.57 4.35 5.47
C ALA A 37 6.49 5.11 6.80
N PRO A 38 6.74 4.42 7.87
CA PRO A 38 6.70 5.05 9.22
C PRO A 38 7.86 6.03 9.40
N VAL A 39 7.80 6.87 10.39
CA VAL A 39 8.90 7.84 10.61
C VAL A 39 9.28 7.89 12.09
N GLY A 40 9.77 6.80 12.61
CA GLY A 40 10.16 6.78 14.05
C GLY A 40 8.92 6.85 14.95
N GLY A 41 7.75 6.88 14.37
CA GLY A 41 6.51 6.96 15.21
C GLY A 41 5.32 7.39 14.36
N GLN A 42 5.42 8.49 13.67
CA GLN A 42 4.28 8.95 12.82
C GLN A 42 4.17 8.08 11.57
N ASP A 43 3.42 8.50 10.60
CA ASP A 43 3.28 7.68 9.36
C ASP A 43 3.06 8.57 8.14
N ALA A 44 3.94 8.49 7.17
CA ALA A 44 3.78 9.32 5.95
C ALA A 44 3.47 8.42 4.75
N CYS A 45 2.77 8.92 3.77
CA CYS A 45 2.44 8.07 2.59
C CYS A 45 2.47 8.89 1.30
N ASN A 46 2.40 8.23 0.17
CA ASN A 46 2.41 8.99 -1.13
C ASN A 46 0.98 9.17 -1.66
N PRO A 47 0.65 10.40 -1.97
CA PRO A 47 -0.68 10.71 -2.48
C PRO A 47 -0.75 10.43 -3.99
N ALA A 48 0.38 10.24 -4.61
CA ALA A 48 0.40 9.97 -6.07
C ALA A 48 0.14 8.48 -6.34
N THR A 49 0.62 7.63 -5.48
CA THR A 49 0.41 6.17 -5.68
C THR A 49 -0.85 5.71 -4.93
N ALA A 50 -1.88 6.50 -4.95
CA ALA A 50 -3.14 6.12 -4.23
C ALA A 50 -4.18 5.61 -5.24
N THR A 51 -4.55 4.36 -5.17
CA THR A 51 -5.56 3.82 -6.12
C THR A 51 -6.64 3.03 -5.36
N SER A 52 -7.83 3.01 -5.88
CA SER A 52 -8.92 2.25 -5.20
C SER A 52 -9.30 1.03 -6.03
N PHE A 53 -9.37 -0.12 -5.42
CA PHE A 53 -9.74 -1.35 -6.18
C PHE A 53 -10.90 -2.08 -5.49
N THR A 54 -11.93 -2.38 -6.24
CA THR A 54 -13.10 -3.11 -5.63
C THR A 54 -13.06 -4.60 -5.99
N THR A 55 -13.51 -5.45 -5.11
CA THR A 55 -13.49 -6.90 -5.41
C THR A 55 -14.34 -7.22 -6.64
N ASP A 56 -14.53 -8.46 -6.92
CA ASP A 56 -15.34 -8.84 -8.11
C ASP A 56 -16.62 -9.55 -7.66
N ALA A 57 -17.24 -10.29 -8.52
CA ALA A 57 -18.49 -10.99 -8.12
C ALA A 57 -18.16 -12.08 -7.10
N SER A 58 -16.94 -12.55 -7.09
CA SER A 58 -16.56 -13.61 -6.12
C SER A 58 -15.96 -12.96 -4.87
N GLY A 59 -16.01 -11.65 -4.80
CA GLY A 59 -15.43 -10.95 -3.61
C GLY A 59 -13.90 -10.99 -3.67
N ALA A 60 -13.34 -10.93 -4.84
CA ALA A 60 -11.84 -10.97 -4.95
C ALA A 60 -11.33 -9.68 -5.63
N ALA A 61 -10.19 -9.18 -5.23
CA ALA A 61 -9.67 -7.94 -5.86
C ALA A 61 -8.19 -8.09 -6.24
N SER A 62 -7.92 -8.50 -7.45
CA SER A 62 -6.50 -8.67 -7.88
C SER A 62 -6.13 -7.53 -8.83
N PHE A 63 -4.91 -7.07 -8.80
CA PHE A 63 -4.55 -5.96 -9.72
C PHE A 63 -3.06 -5.64 -9.62
N SER A 64 -2.58 -4.78 -10.48
CA SER A 64 -1.13 -4.40 -10.44
C SER A 64 -0.96 -3.05 -9.77
N PHE A 65 -0.04 -2.95 -8.85
CA PHE A 65 0.18 -1.65 -8.15
C PHE A 65 1.65 -1.23 -8.29
N VAL A 66 1.88 0.01 -8.67
CA VAL A 66 3.30 0.48 -8.81
C VAL A 66 3.85 0.91 -7.45
N VAL A 67 5.13 1.11 -7.34
CA VAL A 67 5.73 1.53 -6.03
C VAL A 67 6.78 2.61 -6.22
N ARG A 68 7.03 3.40 -5.19
CA ARG A 68 8.07 4.48 -5.31
C ARG A 68 9.17 4.26 -4.27
N LYS A 69 10.35 3.95 -4.72
CA LYS A 69 11.48 3.71 -3.77
C LYS A 69 11.64 4.90 -2.79
N SER A 70 11.91 6.08 -3.27
CA SER A 70 12.08 7.25 -2.34
C SER A 70 11.07 8.37 -2.68
N TYR A 71 10.69 9.14 -1.68
CA TYR A 71 9.73 10.24 -1.92
C TYR A 71 9.49 11.00 -0.61
N THR A 72 9.08 12.24 -0.67
CA THR A 72 8.84 12.98 0.59
C THR A 72 7.61 12.41 1.29
N GLY A 73 7.72 12.11 2.55
CA GLY A 73 6.56 11.55 3.28
C GLY A 73 5.53 12.64 3.59
N SER A 74 4.29 12.27 3.70
CA SER A 74 3.22 13.27 4.01
C SER A 74 1.90 12.54 4.31
N THR A 75 1.30 12.81 5.44
CA THR A 75 0.02 12.13 5.80
C THR A 75 -1.07 12.45 4.75
N PRO A 76 -2.16 11.71 4.84
CA PRO A 76 -3.28 11.92 3.88
C PRO A 76 -4.03 13.23 4.18
N GLU A 77 -3.59 13.98 5.15
CA GLU A 77 -4.29 15.27 5.48
C GLU A 77 -3.61 16.44 4.77
N GLY A 78 -2.70 16.17 3.88
CA GLY A 78 -2.01 17.28 3.16
C GLY A 78 -1.05 18.00 4.11
N THR A 79 0.09 17.42 4.35
CA THR A 79 1.07 18.07 5.27
C THR A 79 2.39 17.28 5.25
N PRO A 80 3.46 18.00 5.19
CA PRO A 80 4.81 17.36 5.17
C PRO A 80 5.19 16.83 6.55
N VAL A 81 5.34 15.54 6.67
CA VAL A 81 5.72 14.95 7.98
C VAL A 81 7.23 14.73 8.02
N GLY A 82 7.83 14.68 6.86
CA GLY A 82 9.31 14.47 6.78
C GLY A 82 9.64 13.78 5.46
N SER A 83 10.89 13.61 5.18
CA SER A 83 11.29 12.93 3.90
C SER A 83 11.28 11.42 4.09
N VAL A 84 11.20 10.67 3.02
CA VAL A 84 11.19 9.18 3.16
C VAL A 84 12.06 8.53 2.08
N ASP A 85 12.64 7.39 2.40
CA ASP A 85 13.50 6.68 1.43
C ASP A 85 13.49 5.18 1.74
N CYS A 86 12.67 4.43 1.05
CA CYS A 86 12.59 2.97 1.29
C CYS A 86 13.81 2.22 0.72
N ALA A 87 14.86 2.91 0.35
CA ALA A 87 16.04 2.19 -0.19
C ALA A 87 16.44 1.08 0.77
N THR A 88 16.54 1.41 2.03
CA THR A 88 16.92 0.40 3.06
C THR A 88 16.04 0.60 4.31
N ALA A 89 15.10 1.49 4.24
CA ALA A 89 14.21 1.74 5.41
C ALA A 89 13.10 0.69 5.47
N ALA A 90 12.18 0.86 6.37
CA ALA A 90 11.07 -0.13 6.50
C ALA A 90 9.83 0.35 5.72
N CYS A 91 9.83 0.21 4.42
CA CYS A 91 8.65 0.65 3.62
C CYS A 91 7.53 -0.40 3.74
N ASN A 92 6.31 -0.01 3.54
CA ASN A 92 5.19 -1.00 3.65
C ASN A 92 4.02 -0.64 2.74
N LEU A 93 2.98 -1.42 2.81
CA LEU A 93 1.77 -1.17 1.96
C LEU A 93 0.54 -1.53 2.78
N GLY A 94 -0.44 -0.66 2.85
CA GLY A 94 -1.66 -1.00 3.65
C GLY A 94 -2.92 -0.83 2.82
N ALA A 95 -3.92 -1.62 3.09
CA ALA A 95 -5.21 -1.52 2.34
C ALA A 95 -6.35 -1.22 3.29
N GLY A 96 -7.34 -0.48 2.84
CA GLY A 96 -8.50 -0.14 3.74
C GLY A 96 -9.41 0.87 3.03
N ASN A 97 -10.68 0.84 3.32
CA ASN A 97 -11.62 1.79 2.66
C ASN A 97 -12.28 2.70 3.69
N SER A 98 -12.61 2.19 4.84
CA SER A 98 -13.26 3.03 5.89
C SER A 98 -13.40 2.25 7.20
N GLY A 99 -13.66 0.97 7.11
CA GLY A 99 -13.81 0.15 8.36
C GLY A 99 -13.03 -1.15 8.21
N LEU A 100 -13.56 -2.09 7.46
CA LEU A 100 -12.85 -3.40 7.28
C LEU A 100 -11.42 -3.18 6.77
N ASP A 101 -10.46 -3.74 7.42
CA ASP A 101 -9.04 -3.56 6.97
C ASP A 101 -8.39 -4.93 6.73
N LEU A 102 -8.26 -5.32 5.49
CA LEU A 102 -7.63 -6.64 5.19
C LEU A 102 -6.27 -6.74 5.87
N GLY A 103 -5.28 -6.06 5.37
CA GLY A 103 -3.93 -6.12 5.99
C GLY A 103 -2.95 -5.24 5.22
N HIS A 104 -1.71 -5.24 5.63
CA HIS A 104 -0.70 -4.39 4.94
C HIS A 104 0.53 -5.23 4.59
N VAL A 105 0.99 -5.16 3.36
CA VAL A 105 2.18 -5.95 2.96
C VAL A 105 3.46 -5.10 3.04
N ALA A 106 4.48 -5.61 3.66
CA ALA A 106 5.75 -4.82 3.78
C ALA A 106 6.56 -4.93 2.48
N LEU A 107 7.09 -3.83 2.00
CA LEU A 107 7.89 -3.87 0.74
C LEU A 107 9.32 -3.37 1.00
N THR A 108 10.24 -3.69 0.11
CA THR A 108 11.65 -3.24 0.29
C THR A 108 12.23 -2.80 -1.06
N PHE A 109 13.40 -2.21 -1.05
CA PHE A 109 14.03 -1.78 -2.35
C PHE A 109 15.50 -2.19 -2.39
N GLY A 110 16.07 -2.26 -3.55
CA GLY A 110 17.51 -2.65 -3.65
C GLY A 110 17.62 -4.17 -3.71
C1' ROM B . -11.67 7.09 2.86
C2' ROM B . -12.54 6.61 1.72
C3' ROM B . -12.16 7.37 0.46
C4' ROM B . -12.34 8.90 0.73
C5' ROM B . -11.55 9.29 2.00
O5' ROM B . -11.90 8.46 3.10
O2' ROM B . -12.33 5.22 1.52
O3' ROM B . -10.81 7.08 0.14
N4' ROM B . -11.96 9.75 -0.44
C6D ROM B . -11.89 10.75 2.33
O9 ROM B . -11.94 6.38 4.05
C6B ROM B . -10.04 9.21 1.73
C4D ROM B . -11.04 9.09 -1.36
C4B ROM B . -13.16 10.20 -1.14
C'8 ROM B . -2.94 9.36 1.42
C'7 ROM B . -2.96 10.60 0.79
C'6 ROM B . -4.01 10.93 -0.06
C'5 ROM B . -5.03 10.01 -0.29
C15 ROM B . -5.01 8.78 0.35
C'9 ROM B . -3.96 8.45 1.19
O'7 ROM B . -1.95 11.51 1.02
C1A ROM B . -3.90 7.14 1.83
O'4 ROM B . -6.08 10.34 -1.13
C'3 ROM B . -7.13 9.52 -1.23
C'2 ROM B . -7.11 8.23 -0.50
N'1 ROM B . -6.01 7.87 0.13
C1B ROM B . -8.19 9.88 -1.97
O'2 ROM B . -8.10 7.53 -0.49
O13 ROM B . -5.04 6.89 2.46
C7X ROM B . -0.71 10.88 0.74
O11 ROM B . -2.96 6.36 1.80
C3 ROM B . -7.42 6.44 3.75
C2 ROM B . -8.62 6.18 4.32
C7 ROM B . -8.99 4.97 4.72
C6 ROM B . -8.17 3.89 4.56
C5 ROM B . -6.92 4.09 3.98
C4 ROM B . -6.52 5.37 3.57
C1 ROM B . -9.65 7.12 4.61
C12 ROM B . -9.51 8.30 5.15
C9 ROM B . -10.91 6.40 5.04
C8 ROM B . -10.40 4.97 5.39
C13 ROM B . -5.14 5.60 3.03
C10 ROM B . -11.24 7.35 6.15
C11 ROM B . -10.44 8.45 6.11
C14 ROM B . -4.09 5.45 4.15
O15 ROM B . -4.70 4.85 5.29
C16 ROM B . -3.92 4.69 6.35
C17 ROM B . -4.10 3.34 7.05
C18 ROM B . -4.99 3.51 8.29
C20 ROM B . -7.34 2.84 7.73
C21 ROM B . -8.63 3.15 7.39
C22 ROM B . -9.04 4.46 7.24
C23 ROM B . -8.14 5.47 7.44
C24 ROM B . -6.82 5.18 7.78
C19 ROM B . -6.42 3.84 7.93
O25 ROM B . -10.34 4.74 6.82
N18 ROM B . -4.89 2.19 8.99
O23 ROM B . -8.53 6.79 7.30
CL21 ROM B . -9.77 1.88 7.14
O16 ROM B . -3.13 5.51 6.75
H1' ROM B . -10.63 6.95 2.59
H2' ROM B . -13.58 6.78 1.95
H3' ROM B . -12.81 7.07 -0.36
H4' ROM B . -13.38 9.07 0.91
H2'2 ROM B . -11.38 5.06 1.48
H3'2 ROM B . -10.78 6.23 -0.30
H6B1 ROM B . -12.80 10.79 2.92
H6B3 ROM B . -11.09 11.19 2.89
H6B2 ROM B . -12.04 11.31 1.42
H6A1 ROM B . -9.80 9.81 0.87
H6A3 ROM B . -9.51 9.59 2.59
H6A2 ROM B . -9.76 8.19 1.55
H4B1 ROM B . -10.09 8.96 -0.85
H4B3 ROM B . -11.44 8.13 -1.63
H4B2 ROM B . -10.91 9.71 -2.22
H4A1 ROM B . -12.94 11.14 -1.63
H4A3 ROM B . -13.41 9.45 -1.88
H4A2 ROM B . -13.96 10.31 -0.43
H'8 ROM B . -2.14 9.12 2.09
H'6 ROM B . -4.03 11.88 -0.55
H'1 ROM B . -5.91 6.95 0.45
H3A1 ROM B . -8.68 10.82 -1.81
H3A2 ROM B . -8.57 9.22 -2.73
H7A1 ROM B . -0.41 10.29 1.59
H7A3 ROM B . -0.81 10.26 -0.12
H7A2 ROM B . 0.04 11.64 0.54
H3 ROM B . -7.15 7.43 3.43
H6 ROM B . -8.47 2.91 4.89
H5 ROM B . -6.26 3.25 3.82
H12 ROM B . -8.79 9.03 4.87
H8 ROM B . -11.02 4.24 4.92
H13 ROM B . -4.94 4.87 2.26
H10 ROM B . -12.00 7.14 6.87
H11 ROM B . -10.55 9.31 6.72
H142 ROM B . -3.29 4.82 3.82
H141 ROM B . -3.72 6.42 4.43
H172 ROM B . -4.57 2.64 6.36
H171 ROM B . -3.13 2.95 7.35
H18 ROM B . -4.58 4.27 8.92
H20 ROM B . -7.04 1.81 7.85
H24 ROM B . -6.11 5.97 7.94
H183 ROM B . -5.61 2.15 9.74
H182 ROM B . -5.05 1.43 8.31
H184 ROM B . -3.95 2.09 9.41
H232 ROM B . -8.77 7.14 8.16
N ALA A 1 -12.85 -12.72 8.23
CA ALA A 1 -11.37 -12.63 8.36
C ALA A 1 -10.72 -12.64 6.98
N PRO A 2 -10.86 -11.56 6.27
CA PRO A 2 -10.26 -11.45 4.92
C PRO A 2 -8.75 -11.32 5.04
N ALA A 3 -8.09 -11.04 3.94
CA ALA A 3 -6.60 -10.91 4.00
C ALA A 3 -6.07 -10.19 2.76
N PHE A 4 -5.02 -9.44 2.92
CA PHE A 4 -4.44 -8.70 1.76
C PHE A 4 -3.00 -9.16 1.54
N SER A 5 -2.62 -9.45 0.32
CA SER A 5 -1.22 -9.90 0.07
C SER A 5 -0.71 -9.43 -1.29
N VAL A 6 0.58 -9.44 -1.45
CA VAL A 6 1.19 -8.99 -2.75
C VAL A 6 2.18 -10.05 -3.23
N SER A 7 2.31 -10.26 -4.51
CA SER A 7 3.28 -11.28 -4.98
C SER A 7 4.68 -10.96 -4.43
N PRO A 8 5.32 -9.92 -4.97
CA PRO A 8 6.66 -9.56 -4.48
C PRO A 8 6.52 -8.78 -3.17
N ALA A 9 7.56 -8.67 -2.41
CA ALA A 9 7.45 -7.92 -1.14
C ALA A 9 8.84 -7.59 -0.59
N SER A 10 9.82 -7.52 -1.44
CA SER A 10 11.19 -7.21 -0.97
C SER A 10 12.15 -7.12 -2.17
N GLY A 11 13.28 -6.48 -1.99
CA GLY A 11 14.25 -6.36 -3.13
C GLY A 11 13.54 -5.69 -4.30
N LEU A 12 12.53 -4.91 -4.02
CA LEU A 12 11.79 -4.21 -5.10
C LEU A 12 12.66 -3.13 -5.75
N SER A 13 12.06 -2.27 -6.51
CA SER A 13 12.84 -1.18 -7.17
C SER A 13 11.93 0.02 -7.48
N ASP A 14 12.51 1.18 -7.63
CA ASP A 14 11.67 2.39 -7.93
C ASP A 14 11.00 2.26 -9.31
N GLY A 15 9.72 2.48 -9.38
CA GLY A 15 9.01 2.38 -10.68
C GLY A 15 8.53 0.94 -10.89
N GLN A 16 9.18 0.00 -10.26
CA GLN A 16 8.77 -1.42 -10.42
C GLN A 16 7.28 -1.57 -10.08
N SER A 17 6.57 -2.35 -10.86
CA SER A 17 5.11 -2.54 -10.60
C SER A 17 4.86 -3.97 -10.12
N VAL A 18 4.51 -4.13 -8.88
CA VAL A 18 4.24 -5.50 -8.36
C VAL A 18 2.80 -5.92 -8.67
N SER A 19 2.41 -7.08 -8.24
CA SER A 19 1.03 -7.53 -8.50
C SER A 19 0.32 -7.83 -7.18
N VAL A 20 -0.49 -6.92 -6.72
CA VAL A 20 -1.20 -7.14 -5.43
C VAL A 20 -2.45 -8.01 -5.65
N SER A 21 -3.02 -8.48 -4.58
CA SER A 21 -4.24 -9.33 -4.70
C SER A 21 -4.96 -9.40 -3.34
N VAL A 22 -6.15 -8.89 -3.28
CA VAL A 22 -6.89 -8.93 -1.99
C VAL A 22 -7.99 -10.00 -2.06
N SER A 23 -8.28 -10.66 -0.97
CA SER A 23 -9.34 -11.72 -0.99
C SER A 23 -10.10 -11.73 0.33
N GLY A 24 -11.36 -12.09 0.28
CA GLY A 24 -12.17 -12.13 1.53
C GLY A 24 -13.20 -10.99 1.52
N ALA A 25 -12.82 -9.85 1.01
CA ALA A 25 -13.79 -8.71 0.97
C ALA A 25 -15.09 -9.13 0.27
N ALA A 26 -15.00 -10.03 -0.67
CA ALA A 26 -16.23 -10.50 -1.40
C ALA A 26 -16.72 -9.44 -2.38
N ALA A 27 -17.01 -9.85 -3.60
CA ALA A 27 -17.50 -8.89 -4.62
C ALA A 27 -18.66 -8.06 -4.08
N GLY A 28 -18.63 -6.78 -4.31
CA GLY A 28 -19.72 -5.92 -3.81
C GLY A 28 -19.16 -4.86 -2.86
N GLU A 29 -17.86 -4.66 -2.87
CA GLU A 29 -17.26 -3.63 -1.98
C GLU A 29 -16.01 -3.01 -2.59
N THR A 30 -15.66 -1.83 -2.17
CA THR A 30 -14.45 -1.17 -2.72
C THR A 30 -13.36 -1.07 -1.65
N TYR A 31 -12.18 -0.67 -2.03
CA TYR A 31 -11.07 -0.56 -1.03
C TYR A 31 -10.00 0.40 -1.56
N TYR A 32 -9.23 0.98 -0.68
CA TYR A 32 -8.17 1.93 -1.14
C TYR A 32 -6.80 1.41 -0.73
N ILE A 33 -5.89 1.29 -1.66
CA ILE A 33 -4.53 0.79 -1.31
C ILE A 33 -3.47 1.89 -1.47
N ALA A 34 -2.46 1.86 -0.64
CA ALA A 34 -1.40 2.90 -0.73
C ALA A 34 -0.14 2.43 0.01
N GLN A 35 0.99 3.04 -0.28
CA GLN A 35 2.26 2.63 0.41
C GLN A 35 2.55 3.57 1.58
N CYS A 36 3.41 3.17 2.47
CA CYS A 36 3.73 4.05 3.64
C CYS A 36 5.07 3.64 4.26
N ALA A 37 5.84 4.60 4.72
CA ALA A 37 7.15 4.27 5.33
C ALA A 37 7.36 5.10 6.60
N PRO A 38 8.05 4.52 7.56
CA PRO A 38 8.32 5.22 8.83
C PRO A 38 9.36 6.31 8.63
N VAL A 39 9.42 7.23 9.54
CA VAL A 39 10.41 8.35 9.43
C VAL A 39 10.91 8.74 10.82
N GLY A 40 11.74 7.94 11.42
CA GLY A 40 12.26 8.27 12.77
C GLY A 40 11.30 7.69 13.82
N GLY A 41 10.04 7.55 13.49
CA GLY A 41 9.06 7.00 14.46
C GLY A 41 7.64 7.15 13.90
N GLN A 42 7.40 8.18 13.14
CA GLN A 42 6.03 8.39 12.56
C GLN A 42 5.86 7.56 11.28
N ASP A 43 4.67 7.52 10.74
CA ASP A 43 4.43 6.73 9.49
C ASP A 43 3.76 7.62 8.43
N ALA A 44 4.49 8.01 7.43
CA ALA A 44 3.89 8.87 6.36
C ALA A 44 3.50 8.01 5.15
N CYS A 45 2.47 8.38 4.45
CA CYS A 45 2.05 7.57 3.26
C CYS A 45 2.30 8.33 1.96
N ASN A 46 2.10 7.69 0.86
CA ASN A 46 2.32 8.36 -0.47
C ASN A 46 1.01 8.97 -1.01
N PRO A 47 1.00 10.26 -1.10
CA PRO A 47 -0.20 10.97 -1.59
C PRO A 47 -0.19 11.00 -3.13
N ALA A 48 0.95 10.89 -3.74
CA ALA A 48 1.02 10.91 -5.23
C ALA A 48 0.47 9.62 -5.82
N THR A 49 0.88 8.50 -5.30
CA THR A 49 0.38 7.20 -5.82
C THR A 49 -0.82 6.70 -5.01
N ALA A 50 -1.99 6.73 -5.59
CA ALA A 50 -3.20 6.26 -4.86
C ALA A 50 -4.17 5.60 -5.84
N THR A 51 -4.65 4.42 -5.52
CA THR A 51 -5.59 3.74 -6.45
C THR A 51 -6.72 3.05 -5.69
N SER A 52 -7.92 3.15 -6.17
CA SER A 52 -9.06 2.50 -5.48
C SER A 52 -9.56 1.34 -6.34
N PHE A 53 -9.83 0.21 -5.75
CA PHE A 53 -10.31 -0.94 -6.56
C PHE A 53 -11.41 -1.72 -5.84
N THR A 54 -12.24 -2.38 -6.59
CA THR A 54 -13.34 -3.18 -5.98
C THR A 54 -13.02 -4.66 -6.17
N THR A 55 -13.37 -5.48 -5.24
CA THR A 55 -13.07 -6.93 -5.41
C THR A 55 -13.49 -7.40 -6.79
N ASP A 56 -13.16 -8.61 -7.15
CA ASP A 56 -13.55 -9.12 -8.50
C ASP A 56 -14.91 -9.80 -8.43
N ALA A 57 -15.28 -10.52 -9.44
CA ALA A 57 -16.60 -11.21 -9.41
C ALA A 57 -16.59 -12.30 -8.33
N SER A 58 -15.45 -12.87 -8.09
CA SER A 58 -15.36 -13.94 -7.05
C SER A 58 -15.05 -13.30 -5.69
N GLY A 59 -15.00 -11.99 -5.64
CA GLY A 59 -14.69 -11.30 -4.35
C GLY A 59 -13.18 -11.30 -4.12
N ALA A 60 -12.42 -11.50 -5.16
CA ALA A 60 -10.93 -11.50 -5.00
C ALA A 60 -10.30 -10.50 -5.96
N ALA A 61 -9.77 -9.44 -5.45
CA ALA A 61 -9.13 -8.42 -6.35
C ALA A 61 -7.69 -8.79 -6.64
N SER A 62 -7.17 -8.34 -7.74
CA SER A 62 -5.77 -8.65 -8.11
C SER A 62 -5.33 -7.73 -9.25
N PHE A 63 -4.36 -6.90 -9.01
CA PHE A 63 -3.89 -5.98 -10.09
C PHE A 63 -2.43 -5.60 -9.88
N SER A 64 -1.87 -4.87 -10.80
CA SER A 64 -0.43 -4.46 -10.67
C SER A 64 -0.35 -3.05 -10.09
N PHE A 65 0.42 -2.87 -9.06
CA PHE A 65 0.56 -1.53 -8.45
C PHE A 65 2.02 -1.06 -8.53
N VAL A 66 2.23 0.16 -8.92
CA VAL A 66 3.63 0.67 -9.01
C VAL A 66 4.12 1.11 -7.64
N VAL A 67 5.39 1.20 -7.46
CA VAL A 67 5.93 1.63 -6.15
C VAL A 67 7.06 2.63 -6.37
N ARG A 68 7.59 3.18 -5.32
CA ARG A 68 8.69 4.15 -5.48
C ARG A 68 9.59 4.14 -4.26
N LYS A 69 10.72 3.49 -4.37
CA LYS A 69 11.68 3.42 -3.22
C LYS A 69 11.66 4.74 -2.44
N SER A 70 11.81 5.83 -3.11
CA SER A 70 11.80 7.14 -2.41
C SER A 70 10.53 7.92 -2.76
N TYR A 71 10.00 8.66 -1.83
CA TYR A 71 8.76 9.45 -2.11
C TYR A 71 8.42 10.33 -0.91
N THR A 72 8.05 11.55 -1.14
CA THR A 72 7.71 12.45 0.00
C THR A 72 6.53 11.86 0.78
N GLY A 73 6.78 11.41 1.98
CA GLY A 73 5.69 10.81 2.80
C GLY A 73 4.85 11.92 3.44
N SER A 74 3.66 11.60 3.85
CA SER A 74 2.77 12.62 4.49
C SER A 74 1.44 11.97 4.89
N THR A 75 1.10 12.02 6.15
CA THR A 75 -0.19 11.39 6.60
C THR A 75 -1.30 11.65 5.58
N PRO A 76 -2.24 10.74 5.55
CA PRO A 76 -3.40 10.85 4.61
C PRO A 76 -4.23 12.11 4.91
N GLU A 77 -4.50 12.36 6.16
CA GLU A 77 -5.30 13.58 6.51
C GLU A 77 -4.91 14.09 7.90
N GLY A 78 -4.00 15.04 7.95
CA GLY A 78 -3.58 15.58 9.28
C GLY A 78 -2.42 16.55 9.09
N THR A 79 -1.21 16.10 9.28
CA THR A 79 -0.02 17.00 9.11
C THR A 79 1.07 16.32 8.28
N PRO A 80 1.87 17.12 7.63
CA PRO A 80 2.97 16.58 6.79
C PRO A 80 4.03 15.93 7.68
N VAL A 81 4.75 14.97 7.15
CA VAL A 81 5.80 14.29 7.96
C VAL A 81 7.19 14.62 7.42
N GLY A 82 7.34 14.63 6.13
CA GLY A 82 8.68 14.94 5.54
C GLY A 82 8.93 14.03 4.34
N SER A 83 10.17 13.88 3.94
CA SER A 83 10.47 13.02 2.77
C SER A 83 10.84 11.60 3.23
N VAL A 84 10.48 10.61 2.48
CA VAL A 84 10.82 9.20 2.88
C VAL A 84 11.84 8.61 1.91
N ASP A 85 12.56 7.60 2.34
CA ASP A 85 13.57 6.98 1.45
C ASP A 85 13.79 5.51 1.86
N CYS A 86 13.45 4.59 1.00
CA CYS A 86 13.64 3.15 1.35
C CYS A 86 15.11 2.75 1.17
N ALA A 87 15.93 3.66 0.74
CA ALA A 87 17.38 3.32 0.54
C ALA A 87 17.91 2.76 1.85
N THR A 88 17.45 3.27 2.95
CA THR A 88 17.91 2.79 4.28
C THR A 88 16.72 2.75 5.24
N ALA A 89 15.53 2.92 4.72
CA ALA A 89 14.32 2.89 5.60
C ALA A 89 13.49 1.64 5.31
N ALA A 90 12.51 1.36 6.13
CA ALA A 90 11.66 0.16 5.89
C ALA A 90 10.26 0.57 5.42
N CYS A 91 9.97 0.40 4.16
CA CYS A 91 8.62 0.79 3.65
C CYS A 91 7.61 -0.34 3.89
N ASN A 92 6.36 -0.09 3.64
CA ASN A 92 5.32 -1.13 3.86
C ASN A 92 4.10 -0.88 2.96
N LEU A 93 3.06 -1.66 3.12
CA LEU A 93 1.85 -1.47 2.26
C LEU A 93 0.59 -1.78 3.07
N GLY A 94 -0.46 -1.04 2.86
CA GLY A 94 -1.71 -1.30 3.63
C GLY A 94 -2.92 -1.05 2.73
N ALA A 95 -3.97 -1.80 2.92
CA ALA A 95 -5.20 -1.60 2.07
C ALA A 95 -6.44 -1.97 2.87
N GLY A 96 -7.49 -1.19 2.75
CA GLY A 96 -8.74 -1.50 3.51
C GLY A 96 -9.70 -0.31 3.43
N ASN A 97 -10.93 -0.52 3.80
CA ASN A 97 -11.92 0.60 3.76
C ASN A 97 -12.06 1.22 5.15
N SER A 98 -12.81 2.29 5.25
CA SER A 98 -12.99 2.95 6.59
C SER A 98 -13.23 1.90 7.68
N GLY A 99 -14.00 0.89 7.41
CA GLY A 99 -14.26 -0.14 8.45
C GLY A 99 -13.59 -1.46 8.06
N LEU A 100 -13.97 -2.03 6.95
CA LEU A 100 -13.34 -3.32 6.51
C LEU A 100 -11.84 -3.32 6.79
N ASP A 101 -11.38 -4.17 7.66
CA ASP A 101 -9.93 -4.21 7.98
C ASP A 101 -9.27 -5.38 7.24
N LEU A 102 -8.79 -5.15 6.04
CA LEU A 102 -8.13 -6.24 5.27
C LEU A 102 -6.78 -6.59 5.88
N GLY A 103 -5.71 -6.02 5.38
CA GLY A 103 -4.37 -6.34 5.94
C GLY A 103 -3.31 -5.47 5.25
N HIS A 104 -2.06 -5.64 5.61
CA HIS A 104 -0.98 -4.84 4.97
C HIS A 104 0.26 -5.71 4.71
N VAL A 105 0.99 -5.43 3.66
CA VAL A 105 2.20 -6.24 3.35
C VAL A 105 3.47 -5.38 3.48
N ALA A 106 4.51 -5.92 4.03
CA ALA A 106 5.77 -5.12 4.18
C ALA A 106 6.57 -5.16 2.87
N LEU A 107 7.27 -4.10 2.55
CA LEU A 107 8.07 -4.08 1.29
C LEU A 107 9.51 -3.66 1.57
N THR A 108 10.40 -3.89 0.65
CA THR A 108 11.82 -3.51 0.86
C THR A 108 12.43 -3.15 -0.50
N PHE A 109 13.55 -2.50 -0.50
CA PHE A 109 14.19 -2.13 -1.81
C PHE A 109 15.67 -2.50 -1.82
N GLY A 110 16.05 -3.42 -2.65
CA GLY A 110 17.48 -3.84 -2.71
C GLY A 110 18.36 -2.60 -2.93
C1' ROM B . -11.63 6.82 3.63
C2' ROM B . -12.40 6.27 2.44
C3' ROM B . -12.15 7.18 1.25
C4' ROM B . -12.60 8.62 1.62
C5' ROM B . -11.90 9.07 2.93
O5' ROM B . -12.10 8.11 3.95
O2' ROM B . -11.94 4.96 2.15
O3' ROM B . -10.77 7.16 0.93
N4' ROM B . -12.37 9.62 0.53
C6D ROM B . -12.47 10.41 3.36
O9 ROM B . -11.78 5.99 4.76
C6B ROM B . -10.40 9.24 2.68
C4D ROM B . -11.49 9.12 -0.54
C4B ROM B . -13.64 10.05 -0.04
C'8 ROM B . -2.76 8.89 1.52
C'7 ROM B . -2.44 10.19 1.14
C'6 ROM B . -3.34 10.93 0.39
C'5 ROM B . -4.55 10.37 0.00
C15 ROM B . -4.86 9.06 0.36
C'9 ROM B . -3.97 8.32 1.11
O'7 ROM B . -1.19 10.69 1.46
C1A ROM B . -4.25 6.91 1.39
O'4 ROM B . -5.44 11.11 -0.75
C'3 ROM B . -6.49 10.49 -1.31
C'2 ROM B . -6.79 9.09 -0.96
N'1 ROM B . -6.05 8.50 -0.03
C1B ROM B . -7.27 11.16 -2.19
O'2 ROM B . -7.68 8.49 -1.52
O13 ROM B . -5.08 6.77 2.40
C7X ROM B . -1.33 11.98 2.01
O11 ROM B . -3.78 5.95 0.78
C3 ROM B . -7.28 6.20 4.04
C2 ROM B . -8.44 5.85 4.71
C7 ROM B . -8.76 4.60 4.99
C6 ROM B . -7.95 3.56 4.62
C5 ROM B . -6.76 3.84 3.95
C4 ROM B . -6.42 5.18 3.65
C1 ROM B . -9.44 6.73 5.21
C12 ROM B . -9.28 7.83 5.88
C9 ROM B . -10.65 5.92 5.66
C8 ROM B . -10.09 4.47 5.78
C13 ROM B . -5.08 5.48 3.01
C10 ROM B . -10.90 6.72 6.90
C11 ROM B . -10.12 7.82 6.93
C14 ROM B . -3.94 5.41 4.04
O15 ROM B . -4.33 4.57 5.12
C16 ROM B . -3.51 4.51 6.15
C17 ROM B . -3.57 3.19 6.93
C18 ROM B . -4.36 3.41 8.23
C20 ROM B . -6.61 2.50 7.65
C21 ROM B . -7.96 2.69 7.41
C22 ROM B . -8.55 3.92 7.47
C23 ROM B . -7.76 5.02 7.79
C24 ROM B . -6.41 4.86 8.05
C19 ROM B . -5.83 3.59 7.97
O25 ROM B . -9.90 4.08 7.17
N18 ROM B . -4.08 2.18 9.02
O23 ROM B . -8.34 6.26 7.88
CL21 ROM B . -8.93 1.31 7.00
O16 ROM B . -2.75 5.40 6.46
H1' ROM B . -10.59 6.88 3.36
H2' ROM B . -13.46 6.25 2.67
H3' ROM B . -12.73 6.84 0.41
H4' ROM B . -13.66 8.61 1.80
H2'2 ROM B . -11.71 4.54 2.97
H3'2 ROM B . -10.52 6.25 0.76
H6B1 ROM B . -11.72 10.97 3.90
H6B3 ROM B . -12.78 10.97 2.49
H6B2 ROM B . -13.32 10.25 4.00
H6A1 ROM B . -10.17 9.00 1.67
H6A3 ROM B . -10.13 10.27 2.87
H6A2 ROM B . -9.84 8.59 3.34
H4B1 ROM B . -10.48 9.05 -0.15
H4B3 ROM B . -11.84 8.14 -0.85
H4B2 ROM B . -11.51 9.81 -1.36
H4A1 ROM B . -14.40 10.00 0.73
H4A3 ROM B . -13.53 11.07 -0.38
H4A2 ROM B . -13.90 9.40 -0.86
H'8 ROM B . -2.09 8.34 2.15
H'6 ROM B . -3.09 11.93 0.09
H'1 ROM B . -6.36 7.67 0.38
H3A1 ROM B . -6.94 11.31 -3.20
H3A2 ROM B . -8.22 11.55 -1.89
H7A1 ROM B . -0.37 12.48 2.00
H7A3 ROM B . -2.03 12.56 1.43
H7A2 ROM B . -1.68 11.89 3.02
H3 ROM B . -7.06 7.24 3.83
H6 ROM B . -8.21 2.54 4.85
H5 ROM B . -6.12 3.03 3.63
H12 ROM B . -8.59 8.60 5.65
H8 ROM B . -10.76 3.79 5.29
H13 ROM B . -4.89 4.75 2.23
H10 ROM B . -11.60 6.41 7.65
H11 ROM B . -10.17 8.59 7.67
H142 ROM B . -3.06 5.00 3.58
H141 ROM B . -3.74 6.40 4.43
H172 ROM B . -4.05 2.44 6.33
H171 ROM B . -2.56 2.87 7.16
H18 ROM B . -3.97 4.25 8.75
H20 ROM B . -6.18 1.52 7.60
H24 ROM B . -5.80 5.71 8.30
H183 ROM B . -4.42 2.31 10.00
H182 ROM B . -4.58 1.37 8.59
H184 ROM B . -3.06 1.98 9.03
H232 ROM B . -8.89 6.32 8.66
N ALA A 1 -11.78 -13.45 8.57
CA ALA A 1 -10.70 -12.50 8.17
C ALA A 1 -10.27 -12.78 6.73
N PRO A 2 -10.33 -11.74 5.91
CA PRO A 2 -9.94 -11.88 4.49
C PRO A 2 -8.42 -12.09 4.39
N ALA A 3 -7.84 -11.79 3.26
CA ALA A 3 -6.37 -11.98 3.13
C ALA A 3 -5.82 -11.18 1.94
N PHE A 4 -4.93 -10.26 2.22
CA PHE A 4 -4.34 -9.44 1.12
C PHE A 4 -2.86 -9.81 0.95
N SER A 5 -2.44 -10.19 -0.23
CA SER A 5 -1.00 -10.56 -0.40
C SER A 5 -0.45 -10.09 -1.75
N VAL A 6 0.85 -9.90 -1.82
CA VAL A 6 1.49 -9.46 -3.08
C VAL A 6 2.48 -10.53 -3.56
N SER A 7 2.90 -10.47 -4.79
CA SER A 7 3.86 -11.50 -5.27
C SER A 7 5.24 -11.23 -4.65
N PRO A 8 5.92 -10.18 -5.09
CA PRO A 8 7.25 -9.85 -4.53
C PRO A 8 7.09 -9.18 -3.15
N ALA A 9 8.10 -8.50 -2.69
CA ALA A 9 8.02 -7.82 -1.35
C ALA A 9 9.40 -7.31 -0.94
N SER A 10 10.44 -7.91 -1.43
CA SER A 10 11.81 -7.47 -1.07
C SER A 10 12.62 -7.17 -2.33
N GLY A 11 13.78 -6.60 -2.18
CA GLY A 11 14.61 -6.29 -3.37
C GLY A 11 13.73 -5.66 -4.45
N LEU A 12 12.88 -4.75 -4.07
CA LEU A 12 11.98 -4.10 -5.07
C LEU A 12 12.75 -3.02 -5.86
N SER A 13 12.05 -2.22 -6.61
CA SER A 13 12.74 -1.15 -7.40
C SER A 13 11.77 0.00 -7.68
N ASP A 14 12.28 1.20 -7.79
CA ASP A 14 11.39 2.37 -8.06
C ASP A 14 10.68 2.21 -9.40
N GLY A 15 9.38 2.38 -9.43
CA GLY A 15 8.63 2.24 -10.70
C GLY A 15 8.21 0.78 -10.89
N GLN A 16 8.96 -0.13 -10.33
CA GLN A 16 8.62 -1.58 -10.48
C GLN A 16 7.15 -1.81 -10.10
N SER A 17 6.49 -2.72 -10.76
CA SER A 17 5.06 -2.99 -10.43
C SER A 17 4.92 -4.42 -9.90
N VAL A 18 4.44 -4.57 -8.69
CA VAL A 18 4.29 -5.93 -8.11
C VAL A 18 2.88 -6.48 -8.40
N SER A 19 2.71 -7.77 -8.43
CA SER A 19 1.36 -8.34 -8.69
C SER A 19 0.61 -8.53 -7.38
N VAL A 20 -0.34 -7.67 -7.11
CA VAL A 20 -1.11 -7.79 -5.83
C VAL A 20 -2.39 -8.60 -6.06
N SER A 21 -3.03 -9.00 -5.00
CA SER A 21 -4.29 -9.80 -5.14
C SER A 21 -5.02 -9.84 -3.80
N VAL A 22 -6.18 -9.26 -3.72
CA VAL A 22 -6.94 -9.27 -2.45
C VAL A 22 -8.12 -10.23 -2.57
N SER A 23 -8.56 -10.77 -1.47
CA SER A 23 -9.71 -11.72 -1.50
C SER A 23 -10.36 -11.82 -0.12
N GLY A 24 -11.62 -12.11 -0.07
CA GLY A 24 -12.31 -12.22 1.26
C GLY A 24 -13.03 -10.91 1.56
N ALA A 25 -13.01 -9.97 0.66
CA ALA A 25 -13.70 -8.69 0.91
C ALA A 25 -15.15 -8.76 0.44
N ALA A 26 -15.44 -9.61 -0.51
CA ALA A 26 -16.84 -9.76 -1.03
C ALA A 26 -17.22 -8.55 -1.90
N ALA A 27 -17.84 -8.81 -3.02
CA ALA A 27 -18.24 -7.69 -3.93
C ALA A 27 -19.10 -6.69 -3.15
N GLY A 28 -18.80 -5.43 -3.27
CA GLY A 28 -19.60 -4.40 -2.56
C GLY A 28 -18.70 -3.65 -1.59
N GLU A 29 -17.43 -3.95 -1.58
CA GLU A 29 -16.50 -3.25 -0.66
C GLU A 29 -15.37 -2.57 -1.44
N THR A 30 -14.92 -1.44 -0.97
CA THR A 30 -13.81 -0.72 -1.68
C THR A 30 -12.60 -0.65 -0.75
N TYR A 31 -11.45 -0.30 -1.27
CA TYR A 31 -10.24 -0.22 -0.38
C TYR A 31 -9.19 0.72 -0.98
N TYR A 32 -8.78 1.72 -0.24
CA TYR A 32 -7.75 2.66 -0.77
C TYR A 32 -6.36 2.10 -0.53
N ILE A 33 -5.72 1.61 -1.55
CA ILE A 33 -4.34 1.04 -1.38
C ILE A 33 -3.27 2.12 -1.60
N ALA A 34 -2.23 2.09 -0.81
CA ALA A 34 -1.14 3.11 -0.99
C ALA A 34 0.10 2.69 -0.18
N GLN A 35 1.24 3.24 -0.50
CA GLN A 35 2.47 2.89 0.24
C GLN A 35 2.72 3.89 1.37
N CYS A 36 2.97 3.41 2.56
CA CYS A 36 3.22 4.33 3.70
C CYS A 36 4.54 3.98 4.41
N ALA A 37 5.11 4.92 5.10
CA ALA A 37 6.39 4.66 5.82
C ALA A 37 6.56 5.68 6.94
N PRO A 38 7.02 5.22 8.08
CA PRO A 38 7.22 6.11 9.24
C PRO A 38 8.36 7.11 8.98
N VAL A 39 8.40 8.16 9.74
CA VAL A 39 9.49 9.17 9.54
C VAL A 39 9.80 9.89 10.86
N GLY A 40 10.46 9.21 11.76
CA GLY A 40 10.81 9.84 13.07
C GLY A 40 9.99 9.19 14.18
N GLY A 41 8.69 9.13 14.03
CA GLY A 41 7.85 8.49 15.08
C GLY A 41 6.43 8.27 14.54
N GLN A 42 5.96 9.15 13.69
CA GLN A 42 4.59 8.97 13.14
C GLN A 42 4.64 8.24 11.80
N ASP A 43 3.53 8.18 11.11
CA ASP A 43 3.52 7.48 9.79
C ASP A 43 3.17 8.45 8.67
N ALA A 44 4.01 8.54 7.67
CA ALA A 44 3.74 9.46 6.53
C ALA A 44 3.43 8.65 5.26
N CYS A 45 2.30 8.86 4.67
CA CYS A 45 1.95 8.09 3.43
C CYS A 45 2.38 8.85 2.18
N ASN A 46 2.25 8.23 1.04
CA ASN A 46 2.65 8.90 -0.23
C ASN A 46 1.41 9.40 -0.99
N PRO A 47 1.33 10.70 -1.12
CA PRO A 47 0.18 11.33 -1.82
C PRO A 47 0.30 11.11 -3.33
N ALA A 48 1.42 10.62 -3.78
CA ALA A 48 1.60 10.38 -5.25
C ALA A 48 0.93 9.06 -5.65
N THR A 49 1.38 7.97 -5.12
CA THR A 49 0.77 6.66 -5.49
C THR A 49 -0.38 6.33 -4.53
N ALA A 50 -1.54 6.88 -4.77
CA ALA A 50 -2.70 6.61 -3.88
C ALA A 50 -3.96 6.35 -4.72
N THR A 51 -4.28 5.12 -4.97
CA THR A 51 -5.49 4.82 -5.79
C THR A 51 -6.46 3.92 -5.01
N SER A 52 -7.71 3.94 -5.36
CA SER A 52 -8.71 3.09 -4.64
C SER A 52 -9.33 2.08 -5.61
N PHE A 53 -9.68 0.92 -5.13
CA PHE A 53 -10.29 -0.11 -6.03
C PHE A 53 -11.35 -0.93 -5.30
N THR A 54 -12.24 -1.56 -6.02
CA THR A 54 -13.31 -2.37 -5.38
C THR A 54 -13.16 -3.85 -5.78
N THR A 55 -13.71 -4.75 -5.02
CA THR A 55 -13.60 -6.20 -5.37
C THR A 55 -14.52 -6.57 -6.53
N ASP A 56 -14.54 -7.81 -6.91
CA ASP A 56 -15.41 -8.24 -8.03
C ASP A 56 -16.62 -9.01 -7.50
N ALA A 57 -17.29 -9.76 -8.32
CA ALA A 57 -18.48 -10.52 -7.84
C ALA A 57 -18.04 -11.57 -6.81
N SER A 58 -16.86 -12.09 -6.94
CA SER A 58 -16.38 -13.12 -5.98
C SER A 58 -15.63 -12.45 -4.83
N GLY A 59 -15.79 -11.15 -4.68
CA GLY A 59 -15.09 -10.43 -3.58
C GLY A 59 -13.58 -10.66 -3.69
N ALA A 60 -13.11 -10.98 -4.86
CA ALA A 60 -11.65 -11.21 -5.04
C ALA A 60 -11.13 -10.43 -6.25
N ALA A 61 -10.11 -9.64 -6.06
CA ALA A 61 -9.56 -8.85 -7.21
C ALA A 61 -8.05 -9.03 -7.31
N SER A 62 -7.52 -8.88 -8.48
CA SER A 62 -6.05 -9.04 -8.66
C SER A 62 -5.56 -8.03 -9.70
N PHE A 63 -4.47 -7.37 -9.46
CA PHE A 63 -3.98 -6.38 -10.44
C PHE A 63 -2.51 -6.02 -10.18
N SER A 64 -1.93 -5.24 -11.03
CA SER A 64 -0.50 -4.84 -10.84
C SER A 64 -0.41 -3.45 -10.21
N PHE A 65 0.24 -3.34 -9.08
CA PHE A 65 0.36 -2.03 -8.42
C PHE A 65 1.80 -1.52 -8.52
N VAL A 66 1.98 -0.28 -8.86
CA VAL A 66 3.37 0.26 -8.97
C VAL A 66 3.87 0.72 -7.60
N VAL A 67 5.15 0.91 -7.47
CA VAL A 67 5.71 1.36 -6.17
C VAL A 67 6.79 2.44 -6.40
N ARG A 68 7.33 2.98 -5.36
CA ARG A 68 8.38 4.02 -5.53
C ARG A 68 9.38 3.99 -4.37
N LYS A 69 10.49 3.34 -4.57
CA LYS A 69 11.52 3.25 -3.49
C LYS A 69 11.65 4.59 -2.76
N SER A 70 11.46 5.69 -3.45
CA SER A 70 11.57 7.02 -2.78
C SER A 70 10.29 7.84 -2.99
N TYR A 71 9.89 8.60 -2.00
CA TYR A 71 8.66 9.43 -2.15
C TYR A 71 8.47 10.29 -0.91
N THR A 72 8.23 11.56 -1.07
CA THR A 72 8.05 12.44 0.12
C THR A 72 6.91 11.92 0.99
N GLY A 73 7.17 11.70 2.26
CA GLY A 73 6.09 11.19 3.15
C GLY A 73 5.13 12.33 3.49
N SER A 74 3.91 12.02 3.79
CA SER A 74 2.93 13.10 4.12
C SER A 74 1.63 12.49 4.67
N THR A 75 0.97 13.18 5.55
CA THR A 75 -0.31 12.63 6.13
C THR A 75 -1.42 12.63 5.06
N PRO A 76 -2.34 11.70 5.20
CA PRO A 76 -3.48 11.56 4.25
C PRO A 76 -4.39 12.80 4.27
N GLU A 77 -4.15 13.72 5.17
CA GLU A 77 -5.03 14.94 5.22
C GLU A 77 -4.59 15.86 6.37
N GLY A 78 -3.60 16.67 6.14
CA GLY A 78 -3.13 17.61 7.19
C GLY A 78 -1.96 18.42 6.67
N THR A 79 -0.76 18.07 7.04
CA THR A 79 0.42 18.83 6.56
C THR A 79 1.54 17.85 6.16
N PRO A 80 2.57 18.40 5.56
CA PRO A 80 3.71 17.57 5.12
C PRO A 80 4.51 17.11 6.33
N VAL A 81 4.79 15.84 6.42
CA VAL A 81 5.57 15.34 7.59
C VAL A 81 7.06 15.27 7.26
N GLY A 82 7.42 14.87 6.08
CA GLY A 82 8.87 14.80 5.73
C GLY A 82 9.04 13.96 4.45
N SER A 83 10.25 13.53 4.18
CA SER A 83 10.49 12.71 2.96
C SER A 83 10.80 11.26 3.34
N VAL A 84 10.38 10.32 2.53
CA VAL A 84 10.65 8.89 2.83
C VAL A 84 11.66 8.34 1.82
N ASP A 85 12.41 7.33 2.19
CA ASP A 85 13.40 6.76 1.26
C ASP A 85 13.59 5.27 1.53
N CYS A 86 12.70 4.44 1.04
CA CYS A 86 12.81 2.96 1.27
C CYS A 86 14.26 2.50 1.06
N ALA A 87 15.02 3.22 0.29
CA ALA A 87 16.43 2.81 0.05
C ALA A 87 17.11 2.50 1.38
N THR A 88 17.01 3.39 2.31
CA THR A 88 17.64 3.16 3.63
C THR A 88 16.57 3.12 4.72
N ALA A 89 15.32 3.18 4.34
CA ALA A 89 14.23 3.15 5.37
C ALA A 89 13.42 1.86 5.28
N ALA A 90 12.43 1.74 6.11
CA ALA A 90 11.58 0.51 6.11
C ALA A 90 10.14 0.89 5.71
N CYS A 91 9.78 0.67 4.48
CA CYS A 91 8.41 1.02 4.03
C CYS A 91 7.47 -0.19 4.12
N ASN A 92 6.18 0.04 3.99
CA ASN A 92 5.21 -1.09 4.07
C ASN A 92 3.92 -0.72 3.32
N LEU A 93 3.38 -1.63 2.57
CA LEU A 93 2.13 -1.31 1.82
C LEU A 93 0.91 -1.64 2.68
N GLY A 94 -0.15 -0.89 2.54
CA GLY A 94 -1.37 -1.16 3.34
C GLY A 94 -2.62 -0.96 2.48
N ALA A 95 -3.57 -1.86 2.58
CA ALA A 95 -4.81 -1.73 1.77
C ALA A 95 -6.04 -1.69 2.71
N GLY A 96 -6.69 -0.57 2.79
CA GLY A 96 -7.89 -0.48 3.68
C GLY A 96 -8.78 0.67 3.22
N ASN A 97 -10.06 0.56 3.43
CA ASN A 97 -10.99 1.64 3.00
C ASN A 97 -11.40 2.48 4.20
N SER A 98 -12.51 3.16 4.10
CA SER A 98 -12.97 3.99 5.24
C SER A 98 -13.85 3.17 6.19
N GLY A 99 -13.47 1.96 6.49
CA GLY A 99 -14.30 1.12 7.40
C GLY A 99 -13.64 -0.25 7.61
N LEU A 100 -13.72 -1.12 6.63
CA LEU A 100 -13.10 -2.47 6.77
C LEU A 100 -11.63 -2.43 6.36
N ASP A 101 -10.82 -3.24 7.00
CA ASP A 101 -9.37 -3.27 6.66
C ASP A 101 -9.03 -4.61 5.99
N LEU A 102 -7.95 -4.69 5.27
CA LEU A 102 -7.59 -5.96 4.61
C LEU A 102 -6.28 -6.52 5.19
N GLY A 103 -5.17 -6.18 4.61
CA GLY A 103 -3.88 -6.70 5.14
C GLY A 103 -2.79 -5.63 5.01
N HIS A 104 -1.66 -5.88 5.61
CA HIS A 104 -0.53 -4.91 5.53
C HIS A 104 0.74 -5.63 5.07
N VAL A 105 1.13 -5.42 3.84
CA VAL A 105 2.36 -6.09 3.32
C VAL A 105 3.59 -5.24 3.61
N ALA A 106 4.76 -5.83 3.59
CA ALA A 106 6.00 -5.05 3.86
C ALA A 106 6.86 -4.99 2.59
N LEU A 107 7.68 -3.99 2.46
CA LEU A 107 8.52 -3.87 1.25
C LEU A 107 9.99 -3.65 1.65
N THR A 108 10.91 -3.83 0.73
CA THR A 108 12.34 -3.61 1.07
C THR A 108 13.17 -3.44 -0.20
N PHE A 109 13.55 -2.22 -0.50
CA PHE A 109 14.35 -1.97 -1.73
C PHE A 109 15.84 -2.21 -1.44
N GLY A 110 16.32 -3.40 -1.70
CA GLY A 110 17.76 -3.70 -1.44
C GLY A 110 17.99 -3.83 0.07
C1' ROM B . -10.35 7.77 3.59
C2' ROM B . -11.22 7.64 2.32
C3' ROM B . -11.02 8.84 1.45
C4' ROM B . -11.38 10.10 2.25
C5' ROM B . -10.50 10.15 3.53
O5' ROM B . -10.66 8.97 4.28
O2' ROM B . -10.84 6.46 1.62
O3' ROM B . -9.67 8.91 1.03
N4' ROM B . -11.28 11.36 1.47
C6D ROM B . -10.93 11.36 4.35
O9 ROM B . -10.58 6.68 4.46
C6B ROM B . -9.03 10.35 3.13
C4D ROM B . -10.43 11.23 0.26
C4B ROM B . -12.62 11.83 1.09
C'8 ROM B . -2.56 9.21 1.48
C'7 ROM B . -2.13 10.45 1.03
C'6 ROM B . -2.76 11.05 -0.04
C'5 ROM B . -3.81 10.44 -0.67
C15 ROM B . -4.25 9.19 -0.24
C'9 ROM B . -3.62 8.57 0.84
O'7 ROM B . -1.03 11.04 1.65
C1A ROM B . -4.03 7.21 1.23
O'4 ROM B . -4.43 11.05 -1.74
C'3 ROM B . -5.51 10.50 -2.31
C'2 ROM B . -5.89 9.12 -1.92
N'1 ROM B . -5.32 8.56 -0.87
C1B ROM B . -6.23 11.17 -3.21
O'2 ROM B . -6.72 8.51 -2.58
O13 ROM B . -3.82 7.01 2.51
C7X ROM B . -1.27 12.42 1.81
O11 ROM B . -4.49 6.35 0.50
C3 ROM B . -6.08 6.47 3.95
C2 ROM B . -7.28 6.19 4.52
C7 ROM B . -7.73 4.94 4.65
C6 ROM B . -7.00 3.88 4.24
C5 ROM B . -5.75 4.10 3.67
C4 ROM B . -5.28 5.42 3.52
C1 ROM B . -8.21 7.10 5.08
C12 ROM B . -7.96 8.09 5.89
C9 ROM B . -9.51 6.39 5.38
C8 ROM B . -9.12 4.89 5.35
C13 ROM B . -3.91 5.67 2.94
C10 ROM B . -9.73 7.06 6.71
C11 ROM B . -8.84 8.05 6.90
C14 ROM B . -2.83 5.36 3.97
O15 ROM B . -3.35 4.51 4.99
C16 ROM B . -2.46 3.93 5.78
C17 ROM B . -2.93 2.59 6.37
C18 ROM B . -3.66 2.84 7.70
C20 ROM B . -6.00 2.30 7.02
C21 ROM B . -7.30 2.67 6.79
C22 ROM B . -7.74 3.95 7.02
C23 ROM B . -6.86 4.89 7.49
C24 ROM B . -5.53 4.53 7.72
C19 ROM B . -5.09 3.23 7.48
O25 ROM B . -9.06 4.31 6.70
N18 ROM B . -3.55 1.53 8.42
O23 ROM B . -7.28 6.17 7.74
CL21 ROM B . -8.42 1.49 6.19
O16 ROM B . -1.36 4.38 6.04
H1' ROM B . -9.32 7.78 3.29
H2' ROM B . -12.26 7.57 2.61
H3' ROM B . -11.67 8.78 0.59
H4' ROM B . -12.41 10.01 2.56
H2'2 ROM B . -11.05 5.71 2.16
H3'2 ROM B . -9.66 8.98 0.06
H6B1 ROM B . -10.11 11.68 4.97
H6B3 ROM B . -11.22 12.17 3.69
H6B2 ROM B . -11.77 11.10 4.98
H6A1 ROM B . -8.47 10.66 3.99
H6A3 ROM B . -8.63 9.41 2.76
H6A2 ROM B . -8.96 11.10 2.36
H4B1 ROM B . -9.43 10.99 0.58
H4B3 ROM B . -10.83 10.42 -0.34
H4B2 ROM B . -10.46 12.15 -0.28
H4A1 ROM B . -13.01 11.16 0.34
H4A3 ROM B . -13.24 11.81 1.97
H4A2 ROM B . -12.53 12.83 0.71
H'8 ROM B . -2.10 8.75 2.34
H'6 ROM B . -2.41 12.02 -0.39
H'1 ROM B . -5.65 7.72 -0.53
H3A1 ROM B . -5.73 11.74 -3.99
H3A2 ROM B . -7.29 11.17 -3.17
H7A1 ROM B . -0.47 12.87 2.38
H7A3 ROM B . -1.31 12.89 0.84
H7A2 ROM B . -2.21 12.58 2.31
H3 ROM B . -5.76 7.50 3.85
H6 ROM B . -7.37 2.87 4.36
H5 ROM B . -5.14 3.27 3.34
H12 ROM B . -7.18 8.80 5.76
H8 ROM B . -9.82 4.35 4.74
H13 ROM B . -3.77 5.03 2.08
H10 ROM B . -10.51 6.75 7.38
H11 ROM B . -8.83 8.72 7.74
H142 ROM B . -2.00 4.86 3.49
H141 ROM B . -2.48 6.29 4.43
H172 ROM B . -3.60 2.11 5.68
H171 ROM B . -2.07 1.96 6.54
H18 ROM B . -3.16 3.60 8.26
H20 ROM B . -5.68 1.28 6.83
H24 ROM B . -4.83 5.27 8.09
H183 ROM B . -3.71 0.76 7.76
H182 ROM B . -2.59 1.45 8.83
H184 ROM B . -4.25 1.50 9.18
H232 ROM B . -7.67 6.22 8.62
N ALA A 1 -11.63 -11.49 9.43
CA ALA A 1 -11.50 -10.53 8.29
C ALA A 1 -10.89 -11.23 7.07
N PRO A 2 -10.94 -10.54 5.96
CA PRO A 2 -10.39 -11.09 4.70
C PRO A 2 -8.86 -11.10 4.74
N ALA A 3 -8.23 -11.37 3.62
CA ALA A 3 -6.74 -11.39 3.59
C ALA A 3 -6.21 -10.43 2.52
N PHE A 4 -4.93 -10.37 2.35
CA PHE A 4 -4.35 -9.45 1.33
C PHE A 4 -2.84 -9.73 1.18
N SER A 5 -2.40 -10.01 -0.02
CA SER A 5 -0.94 -10.28 -0.19
C SER A 5 -0.46 -9.78 -1.56
N VAL A 6 0.82 -9.51 -1.66
CA VAL A 6 1.39 -9.01 -2.95
C VAL A 6 2.38 -10.03 -3.49
N SER A 7 2.48 -10.18 -4.78
CA SER A 7 3.45 -11.18 -5.31
C SER A 7 4.87 -10.78 -4.85
N PRO A 8 5.32 -9.62 -5.27
CA PRO A 8 6.66 -9.17 -4.89
C PRO A 8 6.60 -8.47 -3.53
N ALA A 9 7.73 -8.27 -2.91
CA ALA A 9 7.74 -7.59 -1.57
C ALA A 9 9.17 -7.22 -1.19
N SER A 10 10.01 -7.00 -2.17
CA SER A 10 11.41 -6.64 -1.89
C SER A 10 12.16 -6.36 -3.19
N GLY A 11 13.26 -5.67 -3.12
CA GLY A 11 14.02 -5.37 -4.37
C GLY A 11 13.05 -4.86 -5.43
N LEU A 12 12.21 -3.93 -5.08
CA LEU A 12 11.23 -3.39 -6.06
C LEU A 12 11.88 -2.28 -6.89
N SER A 13 11.09 -1.47 -7.53
CA SER A 13 11.66 -0.36 -8.35
C SER A 13 10.69 0.82 -8.42
N ASP A 14 11.19 2.01 -8.57
CA ASP A 14 10.29 3.20 -8.64
C ASP A 14 9.46 3.15 -9.92
N GLY A 15 8.17 3.29 -9.80
CA GLY A 15 7.29 3.26 -11.01
C GLY A 15 6.90 1.82 -11.32
N GLN A 16 7.70 0.88 -10.89
CA GLN A 16 7.37 -0.56 -11.17
C GLN A 16 5.96 -0.89 -10.68
N SER A 17 5.36 -1.91 -11.22
CA SER A 17 3.98 -2.27 -10.79
C SER A 17 3.94 -3.74 -10.35
N VAL A 18 3.72 -3.97 -9.09
CA VAL A 18 3.66 -5.38 -8.59
C VAL A 18 2.29 -5.98 -8.87
N SER A 19 2.09 -7.22 -8.52
CA SER A 19 0.77 -7.87 -8.76
C SER A 19 0.15 -8.26 -7.42
N VAL A 20 -0.74 -7.45 -6.92
CA VAL A 20 -1.39 -7.78 -5.62
C VAL A 20 -2.56 -8.73 -5.83
N SER A 21 -3.07 -9.27 -4.77
CA SER A 21 -4.21 -10.21 -4.87
C SER A 21 -4.87 -10.35 -3.51
N VAL A 22 -6.06 -9.83 -3.35
CA VAL A 22 -6.75 -9.92 -2.05
C VAL A 22 -7.98 -10.83 -2.18
N SER A 23 -8.37 -11.45 -1.12
CA SER A 23 -9.56 -12.35 -1.17
C SER A 23 -10.37 -12.25 0.11
N GLY A 24 -11.54 -12.82 0.14
CA GLY A 24 -12.38 -12.75 1.36
C GLY A 24 -13.36 -11.58 1.24
N ALA A 25 -13.08 -10.67 0.35
CA ALA A 25 -13.98 -9.50 0.17
C ALA A 25 -15.21 -9.91 -0.64
N ALA A 26 -15.84 -8.99 -1.33
CA ALA A 26 -17.03 -9.36 -2.14
C ALA A 26 -17.19 -8.44 -3.35
N ALA A 27 -17.52 -9.00 -4.49
CA ALA A 27 -17.68 -8.17 -5.71
C ALA A 27 -18.64 -7.00 -5.44
N GLY A 28 -18.20 -5.81 -5.72
CA GLY A 28 -19.08 -4.64 -5.48
C GLY A 28 -18.46 -3.74 -4.41
N GLU A 29 -17.18 -3.88 -4.17
CA GLU A 29 -16.52 -3.02 -3.14
C GLU A 29 -15.18 -2.48 -3.67
N THR A 30 -14.77 -1.34 -3.19
CA THR A 30 -13.47 -0.76 -3.67
C THR A 30 -12.66 -0.23 -2.49
N TYR A 31 -11.50 -0.80 -2.25
CA TYR A 31 -10.66 -0.34 -1.12
C TYR A 31 -9.55 0.59 -1.63
N TYR A 32 -8.92 1.34 -0.76
CA TYR A 32 -7.84 2.25 -1.20
C TYR A 32 -6.47 1.72 -0.76
N ILE A 33 -5.54 1.59 -1.66
CA ILE A 33 -4.20 1.07 -1.27
C ILE A 33 -3.15 2.18 -1.44
N ALA A 34 -2.25 2.31 -0.50
CA ALA A 34 -1.21 3.37 -0.61
C ALA A 34 0.08 2.91 0.09
N GLN A 35 1.21 3.32 -0.42
CA GLN A 35 2.50 2.92 0.23
C GLN A 35 2.96 3.99 1.20
N CYS A 36 3.30 3.62 2.40
CA CYS A 36 3.76 4.64 3.39
C CYS A 36 4.92 4.08 4.23
N ALA A 37 5.63 4.93 4.93
CA ALA A 37 6.77 4.46 5.76
C ALA A 37 6.59 4.94 7.21
N PRO A 38 7.16 4.20 8.13
CA PRO A 38 7.06 4.57 9.56
C PRO A 38 7.92 5.80 9.88
N VAL A 39 7.71 6.40 11.02
CA VAL A 39 8.52 7.61 11.38
C VAL A 39 8.33 7.96 12.87
N GLY A 40 8.90 7.19 13.76
CA GLY A 40 8.75 7.49 15.22
C GLY A 40 7.59 6.68 15.80
N GLY A 41 6.49 6.60 15.10
CA GLY A 41 5.34 5.82 15.61
C GLY A 41 4.24 5.76 14.55
N GLN A 42 4.11 6.81 13.78
CA GLN A 42 3.07 6.81 12.72
C GLN A 42 3.70 6.48 11.38
N ASP A 43 3.09 6.85 10.29
CA ASP A 43 3.69 6.54 8.97
C ASP A 43 3.17 7.48 7.90
N ALA A 44 4.06 8.15 7.21
CA ALA A 44 3.63 9.10 6.15
C ALA A 44 3.44 8.34 4.83
N CYS A 45 2.34 8.54 4.17
CA CYS A 45 2.14 7.82 2.87
C CYS A 45 2.34 8.74 1.68
N ASN A 46 2.30 8.19 0.49
CA ASN A 46 2.48 9.04 -0.73
C ASN A 46 1.13 9.56 -1.24
N PRO A 47 1.06 10.84 -1.45
CA PRO A 47 -0.18 11.46 -1.93
C PRO A 47 -0.32 11.24 -3.45
N ALA A 48 0.76 10.92 -4.11
CA ALA A 48 0.70 10.70 -5.58
C ALA A 48 0.19 9.29 -5.88
N THR A 49 0.78 8.30 -5.28
CA THR A 49 0.32 6.90 -5.52
C THR A 49 -0.73 6.50 -4.49
N ALA A 50 -1.93 6.24 -4.93
CA ALA A 50 -3.00 5.85 -3.97
C ALA A 50 -4.28 5.52 -4.74
N THR A 51 -4.21 4.61 -5.67
CA THR A 51 -5.41 4.24 -6.46
C THR A 51 -6.27 3.24 -5.66
N SER A 52 -7.54 3.19 -5.94
CA SER A 52 -8.42 2.24 -5.21
C SER A 52 -8.71 1.02 -6.10
N PHE A 53 -8.66 -0.16 -5.54
CA PHE A 53 -8.93 -1.38 -6.36
C PHE A 53 -10.25 -2.03 -5.93
N THR A 54 -11.01 -2.53 -6.87
CA THR A 54 -12.30 -3.18 -6.51
C THR A 54 -12.18 -4.69 -6.67
N THR A 55 -12.86 -5.43 -5.85
CA THR A 55 -12.78 -6.91 -5.96
C THR A 55 -13.32 -7.37 -7.29
N ASP A 56 -13.33 -8.65 -7.52
CA ASP A 56 -13.84 -9.17 -8.81
C ASP A 56 -15.26 -9.68 -8.63
N ALA A 57 -15.75 -10.46 -9.54
CA ALA A 57 -17.13 -10.98 -9.40
C ALA A 57 -17.18 -11.95 -8.23
N SER A 58 -16.09 -12.62 -7.98
CA SER A 58 -16.07 -13.58 -6.84
C SER A 58 -15.64 -12.87 -5.56
N GLY A 59 -15.52 -11.56 -5.61
CA GLY A 59 -15.11 -10.79 -4.39
C GLY A 59 -13.59 -10.75 -4.26
N ALA A 60 -12.86 -11.32 -5.20
CA ALA A 60 -11.38 -11.31 -5.09
C ALA A 60 -10.80 -10.08 -5.81
N ALA A 61 -10.07 -9.26 -5.10
CA ALA A 61 -9.48 -8.04 -5.74
C ALA A 61 -8.04 -8.29 -6.22
N SER A 62 -7.87 -8.89 -7.37
CA SER A 62 -6.50 -9.16 -7.88
C SER A 62 -6.13 -8.10 -8.92
N PHE A 63 -4.96 -7.53 -8.85
CA PHE A 63 -4.59 -6.49 -9.85
C PHE A 63 -3.13 -6.07 -9.69
N SER A 64 -2.70 -5.15 -10.51
CA SER A 64 -1.29 -4.66 -10.42
C SER A 64 -1.25 -3.29 -9.73
N PHE A 65 -0.37 -3.12 -8.78
CA PHE A 65 -0.28 -1.81 -8.07
C PHE A 65 1.10 -1.19 -8.28
N VAL A 66 1.17 0.10 -8.49
CA VAL A 66 2.50 0.75 -8.70
C VAL A 66 3.17 1.07 -7.36
N VAL A 67 4.45 1.29 -7.38
CA VAL A 67 5.18 1.62 -6.13
C VAL A 67 6.17 2.76 -6.39
N ARG A 68 6.89 3.20 -5.39
CA ARG A 68 7.86 4.30 -5.60
C ARG A 68 9.02 4.19 -4.61
N LYS A 69 10.17 3.78 -5.08
CA LYS A 69 11.36 3.63 -4.21
C LYS A 69 11.45 4.75 -3.16
N SER A 70 11.51 5.99 -3.58
CA SER A 70 11.60 7.10 -2.59
C SER A 70 10.44 8.10 -2.76
N TYR A 71 10.19 8.88 -1.73
CA TYR A 71 9.08 9.88 -1.82
C TYR A 71 9.04 10.69 -0.52
N THR A 72 8.49 11.88 -0.55
CA THR A 72 8.43 12.69 0.68
C THR A 72 7.30 12.19 1.58
N GLY A 73 7.57 12.01 2.85
CA GLY A 73 6.51 11.52 3.77
C GLY A 73 5.59 12.67 4.15
N SER A 74 4.34 12.38 4.38
CA SER A 74 3.38 13.45 4.75
C SER A 74 1.98 12.86 4.92
N THR A 75 1.43 12.94 6.11
CA THR A 75 0.07 12.39 6.34
C THR A 75 -0.87 12.74 5.18
N PRO A 76 -1.99 12.06 5.12
CA PRO A 76 -2.98 12.29 4.05
C PRO A 76 -3.62 13.68 4.21
N GLU A 77 -3.55 14.25 5.38
CA GLU A 77 -4.16 15.60 5.60
C GLU A 77 -4.02 16.00 7.06
N GLY A 78 -2.93 16.61 7.43
CA GLY A 78 -2.75 17.02 8.84
C GLY A 78 -1.45 17.83 8.98
N THR A 79 -0.32 17.17 8.95
CA THR A 79 0.98 17.91 9.09
C THR A 79 2.08 17.17 8.31
N PRO A 80 3.07 17.92 7.89
CA PRO A 80 4.19 17.33 7.14
C PRO A 80 5.02 16.41 8.04
N VAL A 81 5.26 15.21 7.60
CA VAL A 81 6.05 14.25 8.43
C VAL A 81 7.54 14.34 8.06
N GLY A 82 7.85 14.72 6.85
CA GLY A 82 9.27 14.83 6.44
C GLY A 82 9.48 14.11 5.09
N SER A 83 10.69 13.69 4.81
CA SER A 83 10.94 12.98 3.52
C SER A 83 11.28 11.51 3.79
N VAL A 84 11.22 10.67 2.79
CA VAL A 84 11.55 9.22 3.02
C VAL A 84 12.33 8.65 1.82
N ASP A 85 13.00 7.54 2.01
CA ASP A 85 13.78 6.93 0.91
C ASP A 85 13.98 5.43 1.17
N CYS A 86 13.31 4.59 0.43
CA CYS A 86 13.46 3.12 0.64
C CYS A 86 14.76 2.61 0.01
N ALA A 87 15.57 3.47 -0.55
CA ALA A 87 16.84 3.01 -1.18
C ALA A 87 17.54 2.06 -0.21
N THR A 88 17.52 2.40 1.04
CA THR A 88 18.17 1.55 2.06
C THR A 88 17.26 1.46 3.30
N ALA A 89 16.07 2.00 3.21
CA ALA A 89 15.13 1.95 4.35
C ALA A 89 14.06 0.90 4.11
N ALA A 90 13.17 0.74 5.04
CA ALA A 90 12.09 -0.28 4.86
C ALA A 90 10.73 0.41 4.75
N CYS A 91 9.97 0.06 3.75
CA CYS A 91 8.63 0.70 3.57
C CYS A 91 7.52 -0.33 3.84
N ASN A 92 6.29 0.10 3.90
CA ASN A 92 5.19 -0.86 4.16
C ASN A 92 3.92 -0.44 3.41
N LEU A 93 3.27 -1.37 2.76
CA LEU A 93 2.03 -1.04 2.02
C LEU A 93 0.81 -1.35 2.87
N GLY A 94 -0.20 -0.51 2.81
CA GLY A 94 -1.42 -0.77 3.63
C GLY A 94 -2.65 -0.67 2.74
N ALA A 95 -3.58 -1.57 2.90
CA ALA A 95 -4.82 -1.52 2.05
C ALA A 95 -6.07 -1.47 2.95
N GLY A 96 -7.16 -0.93 2.44
CA GLY A 96 -8.40 -0.87 3.27
C GLY A 96 -9.14 0.44 2.97
N ASN A 97 -10.45 0.40 2.90
CA ASN A 97 -11.23 1.65 2.61
C ASN A 97 -11.58 2.37 3.92
N SER A 98 -12.67 3.09 3.94
CA SER A 98 -13.05 3.81 5.19
C SER A 98 -13.81 2.88 6.14
N GLY A 99 -13.57 1.60 6.08
CA GLY A 99 -14.28 0.66 6.99
C GLY A 99 -13.69 -0.75 6.85
N LEU A 100 -14.05 -1.46 5.82
CA LEU A 100 -13.50 -2.84 5.64
C LEU A 100 -11.99 -2.79 5.41
N ASP A 101 -11.23 -3.31 6.34
CA ASP A 101 -9.75 -3.29 6.19
C ASP A 101 -9.27 -4.59 5.53
N LEU A 102 -8.00 -4.69 5.24
CA LEU A 102 -7.48 -5.94 4.59
C LEU A 102 -6.22 -6.42 5.31
N GLY A 103 -5.11 -5.76 5.10
CA GLY A 103 -3.85 -6.19 5.78
C GLY A 103 -2.74 -5.18 5.50
N HIS A 104 -1.57 -5.43 6.00
CA HIS A 104 -0.45 -4.48 5.78
C HIS A 104 0.80 -5.24 5.30
N VAL A 105 1.15 -5.10 4.05
CA VAL A 105 2.35 -5.82 3.53
C VAL A 105 3.61 -4.98 3.75
N ALA A 106 4.75 -5.53 3.48
CA ALA A 106 6.01 -4.76 3.66
C ALA A 106 6.81 -4.75 2.35
N LEU A 107 7.29 -3.61 1.95
CA LEU A 107 8.08 -3.54 0.67
C LEU A 107 9.57 -3.33 0.97
N THR A 108 10.40 -3.37 -0.04
CA THR A 108 11.86 -3.17 0.18
C THR A 108 12.55 -2.91 -1.15
N PHE A 109 13.32 -1.87 -1.25
CA PHE A 109 14.01 -1.58 -2.54
C PHE A 109 15.51 -1.91 -2.41
N GLY A 110 16.06 -2.60 -3.37
CA GLY A 110 17.50 -2.95 -3.30
C GLY A 110 17.67 -4.30 -2.58
C1' ROM B . -11.19 7.46 2.97
C2' ROM B . -11.96 7.00 1.74
C3' ROM B . -11.66 7.95 0.60
C4' ROM B . -12.07 9.38 1.03
C5' ROM B . -11.33 9.75 2.33
O5' ROM B . -11.56 8.78 3.34
O2' ROM B . -11.55 5.68 1.39
O3' ROM B . -10.28 7.92 0.30
N4' ROM B . -11.86 10.40 -0.03
C6D ROM B . -11.83 11.11 2.80
O9 ROM B . -11.44 6.60 4.07
C6B ROM B . -9.83 9.86 2.04
C4D ROM B . -10.90 9.97 -1.06
C4B ROM B . -13.13 10.78 -0.63
C'8 ROM B . -2.68 9.63 1.42
C'7 ROM B . -2.69 10.88 0.81
C'6 ROM B . -3.61 11.15 -0.19
C'5 ROM B . -4.50 10.17 -0.58
C15 ROM B . -4.47 8.91 0.02
C'9 ROM B . -3.56 8.65 1.01
O'7 ROM B . -1.79 11.87 1.20
C1A ROM B . -3.50 7.32 1.62
O'4 ROM B . -5.42 10.44 -1.59
C'3 ROM B . -6.14 9.42 -2.12
C'2 ROM B . -6.08 8.09 -1.48
N'1 ROM B . -5.37 7.94 -0.37
C1B ROM B . -6.89 9.64 -3.21
O'2 ROM B . -6.68 7.16 -1.97
O13 ROM B . -4.63 7.06 2.24
C7X ROM B . -0.49 11.32 1.20
O11 ROM B . -2.56 6.56 1.57
C3 ROM B . -6.92 6.60 3.69
C2 ROM B . -8.12 6.32 4.29
C7 ROM B . -8.52 5.09 4.60
C6 ROM B . -7.73 4.01 4.33
C5 ROM B . -6.49 4.22 3.71
C4 ROM B . -6.07 5.53 3.39
C1 ROM B . -9.12 7.25 4.68
C12 ROM B . -8.96 8.38 5.31
C9 ROM B . -10.39 6.52 5.07
C8 ROM B . -9.91 5.06 5.29
C13 ROM B . -4.72 5.75 2.80
C10 ROM B . -10.71 7.39 6.24
C11 ROM B . -9.89 8.48 6.29
C14 ROM B . -3.61 5.57 3.84
O15 ROM B . -4.12 4.84 4.95
C16 ROM B . -3.45 4.94 6.08
C17 ROM B . -3.55 3.70 6.98
C18 ROM B . -4.41 4.04 8.21
C20 ROM B . -6.62 3.14 7.47
C21 ROM B . -7.93 3.32 7.12
C22 ROM B . -8.53 4.55 7.13
C23 ROM B . -7.77 5.65 7.51
C24 ROM B . -6.44 5.49 7.87
C19 ROM B . -5.86 4.22 7.85
O25 ROM B . -9.85 4.71 6.71
N18 ROM B . -4.21 2.89 9.12
O23 ROM B . -8.35 6.90 7.55
CL21 ROM B . -8.86 1.94 6.66
O16 ROM B . -2.79 5.91 6.40
H1' ROM B . -10.14 7.43 2.75
H2' ROM B . -13.02 7.01 1.96
H3' ROM B . -12.24 7.66 -0.27
H4' ROM B . -13.13 9.37 1.25
H2'2 ROM B . -11.46 5.18 2.20
H3'2 ROM B . -10.18 7.71 -0.63
H6B1 ROM B . -12.89 11.19 2.60
H6B3 ROM B . -11.65 11.22 3.86
H6B2 ROM B . -11.30 11.89 2.26
H6A1 ROM B . -9.67 10.45 1.15
H6A3 ROM B . -9.34 10.36 2.87
H6A2 ROM B . -9.40 8.88 1.92
H4B1 ROM B . -10.85 10.74 -1.81
H4B3 ROM B . -9.94 9.81 -0.59
H4B2 ROM B . -11.26 9.05 -1.49
H4A1 ROM B . -13.79 9.91 -0.63
H4A3 ROM B . -13.56 11.58 -0.05
H4A2 ROM B . -12.95 11.10 -1.65
H'8 ROM B . -1.96 9.42 2.20
H'6 ROM B . -3.63 12.12 -0.65
H'1 ROM B . -5.47 7.14 0.17
H3A1 ROM B . -6.48 10.12 -4.07
H3A2 ROM B . -7.93 9.33 -3.22
H7A1 ROM B . -0.35 10.72 2.09
H7A3 ROM B . -0.36 10.71 0.32
H7A2 ROM B . 0.24 12.12 1.19
H3 ROM B . -6.64 7.61 3.46
H6 ROM B . -8.04 3.01 4.58
H5 ROM B . -5.86 3.38 3.46
H12 ROM B . -8.21 9.12 5.10
H8 ROM B . -10.56 4.39 4.77
H13 ROM B . -4.56 5.05 1.99
H10 ROM B . -11.48 7.15 6.94
H11 ROM B . -9.97 9.28 6.98
H142 ROM B . -2.79 5.02 3.41
H141 ROM B . -3.27 6.53 4.19
H172 ROM B . -4.02 2.90 6.43
H171 ROM B . -2.57 3.40 7.30
H18 ROM B . -4.05 4.94 8.66
H20 ROM B . -6.18 2.16 7.45
H24 ROM B . -5.86 6.35 8.17
H183 ROM B . -4.40 2.00 8.61
H182 ROM B . -3.23 2.88 9.47
H184 ROM B . -4.86 2.97 9.93
H232 ROM B . -8.55 7.13 8.46
N ALA A 1 -11.31 -14.01 8.59
CA ALA A 1 -10.98 -12.62 8.16
C ALA A 1 -10.39 -12.63 6.75
N PRO A 2 -10.45 -11.50 6.11
CA PRO A 2 -9.93 -11.37 4.73
C PRO A 2 -8.40 -11.42 4.73
N ALA A 3 -7.77 -11.10 3.63
CA ALA A 3 -6.28 -11.13 3.59
C ALA A 3 -5.76 -10.32 2.41
N PHE A 4 -4.59 -9.75 2.56
CA PHE A 4 -4.00 -8.94 1.45
C PHE A 4 -2.59 -9.44 1.15
N SER A 5 -2.32 -9.85 -0.07
CA SER A 5 -0.94 -10.34 -0.36
C SER A 5 -0.47 -9.93 -1.77
N VAL A 6 0.82 -9.90 -1.95
CA VAL A 6 1.41 -9.50 -3.27
C VAL A 6 2.33 -10.61 -3.76
N SER A 7 2.66 -10.65 -5.03
CA SER A 7 3.57 -11.74 -5.51
C SER A 7 4.97 -11.61 -4.86
N PRO A 8 5.71 -10.54 -5.16
CA PRO A 8 7.04 -10.38 -4.57
C PRO A 8 6.93 -9.53 -3.30
N ALA A 9 8.04 -9.13 -2.73
CA ALA A 9 8.00 -8.30 -1.49
C ALA A 9 9.40 -8.16 -0.89
N SER A 10 10.41 -8.12 -1.71
CA SER A 10 11.80 -7.98 -1.19
C SER A 10 12.77 -7.73 -2.34
N GLY A 11 13.94 -7.22 -2.06
CA GLY A 11 14.91 -6.95 -3.16
C GLY A 11 14.18 -6.27 -4.31
N LEU A 12 13.34 -5.31 -4.01
CA LEU A 12 12.59 -4.60 -5.09
C LEU A 12 13.42 -3.47 -5.70
N SER A 13 12.80 -2.63 -6.46
CA SER A 13 13.52 -1.50 -7.10
C SER A 13 12.49 -0.44 -7.53
N ASP A 14 12.82 0.81 -7.42
CA ASP A 14 11.85 1.88 -7.82
C ASP A 14 11.34 1.62 -9.25
N GLY A 15 10.09 1.90 -9.51
CA GLY A 15 9.52 1.67 -10.87
C GLY A 15 8.99 0.24 -11.00
N GLN A 16 9.53 -0.65 -10.24
CA GLN A 16 9.07 -2.08 -10.31
C GLN A 16 7.58 -2.19 -9.97
N SER A 17 6.85 -2.98 -10.71
CA SER A 17 5.40 -3.15 -10.43
C SER A 17 5.12 -4.57 -9.94
N VAL A 18 4.56 -4.71 -8.78
CA VAL A 18 4.26 -6.08 -8.25
C VAL A 18 2.78 -6.42 -8.44
N SER A 19 2.46 -7.68 -8.54
CA SER A 19 1.04 -8.08 -8.72
C SER A 19 0.36 -8.25 -7.37
N VAL A 20 -0.42 -7.29 -6.97
CA VAL A 20 -1.11 -7.40 -5.64
C VAL A 20 -2.49 -8.04 -5.81
N SER A 21 -3.13 -8.38 -4.73
CA SER A 21 -4.47 -9.00 -4.82
C SER A 21 -5.10 -9.14 -3.43
N VAL A 22 -6.21 -8.49 -3.21
CA VAL A 22 -6.88 -8.59 -1.89
C VAL A 22 -8.03 -9.59 -1.96
N SER A 23 -8.42 -10.13 -0.84
CA SER A 23 -9.54 -11.11 -0.86
C SER A 23 -10.27 -11.11 0.49
N GLY A 24 -11.40 -11.75 0.57
CA GLY A 24 -12.16 -11.76 1.85
C GLY A 24 -13.10 -10.56 1.93
N ALA A 25 -12.80 -9.52 1.20
CA ALA A 25 -13.68 -8.31 1.24
C ALA A 25 -15.09 -8.68 0.72
N ALA A 26 -15.83 -7.72 0.24
CA ALA A 26 -17.21 -8.03 -0.27
C ALA A 26 -17.63 -7.03 -1.35
N ALA A 27 -18.25 -7.51 -2.39
CA ALA A 27 -18.70 -6.61 -3.49
C ALA A 27 -19.63 -5.54 -2.94
N GLY A 28 -19.46 -4.33 -3.38
CA GLY A 28 -20.34 -3.23 -2.89
C GLY A 28 -19.50 -2.21 -2.12
N GLU A 29 -18.20 -2.38 -2.09
CA GLU A 29 -17.34 -1.42 -1.35
C GLU A 29 -16.00 -1.25 -2.06
N THR A 30 -15.38 -0.10 -1.90
CA THR A 30 -14.07 0.14 -2.56
C THR A 30 -12.98 0.37 -1.51
N TYR A 31 -11.88 -0.31 -1.62
CA TYR A 31 -10.79 -0.13 -0.63
C TYR A 31 -9.69 0.76 -1.20
N TYR A 32 -8.73 1.11 -0.39
CA TYR A 32 -7.63 1.98 -0.89
C TYR A 32 -6.29 1.37 -0.49
N ILE A 33 -5.55 0.86 -1.45
CA ILE A 33 -4.23 0.25 -1.13
C ILE A 33 -3.13 1.28 -1.38
N ALA A 34 -2.16 1.36 -0.50
CA ALA A 34 -1.07 2.36 -0.72
C ALA A 34 0.19 1.97 0.09
N GLN A 35 1.33 2.42 -0.35
CA GLN A 35 2.59 2.10 0.38
C GLN A 35 2.97 3.28 1.27
N CYS A 36 3.29 3.03 2.52
CA CYS A 36 3.67 4.15 3.42
C CYS A 36 4.84 3.76 4.31
N ALA A 37 5.55 4.73 4.83
CA ALA A 37 6.72 4.44 5.71
C ALA A 37 6.70 5.38 6.92
N PRO A 38 7.25 4.91 8.00
CA PRO A 38 7.29 5.73 9.24
C PRO A 38 8.26 6.90 9.09
N VAL A 39 8.16 7.88 9.95
CA VAL A 39 9.08 9.06 9.86
C VAL A 39 9.55 9.47 11.26
N GLY A 40 10.24 8.61 11.93
CA GLY A 40 10.75 8.93 13.31
C GLY A 40 9.67 9.69 14.09
N GLY A 41 8.42 9.47 13.78
CA GLY A 41 7.34 10.19 14.50
C GLY A 41 6.00 9.48 14.26
N GLN A 42 5.40 9.70 13.13
CA GLN A 42 4.09 9.04 12.84
C GLN A 42 4.19 8.21 11.54
N ASP A 43 3.12 8.14 10.80
CA ASP A 43 3.16 7.36 9.52
C ASP A 43 2.80 8.26 8.33
N ALA A 44 3.49 8.09 7.23
CA ALA A 44 3.21 8.92 6.02
C ALA A 44 3.10 8.01 4.79
N CYS A 45 2.20 8.31 3.89
CA CYS A 45 2.06 7.43 2.67
C CYS A 45 2.21 8.27 1.39
N ASN A 46 2.40 7.60 0.27
CA ASN A 46 2.55 8.35 -1.02
C ASN A 46 1.18 8.53 -1.68
N PRO A 47 0.88 9.76 -2.03
CA PRO A 47 -0.41 10.07 -2.67
C PRO A 47 -0.35 9.80 -4.18
N ALA A 48 0.77 10.00 -4.79
CA ALA A 48 0.89 9.76 -6.26
C ALA A 48 0.66 8.28 -6.59
N THR A 49 0.96 7.40 -5.67
CA THR A 49 0.75 5.94 -5.94
C THR A 49 -0.52 5.44 -5.24
N ALA A 50 -1.21 6.32 -4.56
CA ALA A 50 -2.45 5.88 -3.86
C ALA A 50 -3.54 5.52 -4.87
N THR A 51 -4.06 4.32 -4.81
CA THR A 51 -5.12 3.92 -5.79
C THR A 51 -6.24 3.16 -5.07
N SER A 52 -7.46 3.31 -5.55
CA SER A 52 -8.60 2.60 -4.90
C SER A 52 -9.12 1.49 -5.82
N PHE A 53 -9.62 0.43 -5.27
CA PHE A 53 -10.14 -0.68 -6.13
C PHE A 53 -11.39 -1.29 -5.49
N THR A 54 -12.44 -1.46 -6.26
CA THR A 54 -13.68 -2.06 -5.71
C THR A 54 -13.67 -3.57 -5.87
N THR A 55 -14.30 -4.28 -4.98
CA THR A 55 -14.31 -5.78 -5.09
C THR A 55 -15.43 -6.22 -6.02
N ASP A 56 -15.43 -7.47 -6.40
CA ASP A 56 -16.48 -7.98 -7.31
C ASP A 56 -17.44 -8.89 -6.54
N ALA A 57 -18.19 -9.72 -7.21
CA ALA A 57 -19.12 -10.62 -6.50
C ALA A 57 -18.35 -11.62 -5.63
N SER A 58 -17.09 -11.80 -5.90
CA SER A 58 -16.28 -12.75 -5.09
C SER A 58 -15.48 -11.99 -4.03
N GLY A 59 -15.84 -10.76 -3.80
CA GLY A 59 -15.10 -9.95 -2.78
C GLY A 59 -13.59 -10.15 -2.97
N ALA A 60 -13.15 -10.28 -4.19
CA ALA A 60 -11.69 -10.48 -4.44
C ALA A 60 -11.21 -9.60 -5.60
N ALA A 61 -10.10 -8.94 -5.44
CA ALA A 61 -9.59 -8.07 -6.54
C ALA A 61 -8.08 -8.27 -6.73
N SER A 62 -7.61 -8.13 -7.93
CA SER A 62 -6.16 -8.31 -8.19
C SER A 62 -5.71 -7.28 -9.24
N PHE A 63 -4.64 -6.58 -8.99
CA PHE A 63 -4.18 -5.57 -9.98
C PHE A 63 -2.67 -5.35 -9.88
N SER A 64 -2.13 -4.55 -10.75
CA SER A 64 -0.66 -4.28 -10.71
C SER A 64 -0.40 -2.94 -10.01
N PHE A 65 0.43 -2.94 -9.00
CA PHE A 65 0.73 -1.67 -8.28
C PHE A 65 2.24 -1.39 -8.33
N VAL A 66 2.62 -0.23 -8.76
CA VAL A 66 4.08 0.11 -8.83
C VAL A 66 4.58 0.61 -7.48
N VAL A 67 5.86 0.63 -7.29
CA VAL A 67 6.43 1.10 -5.99
C VAL A 67 7.53 2.13 -6.24
N ARG A 68 7.95 2.82 -5.22
CA ARG A 68 9.02 3.83 -5.41
C ARG A 68 9.98 3.82 -4.22
N LYS A 69 11.17 3.31 -4.42
CA LYS A 69 12.16 3.25 -3.32
C LYS A 69 12.22 4.59 -2.56
N SER A 70 11.81 5.66 -3.19
CA SER A 70 11.85 6.99 -2.49
C SER A 70 10.67 7.86 -2.95
N TYR A 71 10.13 8.65 -2.06
CA TYR A 71 8.99 9.53 -2.44
C TYR A 71 8.59 10.41 -1.25
N THR A 72 7.83 11.44 -1.49
CA THR A 72 7.42 12.32 -0.35
C THR A 72 6.28 11.68 0.43
N GLY A 73 6.47 11.48 1.71
CA GLY A 73 5.40 10.84 2.53
C GLY A 73 4.35 11.90 2.89
N SER A 74 3.16 11.48 3.22
CA SER A 74 2.08 12.45 3.58
C SER A 74 0.79 11.70 3.90
N THR A 75 0.29 11.86 5.09
CA THR A 75 -0.98 11.16 5.46
C THR A 75 -2.00 11.27 4.33
N PRO A 76 -2.87 10.30 4.26
CA PRO A 76 -3.92 10.28 3.21
C PRO A 76 -4.90 11.43 3.39
N GLU A 77 -5.36 11.66 4.60
CA GLU A 77 -6.32 12.77 4.83
C GLU A 77 -6.25 13.23 6.29
N GLY A 78 -5.40 14.17 6.59
CA GLY A 78 -5.28 14.66 7.99
C GLY A 78 -3.88 15.23 8.22
N THR A 79 -3.62 16.39 7.70
CA THR A 79 -2.27 17.01 7.90
C THR A 79 -1.17 16.08 7.32
N PRO A 80 -0.36 16.63 6.47
CA PRO A 80 0.74 15.84 5.84
C PRO A 80 1.82 15.50 6.88
N VAL A 81 2.97 15.06 6.44
CA VAL A 81 4.05 14.72 7.39
C VAL A 81 5.41 15.19 6.86
N GLY A 82 6.08 14.38 6.10
CA GLY A 82 7.41 14.81 5.55
C GLY A 82 7.80 13.91 4.37
N SER A 83 9.04 13.98 3.95
CA SER A 83 9.49 13.14 2.81
C SER A 83 9.84 11.73 3.29
N VAL A 84 10.09 10.83 2.39
CA VAL A 84 10.43 9.43 2.80
C VAL A 84 11.48 8.84 1.86
N ASP A 85 12.16 7.81 2.28
CA ASP A 85 13.21 7.19 1.42
C ASP A 85 13.57 5.80 1.93
N CYS A 86 12.99 4.77 1.36
CA CYS A 86 13.31 3.38 1.82
C CYS A 86 14.82 3.18 1.96
N ALA A 87 15.60 3.93 1.23
CA ALA A 87 17.09 3.77 1.33
C ALA A 87 17.51 3.85 2.79
N THR A 88 17.04 4.84 3.49
CA THR A 88 17.41 4.98 4.93
C THR A 88 16.18 4.70 5.81
N ALA A 89 15.11 4.25 5.21
CA ALA A 89 13.89 3.94 6.00
C ALA A 89 13.25 2.63 5.52
N ALA A 90 12.38 2.06 6.31
CA ALA A 90 11.72 0.79 5.89
C ALA A 90 10.29 1.07 5.45
N CYS A 91 9.93 0.71 4.25
CA CYS A 91 8.54 0.97 3.77
C CYS A 91 7.69 -0.29 3.88
N ASN A 92 6.39 -0.14 3.82
CA ASN A 92 5.49 -1.30 3.91
C ASN A 92 4.23 -1.04 3.08
N LEU A 93 3.29 -1.93 3.10
CA LEU A 93 2.05 -1.72 2.30
C LEU A 93 0.83 -2.07 3.16
N GLY A 94 -0.25 -1.38 2.97
CA GLY A 94 -1.46 -1.69 3.78
C GLY A 94 -2.72 -1.43 2.97
N ALA A 95 -3.73 -2.25 3.16
CA ALA A 95 -5.00 -2.05 2.40
C ALA A 95 -6.17 -1.97 3.38
N GLY A 96 -7.34 -1.69 2.88
CA GLY A 96 -8.53 -1.60 3.79
C GLY A 96 -9.36 -0.37 3.42
N ASN A 97 -10.52 -0.24 3.99
CA ASN A 97 -11.38 0.93 3.67
C ASN A 97 -11.69 1.72 4.95
N SER A 98 -12.91 2.17 5.10
CA SER A 98 -13.27 2.94 6.33
C SER A 98 -12.81 2.20 7.59
N GLY A 99 -12.99 0.90 7.63
CA GLY A 99 -12.56 0.14 8.84
C GLY A 99 -12.84 -1.36 8.62
N LEU A 100 -12.04 -2.01 7.82
CA LEU A 100 -12.25 -3.45 7.56
C LEU A 100 -10.97 -4.25 7.89
N ASP A 101 -9.83 -3.61 7.76
CA ASP A 101 -8.55 -4.33 8.06
C ASP A 101 -8.34 -5.48 7.07
N LEU A 102 -7.54 -5.26 6.06
CA LEU A 102 -7.29 -6.33 5.05
C LEU A 102 -5.98 -7.04 5.36
N GLY A 103 -4.87 -6.39 5.14
CA GLY A 103 -3.56 -7.05 5.42
C GLY A 103 -2.43 -6.04 5.19
N HIS A 104 -1.22 -6.40 5.55
CA HIS A 104 -0.08 -5.47 5.37
C HIS A 104 1.11 -6.22 4.74
N VAL A 105 1.66 -5.70 3.69
CA VAL A 105 2.82 -6.39 3.03
C VAL A 105 4.08 -5.52 3.18
N ALA A 106 5.09 -6.04 3.84
CA ALA A 106 6.34 -5.24 4.01
C ALA A 106 7.18 -5.33 2.74
N LEU A 107 7.91 -4.29 2.42
CA LEU A 107 8.75 -4.31 1.19
C LEU A 107 10.22 -4.12 1.56
N THR A 108 11.11 -4.43 0.66
CA THR A 108 12.56 -4.26 0.96
C THR A 108 13.34 -4.05 -0.34
N PHE A 109 13.64 -2.81 -0.66
CA PHE A 109 14.39 -2.54 -1.91
C PHE A 109 15.83 -3.06 -1.78
N GLY A 110 16.16 -4.07 -2.51
CA GLY A 110 17.54 -4.63 -2.44
C GLY A 110 18.38 -4.10 -3.61
C1' ROM B . -11.15 7.04 3.84
C2' ROM B . -12.03 6.51 2.73
C3' ROM B . -11.86 7.44 1.53
C4' ROM B . -12.26 8.88 1.94
C5' ROM B . -11.48 9.30 3.21
O5' ROM B . -11.59 8.32 4.24
O2' ROM B . -11.61 5.20 2.38
O3' ROM B . -10.51 7.40 1.09
N4' ROM B . -12.10 9.89 0.86
C6D ROM B . -12.06 10.63 3.71
O9 ROM B . -11.21 6.18 4.98
C6B ROM B . -10.00 9.53 2.86
C4D ROM B . -11.22 9.43 -0.23
C4B ROM B . -13.41 10.27 0.32
C'8 ROM B . -3.02 8.29 0.46
C'7 ROM B . -2.64 9.52 -0.05
C'6 ROM B . -3.50 10.21 -0.91
C'5 ROM B . -4.72 9.66 -1.24
C15 ROM B . -5.11 8.43 -0.73
C'9 ROM B . -4.25 7.74 0.12
O'7 ROM B . -1.40 10.05 0.26
C1A ROM B . -4.63 6.43 0.61
O'4 ROM B . -5.58 10.34 -2.10
C'3 ROM B . -6.72 9.76 -2.51
C'2 ROM B . -7.06 8.42 -2.00
N'1 ROM B . -6.32 7.88 -1.05
C1B ROM B . -7.54 10.40 -3.35
O'2 ROM B . -8.01 7.82 -2.47
O13 ROM B . -4.89 6.49 1.90
C7X ROM B . -1.57 11.35 0.74
O11 ROM B . -4.70 5.40 -0.03
C3 ROM B . -6.82 6.12 3.84
C2 ROM B . -7.91 5.86 4.61
C7 ROM B . -8.26 4.64 4.98
C6 ROM B . -7.53 3.55 4.59
C5 ROM B . -6.40 3.75 3.80
C4 ROM B . -6.03 5.05 3.42
C1 ROM B . -8.82 6.80 5.18
C12 ROM B . -8.53 7.93 5.79
C9 ROM B . -10.00 6.09 5.78
C8 ROM B . -9.51 4.62 5.91
C13 ROM B . -4.78 5.28 2.63
C10 ROM B . -10.09 6.94 7.00
C11 ROM B . -9.25 8.00 6.92
C14 ROM B . -3.54 5.33 3.52
O15 ROM B . -3.76 4.52 4.68
C16 ROM B . -2.80 3.67 4.98
C17 ROM B . -3.17 2.67 6.10
C18 ROM B . -3.57 3.44 7.37
C20 ROM B . -5.92 2.59 7.27
C21 ROM B . -7.26 2.82 7.27
C22 ROM B . -7.80 4.08 7.43
C23 ROM B . -6.95 5.14 7.61
C24 ROM B . -5.57 4.94 7.61
C19 ROM B . -5.05 3.66 7.43
O25 ROM B . -9.18 4.28 7.29
N18 ROM B . -3.08 2.57 8.48
O23 ROM B . -7.46 6.41 7.79
CL21 ROM B . -8.34 1.48 7.08
O16 ROM B . -1.71 3.64 4.45
H1' ROM B . -10.14 7.10 3.50
H2' ROM B . -13.05 6.50 3.04
H3' ROM B . -12.50 7.10 0.73
H4' ROM B . -13.31 8.87 2.19
H2'2 ROM B . -10.65 5.16 2.46
H3'2 ROM B . -10.48 6.93 0.27
H6B1 ROM B . -11.60 11.44 3.19
H6B3 ROM B . -13.13 10.63 3.54
H6B2 ROM B . -11.87 10.73 4.78
H6A1 ROM B . -9.79 10.59 2.89
H6A3 ROM B . -9.38 9.03 3.59
H6A2 ROM B . -9.80 9.14 1.89
H4B1 ROM B . -10.21 9.38 0.15
H4B3 ROM B . -11.55 8.46 -0.56
H4B2 ROM B . -11.28 10.15 -1.04
H4A1 ROM B . -14.10 10.34 1.13
H4A3 ROM B . -13.30 11.22 -0.18
H4A2 ROM B . -13.72 9.51 -0.38
H'8 ROM B . -2.37 7.77 1.15
H'6 ROM B . -3.21 11.17 -1.31
H'1 ROM B . -6.64 7.09 -0.57
H3A1 ROM B . -8.31 9.87 -3.88
H3A2 ROM B . -7.43 11.46 -3.53
H7A1 ROM B . -0.60 11.83 0.85
H7A3 ROM B . -2.17 11.93 0.05
H7A2 ROM B . -2.05 11.33 1.70
H3 ROM B . -6.58 7.13 3.55
H6 ROM B . -7.82 2.55 4.89
H5 ROM B . -5.81 2.90 3.49
H12 ROM B . -7.82 8.65 5.46
H8 ROM B . -10.25 3.95 5.51
H13 ROM B . -4.67 4.47 1.90
H10 ROM B . -10.75 6.69 7.82
H11 ROM B . -9.19 8.80 7.64
H142 ROM B . -2.69 4.95 3.00
H141 ROM B . -3.36 6.34 3.84
H172 ROM B . -4.00 2.06 5.77
H171 ROM B . -2.32 2.04 6.31
H18 ROM B . -3.06 4.38 7.39
H20 ROM B . -5.52 1.60 7.15
H24 ROM B . -4.91 5.78 7.74
H183 ROM B . -2.90 3.17 9.32
H182 ROM B . -3.81 1.86 8.71
H184 ROM B . -2.21 2.10 8.19
H232 ROM B . -7.14 6.76 8.62
N ALA A 1 -12.94 -14.00 7.39
CA ALA A 1 -11.59 -13.34 7.45
C ALA A 1 -10.99 -13.25 6.06
N PRO A 2 -10.95 -12.06 5.53
CA PRO A 2 -10.38 -11.84 4.19
C PRO A 2 -8.85 -12.02 4.22
N ALA A 3 -8.16 -11.48 3.25
CA ALA A 3 -6.68 -11.63 3.25
C ALA A 3 -6.07 -10.89 2.05
N PHE A 4 -5.09 -10.07 2.30
CA PHE A 4 -4.44 -9.31 1.20
C PHE A 4 -3.00 -9.81 1.00
N SER A 5 -2.63 -10.15 -0.21
CA SER A 5 -1.23 -10.65 -0.42
C SER A 5 -0.65 -10.17 -1.76
N VAL A 6 0.64 -10.21 -1.89
CA VAL A 6 1.31 -9.78 -3.16
C VAL A 6 2.30 -10.84 -3.62
N SER A 7 2.74 -10.78 -4.84
CA SER A 7 3.71 -11.80 -5.32
C SER A 7 5.11 -11.49 -4.75
N PRO A 8 5.78 -10.47 -5.27
CA PRO A 8 7.12 -10.12 -4.76
C PRO A 8 6.98 -9.33 -3.46
N ALA A 9 8.06 -8.94 -2.86
CA ALA A 9 7.98 -8.16 -1.57
C ALA A 9 9.38 -7.79 -1.10
N SER A 10 10.29 -7.60 -2.02
CA SER A 10 11.67 -7.22 -1.64
C SER A 10 12.48 -6.89 -2.89
N GLY A 11 13.62 -6.28 -2.74
CA GLY A 11 14.45 -5.92 -3.93
C GLY A 11 13.54 -5.33 -5.00
N LEU A 12 12.68 -4.42 -4.62
CA LEU A 12 11.76 -3.79 -5.61
C LEU A 12 12.47 -2.65 -6.35
N SER A 13 11.70 -1.78 -6.97
CA SER A 13 12.33 -0.64 -7.70
C SER A 13 11.31 0.48 -7.91
N ASP A 14 11.75 1.70 -8.01
CA ASP A 14 10.80 2.84 -8.21
C ASP A 14 10.08 2.70 -9.55
N GLY A 15 8.78 2.81 -9.54
CA GLY A 15 8.01 2.69 -10.81
C GLY A 15 7.64 1.23 -11.05
N GLN A 16 8.42 0.32 -10.53
CA GLN A 16 8.11 -1.12 -10.72
C GLN A 16 6.71 -1.43 -10.19
N SER A 17 6.01 -2.34 -10.82
CA SER A 17 4.64 -2.68 -10.35
C SER A 17 4.61 -4.15 -9.88
N VAL A 18 4.03 -4.40 -8.74
CA VAL A 18 3.97 -5.80 -8.24
C VAL A 18 2.58 -6.39 -8.48
N SER A 19 2.48 -7.69 -8.49
CA SER A 19 1.15 -8.33 -8.72
C SER A 19 0.44 -8.53 -7.38
N VAL A 20 -0.58 -7.78 -7.11
CA VAL A 20 -1.29 -7.92 -5.82
C VAL A 20 -2.64 -8.62 -6.03
N SER A 21 -3.27 -9.02 -4.97
CA SER A 21 -4.59 -9.70 -5.08
C SER A 21 -5.24 -9.78 -3.71
N VAL A 22 -6.42 -9.25 -3.57
CA VAL A 22 -7.10 -9.29 -2.26
C VAL A 22 -8.36 -10.16 -2.34
N SER A 23 -8.80 -10.68 -1.25
CA SER A 23 -10.02 -11.55 -1.28
C SER A 23 -10.71 -11.55 0.09
N GLY A 24 -11.99 -11.74 0.11
CA GLY A 24 -12.72 -11.75 1.41
C GLY A 24 -13.36 -10.39 1.65
N ALA A 25 -13.18 -9.45 0.75
CA ALA A 25 -13.77 -8.11 0.94
C ALA A 25 -15.26 -8.13 0.55
N ALA A 26 -15.64 -9.03 -0.33
CA ALA A 26 -17.07 -9.13 -0.78
C ALA A 26 -17.42 -8.03 -1.78
N ALA A 27 -17.99 -8.42 -2.90
CA ALA A 27 -18.37 -7.44 -3.94
C ALA A 27 -19.26 -6.35 -3.35
N GLY A 28 -19.13 -5.16 -3.82
CA GLY A 28 -19.96 -4.06 -3.30
C GLY A 28 -19.14 -3.19 -2.35
N GLU A 29 -17.85 -3.28 -2.41
CA GLU A 29 -17.00 -2.45 -1.51
C GLU A 29 -15.70 -2.06 -2.20
N THR A 30 -15.18 -0.91 -1.89
CA THR A 30 -13.92 -0.47 -2.53
C THR A 30 -12.84 -0.29 -1.47
N TYR A 31 -11.60 -0.29 -1.86
CA TYR A 31 -10.51 -0.12 -0.87
C TYR A 31 -9.39 0.74 -1.44
N TYR A 32 -8.58 1.31 -0.60
CA TYR A 32 -7.48 2.15 -1.09
C TYR A 32 -6.13 1.55 -0.67
N ILE A 33 -5.29 1.26 -1.62
CA ILE A 33 -3.96 0.67 -1.29
C ILE A 33 -2.86 1.70 -1.51
N ALA A 34 -1.90 1.78 -0.63
CA ALA A 34 -0.80 2.79 -0.81
C ALA A 34 0.45 2.38 -0.01
N GLN A 35 1.59 2.87 -0.42
CA GLN A 35 2.85 2.53 0.31
C GLN A 35 3.15 3.63 1.33
N CYS A 36 3.48 3.26 2.54
CA CYS A 36 3.78 4.31 3.56
C CYS A 36 5.08 3.99 4.30
N ALA A 37 5.44 4.84 5.24
CA ALA A 37 6.69 4.63 6.02
C ALA A 37 6.62 5.46 7.31
N PRO A 38 7.19 4.93 8.35
CA PRO A 38 7.19 5.65 9.66
C PRO A 38 8.10 6.87 9.62
N VAL A 39 7.96 7.76 10.56
CA VAL A 39 8.82 8.98 10.57
C VAL A 39 8.90 9.57 11.98
N GLY A 40 9.67 8.96 12.85
CA GLY A 40 9.80 9.49 14.24
C GLY A 40 8.49 9.23 15.01
N GLY A 41 7.91 8.08 14.84
CA GLY A 41 6.64 7.78 15.56
C GLY A 41 5.44 8.24 14.72
N GLN A 42 5.62 9.24 13.91
CA GLN A 42 4.50 9.73 13.07
C GLN A 42 4.31 8.80 11.87
N ASP A 43 3.36 9.08 11.03
CA ASP A 43 3.13 8.21 9.84
C ASP A 43 3.17 9.04 8.56
N ALA A 44 3.91 8.60 7.58
CA ALA A 44 3.98 9.37 6.30
C ALA A 44 3.65 8.46 5.11
N CYS A 45 2.53 8.66 4.50
CA CYS A 45 2.14 7.80 3.34
C CYS A 45 2.48 8.51 2.03
N ASN A 46 2.34 7.82 0.91
CA ASN A 46 2.66 8.46 -0.40
C ASN A 46 1.37 9.01 -1.04
N PRO A 47 1.25 10.31 -1.01
CA PRO A 47 0.06 10.97 -1.60
C PRO A 47 0.11 10.91 -3.12
N ALA A 48 1.22 10.47 -3.68
CA ALA A 48 1.33 10.39 -5.16
C ALA A 48 0.72 9.09 -5.68
N THR A 49 0.52 8.13 -4.83
CA THR A 49 -0.06 6.83 -5.29
C THR A 49 -1.34 6.51 -4.51
N ALA A 50 -2.41 7.20 -4.80
CA ALA A 50 -3.69 6.93 -4.07
C ALA A 50 -4.68 6.22 -5.00
N THR A 51 -4.39 4.99 -5.36
CA THR A 51 -5.31 4.24 -6.25
C THR A 51 -6.29 3.39 -5.44
N SER A 52 -7.52 3.31 -5.87
CA SER A 52 -8.52 2.50 -5.12
C SER A 52 -9.06 1.37 -6.02
N PHE A 53 -9.20 0.19 -5.48
CA PHE A 53 -9.71 -0.95 -6.30
C PHE A 53 -10.92 -1.60 -5.62
N THR A 54 -11.95 -1.92 -6.38
CA THR A 54 -13.15 -2.56 -5.78
C THR A 54 -13.11 -4.08 -5.99
N THR A 55 -13.74 -4.83 -5.14
CA THR A 55 -13.72 -6.31 -5.31
C THR A 55 -14.54 -6.71 -6.53
N ASP A 56 -14.61 -7.98 -6.80
CA ASP A 56 -15.39 -8.46 -7.99
C ASP A 56 -16.72 -9.04 -7.52
N ALA A 57 -17.38 -9.78 -8.36
CA ALA A 57 -18.69 -10.36 -7.94
C ALA A 57 -18.48 -11.38 -6.83
N SER A 58 -17.36 -12.05 -6.84
CA SER A 58 -17.08 -13.05 -5.78
C SER A 58 -16.36 -12.38 -4.61
N GLY A 59 -16.29 -11.08 -4.62
CA GLY A 59 -15.59 -10.36 -3.52
C GLY A 59 -14.08 -10.61 -3.60
N ALA A 60 -13.58 -10.85 -4.78
CA ALA A 60 -12.11 -11.11 -4.94
C ALA A 60 -11.54 -10.24 -6.08
N ALA A 61 -10.50 -9.51 -5.82
CA ALA A 61 -9.91 -8.66 -6.91
C ALA A 61 -8.41 -8.92 -7.06
N SER A 62 -7.87 -8.61 -8.20
CA SER A 62 -6.42 -8.82 -8.45
C SER A 62 -5.94 -7.79 -9.48
N PHE A 63 -4.84 -7.15 -9.24
CA PHE A 63 -4.36 -6.14 -10.22
C PHE A 63 -2.87 -5.85 -10.02
N SER A 64 -2.31 -5.02 -10.86
CA SER A 64 -0.87 -4.69 -10.73
C SER A 64 -0.70 -3.31 -10.10
N PHE A 65 -0.14 -3.25 -8.92
CA PHE A 65 0.06 -1.95 -8.24
C PHE A 65 1.47 -1.41 -8.50
N VAL A 66 1.68 -0.14 -8.31
CA VAL A 66 3.04 0.43 -8.55
C VAL A 66 3.67 0.88 -7.22
N VAL A 67 4.95 1.07 -7.20
CA VAL A 67 5.61 1.49 -5.93
C VAL A 67 6.59 2.64 -6.20
N ARG A 68 7.22 3.15 -5.16
CA ARG A 68 8.19 4.28 -5.35
C ARG A 68 9.29 4.20 -4.30
N LYS A 69 10.43 3.68 -4.66
CA LYS A 69 11.56 3.57 -3.69
C LYS A 69 11.72 4.84 -2.86
N SER A 70 11.29 5.97 -3.35
CA SER A 70 11.44 7.23 -2.54
C SER A 70 10.27 8.18 -2.81
N TYR A 71 9.90 8.96 -1.83
CA TYR A 71 8.77 9.92 -2.00
C TYR A 71 8.63 10.79 -0.76
N THR A 72 8.17 12.01 -0.92
CA THR A 72 8.00 12.90 0.26
C THR A 72 6.72 12.55 1.02
N GLY A 73 6.82 12.27 2.30
CA GLY A 73 5.60 11.91 3.08
C GLY A 73 4.89 13.18 3.54
N SER A 74 3.61 13.10 3.80
CA SER A 74 2.85 14.31 4.26
C SER A 74 1.54 13.87 4.92
N THR A 75 1.51 12.69 5.46
CA THR A 75 0.27 12.18 6.15
C THR A 75 -0.93 12.23 5.20
N PRO A 76 -1.87 11.34 5.42
CA PRO A 76 -3.07 11.27 4.58
C PRO A 76 -3.99 12.47 4.85
N GLU A 77 -3.74 13.20 5.91
CA GLU A 77 -4.60 14.38 6.22
C GLU A 77 -4.17 15.58 5.37
N GLY A 78 -3.10 16.24 5.75
CA GLY A 78 -2.63 17.41 4.96
C GLY A 78 -1.52 18.13 5.75
N THR A 79 -0.56 17.41 6.24
CA THR A 79 0.54 18.06 7.01
C THR A 79 1.90 17.65 6.44
N PRO A 80 2.76 18.63 6.27
CA PRO A 80 4.10 18.37 5.71
C PRO A 80 4.98 17.67 6.77
N VAL A 81 5.28 16.42 6.56
CA VAL A 81 6.13 15.68 7.54
C VAL A 81 7.61 15.79 7.15
N GLY A 82 7.95 15.41 5.96
CA GLY A 82 9.36 15.49 5.52
C GLY A 82 9.58 14.57 4.32
N SER A 83 10.80 14.22 4.04
CA SER A 83 11.07 13.33 2.88
C SER A 83 11.19 11.88 3.34
N VAL A 84 10.77 10.94 2.54
CA VAL A 84 10.86 9.51 2.95
C VAL A 84 11.66 8.71 1.90
N ASP A 85 12.24 7.61 2.30
CA ASP A 85 13.02 6.79 1.33
C ASP A 85 12.97 5.32 1.74
N CYS A 86 12.20 4.53 1.04
CA CYS A 86 12.10 3.09 1.39
C CYS A 86 13.47 2.41 1.27
N ALA A 87 14.43 3.07 0.68
CA ALA A 87 15.78 2.45 0.54
C ALA A 87 16.39 2.25 1.93
N THR A 88 16.47 3.31 2.69
CA THR A 88 17.06 3.19 4.06
C THR A 88 15.97 3.43 5.11
N ALA A 89 14.73 3.45 4.70
CA ALA A 89 13.63 3.68 5.67
C ALA A 89 12.69 2.48 5.70
N ALA A 90 11.90 2.34 6.73
CA ALA A 90 10.97 1.19 6.81
C ALA A 90 9.76 1.42 5.90
N CYS A 91 9.82 0.94 4.69
CA CYS A 91 8.67 1.12 3.76
C CYS A 91 7.79 -0.12 3.75
N ASN A 92 6.52 0.05 3.92
CA ASN A 92 5.61 -1.13 3.92
C ASN A 92 4.39 -0.85 3.04
N LEU A 93 3.47 -1.77 3.01
CA LEU A 93 2.25 -1.59 2.17
C LEU A 93 1.01 -1.87 3.00
N GLY A 94 0.00 -1.04 2.90
CA GLY A 94 -1.22 -1.30 3.71
C GLY A 94 -2.47 -1.04 2.85
N ALA A 95 -3.51 -1.78 3.10
CA ALA A 95 -4.77 -1.59 2.32
C ALA A 95 -5.99 -1.76 3.22
N GLY A 96 -6.98 -0.92 3.07
CA GLY A 96 -8.20 -1.02 3.92
C GLY A 96 -9.08 0.21 3.70
N ASN A 97 -10.33 0.13 4.12
CA ASN A 97 -11.24 1.29 3.94
C ASN A 97 -11.54 1.95 5.30
N SER A 98 -12.54 2.80 5.35
CA SER A 98 -12.87 3.46 6.65
C SER A 98 -13.21 2.42 7.72
N GLY A 99 -13.82 1.34 7.34
CA GLY A 99 -14.19 0.29 8.35
C GLY A 99 -13.97 -1.10 7.75
N LEU A 100 -12.79 -1.36 7.24
CA LEU A 100 -12.51 -2.70 6.64
C LEU A 100 -11.02 -2.86 6.38
N ASP A 101 -10.27 -3.17 7.41
CA ASP A 101 -8.80 -3.34 7.22
C ASP A 101 -8.51 -4.69 6.55
N LEU A 102 -7.76 -4.69 5.49
CA LEU A 102 -7.45 -5.97 4.80
C LEU A 102 -6.15 -6.56 5.36
N GLY A 103 -5.04 -6.17 4.83
CA GLY A 103 -3.75 -6.72 5.33
C GLY A 103 -2.63 -5.70 5.06
N HIS A 104 -1.43 -6.04 5.42
CA HIS A 104 -0.29 -5.10 5.19
C HIS A 104 0.95 -5.89 4.75
N VAL A 105 1.44 -5.62 3.57
CA VAL A 105 2.65 -6.35 3.07
C VAL A 105 3.89 -5.47 3.16
N ALA A 106 4.91 -5.94 3.82
CA ALA A 106 6.16 -5.11 3.95
C ALA A 106 6.99 -5.22 2.66
N LEU A 107 7.61 -4.14 2.26
CA LEU A 107 8.44 -4.17 1.01
C LEU A 107 9.91 -3.88 1.34
N THR A 108 10.76 -3.95 0.36
CA THR A 108 12.21 -3.68 0.60
C THR A 108 12.91 -3.37 -0.72
N PHE A 109 13.45 -2.19 -0.85
CA PHE A 109 14.15 -1.83 -2.12
C PHE A 109 15.63 -2.22 -2.04
N GLY A 110 16.23 -2.53 -3.15
CA GLY A 110 17.67 -2.91 -3.14
C GLY A 110 17.79 -4.44 -3.10
C1' ROM B . -10.73 6.91 4.13
C2' ROM B . -11.64 6.43 3.03
C3' ROM B . -11.47 7.36 1.83
C4' ROM B . -11.81 8.80 2.27
C5' ROM B . -10.95 9.19 3.50
O5' ROM B . -11.07 8.22 4.54
O2' ROM B . -11.30 5.10 2.65
O3' ROM B . -10.12 7.30 1.39
N4' ROM B . -11.69 9.81 1.18
C6D ROM B . -11.43 10.54 4.01
O9 ROM B . -10.82 6.06 5.26
C6B ROM B . -9.48 9.33 3.07
C4D ROM B . -10.78 9.38 0.11
C4B ROM B . -13.00 10.14 0.64
C'8 ROM B . -2.41 9.05 1.81
C'7 ROM B . -2.39 10.38 1.43
C'6 ROM B . -3.30 10.84 0.50
C'5 ROM B . -4.23 9.97 -0.05
C15 ROM B . -4.25 8.64 0.33
C'9 ROM B . -3.33 8.17 1.26
O'7 ROM B . -1.47 11.25 1.99
C1A ROM B . -3.31 6.77 1.64
O'4 ROM B . -5.15 10.44 -0.96
C'3 ROM B . -6.19 9.66 -1.31
C'2 ROM B . -6.19 8.24 -0.90
N'1 ROM B . -5.17 7.78 -0.21
C1B ROM B . -7.20 10.17 -2.02
O'2 ROM B . -7.13 7.53 -1.18
O13 ROM B . -4.34 6.49 2.43
C7X ROM B . -0.17 10.74 1.77
O11 ROM B . -2.50 5.94 1.29
C3 ROM B . -6.40 6.00 4.17
C2 ROM B . -7.51 5.72 4.93
C7 ROM B . -7.86 4.48 5.25
C6 ROM B . -7.13 3.41 4.85
C5 ROM B . -5.99 3.63 4.08
C4 ROM B . -5.61 4.94 3.73
C1 ROM B . -8.41 6.65 5.50
C12 ROM B . -8.13 7.74 6.14
C9 ROM B . -9.62 5.92 6.06
C8 ROM B . -9.13 4.45 6.15
C13 ROM B . -4.35 5.17 2.95
C10 ROM B . -9.71 6.73 7.31
C11 ROM B . -8.87 7.80 7.27
C14 ROM B . -3.12 4.96 3.83
O15 ROM B . -3.32 3.81 4.65
C16 ROM B . -3.01 3.96 5.93
C17 ROM B . -2.65 2.64 6.63
C18 ROM B . -3.39 2.53 7.97
C20 ROM B . -5.82 1.98 7.70
C21 ROM B . -7.13 2.38 7.60
C22 ROM B . -7.52 3.69 7.67
C23 ROM B . -6.54 4.66 7.83
C24 ROM B . -5.20 4.28 7.94
C19 ROM B . -4.84 2.94 7.87
O25 ROM B . -8.86 4.05 7.52
N18 ROM B . -3.25 1.10 8.35
O23 ROM B . -6.90 5.98 7.91
CL21 ROM B . -8.34 1.16 7.39
O16 ROM B . -3.00 5.02 6.52
H1' ROM B . -9.71 6.90 3.76
H2' ROM B . -12.67 6.47 3.37
H3' ROM B . -12.13 7.06 1.04
H4' ROM B . -12.84 8.81 2.57
H2'2 ROM B . -11.23 5.06 1.71
H3'2 ROM B . -10.13 6.99 0.47
H6B1 ROM B . -10.58 11.11 4.35
H6B3 ROM B . -11.93 11.07 3.22
H6B2 ROM B . -12.12 10.40 4.83
H6A1 ROM B . -9.42 9.96 2.21
H6A3 ROM B . -8.92 9.77 3.89
H6A2 ROM B . -9.08 8.36 2.84
H4B1 ROM B . -9.79 9.27 0.53
H4B3 ROM B . -11.13 8.44 -0.28
H4B2 ROM B . -10.79 10.12 -0.67
H4A1 ROM B . -13.63 10.49 1.45
H4A3 ROM B . -12.88 10.92 -0.10
H4A2 ROM B . -13.42 9.26 0.19
H'8 ROM B . -1.70 8.69 2.54
H'6 ROM B . -3.29 11.88 0.20
H'1 ROM B . -5.06 6.81 -0.08
H3A1 ROM B . -7.18 10.17 -3.10
H3A2 ROM B . -8.05 10.61 -1.53
H7A1 ROM B . -0.17 9.67 1.90
H7A3 ROM B . 0.16 10.98 0.77
H7A2 ROM B . 0.52 11.19 2.48
H3 ROM B . -6.15 7.03 3.93
H6 ROM B . -7.43 2.40 5.13
H5 ROM B . -5.40 2.79 3.74
H12 ROM B . -7.42 8.48 5.84
H8 ROM B . -9.87 3.80 5.71
H13 ROM B . -4.32 4.49 2.12
H10 ROM B . -10.37 6.46 8.11
H11 ROM B . -8.82 8.58 8.00
H142 ROM B . -2.25 4.80 3.21
H141 ROM B . -2.97 5.82 4.47
H172 ROM B . -2.94 1.81 5.99
H171 ROM B . -1.59 2.60 6.79
H18 ROM B . -2.89 3.16 8.70
H20 ROM B . -5.55 0.94 7.65
H24 ROM B . -4.44 5.05 8.06
H183 ROM B . -3.67 0.51 7.61
H182 ROM B . -2.24 0.87 8.45
H184 ROM B . -3.73 0.94 9.25
H232 ROM B . -6.51 6.38 8.68
N ALA A 1 -13.05 -13.24 7.89
CA ALA A 1 -11.56 -13.30 7.76
C ALA A 1 -11.15 -13.32 6.28
N PRO A 2 -11.13 -12.16 5.68
CA PRO A 2 -10.75 -12.05 4.26
C PRO A 2 -9.25 -12.31 4.09
N ALA A 3 -8.67 -11.82 3.01
CA ALA A 3 -7.22 -12.04 2.79
C ALA A 3 -6.64 -10.91 1.93
N PHE A 4 -5.36 -10.94 1.68
CA PHE A 4 -4.72 -9.88 0.84
C PHE A 4 -3.24 -10.25 0.65
N SER A 5 -2.82 -10.45 -0.57
CA SER A 5 -1.38 -10.81 -0.79
C SER A 5 -0.82 -10.18 -2.07
N VAL A 6 0.48 -10.18 -2.19
CA VAL A 6 1.14 -9.60 -3.39
C VAL A 6 2.22 -10.58 -3.89
N SER A 7 2.39 -10.73 -5.17
CA SER A 7 3.43 -11.68 -5.65
C SER A 7 4.77 -11.42 -4.91
N PRO A 8 5.51 -10.36 -5.28
CA PRO A 8 6.78 -10.09 -4.60
C PRO A 8 6.52 -9.17 -3.39
N ALA A 9 7.50 -8.98 -2.56
CA ALA A 9 7.31 -8.10 -1.38
C ALA A 9 8.65 -7.78 -0.74
N SER A 10 9.70 -7.81 -1.51
CA SER A 10 11.06 -7.52 -0.96
C SER A 10 12.04 -7.26 -2.11
N GLY A 11 13.21 -6.75 -1.81
CA GLY A 11 14.20 -6.49 -2.89
C GLY A 11 13.49 -5.84 -4.07
N LEU A 12 12.55 -4.98 -3.81
CA LEU A 12 11.82 -4.30 -4.92
C LEU A 12 12.68 -3.20 -5.55
N SER A 13 12.08 -2.27 -6.22
CA SER A 13 12.86 -1.18 -6.86
C SER A 13 11.94 -0.01 -7.24
N ASP A 14 12.48 1.15 -7.43
CA ASP A 14 11.62 2.31 -7.81
C ASP A 14 10.95 2.04 -9.15
N GLY A 15 9.66 2.18 -9.22
CA GLY A 15 8.95 1.92 -10.51
C GLY A 15 8.55 0.45 -10.57
N GLN A 16 9.24 -0.39 -9.87
CA GLN A 16 8.90 -1.85 -9.88
C GLN A 16 7.40 -2.04 -9.66
N SER A 17 6.76 -2.82 -10.49
CA SER A 17 5.30 -3.05 -10.32
C SER A 17 5.05 -4.49 -9.85
N VAL A 18 4.32 -4.64 -8.78
CA VAL A 18 4.02 -6.01 -8.26
C VAL A 18 2.58 -6.40 -8.58
N SER A 19 2.30 -7.68 -8.70
CA SER A 19 0.91 -8.12 -9.01
C SER A 19 0.16 -8.41 -7.72
N VAL A 20 -0.77 -7.57 -7.35
CA VAL A 20 -1.53 -7.81 -6.08
C VAL A 20 -2.81 -8.59 -6.36
N SER A 21 -3.43 -9.09 -5.32
CA SER A 21 -4.69 -9.86 -5.48
C SER A 21 -5.33 -10.07 -4.10
N VAL A 22 -6.48 -9.48 -3.89
CA VAL A 22 -7.16 -9.65 -2.57
C VAL A 22 -8.38 -10.56 -2.72
N SER A 23 -8.99 -10.94 -1.64
CA SER A 23 -10.19 -11.83 -1.72
C SER A 23 -10.87 -11.92 -0.36
N GLY A 24 -12.15 -12.22 -0.35
CA GLY A 24 -12.89 -12.33 0.94
C GLY A 24 -13.58 -11.00 1.26
N ALA A 25 -13.33 -9.97 0.49
CA ALA A 25 -13.98 -8.66 0.76
C ALA A 25 -15.46 -8.70 0.37
N ALA A 26 -15.82 -9.58 -0.54
CA ALA A 26 -17.26 -9.69 -0.97
C ALA A 26 -17.65 -8.52 -1.89
N ALA A 27 -18.31 -8.82 -2.97
CA ALA A 27 -18.73 -7.76 -3.93
C ALA A 27 -19.60 -6.72 -3.23
N GLY A 28 -19.40 -5.48 -3.53
CA GLY A 28 -20.21 -4.41 -2.90
C GLY A 28 -19.33 -3.52 -2.03
N GLU A 29 -18.03 -3.68 -2.10
CA GLU A 29 -17.14 -2.83 -1.26
C GLU A 29 -15.85 -2.52 -2.02
N THR A 30 -15.31 -1.36 -1.78
CA THR A 30 -14.05 -0.95 -2.46
C THR A 30 -12.96 -0.71 -1.41
N TYR A 31 -11.73 -0.64 -1.81
CA TYR A 31 -10.64 -0.41 -0.80
C TYR A 31 -9.54 0.45 -1.42
N TYR A 32 -8.77 1.11 -0.60
CA TYR A 32 -7.69 1.96 -1.15
C TYR A 32 -6.33 1.48 -0.61
N ILE A 33 -5.41 1.17 -1.48
CA ILE A 33 -4.08 0.68 -1.01
C ILE A 33 -3.03 1.77 -1.20
N ALA A 34 -2.17 1.95 -0.24
CA ALA A 34 -1.11 3.00 -0.36
C ALA A 34 0.13 2.62 0.45
N GLN A 35 1.29 2.97 -0.03
CA GLN A 35 2.54 2.64 0.70
C GLN A 35 2.93 3.78 1.62
N CYS A 36 3.23 3.48 2.85
CA CYS A 36 3.64 4.55 3.81
C CYS A 36 4.98 4.22 4.46
N ALA A 37 5.51 5.13 5.25
CA ALA A 37 6.81 4.87 5.93
C ALA A 37 7.15 6.03 6.88
N PRO A 38 7.60 5.67 8.05
CA PRO A 38 7.96 6.68 9.07
C PRO A 38 9.37 7.25 8.80
N VAL A 39 9.70 8.34 9.45
CA VAL A 39 11.06 8.96 9.23
C VAL A 39 11.38 9.93 10.38
N GLY A 40 12.32 9.59 11.21
CA GLY A 40 12.68 10.50 12.35
C GLY A 40 11.76 10.23 13.54
N GLY A 41 10.78 9.38 13.37
CA GLY A 41 9.87 9.08 14.50
C GLY A 41 8.42 9.31 14.06
N GLN A 42 8.20 10.28 13.22
CA GLN A 42 6.81 10.56 12.75
C GLN A 42 6.44 9.61 11.61
N ASP A 43 5.22 9.64 11.17
CA ASP A 43 4.80 8.74 10.06
C ASP A 43 4.38 9.57 8.84
N ALA A 44 4.72 9.14 7.66
CA ALA A 44 4.33 9.90 6.44
C ALA A 44 3.90 8.95 5.32
N CYS A 45 2.76 9.20 4.73
CA CYS A 45 2.28 8.30 3.62
C CYS A 45 2.54 8.94 2.25
N ASN A 46 2.44 8.17 1.20
CA ASN A 46 2.67 8.74 -0.17
C ASN A 46 1.35 8.91 -0.92
N PRO A 47 0.94 10.14 -1.08
CA PRO A 47 -0.32 10.45 -1.79
C PRO A 47 -0.15 10.26 -3.30
N ALA A 48 1.07 10.11 -3.75
CA ALA A 48 1.30 9.93 -5.22
C ALA A 48 0.98 8.50 -5.63
N THR A 49 1.49 7.53 -4.92
CA THR A 49 1.21 6.11 -5.28
C THR A 49 0.01 5.59 -4.50
N ALA A 50 -1.04 5.23 -5.18
CA ALA A 50 -2.24 4.72 -4.48
C ALA A 50 -3.35 4.40 -5.50
N THR A 51 -4.01 3.27 -5.36
CA THR A 51 -5.09 2.91 -6.31
C THR A 51 -6.28 2.30 -5.56
N SER A 52 -7.47 2.47 -6.09
CA SER A 52 -8.66 1.90 -5.41
C SER A 52 -9.15 0.66 -6.16
N PHE A 53 -9.36 -0.42 -5.45
CA PHE A 53 -9.84 -1.67 -6.14
C PHE A 53 -11.06 -2.26 -5.40
N THR A 54 -12.08 -2.64 -6.13
CA THR A 54 -13.29 -3.21 -5.48
C THR A 54 -13.36 -4.72 -5.76
N THR A 55 -14.07 -5.46 -4.95
CA THR A 55 -14.17 -6.93 -5.19
C THR A 55 -15.21 -7.22 -6.27
N ASP A 56 -15.14 -8.39 -6.85
CA ASP A 56 -16.12 -8.74 -7.92
C ASP A 56 -17.30 -9.49 -7.31
N ALA A 57 -18.10 -10.14 -8.11
CA ALA A 57 -19.27 -10.87 -7.55
C ALA A 57 -18.78 -12.04 -6.68
N SER A 58 -17.62 -12.54 -6.96
CA SER A 58 -17.09 -13.68 -6.15
C SER A 58 -16.25 -13.13 -5.00
N GLY A 59 -16.31 -11.85 -4.75
CA GLY A 59 -15.51 -11.26 -3.64
C GLY A 59 -14.03 -11.55 -3.88
N ALA A 60 -13.50 -11.06 -4.97
CA ALA A 60 -12.05 -11.31 -5.25
C ALA A 60 -11.52 -10.28 -6.26
N ALA A 61 -10.42 -9.65 -5.94
CA ALA A 61 -9.85 -8.63 -6.87
C ALA A 61 -8.41 -8.96 -7.22
N SER A 62 -7.90 -8.37 -8.27
CA SER A 62 -6.50 -8.64 -8.70
C SER A 62 -6.06 -7.55 -9.66
N PHE A 63 -4.97 -6.89 -9.40
CA PHE A 63 -4.52 -5.81 -10.33
C PHE A 63 -3.03 -5.54 -10.15
N SER A 64 -2.49 -4.65 -10.95
CA SER A 64 -1.03 -4.33 -10.85
C SER A 64 -0.83 -3.01 -10.07
N PHE A 65 0.06 -3.02 -9.13
CA PHE A 65 0.34 -1.80 -8.34
C PHE A 65 1.82 -1.45 -8.44
N VAL A 66 2.17 -0.21 -8.32
CA VAL A 66 3.63 0.17 -8.41
C VAL A 66 4.16 0.65 -7.06
N VAL A 67 5.45 0.70 -6.93
CA VAL A 67 6.05 1.17 -5.64
C VAL A 67 7.11 2.25 -5.90
N ARG A 68 7.62 2.87 -4.87
CA ARG A 68 8.66 3.93 -5.06
C ARG A 68 9.68 3.88 -3.92
N LYS A 69 10.88 3.49 -4.22
CA LYS A 69 11.95 3.43 -3.18
C LYS A 69 12.11 4.77 -2.44
N SER A 70 11.86 5.87 -3.09
CA SER A 70 12.01 7.20 -2.39
C SER A 70 10.83 8.11 -2.74
N TYR A 71 10.42 8.96 -1.82
CA TYR A 71 9.28 9.87 -2.11
C TYR A 71 9.02 10.79 -0.91
N THR A 72 8.40 11.92 -1.13
CA THR A 72 8.12 12.84 -0.01
C THR A 72 6.75 12.50 0.60
N GLY A 73 6.71 12.22 1.87
CA GLY A 73 5.39 11.88 2.50
C GLY A 73 4.76 13.12 3.14
N SER A 74 3.53 12.99 3.56
CA SER A 74 2.82 14.15 4.19
C SER A 74 1.54 13.65 4.88
N THR A 75 1.55 12.42 5.34
CA THR A 75 0.34 11.81 6.02
C THR A 75 -0.93 11.96 5.17
N PRO A 76 -1.78 10.96 5.26
CA PRO A 76 -3.06 10.95 4.51
C PRO A 76 -3.96 12.12 4.93
N GLU A 77 -3.58 12.85 5.95
CA GLU A 77 -4.42 14.00 6.40
C GLU A 77 -4.04 15.27 5.62
N GLY A 78 -3.46 16.25 6.28
CA GLY A 78 -3.07 17.49 5.57
C GLY A 78 -1.98 18.22 6.35
N THR A 79 -0.76 17.79 6.20
CA THR A 79 0.36 18.45 6.94
C THR A 79 1.70 17.86 6.49
N PRO A 80 2.65 18.72 6.27
CA PRO A 80 3.99 18.29 5.84
C PRO A 80 4.74 17.64 7.00
N VAL A 81 5.03 16.38 6.90
CA VAL A 81 5.77 15.68 7.99
C VAL A 81 7.27 15.66 7.68
N GLY A 82 7.61 15.33 6.47
CA GLY A 82 9.05 15.28 6.09
C GLY A 82 9.21 14.43 4.84
N SER A 83 10.42 14.16 4.44
CA SER A 83 10.65 13.34 3.22
C SER A 83 10.84 11.87 3.61
N VAL A 84 10.76 10.99 2.66
CA VAL A 84 10.93 9.55 2.97
C VAL A 84 11.89 8.90 1.98
N ASP A 85 12.58 7.86 2.39
CA ASP A 85 13.54 7.19 1.46
C ASP A 85 13.83 5.77 1.95
N CYS A 86 13.15 4.80 1.42
CA CYS A 86 13.38 3.38 1.83
C CYS A 86 14.80 2.92 1.48
N ALA A 87 15.56 3.73 0.80
CA ALA A 87 16.96 3.32 0.44
C ALA A 87 17.61 2.68 1.66
N THR A 88 17.38 3.24 2.80
CA THR A 88 17.97 2.68 4.05
C THR A 88 16.89 2.63 5.14
N ALA A 89 15.69 3.07 4.83
CA ALA A 89 14.61 3.05 5.85
C ALA A 89 13.66 1.89 5.59
N ALA A 90 12.67 1.71 6.43
CA ALA A 90 11.70 0.59 6.23
C ALA A 90 10.36 1.14 5.77
N CYS A 91 9.69 0.46 4.87
CA CYS A 91 8.37 0.95 4.39
C CYS A 91 7.40 -0.21 4.24
N ASN A 92 6.15 0.00 4.51
CA ASN A 92 5.17 -1.11 4.36
C ASN A 92 3.91 -0.63 3.64
N LEU A 93 3.21 -1.54 3.04
CA LEU A 93 1.96 -1.16 2.30
C LEU A 93 0.74 -1.64 3.09
N GLY A 94 -0.27 -0.83 3.19
CA GLY A 94 -1.49 -1.25 3.95
C GLY A 94 -2.74 -1.02 3.10
N ALA A 95 -3.74 -1.85 3.29
CA ALA A 95 -5.00 -1.68 2.51
C ALA A 95 -6.16 -1.37 3.45
N GLY A 96 -7.22 -0.80 2.94
CA GLY A 96 -8.39 -0.47 3.81
C GLY A 96 -9.28 0.55 3.09
N ASN A 97 -10.57 0.41 3.24
CA ASN A 97 -11.50 1.37 2.58
C ASN A 97 -12.05 2.37 3.59
N SER A 98 -12.26 1.95 4.80
CA SER A 98 -12.79 2.89 5.83
C SER A 98 -12.77 2.22 7.22
N GLY A 99 -13.30 1.02 7.32
CA GLY A 99 -13.30 0.33 8.64
C GLY A 99 -13.16 -1.18 8.44
N LEU A 100 -12.32 -1.60 7.54
CA LEU A 100 -12.15 -3.06 7.30
C LEU A 100 -10.69 -3.47 7.50
N ASP A 101 -10.45 -4.59 8.13
CA ASP A 101 -9.06 -5.04 8.37
C ASP A 101 -8.64 -6.05 7.29
N LEU A 102 -8.63 -5.65 6.05
CA LEU A 102 -8.24 -6.58 4.97
C LEU A 102 -6.87 -7.21 5.26
N GLY A 103 -5.81 -6.48 5.07
CA GLY A 103 -4.47 -7.04 5.35
C GLY A 103 -3.39 -5.99 5.05
N HIS A 104 -2.16 -6.31 5.32
CA HIS A 104 -1.05 -5.35 5.05
C HIS A 104 0.22 -6.12 4.64
N VAL A 105 0.82 -5.73 3.56
CA VAL A 105 2.07 -6.44 3.12
C VAL A 105 3.26 -5.50 3.19
N ALA A 106 4.29 -5.88 3.91
CA ALA A 106 5.49 -4.99 4.03
C ALA A 106 6.35 -5.11 2.76
N LEU A 107 7.00 -4.04 2.38
CA LEU A 107 7.86 -4.08 1.16
C LEU A 107 9.32 -3.78 1.52
N THR A 108 10.21 -3.90 0.58
CA THR A 108 11.65 -3.62 0.87
C THR A 108 12.34 -3.08 -0.38
N PHE A 109 13.47 -2.45 -0.22
CA PHE A 109 14.19 -1.89 -1.40
C PHE A 109 15.69 -2.21 -1.30
N GLY A 110 16.08 -3.40 -1.66
CA GLY A 110 17.52 -3.76 -1.59
C GLY A 110 18.04 -3.51 -0.17
C1' ROM B . -10.99 6.98 2.87
C2' ROM B . -11.59 6.52 1.54
C3' ROM B . -11.14 7.47 0.45
C4' ROM B . -11.60 8.90 0.82
C5' ROM B . -11.06 9.26 2.22
O5' ROM B . -11.43 8.29 3.18
O2' ROM B . -11.15 5.20 1.24
O3' ROM B . -9.72 7.42 0.35
N4' ROM B . -11.23 9.92 -0.20
C6D ROM B . -11.65 10.62 2.61
O9 ROM B . -11.38 6.10 3.92
C6B ROM B . -9.54 9.42 2.17
C4D ROM B . -12.38 10.25 -1.03
C4B ROM B . -10.09 9.51 -1.03
C'8 ROM B . -2.87 8.71 1.45
C'7 ROM B . -2.54 9.95 0.94
C'6 ROM B . -3.40 10.60 0.07
C'5 ROM B . -4.59 10.01 -0.29
C15 ROM B . -4.92 8.75 0.21
C'9 ROM B . -4.06 8.10 1.08
O'7 ROM B . -1.32 10.52 1.26
C1A ROM B . -4.40 6.75 1.56
O'4 ROM B . -5.45 10.65 -1.17
C'3 ROM B . -6.52 10.00 -1.65
C'2 ROM B . -6.83 8.65 -1.14
N'1 ROM B . -6.10 8.15 -0.16
C1B ROM B . -7.28 10.58 -2.60
O'2 ROM B . -7.75 8.02 -1.62
O13 ROM B . -4.44 6.73 2.88
C7X ROM B . -1.51 11.84 1.72
O11 ROM B . -4.60 5.78 0.86
C3 ROM B . -6.84 6.19 4.10
C2 ROM B . -8.09 5.87 4.53
C7 ROM B . -8.50 4.62 4.75
C6 ROM B . -7.66 3.57 4.54
C5 ROM B . -6.36 3.81 4.10
C4 ROM B . -5.93 5.14 3.89
C1 ROM B . -9.16 6.77 4.83
C12 ROM B . -9.10 7.87 5.52
C9 ROM B . -10.45 6.01 5.02
C8 ROM B . -9.96 4.54 5.24
C13 ROM B . -4.51 5.43 3.46
C10 ROM B . -10.91 6.80 6.19
C11 ROM B . -10.13 7.89 6.39
C14 ROM B . -3.56 5.37 4.68
O15 ROM B . -3.77 4.15 5.39
C16 ROM B . -3.89 4.26 6.70
C17 ROM B . -3.82 2.92 7.44
C18 ROM B . -4.86 2.90 8.58
C20 ROM B . -7.06 2.24 7.61
C21 ROM B . -8.32 2.56 7.16
C22 ROM B . -8.80 3.84 7.17
C23 ROM B . -7.99 4.84 7.65
C24 ROM B . -6.71 4.54 8.11
C19 ROM B . -6.23 3.23 8.09
O25 ROM B . -10.07 4.13 6.64
N18 ROM B . -4.78 1.52 9.13
O23 ROM B . -8.44 6.15 7.67
CL21 ROM B . -9.34 1.29 6.56
O16 ROM B . -4.04 5.30 7.29
H1' ROM B . -9.91 6.97 2.77
H2' ROM B . -12.67 6.53 1.61
H3' ROM B . -11.57 7.17 -0.49
H4' ROM B . -12.67 8.89 0.86
H2'2 ROM B . -11.84 4.59 1.50
H3'2 ROM B . -9.49 6.78 -0.32
H6B1 ROM B . -12.61 10.47 3.08
H6B3 ROM B . -11.00 11.12 3.31
H6B2 ROM B . -11.78 11.23 1.73
H6A1 ROM B . -9.19 9.86 3.09
H6A3 ROM B . -9.09 8.44 2.05
H6A2 ROM B . -9.27 10.04 1.35
H4B1 ROM B . -12.39 9.58 -1.88
H4B3 ROM B . -13.28 10.12 -0.44
H4B2 ROM B . -12.29 11.27 -1.36
H4A1 ROM B . -9.89 10.30 -1.75
H4A3 ROM B . -9.24 9.37 -0.39
H4A2 ROM B . -10.34 8.60 -1.53
H'8 ROM B . -2.22 8.24 2.17
H'6 ROM B . -3.14 11.57 -0.32
H'1 ROM B . -6.40 7.35 0.32
H3A1 ROM B . -7.81 9.98 -3.31
H3A2 ROM B . -7.37 11.65 -2.64
H7A1 ROM B . -0.84 12.50 1.21
H7A3 ROM B . -2.53 12.15 1.55
H7A2 ROM B . -1.31 11.86 2.78
H3 ROM B . -6.56 7.21 3.94
H6 ROM B . -8.00 2.55 4.73
H5 ROM B . -5.69 2.99 3.91
H12 ROM B . -8.34 8.62 5.43
H8 ROM B . -10.54 3.88 4.63
H13 ROM B . -4.21 4.70 2.72
H10 ROM B . -11.75 6.51 6.80
H11 ROM B . -10.31 8.67 7.09
H142 ROM B . -2.54 5.39 4.33
H141 ROM B . -3.75 6.19 5.34
H172 ROM B . -4.03 2.11 6.76
H171 ROM B . -2.84 2.78 7.86
H18 ROM B . -4.57 3.60 9.34
H20 ROM B . -6.71 1.21 7.59
H24 ROM B . -6.07 5.34 8.49
H183 ROM B . -4.98 0.83 8.37
H182 ROM B . -3.83 1.34 9.51
H184 ROM B . -5.48 1.40 9.88
H232 ROM B . -8.82 6.34 8.53
#